data_7YKT
#
_entry.id   7YKT
#
_cell.length_a   1.00
_cell.length_b   1.00
_cell.length_c   1.00
_cell.angle_alpha   90.00
_cell.angle_beta   90.00
_cell.angle_gamma   90.00
#
_symmetry.space_group_name_H-M   'P 1'
#
loop_
_entity.id
_entity.type
_entity.pdbx_description
1 polymer 'ATPase family gene 2 protein'
2 non-polymer "ADENOSINE-5'-TRIPHOSPHATE"
3 non-polymer "ADENOSINE-5'-DIPHOSPHATE"
#
_entity_poly.entity_id   1
_entity_poly.type   'polypeptide(L)'
_entity_poly.pdbx_seq_one_letter_code
;MAPKSSSSGSKKKSSASSNSADAKASKFKLPAEFITRPHPSKDHGKETCTAYIHPNVLSSLEINPGSFCTVGKIGENGIL
VIARAGDEEVHPVNVITLSTTIRSVGNLILGDRLELKKAQVQPPYATKVTVGSLQGYNILECMEEKVIQKLLDDSGVIMP
GMIFQNLKTKAGDESIDVVITDASDDSLPDVSQLDLNMDDMYGGLDNLFYLSPPFIFRKGSTHITFSKETQANRKYNLPE
PLSYAAVGGLDKEIESLKSAIEIPLHQPTLFSSFGVSPPRGILLHGPPGTGKTMLLRVVANTSNAHVLTINGPSIVSKYL
GETEAALRDIFNEARKYQPSIIFIDEIDSIAPNRANDDSGEVESRVVATLLTLMDGMGAAGKVVVIAATNRPNSVDPALR
RPGRFDQEVEIGIPDVDARFDILTKQFSRMSSDRHVLDSEAIKYIASKTHGYVGADLTALCRESVMKTIQRGLGTDANID
KFSLKVTLKDVESAMVDIRPSAMREIFLEMPKVYWSDIGGQEELKTKMKEMIQLPLEASETFARLGISAPKGVLLYGPPG
CSKTLTAKALATESGINFLAVKGPEIFNKYVGESERAIREIFRKARSAAPSIIFFDEIDALSPDRDGSSTSAANHVLTSL
LNEIDGVEELKGVVIVAATNRPDEIDAALLRPGRLDRHIYVGPPDVNARLEILKKCTKKFNTEESGVDLHELADRTEGYS
GAEVVLLCQEAGLAAIMEDLDVAKVELRHFEKAFKGIARGITPEMLSYYEEFALRSGSSS
;
_entity_poly.pdbx_strand_id   F,A,B,C,D,E
#
# COMPACT_ATOMS: atom_id res chain seq x y z
N PHE A 28 31.30 41.53 4.91
CA PHE A 28 30.61 40.51 5.68
C PHE A 28 29.11 40.52 5.39
N LYS A 29 28.67 41.50 4.60
CA LYS A 29 27.26 41.60 4.24
C LYS A 29 26.82 40.39 3.42
N LEU A 30 27.65 39.98 2.46
CA LEU A 30 27.40 38.82 1.60
C LEU A 30 26.03 38.93 0.92
N PRO A 31 25.85 39.83 -0.04
CA PRO A 31 24.56 39.95 -0.72
C PRO A 31 24.31 38.74 -1.62
N ALA A 32 23.13 38.12 -1.45
CA ALA A 32 22.80 36.93 -2.22
C ALA A 32 22.27 37.29 -3.61
N GLU A 33 21.16 38.02 -3.66
CA GLU A 33 20.51 38.35 -4.92
C GLU A 33 19.90 39.74 -4.83
N PHE A 34 19.62 40.33 -5.99
CA PHE A 34 19.04 41.65 -6.09
C PHE A 34 17.82 41.61 -7.00
N ILE A 35 16.93 42.58 -6.82
CA ILE A 35 15.71 42.70 -7.60
C ILE A 35 15.65 44.10 -8.20
N THR A 36 15.19 44.16 -9.45
CA THR A 36 15.11 45.42 -10.19
C THR A 36 13.91 46.24 -9.71
N ARG A 37 13.97 47.55 -10.02
CA ARG A 37 12.92 48.48 -9.62
C ARG A 37 12.97 49.68 -10.55
N PRO A 38 11.83 50.20 -10.98
CA PRO A 38 11.85 51.39 -11.86
C PRO A 38 12.42 52.60 -11.14
N HIS A 39 13.06 53.48 -11.90
CA HIS A 39 13.65 54.69 -11.35
C HIS A 39 12.55 55.66 -10.95
N PRO A 40 12.51 56.11 -9.70
CA PRO A 40 11.46 57.03 -9.26
C PRO A 40 11.81 58.48 -9.59
N SER A 41 10.91 59.38 -9.19
CA SER A 41 11.02 60.83 -9.31
C SER A 41 10.95 61.33 -10.75
N LYS A 42 10.85 60.42 -11.74
CA LYS A 42 10.78 60.79 -13.14
C LYS A 42 11.94 61.71 -13.54
N ASP A 43 11.61 62.91 -14.03
CA ASP A 43 12.60 63.89 -14.47
C ASP A 43 13.57 63.28 -15.47
N HIS A 44 14.84 63.67 -15.40
CA HIS A 44 15.88 63.09 -16.24
C HIS A 44 16.88 62.29 -15.44
N GLY A 45 17.54 62.92 -14.46
CA GLY A 45 18.53 62.26 -13.62
C GLY A 45 19.56 61.49 -14.42
N LYS A 46 19.63 60.17 -14.16
CA LYS A 46 20.45 59.28 -14.98
C LYS A 46 19.61 58.63 -16.08
N GLU A 47 18.55 57.91 -15.68
CA GLU A 47 17.55 57.33 -16.57
C GLU A 47 18.12 56.16 -17.37
N THR A 48 19.42 55.96 -17.30
CA THR A 48 20.08 54.80 -17.90
C THR A 48 21.02 54.10 -16.93
N CYS A 49 21.70 54.85 -16.07
CA CYS A 49 22.70 54.32 -15.15
C CYS A 49 22.43 54.80 -13.73
N THR A 50 21.17 54.67 -13.29
CA THR A 50 20.83 55.05 -11.92
C THR A 50 21.63 54.24 -10.91
N ALA A 51 21.41 52.92 -10.90
CA ALA A 51 22.21 51.98 -10.12
C ALA A 51 22.27 52.37 -8.64
N TYR A 52 21.09 52.34 -7.99
CA TYR A 52 20.98 52.67 -6.58
C TYR A 52 21.25 51.42 -5.73
N ILE A 53 22.52 51.04 -5.69
CA ILE A 53 22.99 49.91 -4.89
C ILE A 53 23.70 50.45 -3.66
N HIS A 54 23.55 49.74 -2.54
CA HIS A 54 24.16 50.16 -1.29
C HIS A 54 25.69 50.21 -1.44
N PRO A 55 26.35 51.22 -0.84
CA PRO A 55 27.81 51.31 -0.98
C PRO A 55 28.56 50.12 -0.42
N ASN A 56 27.99 49.41 0.56
CA ASN A 56 28.65 48.24 1.11
C ASN A 56 28.82 47.16 0.05
N VAL A 57 27.80 46.96 -0.79
CA VAL A 57 27.91 45.99 -1.88
C VAL A 57 28.96 46.43 -2.89
N LEU A 58 29.02 47.74 -3.16
CA LEU A 58 30.03 48.26 -4.09
C LEU A 58 31.43 48.00 -3.56
N SER A 59 31.66 48.23 -2.26
CA SER A 59 32.97 47.99 -1.68
C SER A 59 33.29 46.50 -1.63
N SER A 60 32.27 45.66 -1.40
CA SER A 60 32.52 44.22 -1.30
C SER A 60 32.94 43.63 -2.64
N LEU A 61 32.50 44.21 -3.76
CA LEU A 61 32.84 43.68 -5.07
C LEU A 61 34.19 44.18 -5.56
N GLU A 62 34.83 45.11 -4.84
CA GLU A 62 36.15 45.64 -5.19
C GLU A 62 36.15 46.24 -6.59
N ILE A 63 35.17 47.11 -6.85
CA ILE A 63 35.02 47.77 -8.14
C ILE A 63 34.68 49.23 -7.90
N ASN A 64 35.24 50.11 -8.73
CA ASN A 64 35.01 51.55 -8.58
C ASN A 64 33.54 51.87 -8.78
N PRO A 65 32.92 52.63 -7.88
CA PRO A 65 31.51 53.03 -8.10
C PRO A 65 31.29 53.75 -9.42
N GLY A 66 32.24 54.55 -9.88
CA GLY A 66 32.10 55.27 -11.13
C GLY A 66 32.48 54.44 -12.34
N SER A 67 32.18 53.14 -12.30
CA SER A 67 32.49 52.23 -13.39
C SER A 67 31.23 51.48 -13.81
N PHE A 68 31.37 50.59 -14.79
CA PHE A 68 30.25 49.83 -15.29
C PHE A 68 29.89 48.69 -14.34
N CYS A 69 28.73 48.08 -14.58
CA CYS A 69 28.28 46.94 -13.80
C CYS A 69 27.39 46.06 -14.67
N THR A 70 27.30 44.78 -14.28
CA THR A 70 26.51 43.81 -15.02
C THR A 70 25.74 42.95 -14.02
N VAL A 71 24.64 42.36 -14.51
CA VAL A 71 23.80 41.48 -13.73
C VAL A 71 23.85 40.09 -14.33
N GLY A 72 24.12 39.09 -13.49
CA GLY A 72 24.21 37.72 -13.98
C GLY A 72 22.87 37.17 -14.44
N LYS A 73 21.80 37.46 -13.69
CA LYS A 73 20.43 37.01 -13.94
C LYS A 73 20.34 35.55 -14.35
N ILE A 74 21.25 34.71 -13.82
CA ILE A 74 21.29 33.28 -14.08
C ILE A 74 21.44 33.01 -15.57
N GLY A 75 22.69 32.84 -16.02
CA GLY A 75 22.95 32.56 -17.41
C GLY A 75 23.07 33.80 -18.26
N GLU A 76 23.37 33.57 -19.53
CA GLU A 76 23.57 34.61 -20.55
C GLU A 76 24.32 35.82 -19.99
N ASN A 77 25.53 35.55 -19.52
CA ASN A 77 26.35 36.58 -18.89
C ASN A 77 26.64 37.73 -19.85
N GLY A 78 26.72 38.94 -19.30
CA GLY A 78 26.91 40.14 -20.09
C GLY A 78 25.63 40.92 -20.38
N ILE A 79 24.68 40.95 -19.45
CA ILE A 79 23.38 41.58 -19.69
C ILE A 79 23.44 43.06 -19.34
N LEU A 80 23.28 43.92 -20.35
CA LEU A 80 23.09 45.36 -20.18
C LEU A 80 24.22 45.98 -19.37
N VAL A 81 25.40 45.97 -19.97
CA VAL A 81 26.56 46.64 -19.39
C VAL A 81 26.21 48.11 -19.19
N ILE A 82 26.17 48.54 -17.93
CA ILE A 82 25.66 49.86 -17.56
C ILE A 82 26.53 50.42 -16.44
N ALA A 83 26.82 51.72 -16.50
CA ALA A 83 27.60 52.37 -15.48
C ALA A 83 26.85 52.35 -14.14
N ARG A 84 27.63 52.36 -13.06
CA ARG A 84 27.09 52.24 -11.71
C ARG A 84 27.18 53.57 -10.98
N ALA A 85 26.46 53.65 -9.86
CA ALA A 85 26.44 54.84 -9.01
C ALA A 85 26.07 54.41 -7.60
N GLY A 86 25.74 55.38 -6.76
CA GLY A 86 25.38 55.10 -5.38
C GLY A 86 24.03 55.65 -4.99
N ASP A 87 23.47 55.14 -3.89
CA ASP A 87 22.17 55.56 -3.40
C ASP A 87 22.33 56.52 -2.23
N GLU A 88 21.20 56.89 -1.61
CA GLU A 88 21.18 57.81 -0.48
C GLU A 88 20.99 57.09 0.85
N GLU A 89 21.42 55.83 0.94
CA GLU A 89 21.38 54.98 2.12
C GLU A 89 19.96 54.68 2.59
N VAL A 90 18.95 54.92 1.76
CA VAL A 90 17.56 54.61 2.13
C VAL A 90 17.10 53.30 1.52
N HIS A 91 17.43 53.08 0.25
CA HIS A 91 17.02 51.84 -0.41
C HIS A 91 17.78 50.66 0.19
N PRO A 92 17.08 49.59 0.59
CA PRO A 92 17.77 48.42 1.14
C PRO A 92 18.63 47.72 0.09
N VAL A 93 19.40 46.74 0.56
CA VAL A 93 20.33 46.02 -0.30
C VAL A 93 19.59 45.21 -1.35
N ASN A 94 18.47 44.60 -0.97
CA ASN A 94 17.78 43.68 -1.87
C ASN A 94 17.29 44.37 -3.13
N VAL A 95 16.74 45.57 -3.00
CA VAL A 95 16.14 46.27 -4.14
C VAL A 95 17.19 47.14 -4.82
N ILE A 96 17.25 47.05 -6.15
CA ILE A 96 18.12 47.89 -6.96
C ILE A 96 17.29 48.46 -8.10
N THR A 97 17.79 49.56 -8.69
CA THR A 97 17.10 50.26 -9.75
C THR A 97 17.99 50.33 -10.98
N LEU A 98 17.41 49.99 -12.15
CA LEU A 98 18.12 50.08 -13.42
C LEU A 98 17.34 50.89 -14.45
N SER A 99 16.32 51.64 -14.02
CA SER A 99 15.54 52.54 -14.86
C SER A 99 14.64 51.80 -15.85
N THR A 100 13.48 52.40 -16.14
CA THR A 100 12.50 51.77 -17.02
C THR A 100 13.03 51.61 -18.44
N THR A 101 13.94 52.48 -18.88
CA THR A 101 14.51 52.34 -20.21
C THR A 101 15.27 51.02 -20.34
N ILE A 102 16.18 50.76 -19.41
CA ILE A 102 16.91 49.49 -19.43
C ILE A 102 15.99 48.33 -19.15
N ARG A 103 14.98 48.52 -18.30
CA ARG A 103 14.00 47.46 -18.06
C ARG A 103 13.32 47.02 -19.36
N SER A 104 12.92 47.99 -20.18
CA SER A 104 12.28 47.67 -21.45
C SER A 104 13.29 47.11 -22.45
N VAL A 105 14.53 47.60 -22.40
CA VAL A 105 15.54 47.15 -23.37
C VAL A 105 15.88 45.69 -23.14
N GLY A 106 16.16 45.31 -21.89
CA GLY A 106 16.56 43.95 -21.58
C GLY A 106 15.42 42.98 -21.37
N ASN A 107 14.17 43.41 -21.54
CA ASN A 107 12.99 42.59 -21.27
C ASN A 107 13.02 42.04 -19.85
N LEU A 108 13.51 42.86 -18.92
CA LEU A 108 13.63 42.43 -17.53
C LEU A 108 12.26 42.46 -16.85
N ILE A 109 11.86 41.32 -16.28
CA ILE A 109 10.66 41.27 -15.48
C ILE A 109 10.92 41.92 -14.13
N LEU A 110 9.91 42.57 -13.58
CA LEU A 110 10.09 43.30 -12.33
C LEU A 110 10.40 42.33 -11.19
N GLY A 111 11.37 42.71 -10.36
CA GLY A 111 11.76 41.86 -9.26
C GLY A 111 12.53 40.61 -9.65
N ASP A 112 13.15 40.63 -10.83
CA ASP A 112 13.90 39.46 -11.28
C ASP A 112 15.15 39.25 -10.45
N ARG A 113 15.55 37.99 -10.30
CA ARG A 113 16.76 37.65 -9.57
C ARG A 113 17.98 38.07 -10.37
N LEU A 114 18.82 38.92 -9.78
CA LEU A 114 20.02 39.43 -10.44
C LEU A 114 21.23 39.24 -9.54
N GLU A 115 22.36 38.88 -10.16
CA GLU A 115 23.62 38.69 -9.46
C GLU A 115 24.66 39.63 -10.07
N LEU A 116 25.28 40.46 -9.23
CA LEU A 116 26.25 41.43 -9.72
C LEU A 116 27.52 40.74 -10.20
N LYS A 117 28.12 41.31 -11.24
CA LYS A 117 29.36 40.78 -11.81
C LYS A 117 30.30 41.95 -12.12
N LYS A 118 31.57 41.61 -12.27
CA LYS A 118 32.58 42.63 -12.54
C LYS A 118 32.38 43.24 -13.92
N ALA A 119 32.88 44.46 -14.08
CA ALA A 119 32.67 45.23 -15.29
C ALA A 119 33.56 44.72 -16.42
N GLN A 120 33.35 45.28 -17.61
CA GLN A 120 34.07 44.94 -18.83
C GLN A 120 34.68 46.22 -19.40
N VAL A 121 35.77 46.06 -20.17
CA VAL A 121 36.55 47.22 -20.62
C VAL A 121 35.68 48.16 -21.45
N GLN A 122 36.08 49.43 -21.49
CA GLN A 122 35.26 50.47 -22.07
C GLN A 122 35.00 50.20 -23.56
N PRO A 123 33.83 50.58 -24.06
CA PRO A 123 33.49 50.36 -25.47
C PRO A 123 34.46 51.08 -26.39
N PRO A 124 34.81 50.47 -27.53
CA PRO A 124 35.74 51.14 -28.47
C PRO A 124 35.17 52.40 -29.08
N TYR A 125 34.02 52.30 -29.76
CA TYR A 125 33.44 53.41 -30.51
C TYR A 125 32.11 52.97 -31.08
N ALA A 126 31.35 53.95 -31.58
CA ALA A 126 30.09 53.71 -32.29
C ALA A 126 30.31 53.97 -33.77
N THR A 127 29.81 53.07 -34.62
CA THR A 127 30.14 53.09 -36.04
C THR A 127 29.17 53.93 -36.86
N LYS A 128 27.89 53.54 -36.89
CA LYS A 128 26.91 54.17 -37.77
C LYS A 128 25.77 54.84 -37.02
N VAL A 129 25.16 54.15 -36.05
CA VAL A 129 24.02 54.57 -35.24
C VAL A 129 22.86 55.08 -36.09
N THR A 130 21.73 54.38 -36.03
CA THR A 130 20.58 54.71 -36.87
C THR A 130 19.29 54.32 -36.15
N VAL A 131 18.33 55.23 -36.12
CA VAL A 131 17.09 55.06 -35.36
C VAL A 131 16.15 54.10 -36.09
N GLY A 132 15.11 53.65 -35.38
CA GLY A 132 14.16 52.70 -35.94
C GLY A 132 12.72 53.17 -35.96
N SER A 133 12.38 54.15 -35.12
CA SER A 133 11.04 54.74 -35.07
C SER A 133 9.98 53.67 -34.77
N LEU A 134 10.06 53.14 -33.55
CA LEU A 134 9.17 52.07 -33.12
C LEU A 134 7.71 52.53 -33.14
N GLN A 135 6.83 51.58 -33.49
CA GLN A 135 5.38 51.76 -33.56
C GLN A 135 4.99 53.12 -34.15
N GLY A 136 5.52 53.38 -35.33
CA GLY A 136 5.23 54.62 -36.03
C GLY A 136 5.53 54.48 -37.50
N TYR A 137 5.04 55.43 -38.27
CA TYR A 137 5.26 55.46 -39.71
C TYR A 137 6.52 56.22 -40.11
N ASN A 138 7.29 56.71 -39.14
CA ASN A 138 8.54 57.45 -39.36
C ASN A 138 8.18 58.76 -40.06
N ILE A 139 9.06 59.29 -40.92
CA ILE A 139 8.92 60.61 -41.52
C ILE A 139 8.70 61.64 -40.39
N LEU A 140 9.75 61.92 -39.63
CA LEU A 140 9.69 62.93 -38.59
C LEU A 140 10.01 64.32 -39.14
N GLU A 141 11.26 64.54 -39.52
CA GLU A 141 11.75 65.82 -40.03
C GLU A 141 11.42 67.00 -39.11
N CYS A 142 10.33 67.69 -39.40
CA CYS A 142 10.07 68.99 -38.78
C CYS A 142 9.94 68.88 -37.26
N MET A 143 9.25 67.85 -36.77
CA MET A 143 9.04 67.71 -35.34
C MET A 143 10.15 66.91 -34.66
N GLU A 144 11.18 66.50 -35.39
CA GLU A 144 12.32 65.83 -34.78
C GLU A 144 13.11 66.81 -33.91
N GLU A 145 13.63 67.87 -34.51
CA GLU A 145 14.33 68.95 -33.80
C GLU A 145 15.51 68.44 -33.00
N LYS A 146 16.37 67.69 -33.69
CA LYS A 146 17.67 67.24 -33.15
C LYS A 146 17.50 66.43 -31.87
N VAL A 147 16.86 65.26 -32.02
CA VAL A 147 16.76 64.32 -30.91
C VAL A 147 18.12 63.75 -30.54
N ILE A 148 19.11 63.88 -31.44
CA ILE A 148 20.42 63.28 -31.22
C ILE A 148 21.05 63.80 -29.93
N GLN A 149 20.95 65.11 -29.70
CA GLN A 149 21.55 65.69 -28.50
C GLN A 149 20.94 65.09 -27.24
N LYS A 150 19.61 65.01 -27.19
CA LYS A 150 18.96 64.42 -26.03
C LYS A 150 19.14 62.91 -25.99
N LEU A 151 19.26 62.27 -27.15
CA LEU A 151 19.41 60.81 -27.18
C LEU A 151 20.76 60.38 -26.62
N LEU A 152 21.84 61.01 -27.07
CA LEU A 152 23.18 60.61 -26.67
C LEU A 152 23.78 61.51 -25.61
N ASP A 153 23.03 62.46 -25.07
CA ASP A 153 23.49 63.19 -23.90
C ASP A 153 23.52 62.29 -22.67
N ASP A 154 22.55 61.40 -22.54
CA ASP A 154 22.53 60.42 -21.47
C ASP A 154 23.63 59.38 -21.69
N SER A 155 24.16 58.86 -20.59
CA SER A 155 25.17 57.83 -20.66
C SER A 155 24.55 56.51 -21.17
N GLY A 156 25.41 55.65 -21.71
CA GLY A 156 24.96 54.38 -22.23
C GLY A 156 24.77 54.36 -23.74
N VAL A 157 23.52 54.48 -24.18
CA VAL A 157 23.16 54.40 -25.60
C VAL A 157 23.65 53.07 -26.15
N ILE A 158 22.96 51.99 -25.79
CA ILE A 158 23.40 50.65 -26.17
C ILE A 158 22.95 50.33 -27.59
N MET A 159 23.68 49.43 -28.24
CA MET A 159 23.40 49.09 -29.63
C MET A 159 22.03 48.47 -29.84
N PRO A 160 21.59 47.46 -29.07
CA PRO A 160 20.29 46.83 -29.39
C PRO A 160 19.12 47.78 -29.41
N GLY A 161 19.08 48.77 -28.53
CA GLY A 161 18.02 49.75 -28.57
C GLY A 161 17.85 50.45 -27.23
N MET A 162 17.04 51.50 -27.26
CA MET A 162 16.57 52.18 -26.06
C MET A 162 15.11 52.56 -26.25
N ILE A 163 14.40 52.70 -25.13
CA ILE A 163 13.00 53.10 -25.13
C ILE A 163 12.85 54.30 -24.21
N PHE A 164 12.33 55.39 -24.75
CA PHE A 164 12.09 56.61 -23.99
C PHE A 164 10.66 57.09 -24.21
N GLN A 165 10.12 57.75 -23.19
CA GLN A 165 8.80 58.34 -23.28
C GLN A 165 8.83 59.56 -24.22
N ASN A 166 7.64 59.93 -24.70
CA ASN A 166 7.54 61.06 -25.61
C ASN A 166 7.98 62.38 -24.97
N LEU A 167 7.91 62.47 -23.63
CA LEU A 167 8.29 63.68 -22.89
C LEU A 167 7.41 64.82 -23.37
N LYS A 168 7.94 66.01 -23.65
CA LYS A 168 7.14 67.14 -24.11
C LYS A 168 7.96 67.88 -25.16
N THR A 169 7.62 67.67 -26.43
CA THR A 169 8.28 68.34 -27.56
C THR A 169 7.23 69.08 -28.37
N LYS A 170 7.42 70.39 -28.51
CA LYS A 170 6.54 71.30 -29.25
C LYS A 170 5.07 71.00 -29.02
N ALA A 171 4.25 71.14 -30.06
CA ALA A 171 2.83 70.85 -30.00
C ALA A 171 2.54 69.48 -30.61
N GLY A 172 1.26 69.16 -30.72
CA GLY A 172 0.84 67.89 -31.28
C GLY A 172 0.92 66.71 -30.35
N ASP A 173 1.10 66.95 -29.04
CA ASP A 173 1.19 65.96 -27.96
C ASP A 173 1.56 64.55 -28.43
N GLU A 174 0.65 63.59 -28.26
CA GLU A 174 0.77 62.19 -28.66
C GLU A 174 2.02 61.54 -28.08
N SER A 175 2.28 60.29 -28.47
CA SER A 175 3.40 59.51 -27.95
C SER A 175 4.27 59.03 -29.10
N ILE A 176 5.58 59.21 -28.98
CA ILE A 176 6.54 58.77 -29.98
C ILE A 176 7.72 58.12 -29.28
N ASP A 177 8.19 57.01 -29.83
CA ASP A 177 9.35 56.30 -29.32
C ASP A 177 10.23 55.86 -30.48
N VAL A 178 11.53 55.82 -30.22
CA VAL A 178 12.52 55.45 -31.23
C VAL A 178 13.45 54.39 -30.66
N VAL A 179 13.86 53.45 -31.51
CA VAL A 179 14.80 52.40 -31.12
C VAL A 179 15.96 52.46 -32.11
N ILE A 180 17.13 51.98 -31.66
CA ILE A 180 18.37 52.23 -32.38
C ILE A 180 18.87 50.92 -32.99
N THR A 181 17.93 50.03 -33.33
CA THR A 181 18.20 48.64 -33.67
C THR A 181 19.41 48.44 -34.57
N ASP A 182 19.36 48.98 -35.79
CA ASP A 182 20.37 48.68 -36.79
C ASP A 182 21.67 49.42 -36.51
N ALA A 183 22.78 48.68 -36.54
CA ALA A 183 24.10 49.24 -36.34
C ALA A 183 25.12 48.25 -36.87
N SER A 184 26.35 48.72 -37.05
CA SER A 184 27.45 47.91 -37.59
C SER A 184 28.68 48.04 -36.71
N ASP A 185 28.50 47.93 -35.40
CA ASP A 185 29.61 47.97 -34.46
C ASP A 185 30.17 46.57 -34.25
N ASP A 186 31.50 46.46 -34.21
CA ASP A 186 32.19 45.20 -34.06
C ASP A 186 32.89 45.15 -32.72
N SER A 187 32.68 44.06 -31.98
CA SER A 187 33.32 43.85 -30.68
C SER A 187 34.05 42.51 -30.72
N LEU A 188 35.29 42.50 -30.26
CA LEU A 188 36.07 41.26 -30.26
C LEU A 188 35.48 40.15 -29.39
N PRO A 189 34.97 40.38 -28.16
CA PRO A 189 34.51 39.24 -27.37
C PRO A 189 33.05 38.86 -27.67
N ASP A 190 32.82 37.58 -27.92
CA ASP A 190 31.46 37.09 -28.15
C ASP A 190 30.69 36.84 -26.87
N VAL A 191 31.35 36.90 -25.71
CA VAL A 191 30.66 36.71 -24.44
C VAL A 191 29.66 37.83 -24.20
N SER A 192 30.07 39.08 -24.47
CA SER A 192 29.19 40.22 -24.28
C SER A 192 28.06 40.19 -25.32
N GLN A 193 26.86 39.85 -24.87
CA GLN A 193 25.70 39.78 -25.76
C GLN A 193 25.04 41.14 -25.98
N LEU A 194 25.48 42.18 -25.27
CA LEU A 194 24.86 43.49 -25.38
C LEU A 194 25.76 44.56 -25.96
N ASP A 195 27.07 44.30 -26.06
CA ASP A 195 28.06 45.10 -26.78
C ASP A 195 27.76 46.61 -26.72
N LEU A 196 27.72 47.12 -25.49
CA LEU A 196 27.47 48.54 -25.26
C LEU A 196 28.49 49.39 -26.00
N ASN A 197 28.03 50.55 -26.49
CA ASN A 197 28.86 51.49 -27.22
C ASN A 197 29.01 52.78 -26.40
N MET A 198 30.04 53.55 -26.74
CA MET A 198 30.32 54.80 -26.05
C MET A 198 29.58 55.95 -26.72
N ASP A 199 29.61 57.12 -26.06
CA ASP A 199 28.89 58.31 -26.51
C ASP A 199 29.89 59.39 -26.90
N ASP A 200 29.75 59.92 -28.12
CA ASP A 200 30.59 61.01 -28.58
C ASP A 200 29.81 61.76 -29.67
N MET A 201 29.22 62.89 -29.31
CA MET A 201 28.43 63.70 -30.24
C MET A 201 28.66 65.17 -29.92
N TYR A 202 28.36 66.03 -30.90
CA TYR A 202 28.50 67.48 -30.73
C TYR A 202 27.11 68.09 -30.77
N GLY A 203 26.79 68.89 -29.76
CA GLY A 203 25.48 69.53 -29.72
C GLY A 203 25.34 70.33 -28.43
N GLY A 204 24.20 71.00 -28.33
CA GLY A 204 23.90 71.80 -27.17
C GLY A 204 22.41 71.81 -26.88
N LEU A 205 22.08 72.06 -25.62
CA LEU A 205 20.69 72.10 -25.14
C LEU A 205 19.95 70.80 -25.46
N GLY A 220 30.71 66.40 -36.22
CA GLY A 220 29.36 66.52 -36.72
C GLY A 220 28.70 65.18 -36.96
N SER A 221 28.31 64.52 -35.86
CA SER A 221 27.64 63.23 -35.90
C SER A 221 28.49 62.17 -36.60
N THR A 222 27.90 61.01 -36.90
CA THR A 222 28.59 59.92 -37.59
C THR A 222 27.64 59.31 -38.62
N HIS A 223 27.69 59.87 -39.84
CA HIS A 223 26.90 59.40 -40.98
C HIS A 223 25.41 59.38 -40.64
N ILE A 224 24.97 60.38 -39.89
CA ILE A 224 23.58 60.65 -39.51
C ILE A 224 22.96 59.46 -38.78
N THR A 225 21.75 59.63 -38.24
CA THR A 225 21.04 58.56 -37.57
C THR A 225 19.57 58.44 -37.95
N PHE A 226 18.99 59.46 -38.59
CA PHE A 226 17.57 59.46 -38.93
C PHE A 226 17.39 58.77 -40.28
N SER A 227 17.07 57.48 -40.25
CA SER A 227 16.86 56.71 -41.46
C SER A 227 16.13 55.42 -41.14
N LYS A 228 15.27 54.98 -42.06
CA LYS A 228 14.58 53.70 -42.00
C LYS A 228 13.58 53.61 -40.85
N GLU A 229 12.63 52.67 -40.97
CA GLU A 229 11.62 52.44 -39.94
C GLU A 229 11.44 50.94 -39.70
N THR A 230 12.52 50.17 -39.79
CA THR A 230 12.44 48.73 -39.67
C THR A 230 12.22 48.31 -38.21
N GLN A 231 11.86 47.05 -38.02
CA GLN A 231 11.65 46.48 -36.70
C GLN A 231 13.00 46.11 -36.07
N ALA A 232 12.96 45.39 -34.97
CA ALA A 232 14.18 44.95 -34.30
C ALA A 232 14.97 44.02 -35.21
N ASN A 233 16.29 44.19 -35.21
CA ASN A 233 17.15 43.39 -36.06
C ASN A 233 17.14 41.93 -35.62
N ARG A 234 16.93 41.03 -36.59
CA ARG A 234 16.90 39.60 -36.30
C ARG A 234 18.29 38.98 -36.26
N LYS A 235 19.32 39.69 -36.71
CA LYS A 235 20.68 39.15 -36.65
C LYS A 235 21.14 38.94 -35.22
N TYR A 236 20.83 39.89 -34.33
CA TYR A 236 21.20 39.80 -32.93
C TYR A 236 20.18 39.05 -32.10
N ASN A 237 19.08 38.60 -32.70
CA ASN A 237 18.00 37.83 -32.05
C ASN A 237 17.68 38.39 -30.66
N LEU A 238 17.40 39.69 -30.62
CA LEU A 238 17.03 40.33 -29.36
C LEU A 238 15.68 39.81 -28.89
N PRO A 239 15.49 39.60 -27.59
CA PRO A 239 14.20 39.10 -27.09
C PRO A 239 13.10 40.15 -27.16
N GLU A 240 12.18 39.98 -28.09
CA GLU A 240 11.08 40.93 -28.23
C GLU A 240 10.01 40.65 -27.19
N PRO A 241 9.63 41.65 -26.38
CA PRO A 241 8.58 41.42 -25.38
C PRO A 241 7.25 41.09 -26.03
N LEU A 242 6.47 40.26 -25.33
CA LEU A 242 5.17 39.85 -25.84
C LEU A 242 4.18 41.01 -25.79
N SER A 243 3.17 40.93 -26.65
CA SER A 243 2.15 41.97 -26.75
C SER A 243 0.77 41.32 -26.79
N TYR A 244 -0.23 42.12 -26.40
CA TYR A 244 -1.60 41.62 -26.39
C TYR A 244 -2.10 41.30 -27.79
N ALA A 245 -1.59 42.00 -28.82
CA ALA A 245 -2.01 41.75 -30.18
C ALA A 245 -1.52 40.40 -30.70
N ALA A 246 -0.49 39.82 -30.08
CA ALA A 246 0.01 38.53 -30.53
C ALA A 246 -1.02 37.43 -30.33
N VAL A 247 -1.72 37.45 -29.21
CA VAL A 247 -2.71 36.42 -28.91
C VAL A 247 -4.01 36.76 -29.63
N GLY A 248 -4.53 35.80 -30.39
CA GLY A 248 -5.77 35.99 -31.11
C GLY A 248 -6.82 34.96 -30.76
N GLY A 249 -8.09 35.33 -30.91
CA GLY A 249 -9.18 34.42 -30.59
C GLY A 249 -9.47 34.28 -29.11
N LEU A 250 -8.82 35.07 -28.26
CA LEU A 250 -9.01 35.01 -26.82
C LEU A 250 -9.66 36.27 -26.28
N ASP A 251 -10.36 37.03 -27.13
CA ASP A 251 -10.71 38.41 -26.82
C ASP A 251 -11.58 38.51 -25.56
N LYS A 252 -12.63 37.70 -25.48
CA LYS A 252 -13.57 37.82 -24.36
C LYS A 252 -12.90 37.46 -23.04
N GLU A 253 -12.23 36.31 -22.99
CA GLU A 253 -11.58 35.89 -21.76
C GLU A 253 -10.38 36.76 -21.42
N ILE A 254 -9.64 37.23 -22.41
CA ILE A 254 -8.51 38.11 -22.12
C ILE A 254 -9.00 39.45 -21.59
N GLU A 255 -10.13 39.94 -22.09
CA GLU A 255 -10.71 41.18 -21.56
C GLU A 255 -11.23 40.98 -20.14
N SER A 256 -11.84 39.81 -19.88
CA SER A 256 -12.27 39.52 -18.52
C SER A 256 -11.09 39.47 -17.55
N LEU A 257 -9.99 38.84 -17.98
CA LEU A 257 -8.79 38.80 -17.16
C LEU A 257 -8.21 40.20 -16.96
N LYS A 258 -8.23 41.02 -18.00
CA LYS A 258 -7.77 42.40 -17.87
C LYS A 258 -8.58 43.15 -16.83
N SER A 259 -9.91 43.02 -16.87
CA SER A 259 -10.75 43.69 -15.89
C SER A 259 -10.48 43.15 -14.48
N ALA A 260 -10.32 41.83 -14.36
CA ALA A 260 -10.10 41.22 -13.05
C ALA A 260 -8.77 41.64 -12.44
N ILE A 261 -7.73 41.82 -13.26
CA ILE A 261 -6.44 42.26 -12.73
C ILE A 261 -6.34 43.77 -12.64
N GLU A 262 -7.23 44.51 -13.30
CA GLU A 262 -7.22 45.97 -13.22
C GLU A 262 -8.03 46.50 -12.04
N ILE A 263 -9.09 45.79 -11.65
CA ILE A 263 -9.91 46.27 -10.52
C ILE A 263 -9.13 46.37 -9.21
N PRO A 264 -8.25 45.42 -8.82
CA PRO A 264 -7.66 45.52 -7.47
C PRO A 264 -6.50 46.49 -7.39
N LEU A 265 -5.70 46.57 -8.46
CA LEU A 265 -4.39 47.23 -8.37
C LEU A 265 -4.49 48.71 -8.74
N HIS A 266 -4.92 49.01 -9.97
CA HIS A 266 -4.87 50.38 -10.46
C HIS A 266 -5.81 51.29 -9.65
N GLN A 267 -7.02 50.83 -9.37
CA GLN A 267 -8.00 51.61 -8.61
C GLN A 267 -8.58 50.72 -7.51
N PRO A 268 -7.84 50.51 -6.42
CA PRO A 268 -8.38 49.72 -5.30
C PRO A 268 -9.59 50.36 -4.65
N THR A 269 -9.77 51.68 -4.81
CA THR A 269 -10.94 52.34 -4.23
C THR A 269 -12.23 51.81 -4.82
N LEU A 270 -12.22 51.40 -6.10
CA LEU A 270 -13.41 50.87 -6.75
C LEU A 270 -14.05 49.76 -5.92
N PHE A 271 -13.24 48.83 -5.43
CA PHE A 271 -13.75 47.73 -4.63
C PHE A 271 -13.72 48.03 -3.13
N SER A 272 -12.86 48.96 -2.69
CA SER A 272 -12.77 49.29 -1.28
C SER A 272 -13.86 50.25 -0.81
N SER A 273 -14.62 50.85 -1.73
CA SER A 273 -15.69 51.76 -1.32
C SER A 273 -16.75 51.03 -0.52
N PHE A 274 -17.11 49.81 -0.93
CA PHE A 274 -18.13 49.05 -0.22
C PHE A 274 -17.57 48.31 1.00
N GLY A 275 -16.24 48.20 1.12
CA GLY A 275 -15.65 47.60 2.29
C GLY A 275 -16.00 46.14 2.51
N VAL A 276 -15.91 45.33 1.46
CA VAL A 276 -16.22 43.91 1.55
C VAL A 276 -14.99 43.04 1.25
N SER A 277 -13.80 43.64 1.24
CA SER A 277 -12.50 42.99 1.00
C SER A 277 -12.40 42.50 -0.44
N PRO A 278 -11.29 42.78 -1.12
CA PRO A 278 -11.17 42.38 -2.53
C PRO A 278 -10.61 40.98 -2.65
N PRO A 279 -10.98 40.24 -3.69
CA PRO A 279 -10.40 38.92 -3.90
C PRO A 279 -8.92 39.00 -4.24
N ARG A 280 -8.19 37.95 -3.87
CA ARG A 280 -6.75 37.91 -4.07
C ARG A 280 -6.29 36.86 -5.06
N GLY A 281 -7.06 35.80 -5.28
CA GLY A 281 -6.65 34.68 -6.11
C GLY A 281 -7.52 34.55 -7.35
N ILE A 282 -6.88 34.21 -8.47
CA ILE A 282 -7.56 33.98 -9.74
C ILE A 282 -7.15 32.61 -10.25
N LEU A 283 -8.13 31.81 -10.70
CA LEU A 283 -7.88 30.46 -11.18
C LEU A 283 -7.92 30.45 -12.71
N LEU A 284 -6.85 29.92 -13.31
CA LEU A 284 -6.74 29.74 -14.75
C LEU A 284 -6.67 28.24 -15.03
N HIS A 285 -7.52 27.77 -15.94
CA HIS A 285 -7.61 26.35 -16.25
C HIS A 285 -8.15 26.16 -17.65
N GLY A 286 -7.98 24.94 -18.16
CA GLY A 286 -8.41 24.59 -19.49
C GLY A 286 -7.57 23.48 -20.09
N PRO A 287 -7.75 23.23 -21.39
CA PRO A 287 -6.92 22.23 -22.05
C PRO A 287 -5.46 22.65 -22.04
N PRO A 288 -4.53 21.71 -22.00
CA PRO A 288 -3.11 22.06 -21.95
C PRO A 288 -2.67 22.83 -23.19
N GLY A 289 -1.78 23.80 -22.97
CA GLY A 289 -1.20 24.55 -24.08
C GLY A 289 -2.16 25.42 -24.85
N THR A 290 -3.11 26.06 -24.16
CA THR A 290 -4.07 26.93 -24.85
C THR A 290 -3.63 28.40 -24.81
N GLY A 291 -3.60 29.00 -23.63
CA GLY A 291 -3.18 30.39 -23.52
C GLY A 291 -2.51 30.83 -22.24
N LYS A 292 -2.22 29.91 -21.32
CA LYS A 292 -1.88 30.32 -19.96
C LYS A 292 -0.54 31.04 -19.90
N THR A 293 0.50 30.46 -20.52
CA THR A 293 1.83 31.07 -20.44
C THR A 293 1.85 32.43 -21.12
N MET A 294 1.16 32.56 -22.26
CA MET A 294 1.09 33.87 -22.92
C MET A 294 0.38 34.89 -22.03
N LEU A 295 -0.71 34.49 -21.38
CA LEU A 295 -1.39 35.41 -20.48
C LEU A 295 -0.46 35.87 -19.36
N LEU A 296 0.24 34.92 -18.72
CA LEU A 296 1.15 35.29 -17.63
C LEU A 296 2.25 36.22 -18.12
N ARG A 297 2.89 35.89 -19.24
CA ARG A 297 4.00 36.71 -19.74
C ARG A 297 3.51 38.09 -20.14
N VAL A 298 2.35 38.18 -20.79
CA VAL A 298 1.86 39.48 -21.25
C VAL A 298 1.44 40.35 -20.08
N VAL A 299 0.74 39.79 -19.08
CA VAL A 299 0.36 40.60 -17.93
C VAL A 299 1.59 40.99 -17.11
N ALA A 300 2.65 40.17 -17.13
CA ALA A 300 3.88 40.55 -16.44
C ALA A 300 4.59 41.68 -17.18
N ASN A 301 4.63 41.63 -18.51
CA ASN A 301 5.36 42.63 -19.27
C ASN A 301 4.62 43.97 -19.31
N THR A 302 3.30 43.93 -19.50
CA THR A 302 2.53 45.17 -19.66
C THR A 302 2.29 45.89 -18.35
N SER A 303 2.56 45.27 -17.21
CA SER A 303 2.34 45.87 -15.91
C SER A 303 3.68 46.25 -15.28
N ASN A 304 3.78 47.50 -14.82
CA ASN A 304 4.99 47.97 -14.15
C ASN A 304 5.13 47.44 -12.74
N ALA A 305 4.11 46.76 -12.21
CA ALA A 305 4.17 46.21 -10.86
C ALA A 305 5.16 45.05 -10.80
N HIS A 306 5.59 44.74 -9.58
CA HIS A 306 6.51 43.64 -9.37
C HIS A 306 5.83 42.31 -9.73
N VAL A 307 6.56 41.45 -10.43
CA VAL A 307 6.05 40.16 -10.87
C VAL A 307 6.95 39.07 -10.32
N LEU A 308 6.34 38.03 -9.74
CA LEU A 308 7.08 36.94 -9.15
C LEU A 308 6.43 35.63 -9.57
N THR A 309 7.23 34.69 -10.05
CA THR A 309 6.76 33.37 -10.47
C THR A 309 7.51 32.32 -9.68
N ILE A 310 6.77 31.40 -9.05
CA ILE A 310 7.38 30.35 -8.26
C ILE A 310 7.90 29.25 -9.18
N ASN A 311 8.86 28.48 -8.68
CA ASN A 311 9.45 27.38 -9.43
C ASN A 311 8.76 26.05 -9.18
N GLY A 312 7.69 26.04 -8.39
CA GLY A 312 6.94 24.83 -8.12
C GLY A 312 7.75 23.81 -7.33
N PRO A 313 7.86 22.59 -7.88
CA PRO A 313 8.59 21.53 -7.16
C PRO A 313 10.07 21.81 -6.98
N SER A 314 10.64 22.73 -7.77
CA SER A 314 12.05 23.06 -7.61
C SER A 314 12.34 23.69 -6.26
N ILE A 315 11.40 24.47 -5.72
CA ILE A 315 11.58 25.06 -4.40
C ILE A 315 11.62 23.98 -3.32
N VAL A 316 10.91 22.87 -3.54
CA VAL A 316 10.86 21.81 -2.54
C VAL A 316 12.25 21.22 -2.34
N SER A 317 12.66 21.11 -1.09
CA SER A 317 13.96 20.57 -0.71
C SER A 317 13.76 19.53 0.39
N LYS A 318 14.88 18.99 0.88
CA LYS A 318 14.82 17.99 1.94
C LYS A 318 14.28 18.57 3.25
N TYR A 319 14.61 19.82 3.56
CA TYR A 319 14.15 20.46 4.78
C TYR A 319 12.68 20.85 4.63
N LEU A 320 11.86 20.38 5.57
CA LEU A 320 10.44 20.70 5.53
C LEU A 320 10.19 22.19 5.76
N GLY A 321 10.95 22.80 6.68
CA GLY A 321 10.71 24.18 7.04
C GLY A 321 11.37 25.20 6.14
N GLU A 322 12.35 24.77 5.33
CA GLU A 322 13.06 25.72 4.47
C GLU A 322 12.14 26.31 3.41
N THR A 323 11.33 25.46 2.76
CA THR A 323 10.41 25.96 1.74
C THR A 323 9.36 26.88 2.34
N GLU A 324 8.87 26.55 3.54
CA GLU A 324 7.88 27.39 4.19
C GLU A 324 8.47 28.73 4.63
N ALA A 325 9.71 28.73 5.11
CA ALA A 325 10.38 29.98 5.41
C ALA A 325 10.57 30.83 4.16
N ALA A 326 10.93 30.19 3.04
CA ALA A 326 10.99 30.89 1.77
C ALA A 326 9.62 31.43 1.38
N LEU A 327 8.54 30.72 1.75
CA LEU A 327 7.20 31.19 1.45
C LEU A 327 6.87 32.47 2.22
N ARG A 328 7.17 32.50 3.52
CA ARG A 328 7.02 33.77 4.24
C ARG A 328 7.94 34.86 3.67
N ASP A 329 9.15 34.50 3.25
CA ASP A 329 10.02 35.51 2.65
C ASP A 329 9.40 36.10 1.40
N ILE A 330 8.85 35.26 0.53
CA ILE A 330 8.22 35.72 -0.70
C ILE A 330 7.00 36.58 -0.39
N PHE A 331 6.18 36.14 0.58
CA PHE A 331 4.99 36.89 0.94
C PHE A 331 5.34 38.25 1.52
N ASN A 332 6.38 38.30 2.37
CA ASN A 332 6.81 39.58 2.93
C ASN A 332 7.36 40.50 1.85
N GLU A 333 8.12 39.95 0.89
CA GLU A 333 8.61 40.77 -0.21
C GLU A 333 7.46 41.32 -1.05
N ALA A 334 6.44 40.48 -1.31
CA ALA A 334 5.29 40.94 -2.08
C ALA A 334 4.50 42.01 -1.32
N ARG A 335 4.36 41.85 -0.02
CA ARG A 335 3.58 42.81 0.76
C ARG A 335 4.33 44.12 0.99
N LYS A 336 5.66 44.07 1.02
CA LYS A 336 6.44 45.28 1.26
C LYS A 336 6.22 46.32 0.17
N TYR A 337 6.19 45.88 -1.09
CA TYR A 337 5.94 46.76 -2.22
C TYR A 337 4.46 46.67 -2.60
N GLN A 338 3.77 47.80 -2.60
CA GLN A 338 2.34 47.79 -2.90
C GLN A 338 2.03 47.23 -4.29
N PRO A 339 2.67 47.67 -5.39
CA PRO A 339 2.38 47.05 -6.69
C PRO A 339 3.16 45.75 -6.86
N SER A 340 2.45 44.63 -6.81
CA SER A 340 3.10 43.33 -6.91
C SER A 340 2.14 42.34 -7.58
N ILE A 341 2.72 41.42 -8.34
CA ILE A 341 1.97 40.36 -9.03
C ILE A 341 2.55 39.02 -8.60
N ILE A 342 1.67 38.08 -8.28
CA ILE A 342 2.07 36.74 -7.83
C ILE A 342 1.61 35.74 -8.89
N PHE A 343 2.55 34.96 -9.40
CA PHE A 343 2.27 33.94 -10.41
C PHE A 343 2.49 32.56 -9.80
N ILE A 344 1.47 31.71 -9.89
CA ILE A 344 1.52 30.35 -9.38
C ILE A 344 1.27 29.39 -10.53
N ASP A 345 2.18 28.42 -10.69
CA ASP A 345 2.08 27.43 -11.75
C ASP A 345 2.11 26.03 -11.14
N GLU A 346 1.72 25.05 -11.95
CA GLU A 346 1.62 23.64 -11.57
C GLU A 346 1.08 23.47 -10.15
N ILE A 347 -0.11 24.03 -9.94
CA ILE A 347 -0.74 24.00 -8.62
C ILE A 347 -1.04 22.57 -8.21
N ASP A 348 -1.54 21.75 -9.15
CA ASP A 348 -1.88 20.37 -8.82
C ASP A 348 -0.66 19.58 -8.39
N SER A 349 0.49 19.81 -9.03
CA SER A 349 1.71 19.10 -8.65
C SER A 349 2.14 19.45 -7.24
N ILE A 350 2.06 20.73 -6.87
CA ILE A 350 2.52 21.16 -5.56
C ILE A 350 1.42 21.10 -4.50
N ALA A 351 0.16 21.20 -4.91
CA ALA A 351 -0.98 21.18 -4.00
C ALA A 351 -2.01 20.16 -4.49
N PRO A 352 -1.73 18.87 -4.30
CA PRO A 352 -2.67 17.83 -4.72
C PRO A 352 -3.85 17.75 -3.76
N ASN A 353 -4.82 16.91 -4.15
CA ASN A 353 -5.99 16.69 -3.32
C ASN A 353 -5.60 15.99 -2.01
N ARG A 354 -6.14 16.47 -0.90
CA ARG A 354 -5.80 15.91 0.40
C ARG A 354 -6.27 14.46 0.52
N ALA A 355 -7.49 14.18 0.08
CA ALA A 355 -8.05 12.83 0.21
C ALA A 355 -7.49 11.87 -0.81
N ASN A 356 -7.11 12.36 -1.99
CA ASN A 356 -6.67 11.47 -3.07
C ASN A 356 -5.38 10.74 -2.70
N ASP A 357 -4.42 11.43 -2.12
CA ASP A 357 -3.12 10.83 -1.79
C ASP A 357 -2.61 11.42 -0.49
N ASP A 358 -2.45 10.56 0.52
CA ASP A 358 -1.85 10.95 1.79
C ASP A 358 -0.40 10.48 1.79
N SER A 359 0.44 11.21 1.06
CA SER A 359 1.84 10.83 0.91
C SER A 359 2.67 11.27 2.11
N GLY A 360 2.74 12.58 2.36
CA GLY A 360 3.52 13.14 3.43
C GLY A 360 4.52 14.14 2.90
N GLU A 361 5.43 14.56 3.77
CA GLU A 361 6.48 15.55 3.45
C GLU A 361 5.76 16.82 3.00
N VAL A 362 6.03 17.33 1.79
CA VAL A 362 5.29 18.48 1.27
C VAL A 362 3.87 18.04 0.96
N GLU A 363 2.93 18.48 1.77
CA GLU A 363 1.55 18.03 1.69
C GLU A 363 0.66 19.21 2.10
N SER A 364 -0.60 18.94 2.44
CA SER A 364 -1.60 19.97 2.73
C SER A 364 -1.15 20.99 3.77
N ARG A 365 -0.05 20.72 4.47
CA ARG A 365 0.49 21.72 5.39
C ARG A 365 0.90 22.99 4.64
N VAL A 366 1.52 22.83 3.47
CA VAL A 366 1.88 23.99 2.66
C VAL A 366 0.63 24.72 2.18
N VAL A 367 -0.43 23.96 1.87
CA VAL A 367 -1.69 24.57 1.48
C VAL A 367 -2.25 25.41 2.61
N ALA A 368 -2.24 24.87 3.83
CA ALA A 368 -2.76 25.60 4.97
C ALA A 368 -1.93 26.85 5.25
N THR A 369 -0.61 26.75 5.17
CA THR A 369 0.22 27.91 5.46
C THR A 369 0.07 28.99 4.40
N LEU A 370 -0.09 28.61 3.12
CA LEU A 370 -0.29 29.62 2.09
C LEU A 370 -1.68 30.25 2.22
N LEU A 371 -2.68 29.46 2.59
CA LEU A 371 -4.01 30.03 2.81
C LEU A 371 -4.01 31.02 3.96
N THR A 372 -3.32 30.69 5.05
CA THR A 372 -3.21 31.64 6.17
C THR A 372 -2.43 32.88 5.76
N LEU A 373 -1.38 32.71 4.96
CA LEU A 373 -0.61 33.87 4.50
C LEU A 373 -1.45 34.80 3.64
N MET A 374 -2.23 34.23 2.71
CA MET A 374 -3.04 35.08 1.82
C MET A 374 -4.28 35.62 2.50
N ASP A 375 -4.75 34.98 3.56
CA ASP A 375 -5.97 35.46 4.23
C ASP A 375 -5.70 36.72 5.04
N GLY A 376 -4.53 36.80 5.69
CA GLY A 376 -4.24 37.91 6.57
C GLY A 376 -3.06 38.77 6.16
N MET A 377 -2.72 38.77 4.86
CA MET A 377 -1.63 39.63 4.41
C MET A 377 -1.97 41.11 4.57
N GLY A 378 -3.21 41.48 4.27
CA GLY A 378 -3.65 42.87 4.38
C GLY A 378 -5.15 42.94 4.31
N ALA A 379 -5.67 44.15 4.51
CA ALA A 379 -7.11 44.36 4.49
C ALA A 379 -7.61 44.66 3.09
N ALA A 380 -7.15 45.76 2.49
CA ALA A 380 -7.48 46.08 1.10
C ALA A 380 -6.34 45.77 0.15
N GLY A 381 -5.19 46.41 0.35
CA GLY A 381 -4.00 46.18 -0.46
C GLY A 381 -4.20 46.28 -1.95
N LYS A 382 -3.21 45.83 -2.73
CA LYS A 382 -3.35 45.66 -4.17
C LYS A 382 -2.42 44.52 -4.60
N VAL A 383 -2.99 43.32 -4.67
CA VAL A 383 -2.24 42.11 -5.01
C VAL A 383 -3.16 41.18 -5.79
N VAL A 384 -2.65 40.62 -6.88
CA VAL A 384 -3.38 39.63 -7.68
C VAL A 384 -2.54 38.36 -7.75
N VAL A 385 -3.18 37.22 -7.50
CA VAL A 385 -2.53 35.92 -7.59
C VAL A 385 -3.20 35.14 -8.71
N ILE A 386 -2.41 34.67 -9.67
CA ILE A 386 -2.90 33.93 -10.83
C ILE A 386 -2.46 32.49 -10.67
N ALA A 387 -3.42 31.57 -10.72
CA ALA A 387 -3.16 30.14 -10.59
C ALA A 387 -3.52 29.46 -11.91
N ALA A 388 -2.49 29.08 -12.67
CA ALA A 388 -2.67 28.43 -13.96
C ALA A 388 -2.42 26.93 -13.77
N THR A 389 -3.49 26.14 -13.84
CA THR A 389 -3.40 24.70 -13.65
C THR A 389 -4.01 23.98 -14.84
N ASN A 390 -3.47 22.79 -15.13
CA ASN A 390 -3.96 22.02 -16.28
C ASN A 390 -5.32 21.39 -16.00
N ARG A 391 -5.53 20.88 -14.79
CA ARG A 391 -6.77 20.20 -14.43
C ARG A 391 -7.36 20.87 -13.20
N PRO A 392 -8.58 21.40 -13.28
CA PRO A 392 -9.17 22.02 -12.07
C PRO A 392 -9.59 21.00 -11.04
N ASN A 393 -10.07 19.83 -11.47
CA ASN A 393 -10.52 18.80 -10.52
C ASN A 393 -9.35 18.20 -9.76
N SER A 394 -8.18 18.09 -10.40
CA SER A 394 -7.00 17.56 -9.72
C SER A 394 -6.54 18.46 -8.58
N VAL A 395 -6.86 19.75 -8.64
CA VAL A 395 -6.52 20.67 -7.56
C VAL A 395 -7.36 20.33 -6.32
N ASP A 396 -6.75 20.53 -5.15
CA ASP A 396 -7.44 20.26 -3.90
C ASP A 396 -8.70 21.12 -3.82
N PRO A 397 -9.87 20.54 -3.54
CA PRO A 397 -11.09 21.35 -3.43
C PRO A 397 -11.03 22.38 -2.32
N ALA A 398 -10.14 22.22 -1.34
CA ALA A 398 -9.96 23.26 -0.33
C ALA A 398 -9.50 24.56 -0.96
N LEU A 399 -8.69 24.48 -2.03
CA LEU A 399 -8.31 25.68 -2.76
C LEU A 399 -9.52 26.36 -3.38
N ARG A 400 -10.41 25.56 -3.99
CA ARG A 400 -11.60 26.08 -4.67
C ARG A 400 -12.63 26.46 -3.61
N ARG A 401 -12.45 27.65 -3.03
CA ARG A 401 -13.33 28.15 -2.00
C ARG A 401 -13.82 29.54 -2.38
N PRO A 402 -15.08 29.86 -2.10
CA PRO A 402 -15.58 31.22 -2.40
C PRO A 402 -14.80 32.33 -1.73
N GLY A 403 -14.29 32.09 -0.51
CA GLY A 403 -13.54 33.12 0.18
C GLY A 403 -12.11 33.29 -0.28
N ARG A 404 -11.57 32.31 -1.02
CA ARG A 404 -10.18 32.35 -1.44
C ARG A 404 -10.03 32.37 -2.96
N PHE A 405 -10.65 31.44 -3.67
CA PHE A 405 -10.46 31.27 -5.11
C PHE A 405 -11.81 31.22 -5.82
N ASP A 406 -12.69 32.17 -5.49
CA ASP A 406 -14.01 32.20 -6.13
C ASP A 406 -13.89 32.52 -7.62
N GLN A 407 -13.01 33.45 -7.98
CA GLN A 407 -12.87 33.85 -9.37
C GLN A 407 -12.22 32.74 -10.18
N GLU A 408 -12.83 32.37 -11.29
CA GLU A 408 -12.33 31.33 -12.17
C GLU A 408 -12.38 31.80 -13.62
N VAL A 409 -11.33 31.52 -14.37
CA VAL A 409 -11.25 31.85 -15.78
C VAL A 409 -11.19 30.54 -16.56
N GLU A 410 -12.16 30.33 -17.44
CA GLU A 410 -12.26 29.11 -18.23
C GLU A 410 -12.03 29.42 -19.69
N ILE A 411 -11.09 28.70 -20.30
CA ILE A 411 -10.79 28.83 -21.73
C ILE A 411 -11.00 27.46 -22.35
N GLY A 412 -11.93 27.38 -23.31
CA GLY A 412 -12.16 26.15 -24.05
C GLY A 412 -11.25 26.02 -25.25
N ILE A 413 -11.42 24.91 -25.95
CA ILE A 413 -10.66 24.70 -27.20
C ILE A 413 -11.11 25.72 -28.23
N PRO A 414 -10.20 26.32 -29.00
CA PRO A 414 -10.62 27.30 -30.00
C PRO A 414 -11.52 26.67 -31.05
N ASP A 415 -12.54 27.41 -31.46
CA ASP A 415 -13.46 26.96 -32.50
C ASP A 415 -12.89 27.36 -33.86
N VAL A 416 -13.73 27.27 -34.91
CA VAL A 416 -13.27 27.61 -36.25
C VAL A 416 -12.84 29.08 -36.33
N ASP A 417 -13.65 29.97 -35.75
CA ASP A 417 -13.32 31.39 -35.81
C ASP A 417 -12.05 31.71 -35.04
N ALA A 418 -11.92 31.17 -33.83
CA ALA A 418 -10.73 31.43 -33.02
C ALA A 418 -9.48 30.85 -33.66
N ARG A 419 -9.58 29.63 -34.22
CA ARG A 419 -8.42 29.04 -34.89
C ARG A 419 -8.05 29.82 -36.14
N PHE A 420 -9.05 30.30 -36.89
CA PHE A 420 -8.77 31.13 -38.05
C PHE A 420 -8.07 32.42 -37.64
N ASP A 421 -8.53 33.04 -36.55
CA ASP A 421 -7.87 34.25 -36.06
C ASP A 421 -6.44 33.97 -35.63
N ILE A 422 -6.22 32.83 -34.96
CA ILE A 422 -4.87 32.46 -34.53
C ILE A 422 -3.96 32.28 -35.74
N LEU A 423 -4.45 31.58 -36.77
CA LEU A 423 -3.63 31.34 -37.96
C LEU A 423 -3.33 32.65 -38.70
N THR A 424 -4.33 33.54 -38.79
CA THR A 424 -4.11 34.82 -39.44
C THR A 424 -3.10 35.66 -38.68
N LYS A 425 -3.16 35.64 -37.34
CA LYS A 425 -2.17 36.36 -36.54
C LYS A 425 -0.78 35.76 -36.73
N GLN A 426 -0.69 34.44 -36.82
CA GLN A 426 0.61 33.80 -37.03
C GLN A 426 1.19 34.20 -38.37
N PHE A 427 0.37 34.22 -39.43
CA PHE A 427 0.87 34.68 -40.73
C PHE A 427 1.21 36.16 -40.72
N SER A 428 0.46 36.98 -39.98
CA SER A 428 0.80 38.40 -39.87
C SER A 428 2.15 38.58 -39.20
N ARG A 429 2.43 37.79 -38.15
CA ARG A 429 3.74 37.83 -37.51
C ARG A 429 4.83 37.35 -38.47
N MET A 430 4.56 36.29 -39.23
CA MET A 430 5.54 35.77 -40.17
C MET A 430 5.81 36.75 -41.30
N SER A 431 4.85 37.61 -41.62
CA SER A 431 4.95 38.64 -42.65
C SER A 431 4.99 38.03 -44.06
N SER A 432 4.61 38.81 -45.06
CA SER A 432 4.52 38.33 -46.43
C SER A 432 5.85 38.28 -47.15
N ASP A 433 6.92 38.80 -46.54
CA ASP A 433 8.23 38.79 -47.19
C ASP A 433 8.82 37.39 -47.27
N ARG A 434 8.32 36.44 -46.47
CA ARG A 434 8.83 35.09 -46.47
C ARG A 434 7.85 34.05 -47.00
N HIS A 435 6.57 34.39 -47.11
CA HIS A 435 5.57 33.45 -47.59
C HIS A 435 4.37 34.22 -48.11
N VAL A 436 3.55 33.54 -48.91
CA VAL A 436 2.30 34.10 -49.42
C VAL A 436 1.18 33.11 -49.12
N LEU A 437 0.07 33.61 -48.56
CA LEU A 437 -1.06 32.77 -48.22
C LEU A 437 -2.33 33.61 -48.32
N ASP A 438 -3.22 33.21 -49.22
CA ASP A 438 -4.50 33.88 -49.38
C ASP A 438 -5.49 33.44 -48.30
N SER A 439 -6.55 34.23 -48.14
CA SER A 439 -7.48 34.04 -47.02
C SER A 439 -8.21 32.72 -47.12
N GLU A 440 -8.61 32.30 -48.33
CA GLU A 440 -9.36 31.06 -48.48
C GLU A 440 -8.53 29.85 -48.05
N ALA A 441 -7.22 29.86 -48.29
CA ALA A 441 -6.38 28.77 -47.78
C ALA A 441 -6.38 28.74 -46.26
N ILE A 442 -6.33 29.91 -45.62
CA ILE A 442 -6.38 29.97 -44.16
C ILE A 442 -7.71 29.41 -43.66
N LYS A 443 -8.82 29.77 -44.30
CA LYS A 443 -10.11 29.26 -43.90
C LYS A 443 -10.19 27.74 -44.08
N TYR A 444 -9.66 27.23 -45.19
CA TYR A 444 -9.66 25.79 -45.41
C TYR A 444 -8.83 25.05 -44.37
N ILE A 445 -7.66 25.61 -44.02
CA ILE A 445 -6.81 24.99 -43.01
C ILE A 445 -7.51 25.00 -41.65
N ALA A 446 -8.15 26.12 -41.30
CA ALA A 446 -8.87 26.20 -40.04
C ALA A 446 -10.01 25.19 -39.99
N SER A 447 -10.75 25.04 -41.09
CA SER A 447 -11.82 24.07 -41.14
C SER A 447 -11.29 22.64 -41.02
N LYS A 448 -10.17 22.35 -41.68
CA LYS A 448 -9.58 21.02 -41.58
C LYS A 448 -9.10 20.73 -40.17
N THR A 449 -8.49 21.71 -39.51
CA THR A 449 -7.98 21.56 -38.15
C THR A 449 -9.13 21.81 -37.17
N HIS A 450 -10.00 20.79 -37.05
CA HIS A 450 -11.16 20.94 -36.17
C HIS A 450 -10.79 20.82 -34.71
N GLY A 451 -9.85 19.93 -34.37
CA GLY A 451 -9.47 19.69 -32.99
C GLY A 451 -8.06 20.10 -32.61
N TYR A 452 -7.34 20.81 -33.47
CA TYR A 452 -5.97 21.19 -33.17
C TYR A 452 -5.94 22.30 -32.13
N VAL A 453 -4.83 22.37 -31.39
CA VAL A 453 -4.63 23.38 -30.37
C VAL A 453 -3.53 24.33 -30.86
N GLY A 454 -3.41 25.47 -30.18
CA GLY A 454 -2.42 26.47 -30.58
C GLY A 454 -1.01 25.92 -30.61
N ALA A 455 -0.64 25.11 -29.62
CA ALA A 455 0.66 24.46 -29.63
C ALA A 455 0.78 23.53 -30.82
N ASP A 456 -0.28 22.78 -31.13
CA ASP A 456 -0.26 21.90 -32.29
C ASP A 456 -0.11 22.70 -33.58
N LEU A 457 -0.80 23.83 -33.69
CA LEU A 457 -0.67 24.66 -34.89
C LEU A 457 0.73 25.23 -35.03
N THR A 458 1.32 25.69 -33.92
CA THR A 458 2.68 26.21 -33.98
C THR A 458 3.68 25.13 -34.38
N ALA A 459 3.53 23.93 -33.80
CA ALA A 459 4.41 22.83 -34.17
C ALA A 459 4.22 22.45 -35.64
N LEU A 460 2.99 22.46 -36.11
CA LEU A 460 2.71 22.14 -37.51
C LEU A 460 3.38 23.15 -38.43
N CYS A 461 3.30 24.44 -38.09
CA CYS A 461 3.97 25.46 -38.90
C CYS A 461 5.48 25.29 -38.86
N ARG A 462 6.02 24.97 -37.69
CA ARG A 462 7.47 24.78 -37.55
C ARG A 462 7.96 23.65 -38.43
N GLU A 463 7.32 22.48 -38.34
CA GLU A 463 7.75 21.36 -39.17
C GLU A 463 7.32 21.54 -40.63
N SER A 464 6.35 22.42 -40.91
CA SER A 464 6.09 22.80 -42.29
C SER A 464 7.29 23.55 -42.87
N VAL A 465 7.84 24.50 -42.11
CA VAL A 465 9.03 25.22 -42.55
C VAL A 465 10.19 24.26 -42.70
N MET A 466 10.34 23.33 -41.75
CA MET A 466 11.40 22.33 -41.87
C MET A 466 11.25 21.49 -43.14
N LYS A 467 10.03 21.04 -43.44
CA LYS A 467 9.79 20.24 -44.64
C LYS A 467 10.08 21.05 -45.89
N THR A 468 9.65 22.32 -45.92
CA THR A 468 9.93 23.16 -47.07
C THR A 468 11.43 23.33 -47.28
N ILE A 469 12.16 23.57 -46.20
CA ILE A 469 13.61 23.78 -46.30
C ILE A 469 14.28 22.51 -46.83
N GLN A 470 13.93 21.36 -46.26
CA GLN A 470 14.59 20.12 -46.69
C GLN A 470 14.21 19.77 -48.13
N ARG A 471 12.96 20.00 -48.52
CA ARG A 471 12.55 19.73 -49.89
C ARG A 471 13.29 20.63 -50.87
N GLY A 472 13.39 21.93 -50.57
CA GLY A 472 14.11 22.82 -51.45
C GLY A 472 15.58 22.45 -51.55
N LEU A 473 16.20 22.12 -50.41
CA LEU A 473 17.60 21.71 -50.43
C LEU A 473 17.79 20.48 -51.31
N GLY A 474 16.96 19.45 -51.10
CA GLY A 474 17.12 18.22 -51.85
C GLY A 474 16.75 18.35 -53.33
N THR A 475 15.95 19.34 -53.69
CA THR A 475 15.51 19.45 -55.08
C THR A 475 16.37 20.41 -55.89
N ASP A 476 17.02 21.38 -55.23
CA ASP A 476 17.74 22.43 -55.96
C ASP A 476 19.15 22.67 -55.44
N ALA A 477 19.68 21.81 -54.56
CA ALA A 477 21.04 21.91 -54.06
C ALA A 477 21.31 23.28 -53.44
N ASN A 478 20.58 23.57 -52.37
CA ASN A 478 20.74 24.79 -51.57
C ASN A 478 20.50 26.05 -52.41
N ILE A 479 19.31 26.12 -53.01
CA ILE A 479 18.88 27.32 -53.72
C ILE A 479 18.30 28.30 -52.72
N ASP A 480 18.09 29.54 -53.15
CA ASP A 480 17.48 30.55 -52.28
C ASP A 480 16.09 30.12 -51.87
N LYS A 481 15.81 30.18 -50.56
CA LYS A 481 14.52 29.76 -50.04
C LYS A 481 13.43 30.79 -50.23
N PHE A 482 13.79 32.05 -50.49
CA PHE A 482 12.79 33.11 -50.62
C PHE A 482 11.91 32.88 -51.85
N SER A 483 12.52 32.45 -52.96
CA SER A 483 11.74 32.22 -54.17
C SER A 483 10.75 31.08 -53.99
N LEU A 484 11.17 29.99 -53.34
CA LEU A 484 10.27 28.86 -53.15
C LEU A 484 9.22 29.15 -52.08
N LYS A 485 9.62 29.82 -51.00
CA LYS A 485 8.77 30.22 -49.87
C LYS A 485 7.89 29.07 -49.39
N VAL A 486 6.76 29.39 -48.76
CA VAL A 486 5.86 28.40 -48.19
C VAL A 486 4.62 28.30 -49.07
N THR A 487 4.27 27.08 -49.47
CA THR A 487 3.11 26.82 -50.30
C THR A 487 2.15 25.91 -49.55
N LEU A 488 1.09 25.48 -50.24
CA LEU A 488 0.07 24.64 -49.61
C LEU A 488 0.44 23.16 -49.59
N LYS A 489 1.31 22.72 -50.49
CA LYS A 489 1.69 21.30 -50.53
C LYS A 489 2.43 20.91 -49.26
N ASP A 490 3.35 21.76 -48.80
CA ASP A 490 4.07 21.47 -47.57
C ASP A 490 3.13 21.48 -46.37
N VAL A 491 2.15 22.39 -46.37
CA VAL A 491 1.16 22.41 -45.29
C VAL A 491 0.34 21.13 -45.28
N GLU A 492 -0.06 20.65 -46.45
CA GLU A 492 -0.83 19.41 -46.53
C GLU A 492 -0.01 18.23 -46.04
N SER A 493 1.24 18.12 -46.49
CA SER A 493 2.10 17.04 -46.01
C SER A 493 2.30 17.14 -44.50
N ALA A 494 2.45 18.36 -43.99
CA ALA A 494 2.63 18.58 -42.56
C ALA A 494 1.43 18.13 -41.76
N MET A 495 0.22 18.45 -42.23
CA MET A 495 -0.97 18.02 -41.50
C MET A 495 -1.22 16.53 -41.66
N VAL A 496 -0.72 15.90 -42.73
CA VAL A 496 -0.80 14.45 -42.85
C VAL A 496 0.12 13.78 -41.83
N ASP A 497 1.36 14.26 -41.71
CA ASP A 497 2.35 13.58 -40.88
C ASP A 497 2.55 14.23 -39.52
N ILE A 498 1.63 15.11 -39.10
CA ILE A 498 1.79 15.81 -37.82
C ILE A 498 1.56 14.89 -36.63
N ARG A 499 0.83 13.79 -36.81
CA ARG A 499 0.50 12.86 -35.74
C ARG A 499 -0.25 13.59 -34.62
N PRO A 500 -1.51 13.99 -34.84
CA PRO A 500 -2.23 14.73 -33.80
C PRO A 500 -2.47 13.88 -32.57
N SER A 501 -2.52 14.54 -31.42
CA SER A 501 -2.76 13.88 -30.15
C SER A 501 -3.91 14.49 -29.35
N ALA A 502 -4.61 15.48 -29.90
CA ALA A 502 -5.71 16.15 -29.22
C ALA A 502 -7.07 15.63 -29.66
N MET A 503 -7.11 14.52 -30.41
CA MET A 503 -8.40 13.99 -30.86
C MET A 503 -9.24 13.52 -29.68
N ARG A 504 -8.62 12.88 -28.70
CA ARG A 504 -9.34 12.38 -27.52
C ARG A 504 -9.64 13.56 -26.60
N GLU A 505 -10.71 14.28 -26.94
CA GLU A 505 -11.14 15.45 -26.19
C GLU A 505 -12.63 15.35 -25.90
N ILE A 506 -13.04 15.86 -24.74
CA ILE A 506 -14.45 15.82 -24.36
C ILE A 506 -15.26 16.77 -25.24
N PHE A 507 -14.70 17.91 -25.60
CA PHE A 507 -15.38 18.89 -26.43
C PHE A 507 -15.04 18.68 -27.89
N LEU A 508 -16.05 18.62 -28.75
CA LEU A 508 -15.86 18.38 -30.18
C LEU A 508 -16.70 19.37 -30.99
N GLU A 509 -16.17 19.79 -32.13
CA GLU A 509 -16.84 20.72 -33.01
C GLU A 509 -17.21 20.00 -34.31
N MET A 510 -18.48 20.10 -34.72
CA MET A 510 -18.92 19.44 -35.93
C MET A 510 -18.50 20.22 -37.17
N PRO A 511 -18.46 19.57 -38.33
CA PRO A 511 -18.40 20.33 -39.58
C PRO A 511 -19.66 21.16 -39.76
N LYS A 512 -19.51 22.31 -40.43
CA LYS A 512 -20.61 23.25 -40.59
C LYS A 512 -21.40 22.90 -41.85
N VAL A 513 -22.71 22.77 -41.71
CA VAL A 513 -23.62 22.46 -42.81
C VAL A 513 -24.80 23.42 -42.76
N TYR A 514 -25.22 23.90 -43.92
CA TYR A 514 -26.32 24.84 -44.04
C TYR A 514 -27.59 24.13 -44.51
N TRP A 515 -28.73 24.80 -44.35
CA TRP A 515 -30.02 24.20 -44.67
C TRP A 515 -30.13 23.86 -46.15
N SER A 516 -29.47 24.62 -47.02
CA SER A 516 -29.47 24.28 -48.44
C SER A 516 -28.80 22.93 -48.68
N ASP A 517 -27.74 22.64 -47.92
CA ASP A 517 -27.08 21.34 -48.01
C ASP A 517 -27.93 20.23 -47.40
N ILE A 518 -28.97 20.57 -46.64
CA ILE A 518 -29.76 19.58 -45.93
C ILE A 518 -30.98 19.21 -46.77
N GLY A 519 -31.17 17.92 -47.01
CA GLY A 519 -32.36 17.43 -47.67
C GLY A 519 -33.30 16.72 -46.71
N GLY A 520 -34.39 17.36 -46.35
CA GLY A 520 -35.33 16.77 -45.40
C GLY A 520 -36.74 17.25 -45.67
N GLN A 521 -37.70 16.53 -45.10
CA GLN A 521 -39.11 16.88 -45.28
C GLN A 521 -39.48 18.11 -44.46
N GLU A 522 -40.53 18.78 -44.90
CA GLU A 522 -41.00 19.98 -44.20
C GLU A 522 -41.78 19.65 -42.94
N GLU A 523 -42.18 18.40 -42.77
CA GLU A 523 -43.01 18.02 -41.63
C GLU A 523 -42.16 17.97 -40.35
N LEU A 524 -42.70 18.55 -39.29
CA LEU A 524 -42.06 18.83 -38.00
C LEU A 524 -41.03 19.96 -38.05
N LYS A 525 -40.77 20.55 -39.23
CA LYS A 525 -39.81 21.65 -39.29
C LYS A 525 -40.31 22.86 -38.51
N THR A 526 -41.59 23.22 -38.68
CA THR A 526 -42.15 24.33 -37.91
C THR A 526 -42.17 24.01 -36.43
N LYS A 527 -42.39 22.74 -36.08
CA LYS A 527 -42.37 22.34 -34.67
C LYS A 527 -41.00 22.55 -34.06
N MET A 528 -39.95 22.02 -34.69
CA MET A 528 -38.61 22.19 -34.14
C MET A 528 -38.20 23.65 -34.14
N LYS A 529 -38.67 24.43 -35.13
CA LYS A 529 -38.43 25.88 -35.09
C LYS A 529 -39.09 26.50 -33.86
N GLU A 530 -40.29 26.06 -33.54
CA GLU A 530 -40.97 26.57 -32.34
C GLU A 530 -40.18 26.24 -31.08
N MET A 531 -39.75 24.98 -30.94
CA MET A 531 -39.01 24.62 -29.73
C MET A 531 -37.66 25.34 -29.64
N ILE A 532 -36.98 25.55 -30.77
CA ILE A 532 -35.70 26.25 -30.68
C ILE A 532 -35.91 27.74 -30.42
N GLN A 533 -36.99 28.33 -30.93
CA GLN A 533 -37.21 29.76 -30.78
C GLN A 533 -37.90 30.14 -29.48
N LEU A 534 -38.50 29.18 -28.76
CA LEU A 534 -39.19 29.54 -27.53
C LEU A 534 -38.23 30.00 -26.42
N PRO A 535 -37.29 29.18 -25.94
CA PRO A 535 -36.41 29.66 -24.85
C PRO A 535 -35.57 30.86 -25.23
N LEU A 536 -35.09 30.92 -26.48
CA LEU A 536 -34.14 31.98 -26.85
C LEU A 536 -34.85 33.31 -27.06
N GLU A 537 -36.03 33.29 -27.67
CA GLU A 537 -36.72 34.52 -28.04
C GLU A 537 -37.91 34.84 -27.15
N ALA A 538 -38.16 34.06 -26.10
CA ALA A 538 -39.28 34.31 -25.21
C ALA A 538 -38.87 34.10 -23.75
N SER A 539 -37.62 34.43 -23.43
CA SER A 539 -37.16 34.30 -22.04
C SER A 539 -37.95 35.23 -21.11
N GLU A 540 -38.14 36.48 -21.53
CA GLU A 540 -38.92 37.41 -20.72
C GLU A 540 -40.37 36.97 -20.62
N THR A 541 -40.94 36.45 -21.70
CA THR A 541 -42.30 35.95 -21.67
C THR A 541 -42.45 34.78 -20.70
N PHE A 542 -41.48 33.87 -20.70
CA PHE A 542 -41.50 32.76 -19.77
C PHE A 542 -41.36 33.24 -18.33
N ALA A 543 -40.48 34.21 -18.10
CA ALA A 543 -40.29 34.74 -16.75
C ALA A 543 -41.57 35.42 -16.23
N ARG A 544 -42.24 36.20 -17.09
CA ARG A 544 -43.44 36.89 -16.67
C ARG A 544 -44.60 35.92 -16.47
N LEU A 545 -44.81 35.02 -17.43
CA LEU A 545 -45.96 34.13 -17.40
C LEU A 545 -45.74 32.90 -16.53
N GLY A 546 -44.50 32.61 -16.14
CA GLY A 546 -44.21 31.44 -15.33
C GLY A 546 -44.16 30.14 -16.09
N ILE A 547 -44.26 30.17 -17.42
CA ILE A 547 -44.24 28.94 -18.20
C ILE A 547 -42.85 28.29 -18.15
N SER A 548 -41.80 29.12 -18.14
CA SER A 548 -40.42 28.65 -18.14
C SER A 548 -40.12 27.78 -19.35
N ALA A 549 -39.11 26.93 -19.24
CA ALA A 549 -38.68 26.08 -20.35
C ALA A 549 -38.96 24.62 -20.02
N PRO A 550 -39.74 23.91 -20.83
CA PRO A 550 -39.92 22.47 -20.60
C PRO A 550 -38.62 21.69 -20.69
N LYS A 551 -37.70 22.12 -21.55
CA LYS A 551 -36.38 21.49 -21.69
C LYS A 551 -36.48 20.03 -22.11
N GLY A 552 -37.56 19.66 -22.80
CA GLY A 552 -37.73 18.28 -23.23
C GLY A 552 -37.89 18.11 -24.73
N VAL A 553 -36.87 17.55 -25.37
CA VAL A 553 -36.92 17.19 -26.79
C VAL A 553 -36.30 15.81 -26.94
N LEU A 554 -36.99 14.91 -27.65
CA LEU A 554 -36.52 13.55 -27.85
C LEU A 554 -36.66 13.17 -29.32
N LEU A 555 -35.68 12.44 -29.83
CA LEU A 555 -35.68 11.94 -31.19
C LEU A 555 -35.59 10.43 -31.19
N TYR A 556 -36.29 9.81 -32.15
CA TYR A 556 -36.31 8.36 -32.25
C TYR A 556 -36.62 7.97 -33.69
N GLY A 557 -36.35 6.71 -34.01
CA GLY A 557 -36.64 6.19 -35.33
C GLY A 557 -35.57 5.23 -35.82
N PRO A 558 -35.72 4.77 -37.06
CA PRO A 558 -34.73 3.86 -37.62
C PRO A 558 -33.40 4.55 -37.82
N PRO A 559 -32.29 3.82 -37.77
CA PRO A 559 -30.98 4.44 -38.05
C PRO A 559 -30.92 4.98 -39.46
N GLY A 560 -30.22 6.11 -39.62
CA GLY A 560 -30.13 6.79 -40.89
C GLY A 560 -31.31 7.69 -41.21
N CYS A 561 -32.15 7.99 -40.23
CA CYS A 561 -33.30 8.86 -40.45
C CYS A 561 -32.91 10.34 -40.32
N SER A 562 -31.61 10.61 -40.35
CA SER A 562 -31.05 11.96 -40.39
C SER A 562 -31.41 12.78 -39.15
N LYS A 563 -31.64 12.13 -38.01
CA LYS A 563 -31.87 12.87 -36.77
C LYS A 563 -30.61 13.61 -36.33
N THR A 564 -29.47 12.91 -36.34
CA THR A 564 -28.21 13.55 -36.00
C THR A 564 -27.84 14.63 -37.00
N LEU A 565 -28.09 14.37 -38.29
CA LEU A 565 -27.82 15.38 -39.31
C LEU A 565 -28.69 16.62 -39.11
N THR A 566 -29.98 16.43 -38.79
CA THR A 566 -30.85 17.58 -38.54
C THR A 566 -30.40 18.34 -37.31
N ALA A 567 -29.97 17.63 -36.25
CA ALA A 567 -29.47 18.30 -35.07
C ALA A 567 -28.22 19.12 -35.37
N LYS A 568 -27.30 18.55 -36.16
CA LYS A 568 -26.09 19.28 -36.53
C LYS A 568 -26.42 20.51 -37.37
N ALA A 569 -27.35 20.37 -38.32
CA ALA A 569 -27.75 21.51 -39.15
C ALA A 569 -28.39 22.60 -38.29
N LEU A 570 -29.22 22.20 -37.33
CA LEU A 570 -29.82 23.17 -36.41
C LEU A 570 -28.75 23.90 -35.61
N ALA A 571 -27.78 23.15 -35.08
CA ALA A 571 -26.72 23.77 -34.30
C ALA A 571 -25.90 24.74 -35.13
N THR A 572 -25.61 24.37 -36.38
CA THR A 572 -24.84 25.23 -37.27
C THR A 572 -25.60 26.50 -37.63
N GLU A 573 -26.87 26.36 -38.05
CA GLU A 573 -27.65 27.49 -38.53
C GLU A 573 -28.03 28.44 -37.40
N SER A 574 -28.40 27.90 -36.24
CA SER A 574 -28.87 28.73 -35.14
C SER A 574 -27.79 29.66 -34.59
N GLY A 575 -26.52 29.34 -34.82
CA GLY A 575 -25.44 30.18 -34.31
C GLY A 575 -25.38 30.22 -32.80
N ILE A 576 -25.63 29.09 -32.15
CA ILE A 576 -25.63 29.01 -30.69
C ILE A 576 -24.56 28.00 -30.28
N ASN A 577 -24.04 28.19 -29.06
CA ASN A 577 -23.03 27.29 -28.54
C ASN A 577 -23.58 25.87 -28.43
N PHE A 578 -22.71 24.89 -28.70
CA PHE A 578 -23.09 23.49 -28.67
C PHE A 578 -22.04 22.69 -27.92
N LEU A 579 -22.48 21.64 -27.23
CA LEU A 579 -21.59 20.71 -26.53
C LEU A 579 -21.81 19.33 -27.11
N ALA A 580 -20.74 18.73 -27.62
CA ALA A 580 -20.80 17.42 -28.28
C ALA A 580 -20.63 16.32 -27.23
N VAL A 581 -21.68 15.52 -27.04
CA VAL A 581 -21.68 14.43 -26.07
C VAL A 581 -22.05 13.14 -26.79
N LYS A 582 -21.20 12.13 -26.67
CA LYS A 582 -21.47 10.82 -27.23
C LYS A 582 -21.97 9.87 -26.14
N GLY A 583 -22.41 8.69 -26.57
CA GLY A 583 -22.92 7.69 -25.67
C GLY A 583 -21.85 7.11 -24.76
N PRO A 584 -20.92 6.35 -25.35
CA PRO A 584 -19.83 5.79 -24.55
C PRO A 584 -18.83 6.83 -24.05
N GLU A 585 -18.87 8.06 -24.57
CA GLU A 585 -17.90 9.06 -24.16
C GLU A 585 -18.04 9.41 -22.68
N ILE A 586 -19.27 9.57 -22.20
CA ILE A 586 -19.46 9.89 -20.79
C ILE A 586 -19.10 8.71 -19.91
N PHE A 587 -19.26 7.49 -20.41
CA PHE A 587 -18.93 6.29 -19.64
C PHE A 587 -17.44 6.23 -19.36
N ASN A 588 -17.07 6.36 -18.09
CA ASN A 588 -15.67 6.38 -17.66
C ASN A 588 -15.37 5.13 -16.84
N LYS A 589 -14.16 4.59 -17.03
CA LYS A 589 -13.76 3.39 -16.31
C LYS A 589 -13.69 3.63 -14.81
N TYR A 590 -13.16 4.78 -14.41
CA TYR A 590 -13.07 5.10 -12.99
C TYR A 590 -14.44 5.40 -12.41
N VAL A 591 -14.66 4.98 -11.16
CA VAL A 591 -15.92 5.20 -10.48
C VAL A 591 -15.98 6.65 -10.03
N GLY A 592 -17.02 7.37 -10.45
CA GLY A 592 -17.18 8.77 -10.13
C GLY A 592 -16.65 9.73 -11.16
N GLU A 593 -15.80 9.27 -12.08
CA GLU A 593 -15.30 10.15 -13.13
C GLU A 593 -16.40 10.58 -14.08
N SER A 594 -17.34 9.67 -14.37
CA SER A 594 -18.47 10.02 -15.24
C SER A 594 -19.33 11.10 -14.60
N GLU A 595 -19.56 11.00 -13.29
CA GLU A 595 -20.33 12.02 -12.59
C GLU A 595 -19.62 13.37 -12.64
N ARG A 596 -18.30 13.38 -12.45
CA ARG A 596 -17.54 14.61 -12.53
C ARG A 596 -17.61 15.22 -13.92
N ALA A 597 -17.49 14.38 -14.96
CA ALA A 597 -17.59 14.89 -16.33
C ALA A 597 -18.97 15.46 -16.62
N ILE A 598 -20.02 14.80 -16.13
CA ILE A 598 -21.38 15.29 -16.34
C ILE A 598 -21.57 16.63 -15.62
N ARG A 599 -21.07 16.74 -14.39
CA ARG A 599 -21.15 18.00 -13.67
C ARG A 599 -20.41 19.10 -14.40
N GLU A 600 -19.22 18.79 -14.91
CA GLU A 600 -18.43 19.79 -15.63
C GLU A 600 -19.15 20.25 -16.89
N ILE A 601 -19.72 19.31 -17.66
CA ILE A 601 -20.39 19.70 -18.90
C ILE A 601 -21.66 20.48 -18.60
N PHE A 602 -22.36 20.15 -17.51
CA PHE A 602 -23.55 20.91 -17.13
C PHE A 602 -23.18 22.33 -16.70
N ARG A 603 -22.09 22.47 -15.93
CA ARG A 603 -21.64 23.81 -15.54
C ARG A 603 -21.21 24.61 -16.76
N LYS A 604 -20.53 23.97 -17.71
CA LYS A 604 -20.14 24.66 -18.94
C LYS A 604 -21.36 25.11 -19.73
N ALA A 605 -22.39 24.26 -19.82
CA ALA A 605 -23.61 24.64 -20.51
C ALA A 605 -24.29 25.82 -19.81
N ARG A 606 -24.32 25.79 -18.47
CA ARG A 606 -24.96 26.88 -17.72
C ARG A 606 -24.21 28.18 -17.91
N SER A 607 -22.87 28.14 -17.86
CA SER A 607 -22.06 29.36 -17.94
C SER A 607 -21.79 29.81 -19.37
N ALA A 608 -22.15 29.02 -20.37
CA ALA A 608 -21.91 29.34 -21.77
C ALA A 608 -23.16 29.89 -22.45
N ALA A 609 -23.99 30.65 -21.71
CA ALA A 609 -25.21 31.29 -22.20
C ALA A 609 -26.25 30.23 -22.56
N PRO A 610 -27.51 30.62 -22.81
CA PRO A 610 -28.50 29.64 -23.30
C PRO A 610 -28.02 28.92 -24.55
N SER A 611 -27.94 27.60 -24.48
CA SER A 611 -27.37 26.79 -25.56
C SER A 611 -28.21 25.53 -25.71
N ILE A 612 -27.69 24.57 -26.47
CA ILE A 612 -28.35 23.30 -26.72
C ILE A 612 -27.36 22.17 -26.49
N ILE A 613 -27.82 21.13 -25.80
CA ILE A 613 -27.00 19.95 -25.52
C ILE A 613 -27.69 18.75 -26.16
N PHE A 614 -26.95 18.03 -27.01
CA PHE A 614 -27.47 16.89 -27.73
C PHE A 614 -26.66 15.65 -27.40
N PHE A 615 -27.34 14.54 -27.15
CA PHE A 615 -26.70 13.26 -26.88
C PHE A 615 -26.78 12.40 -28.13
N ASP A 616 -25.60 12.01 -28.65
CA ASP A 616 -25.56 11.23 -29.88
C ASP A 616 -26.19 9.85 -29.69
N GLU A 617 -25.91 9.20 -28.56
CA GLU A 617 -26.40 7.84 -28.29
C GLU A 617 -26.88 7.80 -26.84
N ILE A 618 -28.18 8.08 -26.64
CA ILE A 618 -28.76 7.97 -25.31
C ILE A 618 -29.23 6.55 -25.00
N ASP A 619 -29.27 5.68 -26.00
CA ASP A 619 -29.70 4.29 -25.84
C ASP A 619 -28.70 3.43 -25.07
N ALA A 620 -27.64 4.00 -24.52
CA ALA A 620 -26.67 3.28 -23.70
C ALA A 620 -26.78 3.60 -22.21
N LEU A 621 -26.92 4.87 -21.87
CA LEU A 621 -27.07 5.25 -20.46
C LEU A 621 -28.47 4.93 -19.94
N SER A 622 -29.49 5.05 -20.78
CA SER A 622 -30.86 4.80 -20.34
C SER A 622 -31.10 3.36 -19.90
N PRO A 623 -30.69 2.31 -20.65
CA PRO A 623 -31.01 0.95 -20.21
C PRO A 623 -30.27 0.53 -18.95
N ASP A 624 -31.02 0.36 -17.85
CA ASP A 624 -30.46 -0.11 -16.60
C ASP A 624 -31.17 -1.33 -16.03
N ARG A 625 -32.31 -1.72 -16.59
CA ARG A 625 -33.09 -2.85 -16.10
C ARG A 625 -33.14 -4.03 -17.06
N ASP A 626 -33.17 -3.76 -18.37
CA ASP A 626 -33.22 -4.84 -19.35
C ASP A 626 -31.97 -5.69 -19.30
N GLY A 627 -30.79 -5.06 -19.15
CA GLY A 627 -29.55 -5.80 -19.09
C GLY A 627 -28.79 -5.56 -17.81
N SER A 628 -27.84 -6.45 -17.50
CA SER A 628 -27.04 -6.32 -16.29
C SER A 628 -26.11 -5.13 -16.41
N SER A 629 -26.32 -4.13 -15.57
CA SER A 629 -25.51 -2.92 -15.56
C SER A 629 -24.99 -2.64 -14.16
N THR A 630 -23.82 -2.01 -14.11
CA THR A 630 -23.21 -1.68 -12.83
C THR A 630 -23.95 -0.52 -12.17
N SER A 631 -23.65 -0.31 -10.88
CA SER A 631 -24.28 0.78 -10.13
C SER A 631 -23.88 2.15 -10.65
N ALA A 632 -22.77 2.25 -11.40
CA ALA A 632 -22.37 3.53 -11.96
C ALA A 632 -23.40 4.06 -12.95
N ALA A 633 -23.96 3.18 -13.77
CA ALA A 633 -25.00 3.59 -14.71
C ALA A 633 -26.24 4.08 -13.98
N ASN A 634 -26.63 3.39 -12.90
CA ASN A 634 -27.78 3.85 -12.11
C ASN A 634 -27.50 5.20 -11.47
N HIS A 635 -26.27 5.41 -10.97
CA HIS A 635 -25.92 6.70 -10.39
C HIS A 635 -25.97 7.80 -11.44
N VAL A 636 -25.47 7.53 -12.65
CA VAL A 636 -25.55 8.50 -13.73
C VAL A 636 -27.00 8.83 -14.07
N LEU A 637 -27.85 7.80 -14.14
CA LEU A 637 -29.26 8.02 -14.48
C LEU A 637 -29.94 8.86 -13.41
N THR A 638 -29.70 8.55 -12.14
CA THR A 638 -30.30 9.33 -11.05
C THR A 638 -29.80 10.77 -11.07
N SER A 639 -28.50 10.96 -11.32
CA SER A 639 -27.94 12.31 -11.35
C SER A 639 -28.54 13.13 -12.48
N LEU A 640 -28.67 12.54 -13.68
CA LEU A 640 -29.25 13.29 -14.79
C LEU A 640 -30.72 13.56 -14.57
N LEU A 641 -31.45 12.61 -13.97
CA LEU A 641 -32.85 12.84 -13.65
C LEU A 641 -33.01 13.97 -12.66
N ASN A 642 -32.13 14.04 -11.65
CA ASN A 642 -32.18 15.14 -10.69
C ASN A 642 -31.77 16.46 -11.33
N GLU A 643 -30.85 16.42 -12.29
CA GLU A 643 -30.36 17.66 -12.89
C GLU A 643 -31.36 18.26 -13.88
N ILE A 644 -32.08 17.41 -14.64
CA ILE A 644 -32.95 17.94 -15.69
C ILE A 644 -34.12 18.72 -15.10
N ASP A 645 -34.75 18.19 -14.04
CA ASP A 645 -35.92 18.82 -13.47
C ASP A 645 -35.91 18.93 -11.94
N GLY A 646 -35.15 18.08 -11.24
CA GLY A 646 -35.14 18.14 -9.79
C GLY A 646 -34.43 19.37 -9.27
N VAL A 647 -34.86 19.81 -8.09
CA VAL A 647 -34.32 20.93 -7.30
C VAL A 647 -34.01 22.18 -8.12
N GLU A 648 -33.43 22.03 -9.31
CA GLU A 648 -33.04 23.15 -10.15
C GLU A 648 -33.56 22.95 -11.56
N GLU A 649 -33.83 24.06 -12.23
CA GLU A 649 -34.33 24.06 -13.61
C GLU A 649 -33.39 24.87 -14.47
N LEU A 650 -32.99 24.29 -15.61
CA LEU A 650 -32.07 24.93 -16.55
C LEU A 650 -32.88 25.58 -17.65
N LYS A 651 -33.44 26.76 -17.35
CA LYS A 651 -34.31 27.44 -18.29
C LYS A 651 -33.58 27.84 -19.57
N GLY A 652 -32.34 28.34 -19.43
CA GLY A 652 -31.63 28.86 -20.59
C GLY A 652 -31.32 27.80 -21.62
N VAL A 653 -30.81 26.65 -21.20
CA VAL A 653 -30.36 25.63 -22.12
C VAL A 653 -31.53 24.74 -22.52
N VAL A 654 -31.36 24.04 -23.64
CA VAL A 654 -32.35 23.13 -24.18
C VAL A 654 -31.73 21.75 -24.29
N ILE A 655 -32.44 20.74 -23.79
CA ILE A 655 -31.94 19.36 -23.78
C ILE A 655 -32.63 18.60 -24.91
N VAL A 656 -31.83 18.03 -25.81
CA VAL A 656 -32.32 17.24 -26.93
C VAL A 656 -31.51 15.96 -26.99
N ALA A 657 -32.17 14.85 -27.34
CA ALA A 657 -31.52 13.55 -27.40
C ALA A 657 -32.14 12.72 -28.52
N ALA A 658 -31.35 11.76 -29.01
CA ALA A 658 -31.80 10.84 -30.04
C ALA A 658 -31.45 9.42 -29.63
N THR A 659 -32.32 8.48 -29.97
CA THR A 659 -32.15 7.08 -29.61
C THR A 659 -32.38 6.20 -30.81
N ASN A 660 -31.77 5.01 -30.79
CA ASN A 660 -31.93 4.04 -31.86
C ASN A 660 -33.02 3.01 -31.57
N ARG A 661 -33.44 2.88 -30.32
CA ARG A 661 -34.49 1.94 -29.93
C ARG A 661 -35.24 2.54 -28.75
N PRO A 662 -36.58 2.53 -28.78
CA PRO A 662 -37.33 3.16 -27.68
C PRO A 662 -37.42 2.33 -26.42
N ASP A 663 -37.16 1.02 -26.49
CA ASP A 663 -37.29 0.18 -25.31
C ASP A 663 -36.18 0.45 -24.29
N GLU A 664 -35.03 0.92 -24.75
CA GLU A 664 -33.90 1.17 -23.85
C GLU A 664 -34.17 2.34 -22.89
N ILE A 665 -35.10 3.23 -23.23
CA ILE A 665 -35.40 4.36 -22.36
C ILE A 665 -36.27 3.88 -21.19
N ASP A 666 -35.83 4.19 -19.97
CA ASP A 666 -36.56 3.79 -18.79
C ASP A 666 -37.86 4.59 -18.66
N ALA A 667 -38.80 4.04 -17.89
CA ALA A 667 -40.06 4.72 -17.65
C ALA A 667 -39.90 5.97 -16.80
N ALA A 668 -38.83 6.01 -15.98
CA ALA A 668 -38.62 7.18 -15.12
C ALA A 668 -38.37 8.44 -15.95
N LEU A 669 -37.57 8.33 -17.01
CA LEU A 669 -37.37 9.47 -17.90
C LEU A 669 -38.58 9.73 -18.78
N LEU A 670 -39.32 8.67 -19.12
CA LEU A 670 -40.50 8.79 -19.99
C LEU A 670 -41.70 9.24 -19.15
N ARG A 671 -41.62 10.48 -18.69
CA ARG A 671 -42.67 11.10 -17.90
C ARG A 671 -42.96 12.50 -18.43
N PRO A 672 -44.18 13.00 -18.25
CA PRO A 672 -44.48 14.37 -18.68
C PRO A 672 -43.61 15.38 -17.97
N GLY A 673 -43.20 16.42 -18.70
CA GLY A 673 -42.34 17.45 -18.16
C GLY A 673 -40.88 17.24 -18.50
N ARG A 674 -40.44 15.99 -18.52
CA ARG A 674 -39.06 15.63 -18.85
C ARG A 674 -39.08 14.84 -20.14
N LEU A 675 -38.57 15.43 -21.22
CA LEU A 675 -38.54 14.81 -22.55
C LEU A 675 -39.95 14.40 -22.98
N ASP A 676 -40.94 15.24 -22.64
CA ASP A 676 -42.32 14.94 -23.02
C ASP A 676 -42.51 15.01 -24.52
N ARG A 677 -41.91 16.01 -25.17
CA ARG A 677 -42.05 16.16 -26.61
C ARG A 677 -41.32 15.02 -27.33
N HIS A 678 -41.99 14.44 -28.32
CA HIS A 678 -41.45 13.33 -29.10
C HIS A 678 -41.53 13.69 -30.58
N ILE A 679 -40.38 13.73 -31.24
CA ILE A 679 -40.30 14.03 -32.66
C ILE A 679 -40.13 12.72 -33.42
N TYR A 680 -41.06 12.45 -34.34
CA TYR A 680 -41.02 11.18 -35.08
C TYR A 680 -39.78 11.10 -35.96
N VAL A 681 -39.48 12.17 -36.69
CA VAL A 681 -38.35 12.29 -37.62
C VAL A 681 -38.09 10.95 -38.32
N GLY A 682 -39.11 10.43 -38.99
CA GLY A 682 -39.03 9.13 -39.62
C GLY A 682 -38.17 9.14 -40.88
N PRO A 683 -38.41 8.15 -41.74
CA PRO A 683 -37.61 8.06 -42.97
C PRO A 683 -37.89 9.24 -43.87
N PRO A 684 -36.91 9.66 -44.67
CA PRO A 684 -37.12 10.79 -45.58
C PRO A 684 -38.18 10.47 -46.62
N ASP A 685 -38.91 11.51 -47.02
CA ASP A 685 -39.97 11.36 -48.01
C ASP A 685 -39.39 11.37 -49.42
N VAL A 686 -40.29 11.39 -50.41
CA VAL A 686 -39.85 11.39 -51.80
C VAL A 686 -39.09 12.66 -52.13
N ASN A 687 -39.66 13.81 -51.75
CA ASN A 687 -38.97 15.08 -51.98
C ASN A 687 -37.69 15.18 -51.16
N ALA A 688 -37.72 14.67 -49.93
CA ALA A 688 -36.52 14.67 -49.10
C ALA A 688 -35.41 13.84 -49.74
N ARG A 689 -35.75 12.65 -50.26
CA ARG A 689 -34.74 11.83 -50.92
C ARG A 689 -34.26 12.47 -52.21
N LEU A 690 -35.16 13.16 -52.92
CA LEU A 690 -34.74 13.88 -54.12
C LEU A 690 -33.74 14.98 -53.79
N GLU A 691 -33.98 15.71 -52.69
CA GLU A 691 -33.02 16.73 -52.26
C GLU A 691 -31.71 16.10 -51.80
N ILE A 692 -31.79 14.95 -51.14
CA ILE A 692 -30.58 14.25 -50.69
C ILE A 692 -29.73 13.84 -51.89
N LEU A 693 -30.37 13.31 -52.93
CA LEU A 693 -29.65 12.88 -54.14
C LEU A 693 -28.88 14.01 -54.81
N LYS A 694 -29.28 15.27 -54.62
CA LYS A 694 -28.56 16.42 -55.16
C LYS A 694 -27.17 16.58 -54.57
N LYS A 695 -27.03 16.38 -53.25
CA LYS A 695 -25.74 16.58 -52.61
C LYS A 695 -24.71 15.54 -53.06
N CYS A 696 -25.11 14.26 -53.07
CA CYS A 696 -24.19 13.20 -53.47
C CYS A 696 -23.80 13.28 -54.94
N THR A 697 -24.61 13.94 -55.76
CA THR A 697 -24.33 14.10 -57.18
C THR A 697 -23.59 15.39 -57.49
N LYS A 698 -23.29 16.20 -56.47
CA LYS A 698 -22.64 17.49 -56.70
C LYS A 698 -21.25 17.30 -57.30
N LYS A 699 -20.50 16.31 -56.81
CA LYS A 699 -19.18 16.04 -57.37
C LYS A 699 -19.26 15.63 -58.83
N PHE A 700 -20.24 14.78 -59.17
CA PHE A 700 -20.46 14.38 -60.54
C PHE A 700 -21.22 15.46 -61.31
N ASN A 701 -21.43 15.21 -62.59
CA ASN A 701 -22.21 16.10 -63.45
C ASN A 701 -23.43 15.35 -63.95
N THR A 702 -24.61 15.95 -63.75
CA THR A 702 -25.86 15.25 -64.05
C THR A 702 -26.16 15.24 -65.55
N GLU A 703 -25.62 16.20 -66.29
CA GLU A 703 -26.05 16.41 -67.67
C GLU A 703 -25.65 15.24 -68.57
N GLU A 704 -24.38 14.83 -68.54
CA GLU A 704 -23.95 13.78 -69.46
C GLU A 704 -24.33 12.39 -68.97
N SER A 705 -24.79 12.28 -67.71
CA SER A 705 -25.22 10.98 -67.20
C SER A 705 -26.47 10.49 -67.90
N GLY A 706 -27.36 11.40 -68.28
CA GLY A 706 -28.59 11.06 -68.96
C GLY A 706 -29.76 10.73 -68.06
N VAL A 707 -29.55 10.69 -66.75
CA VAL A 707 -30.63 10.40 -65.82
C VAL A 707 -31.34 11.69 -65.44
N ASP A 708 -32.64 11.56 -65.12
CA ASP A 708 -33.44 12.72 -64.74
C ASP A 708 -33.31 13.07 -63.26
N LEU A 709 -32.57 12.29 -62.49
CA LEU A 709 -32.27 12.50 -61.07
C LEU A 709 -33.49 12.36 -60.17
N HIS A 710 -34.67 12.05 -60.72
CA HIS A 710 -35.85 11.79 -59.90
C HIS A 710 -36.38 10.37 -60.05
N GLU A 711 -36.19 9.74 -61.22
CA GLU A 711 -36.57 8.35 -61.40
C GLU A 711 -35.74 7.41 -60.53
N LEU A 712 -34.44 7.69 -60.40
CA LEU A 712 -33.60 6.90 -59.52
C LEU A 712 -34.05 7.02 -58.06
N ALA A 713 -34.41 8.24 -57.65
CA ALA A 713 -34.93 8.44 -56.30
C ALA A 713 -36.26 7.71 -56.10
N ASP A 714 -37.11 7.73 -57.13
CA ASP A 714 -38.38 7.00 -57.05
C ASP A 714 -38.14 5.50 -56.91
N ARG A 715 -37.15 4.97 -57.63
CA ARG A 715 -36.83 3.55 -57.55
C ARG A 715 -36.25 3.19 -56.19
N THR A 716 -35.76 4.19 -55.46
CA THR A 716 -35.16 3.99 -54.13
C THR A 716 -36.02 4.71 -53.09
N GLU A 717 -37.06 4.02 -52.62
CA GLU A 717 -37.99 4.59 -51.65
C GLU A 717 -37.92 3.94 -50.28
N GLY A 718 -37.54 2.66 -50.21
CA GLY A 718 -37.44 1.95 -48.95
C GLY A 718 -36.13 2.13 -48.22
N TYR A 719 -35.22 2.95 -48.74
CA TYR A 719 -33.92 3.16 -48.13
C TYR A 719 -34.00 4.34 -47.17
N SER A 720 -32.85 4.75 -46.62
CA SER A 720 -32.74 5.91 -45.75
C SER A 720 -31.62 6.80 -46.27
N GLY A 721 -31.49 7.97 -45.66
CA GLY A 721 -30.46 8.92 -46.09
C GLY A 721 -29.07 8.33 -46.04
N ALA A 722 -28.73 7.67 -44.92
CA ALA A 722 -27.46 6.96 -44.85
C ALA A 722 -27.41 5.83 -45.88
N GLU A 723 -28.54 5.15 -46.09
CA GLU A 723 -28.59 4.10 -47.10
C GLU A 723 -28.43 4.68 -48.51
N VAL A 724 -28.99 5.86 -48.77
CA VAL A 724 -28.80 6.50 -50.06
C VAL A 724 -27.34 6.89 -50.26
N VAL A 725 -26.70 7.41 -49.21
CA VAL A 725 -25.27 7.73 -49.30
C VAL A 725 -24.45 6.48 -49.57
N LEU A 726 -24.79 5.38 -48.89
CA LEU A 726 -24.12 4.10 -49.14
C LEU A 726 -24.31 3.64 -50.58
N LEU A 727 -25.53 3.77 -51.10
CA LEU A 727 -25.79 3.38 -52.48
C LEU A 727 -24.97 4.21 -53.46
N CYS A 728 -24.90 5.53 -53.23
CA CYS A 728 -24.10 6.39 -54.09
C CYS A 728 -22.63 6.03 -54.01
N GLN A 729 -22.12 5.74 -52.81
CA GLN A 729 -20.72 5.35 -52.66
C GLN A 729 -20.44 4.05 -53.38
N GLU A 730 -21.34 3.06 -53.27
CA GLU A 730 -21.14 1.79 -53.95
C GLU A 730 -21.21 1.96 -55.47
N ALA A 731 -22.10 2.83 -55.95
CA ALA A 731 -22.14 3.12 -57.37
C ALA A 731 -20.85 3.75 -57.86
N GLY A 732 -20.30 4.68 -57.08
CA GLY A 732 -19.01 5.26 -57.43
C GLY A 732 -17.89 4.23 -57.42
N LEU A 733 -17.92 3.32 -56.45
CA LEU A 733 -16.92 2.26 -56.41
C LEU A 733 -17.02 1.35 -57.64
N ALA A 734 -18.25 1.01 -58.03
CA ALA A 734 -18.44 0.21 -59.24
C ALA A 734 -17.94 0.96 -60.47
N ALA A 735 -18.22 2.26 -60.54
CA ALA A 735 -17.77 3.05 -61.69
C ALA A 735 -16.25 3.09 -61.77
N ILE A 736 -15.57 3.28 -60.63
CA ILE A 736 -14.12 3.34 -60.65
C ILE A 736 -13.47 1.98 -60.78
N MET A 737 -14.19 0.90 -60.48
CA MET A 737 -13.65 -0.44 -60.68
C MET A 737 -13.96 -1.02 -62.04
N GLU A 738 -14.91 -0.43 -62.77
CA GLU A 738 -15.24 -0.93 -64.11
C GLU A 738 -14.20 -0.49 -65.14
N ASP A 739 -14.04 0.81 -65.31
CA ASP A 739 -13.11 1.35 -66.30
C ASP A 739 -12.28 2.50 -65.73
N LEU A 740 -11.95 2.43 -64.44
CA LEU A 740 -11.05 3.38 -63.79
C LEU A 740 -11.55 4.82 -63.86
N ASP A 741 -10.86 5.65 -64.65
CA ASP A 741 -11.12 7.08 -64.67
C ASP A 741 -12.33 7.39 -65.55
N VAL A 742 -13.39 7.91 -64.94
CA VAL A 742 -14.58 8.38 -65.64
C VAL A 742 -14.98 9.73 -65.08
N ALA A 743 -15.74 10.47 -65.87
CA ALA A 743 -16.25 11.79 -65.48
C ALA A 743 -17.70 11.76 -65.04
N LYS A 744 -18.33 10.58 -65.02
CA LYS A 744 -19.74 10.49 -64.68
C LYS A 744 -20.04 9.06 -64.24
N VAL A 745 -21.22 8.88 -63.64
CA VAL A 745 -21.73 7.58 -63.26
C VAL A 745 -22.92 7.25 -64.16
N GLU A 746 -22.97 6.03 -64.67
CA GLU A 746 -23.99 5.63 -65.62
C GLU A 746 -25.18 4.99 -64.91
N LEU A 747 -26.26 4.80 -65.67
CA LEU A 747 -27.46 4.20 -65.10
C LEU A 747 -27.24 2.74 -64.73
N ARG A 748 -26.41 2.03 -65.50
CA ARG A 748 -26.15 0.62 -65.21
C ARG A 748 -25.46 0.45 -63.86
N HIS A 749 -24.52 1.35 -63.54
CA HIS A 749 -23.86 1.27 -62.24
C HIS A 749 -24.84 1.47 -61.09
N PHE A 750 -25.75 2.45 -61.24
CA PHE A 750 -26.75 2.69 -60.20
C PHE A 750 -27.70 1.50 -60.06
N GLU A 751 -28.10 0.91 -61.19
CA GLU A 751 -28.96 -0.27 -61.15
C GLU A 751 -28.28 -1.44 -60.46
N LYS A 752 -26.99 -1.66 -60.77
CA LYS A 752 -26.24 -2.73 -60.12
C LYS A 752 -26.11 -2.47 -58.63
N ALA A 753 -25.85 -1.22 -58.24
CA ALA A 753 -25.76 -0.88 -56.83
C ALA A 753 -27.08 -1.14 -56.11
N PHE A 754 -28.20 -0.76 -56.73
CA PHE A 754 -29.50 -1.01 -56.13
C PHE A 754 -29.79 -2.49 -56.00
N LYS A 755 -29.44 -3.28 -57.03
CA LYS A 755 -29.67 -4.71 -56.99
C LYS A 755 -28.83 -5.39 -55.91
N GLY A 756 -27.56 -4.97 -55.79
CA GLY A 756 -26.65 -5.62 -54.85
C GLY A 756 -26.75 -5.17 -53.42
N ILE A 757 -27.58 -4.17 -53.12
CA ILE A 757 -27.72 -3.64 -51.77
C ILE A 757 -29.19 -3.71 -51.38
N ALA A 758 -29.45 -4.28 -50.20
CA ALA A 758 -30.80 -4.39 -49.67
C ALA A 758 -31.07 -3.24 -48.69
N ARG A 759 -32.36 -2.95 -48.50
CA ARG A 759 -32.75 -1.87 -47.61
C ARG A 759 -32.35 -2.16 -46.17
N GLY A 760 -32.55 -3.39 -45.72
CA GLY A 760 -32.23 -3.78 -44.36
C GLY A 760 -33.21 -3.30 -43.30
N ILE A 761 -34.35 -2.76 -43.70
CA ILE A 761 -35.36 -2.26 -42.77
C ILE A 761 -36.61 -3.11 -42.90
N THR A 762 -37.17 -3.50 -41.76
CA THR A 762 -38.36 -4.34 -41.70
C THR A 762 -39.57 -3.53 -41.23
N PRO A 763 -40.77 -3.82 -41.74
CA PRO A 763 -41.96 -3.07 -41.32
C PRO A 763 -42.34 -3.29 -39.87
N GLU A 764 -41.92 -4.39 -39.24
CA GLU A 764 -42.34 -4.66 -37.87
C GLU A 764 -41.76 -3.64 -36.90
N MET A 765 -40.50 -3.23 -37.09
CA MET A 765 -39.92 -2.22 -36.21
C MET A 765 -40.57 -0.86 -36.41
N LEU A 766 -40.95 -0.55 -37.65
CA LEU A 766 -41.70 0.68 -37.91
C LEU A 766 -43.05 0.65 -37.22
N SER A 767 -43.73 -0.49 -37.26
CA SER A 767 -45.01 -0.62 -36.55
C SER A 767 -44.82 -0.48 -35.05
N TYR A 768 -43.75 -1.06 -34.51
CA TYR A 768 -43.45 -0.91 -33.08
C TYR A 768 -43.19 0.56 -32.72
N TYR A 769 -42.45 1.27 -33.59
CA TYR A 769 -42.20 2.68 -33.36
C TYR A 769 -43.50 3.49 -33.38
N GLU A 770 -44.39 3.17 -34.33
CA GLU A 770 -45.67 3.86 -34.41
C GLU A 770 -46.51 3.58 -33.15
N GLU A 771 -46.50 2.34 -32.68
CA GLU A 771 -47.24 2.01 -31.46
C GLU A 771 -46.67 2.73 -30.25
N PHE A 772 -45.34 2.81 -30.17
CA PHE A 772 -44.72 3.54 -29.07
C PHE A 772 -45.06 5.02 -29.11
N ALA A 773 -45.08 5.61 -30.32
CA ALA A 773 -45.45 7.01 -30.45
C ALA A 773 -46.92 7.24 -30.12
N LEU A 774 -47.78 6.28 -30.41
CA LEU A 774 -49.21 6.44 -30.13
C LEU A 774 -49.46 6.52 -28.63
N ARG A 775 -48.79 5.69 -27.84
CA ARG A 775 -48.99 5.68 -26.40
C ARG A 775 -48.35 6.89 -25.71
N SER A 776 -47.51 7.65 -26.41
CA SER A 776 -46.86 8.82 -25.82
C SER A 776 -47.15 10.07 -26.64
N PHE B 28 46.24 26.76 -5.78
CA PHE B 28 44.93 26.81 -5.11
C PHE B 28 43.80 26.60 -6.10
N LYS B 29 44.12 26.72 -7.38
CA LYS B 29 43.11 26.53 -8.42
C LYS B 29 42.55 25.11 -8.41
N LEU B 30 43.44 24.12 -8.26
CA LEU B 30 43.08 22.70 -8.19
C LEU B 30 42.22 22.28 -9.38
N PRO B 31 42.79 22.20 -10.58
CA PRO B 31 41.99 21.79 -11.74
C PRO B 31 41.57 20.32 -11.63
N ALA B 32 40.33 20.05 -12.02
CA ALA B 32 39.76 18.71 -11.93
C ALA B 32 39.62 18.04 -13.30
N GLU B 33 38.95 18.70 -14.24
CA GLU B 33 38.72 18.12 -15.56
C GLU B 33 38.89 19.19 -16.63
N PHE B 34 39.13 18.73 -17.85
CA PHE B 34 39.35 19.61 -18.99
C PHE B 34 38.44 19.21 -20.14
N ILE B 35 38.21 20.16 -21.05
CA ILE B 35 37.38 19.96 -22.22
C ILE B 35 38.21 20.26 -23.46
N THR B 36 38.19 19.35 -24.42
CA THR B 36 38.97 19.51 -25.63
C THR B 36 38.39 20.62 -26.52
N ARG B 37 39.24 21.16 -27.38
CA ARG B 37 38.85 22.25 -28.28
C ARG B 37 39.73 22.25 -29.52
N PRO B 38 39.16 22.36 -30.72
CA PRO B 38 39.98 22.37 -31.93
C PRO B 38 40.87 23.61 -31.99
N HIS B 39 42.01 23.45 -32.66
CA HIS B 39 42.94 24.56 -32.82
C HIS B 39 42.38 25.55 -33.84
N PRO B 40 42.25 26.82 -33.49
CA PRO B 40 41.66 27.80 -34.41
C PRO B 40 42.71 28.35 -35.37
N SER B 41 42.27 29.31 -36.19
CA SER B 41 43.10 30.09 -37.11
C SER B 41 43.56 29.25 -38.30
N LYS B 42 43.26 27.95 -38.30
CA LYS B 42 43.61 27.02 -39.37
C LYS B 42 45.11 27.13 -39.64
N ASP B 43 45.55 27.33 -40.89
CA ASP B 43 46.96 27.46 -41.23
C ASP B 43 47.76 26.27 -40.73
N HIS B 44 49.00 26.50 -40.30
CA HIS B 44 49.85 25.45 -39.75
C HIS B 44 50.08 25.64 -38.25
N GLY B 45 50.63 26.78 -37.84
CA GLY B 45 50.92 26.99 -36.43
C GLY B 45 51.83 25.91 -35.90
N LYS B 46 51.39 25.25 -34.83
CA LYS B 46 52.05 24.06 -34.31
C LYS B 46 51.30 22.78 -34.70
N GLU B 47 49.98 22.77 -34.52
CA GLU B 47 49.08 21.78 -35.10
C GLU B 47 49.22 20.41 -34.43
N THR B 48 50.18 20.24 -33.55
CA THR B 48 50.29 18.97 -32.85
C THR B 48 50.41 19.11 -31.34
N CYS B 49 51.13 20.12 -30.87
CA CYS B 49 51.42 20.29 -29.44
C CYS B 49 51.01 21.67 -28.95
N THR B 50 49.81 22.12 -29.33
CA THR B 50 49.30 23.41 -28.84
C THR B 50 49.16 23.37 -27.32
N ALA B 51 48.26 22.53 -26.83
CA ALA B 51 48.10 22.27 -25.39
C ALA B 51 48.00 23.56 -24.60
N TYR B 52 47.11 24.46 -25.05
CA TYR B 52 46.90 25.74 -24.39
C TYR B 52 46.44 25.53 -22.95
N ILE B 53 47.27 25.92 -21.99
CA ILE B 53 47.00 25.70 -20.57
C ILE B 53 47.37 26.96 -19.80
N HIS B 54 46.52 27.33 -18.84
CA HIS B 54 46.77 28.52 -18.05
C HIS B 54 48.07 28.37 -17.25
N PRO B 55 48.83 29.45 -17.06
CA PRO B 55 50.10 29.35 -16.32
C PRO B 55 49.92 28.82 -14.90
N ASN B 56 48.81 29.14 -14.23
CA ASN B 56 48.57 28.59 -12.90
C ASN B 56 48.46 27.08 -12.95
N VAL B 57 47.75 26.54 -13.94
CA VAL B 57 47.69 25.10 -14.12
C VAL B 57 49.04 24.54 -14.52
N LEU B 58 49.81 25.30 -15.30
CA LEU B 58 51.16 24.86 -15.67
C LEU B 58 52.04 24.67 -14.45
N SER B 59 51.99 25.62 -13.51
CA SER B 59 52.78 25.51 -12.29
C SER B 59 52.19 24.50 -11.31
N SER B 60 50.87 24.26 -11.38
CA SER B 60 50.24 23.36 -10.43
C SER B 60 50.62 21.90 -10.69
N LEU B 61 50.99 21.56 -11.92
CA LEU B 61 51.33 20.19 -12.26
C LEU B 61 52.80 19.86 -12.00
N GLU B 62 53.61 20.85 -11.60
CA GLU B 62 55.02 20.66 -11.29
C GLU B 62 55.77 20.01 -12.44
N ILE B 63 55.46 20.44 -13.67
CA ILE B 63 56.12 19.94 -14.87
C ILE B 63 56.43 21.13 -15.77
N ASN B 64 57.61 21.10 -16.39
CA ASN B 64 58.07 22.23 -17.18
C ASN B 64 57.17 22.41 -18.40
N PRO B 65 56.67 23.63 -18.66
CA PRO B 65 55.75 23.83 -19.79
C PRO B 65 56.34 23.46 -21.14
N GLY B 66 57.64 23.71 -21.36
CA GLY B 66 58.26 23.41 -22.64
C GLY B 66 58.71 21.97 -22.76
N SER B 67 57.88 21.05 -22.29
CA SER B 67 58.18 19.62 -22.33
C SER B 67 56.90 18.87 -22.70
N PHE B 68 56.96 17.55 -22.59
CA PHE B 68 55.83 16.71 -22.95
C PHE B 68 54.73 16.81 -21.88
N CYS B 69 53.50 16.52 -22.29
CA CYS B 69 52.37 16.49 -21.38
C CYS B 69 51.51 15.27 -21.70
N THR B 70 50.72 14.86 -20.72
CA THR B 70 49.88 13.68 -20.84
C THR B 70 48.43 14.04 -20.50
N VAL B 71 47.51 13.52 -21.30
CA VAL B 71 46.07 13.75 -21.12
C VAL B 71 45.44 12.40 -20.84
N GLY B 72 45.03 12.18 -19.58
CA GLY B 72 44.50 10.88 -19.19
C GLY B 72 43.21 10.51 -19.90
N LYS B 73 42.25 11.44 -19.94
CA LYS B 73 40.95 11.22 -20.56
C LYS B 73 40.32 9.98 -19.92
N ILE B 74 40.47 9.87 -18.59
CA ILE B 74 39.95 8.80 -17.74
C ILE B 74 39.93 7.44 -18.45
N GLY B 75 41.11 6.96 -18.85
CA GLY B 75 41.21 5.66 -19.48
C GLY B 75 42.07 5.64 -20.73
N GLU B 76 42.11 4.50 -21.41
CA GLU B 76 42.86 4.35 -22.66
C GLU B 76 44.34 4.67 -22.45
N ASN B 77 44.99 3.79 -21.68
CA ASN B 77 46.39 3.96 -21.28
C ASN B 77 47.31 4.21 -22.47
N GLY B 78 48.47 4.80 -22.19
CA GLY B 78 49.32 5.37 -23.21
C GLY B 78 49.25 6.88 -23.12
N ILE B 79 48.03 7.36 -22.90
CA ILE B 79 47.74 8.70 -22.39
C ILE B 79 48.27 9.76 -23.36
N LEU B 80 48.52 9.36 -24.61
CA LEU B 80 48.79 10.28 -25.72
C LEU B 80 49.87 11.31 -25.37
N VAL B 81 51.09 10.82 -25.16
CA VAL B 81 52.22 11.66 -24.80
C VAL B 81 52.47 12.69 -25.90
N ILE B 82 52.26 13.97 -25.57
CA ILE B 82 52.38 15.07 -26.52
C ILE B 82 53.03 16.25 -25.79
N ALA B 83 53.82 17.03 -26.54
CA ALA B 83 54.46 18.20 -25.96
C ALA B 83 53.43 19.26 -25.58
N ARG B 84 53.84 20.18 -24.72
CA ARG B 84 52.97 21.23 -24.19
C ARG B 84 53.52 22.61 -24.55
N ALA B 85 52.62 23.59 -24.53
CA ALA B 85 52.99 24.98 -24.80
C ALA B 85 52.04 25.89 -24.03
N GLY B 86 52.49 27.14 -23.84
CA GLY B 86 51.69 28.10 -23.10
C GLY B 86 50.65 28.81 -23.95
N ASP B 87 49.74 29.50 -23.26
CA ASP B 87 48.67 30.26 -23.90
C ASP B 87 49.01 31.74 -23.90
N GLU B 88 48.05 32.56 -24.34
CA GLU B 88 48.22 34.01 -24.39
C GLU B 88 47.22 34.74 -23.48
N GLU B 89 46.96 34.17 -22.31
CA GLU B 89 46.07 34.71 -21.27
C GLU B 89 44.62 34.81 -21.71
N VAL B 90 44.27 34.32 -22.90
CA VAL B 90 42.88 34.33 -23.37
C VAL B 90 42.29 32.93 -23.41
N HIS B 91 42.94 31.96 -22.78
CA HIS B 91 42.49 30.57 -22.78
C HIS B 91 41.90 30.22 -21.42
N PRO B 92 40.60 29.96 -21.31
CA PRO B 92 40.02 29.57 -20.02
C PRO B 92 40.61 28.26 -19.53
N VAL B 93 40.62 28.12 -18.20
CA VAL B 93 41.26 26.97 -17.55
C VAL B 93 40.57 25.66 -17.97
N ASN B 94 39.25 25.66 -17.99
CA ASN B 94 38.48 24.43 -18.19
C ASN B 94 38.65 23.82 -19.58
N VAL B 95 39.22 24.55 -20.54
CA VAL B 95 39.35 24.05 -21.90
C VAL B 95 40.81 23.82 -22.22
N ILE B 96 41.05 22.96 -23.22
CA ILE B 96 42.39 22.63 -23.68
C ILE B 96 42.30 22.29 -25.16
N THR B 97 43.37 22.60 -25.89
CA THR B 97 43.44 22.31 -27.32
C THR B 97 44.44 21.19 -27.56
N LEU B 98 43.98 20.08 -28.15
CA LEU B 98 44.83 18.94 -28.46
C LEU B 98 44.92 18.68 -29.96
N SER B 99 44.54 19.67 -30.78
CA SER B 99 44.65 19.61 -32.24
C SER B 99 43.68 18.63 -32.87
N THR B 100 43.18 18.97 -34.06
CA THR B 100 42.19 18.13 -34.73
C THR B 100 42.79 16.79 -35.12
N THR B 101 44.06 16.77 -35.53
CA THR B 101 44.69 15.51 -35.93
C THR B 101 44.71 14.51 -34.78
N ILE B 102 45.22 14.93 -33.62
CA ILE B 102 45.27 14.04 -32.46
C ILE B 102 43.86 13.71 -31.98
N ARG B 103 42.95 14.69 -32.03
CA ARG B 103 41.59 14.44 -31.60
C ARG B 103 40.92 13.35 -32.43
N SER B 104 41.13 13.38 -33.75
CA SER B 104 40.52 12.37 -34.61
C SER B 104 41.25 11.04 -34.53
N VAL B 105 42.58 11.06 -34.38
CA VAL B 105 43.34 9.82 -34.34
C VAL B 105 43.05 9.05 -33.07
N GLY B 106 43.00 9.75 -31.93
CA GLY B 106 42.74 9.10 -30.66
C GLY B 106 41.29 8.81 -30.37
N ASN B 107 40.41 8.98 -31.36
CA ASN B 107 38.97 8.80 -31.18
C ASN B 107 38.42 9.69 -30.07
N LEU B 108 38.91 10.93 -30.03
CA LEU B 108 38.43 11.93 -29.08
C LEU B 108 37.24 12.67 -29.69
N ILE B 109 36.15 12.74 -28.93
CA ILE B 109 34.94 13.43 -29.35
C ILE B 109 34.79 14.69 -28.51
N LEU B 110 34.32 15.77 -29.12
CA LEU B 110 34.23 17.07 -28.46
C LEU B 110 33.21 16.98 -27.34
N GLY B 111 33.69 16.93 -26.10
CA GLY B 111 32.81 16.86 -24.95
C GLY B 111 33.25 15.83 -23.92
N ASP B 112 34.23 15.01 -24.28
CA ASP B 112 34.72 14.00 -23.37
C ASP B 112 35.50 14.63 -22.21
N ARG B 113 35.47 13.95 -21.07
CA ARG B 113 36.18 14.42 -19.89
C ARG B 113 37.68 14.16 -20.03
N LEU B 114 38.48 15.18 -19.78
CA LEU B 114 39.93 15.13 -19.97
C LEU B 114 40.63 15.42 -18.65
N GLU B 115 41.67 14.64 -18.36
CA GLU B 115 42.47 14.83 -17.16
C GLU B 115 43.95 14.86 -17.54
N LEU B 116 44.71 15.75 -16.90
CA LEU B 116 46.12 15.94 -17.21
C LEU B 116 46.98 15.54 -16.03
N LYS B 117 48.14 14.97 -16.33
CA LYS B 117 49.11 14.56 -15.30
C LYS B 117 50.51 14.68 -15.88
N LYS B 118 51.50 14.18 -15.15
CA LYS B 118 52.89 14.31 -15.55
C LYS B 118 53.18 13.46 -16.79
N ALA B 119 54.30 13.77 -17.44
CA ALA B 119 54.67 13.13 -18.69
C ALA B 119 55.55 11.90 -18.44
N GLN B 120 55.66 11.07 -19.47
CA GLN B 120 56.46 9.85 -19.42
C GLN B 120 57.86 10.13 -19.96
N VAL B 121 58.63 9.08 -20.20
CA VAL B 121 59.99 9.22 -20.68
C VAL B 121 59.98 9.74 -22.13
N GLN B 122 61.09 10.36 -22.52
CA GLN B 122 61.22 10.91 -23.86
C GLN B 122 61.25 9.80 -24.91
N PRO B 123 60.80 10.09 -26.13
CA PRO B 123 60.81 9.08 -27.19
C PRO B 123 62.23 8.69 -27.57
N PRO B 124 62.52 7.38 -27.63
CA PRO B 124 63.89 6.95 -27.97
C PRO B 124 64.30 7.29 -29.39
N TYR B 125 63.54 6.83 -30.38
CA TYR B 125 63.89 6.98 -31.80
C TYR B 125 62.77 6.40 -32.64
N ALA B 126 62.84 6.65 -33.94
CA ALA B 126 61.89 6.11 -34.91
C ALA B 126 62.64 5.25 -35.92
N THR B 127 62.04 4.11 -36.29
CA THR B 127 62.73 3.11 -37.11
C THR B 127 62.34 3.18 -38.58
N LYS B 128 61.05 3.00 -38.90
CA LYS B 128 60.61 2.86 -40.28
C LYS B 128 59.68 3.97 -40.74
N VAL B 129 58.64 4.28 -39.97
CA VAL B 129 57.59 5.26 -40.27
C VAL B 129 57.17 5.22 -41.75
N THR B 130 56.08 4.50 -42.03
CA THR B 130 55.64 4.28 -43.40
C THR B 130 54.17 4.68 -43.54
N VAL B 131 53.84 5.34 -44.65
CA VAL B 131 52.49 5.87 -44.87
C VAL B 131 51.55 4.75 -45.29
N GLY B 132 50.24 5.02 -45.28
CA GLY B 132 49.25 4.02 -45.62
C GLY B 132 48.32 4.41 -46.75
N SER B 133 48.23 5.70 -47.06
CA SER B 133 47.43 6.22 -48.17
C SER B 133 45.95 5.83 -48.00
N LEU B 134 45.36 6.40 -46.96
CA LEU B 134 43.94 6.16 -46.67
C LEU B 134 43.06 6.65 -47.80
N GLN B 135 42.01 5.88 -48.08
CA GLN B 135 40.97 6.20 -49.07
C GLN B 135 41.55 6.82 -50.34
N GLY B 136 42.59 6.16 -50.86
CA GLY B 136 43.23 6.62 -52.09
C GLY B 136 43.85 5.46 -52.83
N TYR B 137 44.05 5.66 -54.13
CA TYR B 137 44.66 4.65 -54.98
C TYR B 137 46.19 4.68 -54.93
N ASN B 138 46.77 5.65 -54.24
CA ASN B 138 48.22 5.78 -54.04
C ASN B 138 48.87 5.98 -55.42
N ILE B 139 50.12 5.54 -55.61
CA ILE B 139 50.91 5.81 -56.82
C ILE B 139 50.86 7.30 -57.08
N LEU B 140 51.57 8.07 -56.25
CA LEU B 140 51.58 9.53 -56.34
C LEU B 140 52.86 10.07 -56.96
N GLU B 141 54.02 9.64 -56.46
CA GLU B 141 55.32 10.04 -57.00
C GLU B 141 55.46 11.54 -57.17
N CYS B 142 54.94 12.07 -58.29
CA CYS B 142 55.03 13.51 -58.54
C CYS B 142 54.21 14.30 -57.52
N MET B 143 53.04 13.80 -57.14
CA MET B 143 52.20 14.50 -56.19
C MET B 143 52.80 14.52 -54.79
N GLU B 144 53.78 13.65 -54.52
CA GLU B 144 54.41 13.62 -53.20
C GLU B 144 55.08 14.95 -52.88
N GLU B 145 56.10 15.32 -53.66
CA GLU B 145 56.81 16.59 -53.48
C GLU B 145 57.32 16.73 -52.04
N LYS B 146 58.01 15.69 -51.57
CA LYS B 146 58.62 15.66 -50.24
C LYS B 146 57.56 15.84 -49.15
N VAL B 147 56.66 14.85 -49.08
CA VAL B 147 55.69 14.80 -47.98
C VAL B 147 56.39 14.64 -46.64
N ILE B 148 57.59 14.03 -46.65
CA ILE B 148 58.31 13.77 -45.40
C ILE B 148 58.57 15.06 -44.65
N GLN B 149 58.93 16.13 -45.35
CA GLN B 149 59.18 17.40 -44.70
C GLN B 149 57.93 17.92 -44.02
N LYS B 150 56.82 18.00 -44.77
CA LYS B 150 55.58 18.54 -44.22
C LYS B 150 54.96 17.62 -43.18
N LEU B 151 55.40 16.37 -43.11
CA LEU B 151 54.85 15.42 -42.14
C LEU B 151 55.65 15.39 -40.83
N LEU B 152 56.96 15.23 -40.92
CA LEU B 152 57.81 15.12 -39.75
C LEU B 152 58.41 16.44 -39.30
N ASP B 153 58.15 17.55 -40.01
CA ASP B 153 58.64 18.83 -39.55
C ASP B 153 57.92 19.28 -38.29
N ASP B 154 56.69 18.82 -38.09
CA ASP B 154 55.93 19.16 -36.90
C ASP B 154 56.56 18.54 -35.66
N SER B 155 56.49 19.28 -34.56
CA SER B 155 56.96 18.74 -33.28
C SER B 155 56.05 17.63 -32.79
N GLY B 156 56.65 16.58 -32.24
CA GLY B 156 55.89 15.45 -31.76
C GLY B 156 55.66 14.39 -32.82
N VAL B 157 54.47 14.38 -33.40
CA VAL B 157 54.09 13.43 -34.45
C VAL B 157 54.23 12.01 -33.92
N ILE B 158 53.23 11.55 -33.16
CA ILE B 158 53.27 10.21 -32.58
C ILE B 158 53.03 9.18 -33.68
N MET B 159 53.84 8.14 -33.69
CA MET B 159 53.91 7.24 -34.84
C MET B 159 52.67 6.37 -35.11
N PRO B 160 51.83 6.03 -34.11
CA PRO B 160 50.66 5.20 -34.45
C PRO B 160 49.72 5.80 -35.49
N GLY B 161 49.40 7.09 -35.41
CA GLY B 161 48.53 7.66 -36.42
C GLY B 161 48.54 9.16 -36.61
N MET B 162 48.79 9.57 -37.86
CA MET B 162 48.66 10.94 -38.35
C MET B 162 47.67 10.98 -39.52
N ILE B 163 46.77 11.94 -39.49
CA ILE B 163 45.96 12.30 -40.64
C ILE B 163 45.99 13.82 -40.78
N PHE B 164 46.25 14.30 -41.99
CA PHE B 164 46.35 15.72 -42.26
C PHE B 164 45.56 16.08 -43.50
N GLN B 165 45.16 17.35 -43.58
CA GLN B 165 44.41 17.84 -44.72
C GLN B 165 45.29 17.89 -45.97
N ASN B 166 44.63 17.99 -47.13
CA ASN B 166 45.36 17.99 -48.39
C ASN B 166 46.24 19.23 -48.52
N LEU B 167 45.78 20.37 -48.00
CA LEU B 167 46.47 21.67 -48.13
C LEU B 167 46.60 21.96 -49.62
N LYS B 168 47.76 22.38 -50.11
CA LYS B 168 47.96 22.68 -51.52
C LYS B 168 49.24 21.99 -51.99
N THR B 169 49.09 20.94 -52.79
CA THR B 169 50.21 20.20 -53.34
C THR B 169 50.18 20.31 -54.86
N LYS B 170 51.24 20.89 -55.43
CA LYS B 170 51.43 21.08 -56.87
C LYS B 170 50.16 21.58 -57.56
N ALA B 171 49.94 21.17 -58.80
CA ALA B 171 48.76 21.54 -59.55
C ALA B 171 47.79 20.36 -59.60
N GLY B 172 46.52 20.61 -59.28
CA GLY B 172 45.52 19.57 -59.26
C GLY B 172 44.58 19.66 -58.09
N ASP B 173 45.02 20.35 -57.03
CA ASP B 173 44.23 20.56 -55.82
C ASP B 173 43.80 19.23 -55.20
N GLU B 174 42.50 18.95 -55.25
CA GLU B 174 41.86 17.73 -54.77
C GLU B 174 42.15 17.47 -53.29
N SER B 175 41.65 16.36 -52.76
CA SER B 175 41.81 16.00 -51.36
C SER B 175 42.56 14.68 -51.25
N ILE B 176 43.64 14.66 -50.49
CA ILE B 176 44.44 13.47 -50.29
C ILE B 176 44.82 13.37 -48.81
N ASP B 177 44.76 12.16 -48.26
CA ASP B 177 45.12 11.90 -46.88
C ASP B 177 45.85 10.57 -46.78
N VAL B 178 46.77 10.49 -45.80
CA VAL B 178 47.55 9.29 -45.56
C VAL B 178 47.53 8.99 -44.07
N VAL B 179 47.79 7.73 -43.74
CA VAL B 179 47.81 7.26 -42.36
C VAL B 179 49.09 6.47 -42.15
N ILE B 180 49.56 6.45 -40.90
CA ILE B 180 50.94 6.04 -40.60
C ILE B 180 50.96 4.84 -39.64
N THR B 181 49.96 3.95 -39.78
CA THR B 181 49.74 2.88 -38.80
C THR B 181 50.99 2.03 -38.57
N ASP B 182 51.50 1.39 -39.62
CA ASP B 182 52.43 0.28 -39.45
C ASP B 182 53.66 0.68 -38.65
N ALA B 183 54.08 -0.20 -37.76
CA ALA B 183 55.17 0.07 -36.83
C ALA B 183 56.10 -1.14 -36.77
N SER B 184 57.35 -0.88 -36.40
CA SER B 184 58.35 -1.93 -36.24
C SER B 184 59.16 -1.83 -34.95
N ASP B 185 59.25 -0.66 -34.33
CA ASP B 185 60.05 -0.51 -33.12
C ASP B 185 59.34 -1.15 -31.93
N ASP B 186 60.13 -1.49 -30.92
CA ASP B 186 59.63 -2.09 -29.69
C ASP B 186 59.85 -1.15 -28.53
N SER B 187 58.81 -0.97 -27.71
CA SER B 187 58.85 -0.10 -26.55
C SER B 187 58.78 -0.92 -25.27
N LEU B 188 59.64 -0.59 -24.31
CA LEU B 188 59.64 -1.32 -23.05
C LEU B 188 58.33 -1.23 -22.26
N PRO B 189 57.66 -0.06 -22.12
CA PRO B 189 56.45 -0.03 -21.27
C PRO B 189 55.24 -0.56 -22.03
N ASP B 190 54.73 -1.71 -21.57
CA ASP B 190 53.56 -2.30 -22.20
C ASP B 190 52.29 -1.49 -21.95
N VAL B 191 52.24 -0.74 -20.84
CA VAL B 191 51.08 0.10 -20.56
C VAL B 191 50.93 1.19 -21.61
N SER B 192 52.05 1.82 -22.00
CA SER B 192 52.04 2.88 -23.00
C SER B 192 52.15 2.25 -24.38
N GLN B 193 51.00 1.95 -24.99
CA GLN B 193 50.98 1.37 -26.32
C GLN B 193 51.14 2.41 -27.42
N LEU B 194 51.17 3.70 -27.07
CA LEU B 194 51.27 4.77 -28.06
C LEU B 194 52.68 4.96 -28.59
N ASP B 195 53.69 4.38 -27.94
CA ASP B 195 55.08 4.30 -28.40
C ASP B 195 55.55 5.55 -29.16
N LEU B 196 55.50 6.71 -28.49
CA LEU B 196 55.90 7.96 -29.13
C LEU B 196 57.34 7.88 -29.63
N ASN B 197 57.57 8.43 -30.82
CA ASN B 197 58.88 8.39 -31.46
C ASN B 197 59.27 9.80 -31.89
N MET B 198 60.58 10.02 -31.95
CA MET B 198 61.12 11.31 -32.35
C MET B 198 61.38 11.34 -33.86
N ASP B 199 61.56 12.55 -34.39
CA ASP B 199 61.74 12.76 -35.82
C ASP B 199 63.09 13.42 -36.08
N ASP B 200 63.83 12.87 -37.03
CA ASP B 200 65.13 13.41 -37.43
C ASP B 200 65.08 13.84 -38.90
N MET B 201 65.84 14.88 -39.22
CA MET B 201 65.82 15.45 -40.57
C MET B 201 67.23 15.83 -41.00
N TYR B 202 67.40 15.93 -42.31
CA TYR B 202 68.65 16.41 -42.92
C TYR B 202 68.27 17.12 -44.21
N GLY B 203 68.14 18.44 -44.14
CA GLY B 203 67.75 19.22 -45.30
C GLY B 203 67.15 20.55 -44.89
N GLY B 204 66.34 21.10 -45.78
CA GLY B 204 65.70 22.38 -45.54
C GLY B 204 64.35 22.46 -46.23
N LEU B 205 63.65 23.56 -45.96
CA LEU B 205 62.34 23.82 -46.53
C LEU B 205 61.36 22.69 -46.23
N GLY B 220 67.72 12.26 -44.36
CA GLY B 220 66.48 12.12 -45.10
C GLY B 220 65.62 10.97 -44.64
N SER B 221 64.94 11.14 -43.52
CA SER B 221 64.06 10.12 -42.93
C SER B 221 64.89 8.87 -42.63
N THR B 222 64.26 7.70 -42.65
CA THR B 222 64.93 6.43 -42.39
C THR B 222 64.45 5.42 -43.43
N HIS B 223 65.16 5.34 -44.55
CA HIS B 223 64.88 4.40 -45.63
C HIS B 223 63.45 4.57 -46.15
N ILE B 224 63.17 5.77 -46.65
CA ILE B 224 61.93 6.19 -47.32
C ILE B 224 60.71 5.98 -46.42
N THR B 225 59.55 6.47 -46.85
CA THR B 225 58.31 6.31 -46.10
C THR B 225 57.12 5.89 -46.96
N PHE B 226 57.24 5.90 -48.29
CA PHE B 226 56.13 5.53 -49.16
C PHE B 226 56.24 4.05 -49.50
N SER B 227 55.32 3.25 -48.99
CA SER B 227 55.31 1.82 -49.25
C SER B 227 53.93 1.25 -48.88
N LYS B 228 53.34 0.49 -49.82
CA LYS B 228 52.10 -0.24 -49.59
C LYS B 228 50.91 0.68 -49.33
N GLU B 229 49.72 0.10 -49.24
CA GLU B 229 48.48 0.82 -48.98
C GLU B 229 47.74 0.18 -47.80
N THR B 230 48.48 -0.07 -46.72
CA THR B 230 47.92 -0.77 -45.57
C THR B 230 46.81 0.04 -44.91
N GLN B 231 45.84 -0.67 -44.34
CA GLN B 231 44.74 -0.06 -43.62
C GLN B 231 45.14 0.10 -42.15
N ALA B 232 44.17 0.40 -41.28
CA ALA B 232 44.45 0.55 -39.86
C ALA B 232 45.01 -0.75 -39.30
N ASN B 233 46.10 -0.64 -38.56
CA ASN B 233 46.76 -1.82 -38.02
C ASN B 233 45.96 -2.42 -36.88
N ARG B 234 45.77 -3.73 -36.92
CA ARG B 234 45.04 -4.44 -35.88
C ARG B 234 45.93 -4.87 -34.72
N LYS B 235 47.25 -4.72 -34.85
CA LYS B 235 48.15 -5.11 -33.77
C LYS B 235 47.95 -4.24 -32.53
N TYR B 236 47.79 -2.93 -32.73
CA TYR B 236 47.60 -2.01 -31.62
C TYR B 236 46.15 -1.87 -31.20
N ASN B 237 45.20 -2.41 -31.98
CA ASN B 237 43.78 -2.34 -31.68
C ASN B 237 43.32 -0.90 -31.47
N LEU B 238 43.78 -0.01 -32.35
CA LEU B 238 43.42 1.39 -32.26
C LEU B 238 41.93 1.58 -32.52
N PRO B 239 41.29 2.52 -31.83
CA PRO B 239 39.84 2.73 -32.03
C PRO B 239 39.53 3.38 -33.36
N GLU B 240 38.96 2.60 -34.28
CA GLU B 240 38.59 3.13 -35.59
C GLU B 240 37.32 3.97 -35.46
N PRO B 241 37.35 5.23 -35.93
CA PRO B 241 36.15 6.07 -35.82
C PRO B 241 34.98 5.49 -36.61
N LEU B 242 33.78 5.65 -36.06
CA LEU B 242 32.59 5.13 -36.72
C LEU B 242 32.24 5.96 -37.94
N SER B 243 31.69 5.28 -38.95
CA SER B 243 31.31 5.92 -40.20
C SER B 243 29.95 5.41 -40.66
N TYR B 244 29.34 6.15 -41.57
CA TYR B 244 28.03 5.76 -42.10
C TYR B 244 28.10 4.49 -42.94
N ALA B 245 29.29 4.09 -43.38
CA ALA B 245 29.41 2.89 -44.21
C ALA B 245 29.04 1.64 -43.43
N ALA B 246 29.27 1.63 -42.11
CA ALA B 246 28.94 0.45 -41.30
C ALA B 246 27.44 0.20 -41.30
N VAL B 247 26.63 1.25 -41.21
CA VAL B 247 25.18 1.11 -41.18
C VAL B 247 24.67 1.00 -42.61
N GLY B 248 23.94 -0.06 -42.89
CA GLY B 248 23.39 -0.28 -44.22
C GLY B 248 21.93 -0.66 -44.15
N GLY B 249 21.18 -0.23 -45.16
CA GLY B 249 19.76 -0.47 -45.22
C GLY B 249 18.92 0.50 -44.41
N LEU B 250 19.53 1.55 -43.85
CA LEU B 250 18.82 2.53 -43.03
C LEU B 250 18.76 3.89 -43.71
N ASP B 251 18.92 3.92 -45.04
CA ASP B 251 19.37 5.14 -45.73
C ASP B 251 18.40 6.29 -45.58
N LYS B 252 17.10 6.04 -45.77
CA LYS B 252 16.13 7.14 -45.85
C LYS B 252 16.06 7.92 -44.55
N GLU B 253 15.85 7.22 -43.43
CA GLU B 253 15.67 7.91 -42.16
C GLU B 253 16.98 8.45 -41.60
N ILE B 254 18.12 7.79 -41.88
CA ILE B 254 19.39 8.37 -41.45
C ILE B 254 19.69 9.63 -42.25
N GLU B 255 19.32 9.65 -43.53
CA GLU B 255 19.46 10.88 -44.32
C GLU B 255 18.55 11.97 -43.79
N SER B 256 17.31 11.62 -43.42
CA SER B 256 16.40 12.60 -42.85
C SER B 256 16.96 13.18 -41.54
N LEU B 257 17.50 12.32 -40.68
CA LEU B 257 18.12 12.79 -39.44
C LEU B 257 19.34 13.66 -39.72
N LYS B 258 20.14 13.28 -40.73
CA LYS B 258 21.29 14.09 -41.09
C LYS B 258 20.87 15.47 -41.53
N SER B 259 19.81 15.58 -42.34
CA SER B 259 19.30 16.88 -42.75
C SER B 259 18.76 17.66 -41.56
N ALA B 260 18.03 16.98 -40.67
CA ALA B 260 17.42 17.65 -39.53
C ALA B 260 18.45 18.09 -38.49
N ILE B 261 19.64 17.52 -38.52
CA ILE B 261 20.72 18.03 -37.68
C ILE B 261 21.59 19.05 -38.43
N GLU B 262 21.62 18.94 -39.77
CA GLU B 262 22.43 19.86 -40.57
C GLU B 262 21.82 21.25 -40.60
N ILE B 263 20.50 21.34 -40.79
CA ILE B 263 19.88 22.66 -40.99
C ILE B 263 19.90 23.54 -39.75
N PRO B 264 19.86 23.02 -38.50
CA PRO B 264 19.96 23.94 -37.34
C PRO B 264 21.36 24.50 -37.15
N LEU B 265 22.37 23.65 -37.27
CA LEU B 265 23.72 23.97 -36.81
C LEU B 265 24.54 24.69 -37.89
N HIS B 266 24.76 24.03 -39.03
CA HIS B 266 25.71 24.53 -40.00
C HIS B 266 25.20 25.79 -40.70
N GLN B 267 23.88 25.90 -40.89
CA GLN B 267 23.27 27.05 -41.56
C GLN B 267 22.17 27.63 -40.67
N PRO B 268 22.55 28.37 -39.63
CA PRO B 268 21.53 28.95 -38.75
C PRO B 268 20.96 30.26 -39.25
N THR B 269 21.62 30.93 -40.20
CA THR B 269 21.13 32.22 -40.69
C THR B 269 19.81 32.07 -41.45
N LEU B 270 19.62 30.94 -42.15
CA LEU B 270 18.39 30.73 -42.87
C LEU B 270 17.19 30.76 -41.94
N PHE B 271 17.30 30.11 -40.78
CA PHE B 271 16.22 30.19 -39.79
C PHE B 271 16.21 31.52 -39.06
N SER B 272 17.38 32.09 -38.76
CA SER B 272 17.43 33.37 -38.08
C SER B 272 16.71 34.45 -38.86
N SER B 273 16.67 34.33 -40.19
CA SER B 273 15.83 35.21 -40.98
C SER B 273 14.36 35.01 -40.63
N PHE B 274 13.94 33.78 -40.34
CA PHE B 274 12.55 33.53 -39.99
C PHE B 274 12.28 33.81 -38.51
N GLY B 275 12.95 33.08 -37.62
CA GLY B 275 12.78 33.29 -36.19
C GLY B 275 11.46 32.80 -35.63
N VAL B 276 11.18 31.51 -35.78
CA VAL B 276 9.91 30.94 -35.32
C VAL B 276 10.14 29.82 -34.33
N SER B 277 11.16 29.97 -33.45
CA SER B 277 11.44 29.03 -32.37
C SER B 277 11.82 27.65 -32.90
N PRO B 278 13.05 27.48 -33.37
CA PRO B 278 13.41 26.24 -34.07
C PRO B 278 13.35 25.06 -33.14
N PRO B 279 13.13 23.86 -33.68
CA PRO B 279 13.07 22.66 -32.82
C PRO B 279 14.42 22.37 -32.17
N ARG B 280 14.36 21.78 -30.99
CA ARG B 280 15.55 21.40 -30.25
C ARG B 280 15.63 19.92 -29.94
N GLY B 281 14.51 19.23 -29.78
CA GLY B 281 14.49 17.82 -29.43
C GLY B 281 14.12 16.96 -30.62
N ILE B 282 14.84 15.85 -30.77
CA ILE B 282 14.59 14.87 -31.84
C ILE B 282 14.41 13.51 -31.19
N LEU B 283 13.31 12.83 -31.55
CA LEU B 283 13.01 11.52 -30.98
C LEU B 283 13.69 10.43 -31.78
N LEU B 284 14.38 9.53 -31.08
CA LEU B 284 15.03 8.37 -31.68
C LEU B 284 14.63 7.16 -30.84
N HIS B 285 13.59 6.46 -31.28
CA HIS B 285 13.05 5.34 -30.53
C HIS B 285 12.80 4.17 -31.45
N GLY B 286 12.76 2.97 -30.86
CA GLY B 286 12.52 1.75 -31.59
C GLY B 286 12.78 0.52 -30.75
N PRO B 287 12.69 -0.66 -31.36
CA PRO B 287 12.98 -1.88 -30.62
C PRO B 287 14.44 -1.93 -30.22
N PRO B 288 14.77 -2.60 -29.12
CA PRO B 288 16.19 -2.70 -28.72
C PRO B 288 17.00 -3.48 -29.74
N GLY B 289 18.27 -3.10 -29.86
CA GLY B 289 19.18 -3.74 -30.79
C GLY B 289 19.15 -3.20 -32.20
N THR B 290 18.40 -2.13 -32.46
CA THR B 290 18.36 -1.55 -33.80
C THR B 290 19.61 -0.75 -34.13
N GLY B 291 20.37 -0.31 -33.12
CA GLY B 291 21.61 0.39 -33.37
C GLY B 291 21.52 1.89 -33.26
N LYS B 292 20.75 2.38 -32.29
CA LYS B 292 20.67 3.82 -32.06
C LYS B 292 21.98 4.38 -31.53
N THR B 293 22.66 3.61 -30.68
CA THR B 293 23.94 4.06 -30.12
C THR B 293 24.98 4.26 -31.21
N MET B 294 25.02 3.34 -32.18
CA MET B 294 25.96 3.49 -33.29
C MET B 294 25.64 4.72 -34.12
N LEU B 295 24.35 5.00 -34.33
CA LEU B 295 23.96 6.19 -35.06
C LEU B 295 24.40 7.45 -34.31
N LEU B 296 24.23 7.45 -32.99
CA LEU B 296 24.67 8.59 -32.18
C LEU B 296 26.18 8.78 -32.27
N ARG B 297 26.93 7.68 -32.20
CA ARG B 297 28.38 7.77 -32.33
C ARG B 297 28.79 8.28 -33.71
N VAL B 298 28.09 7.82 -34.75
CA VAL B 298 28.41 8.25 -36.11
C VAL B 298 28.16 9.73 -36.28
N VAL B 299 27.00 10.22 -35.81
CA VAL B 299 26.69 11.64 -35.95
C VAL B 299 27.57 12.50 -35.06
N ALA B 300 28.09 11.94 -33.95
CA ALA B 300 29.03 12.68 -33.13
C ALA B 300 30.41 12.75 -33.77
N ASN B 301 30.84 11.67 -34.42
CA ASN B 301 32.16 11.65 -35.04
C ASN B 301 32.19 12.49 -36.32
N THR B 302 31.13 12.40 -37.13
CA THR B 302 31.09 13.14 -38.39
C THR B 302 30.96 14.64 -38.20
N SER B 303 30.61 15.10 -37.01
CA SER B 303 30.48 16.52 -36.71
C SER B 303 31.59 16.94 -35.75
N ASN B 304 32.27 18.03 -36.10
CA ASN B 304 33.35 18.55 -35.26
C ASN B 304 32.85 19.43 -34.12
N ALA B 305 31.54 19.66 -34.03
CA ALA B 305 30.97 20.52 -33.01
C ALA B 305 30.96 19.81 -31.65
N HIS B 306 30.78 20.61 -30.60
CA HIS B 306 30.72 20.07 -29.25
C HIS B 306 29.47 19.23 -29.04
N VAL B 307 29.62 18.13 -28.31
CA VAL B 307 28.50 17.28 -27.94
C VAL B 307 28.60 16.95 -26.46
N LEU B 308 27.46 16.56 -25.87
CA LEU B 308 27.38 16.17 -24.49
C LEU B 308 26.93 14.72 -24.39
N THR B 309 27.67 13.92 -23.64
CA THR B 309 27.38 12.50 -23.46
C THR B 309 27.12 12.25 -21.97
N ILE B 310 25.85 12.26 -21.59
CA ILE B 310 25.47 12.01 -20.20
C ILE B 310 25.54 10.51 -19.92
N ASN B 311 25.81 10.17 -18.66
CA ASN B 311 25.93 8.78 -18.25
C ASN B 311 24.62 8.20 -17.71
N GLY B 312 23.57 9.02 -17.60
CA GLY B 312 22.29 8.55 -17.11
C GLY B 312 22.14 8.70 -15.62
N PRO B 313 22.12 7.58 -14.89
CA PRO B 313 21.95 7.65 -13.43
C PRO B 313 23.13 8.25 -12.69
N SER B 314 24.27 8.44 -13.36
CA SER B 314 25.44 9.03 -12.68
C SER B 314 25.15 10.47 -12.27
N ILE B 315 24.39 11.21 -13.07
CA ILE B 315 24.05 12.59 -12.73
C ILE B 315 23.19 12.63 -11.46
N VAL B 316 22.36 11.60 -11.25
CA VAL B 316 21.52 11.56 -10.06
C VAL B 316 22.39 11.55 -8.82
N SER B 317 22.11 12.46 -7.88
CA SER B 317 22.90 12.61 -6.67
C SER B 317 21.98 12.70 -5.46
N LYS B 318 22.54 12.42 -4.30
CA LYS B 318 21.77 12.47 -3.06
C LYS B 318 21.30 13.90 -2.75
N TYR B 319 22.15 14.89 -3.02
CA TYR B 319 21.81 16.27 -2.70
C TYR B 319 20.65 16.75 -3.56
N LEU B 320 19.81 17.58 -2.95
CA LEU B 320 18.63 18.10 -3.66
C LEU B 320 19.03 18.99 -4.83
N GLY B 321 20.05 19.84 -4.64
CA GLY B 321 20.41 20.80 -5.66
C GLY B 321 21.58 20.39 -6.53
N GLU B 322 22.20 19.24 -6.24
CA GLU B 322 23.34 18.80 -7.03
C GLU B 322 22.94 18.48 -8.47
N THR B 323 21.79 17.82 -8.65
CA THR B 323 21.33 17.52 -10.00
C THR B 323 21.03 18.78 -10.78
N GLU B 324 20.38 19.76 -10.13
CA GLU B 324 20.11 21.04 -10.79
C GLU B 324 21.39 21.78 -11.14
N ALA B 325 22.38 21.72 -10.25
CA ALA B 325 23.67 22.36 -10.53
C ALA B 325 24.35 21.70 -11.72
N ALA B 326 24.33 20.37 -11.79
CA ALA B 326 24.91 19.68 -12.93
C ALA B 326 24.17 20.03 -14.22
N LEU B 327 22.85 20.09 -14.17
CA LEU B 327 22.06 20.41 -15.36
C LEU B 327 22.37 21.83 -15.84
N ARG B 328 22.40 22.80 -14.94
CA ARG B 328 22.70 24.17 -15.36
C ARG B 328 24.14 24.30 -15.82
N ASP B 329 25.07 23.54 -15.24
CA ASP B 329 26.45 23.56 -15.68
C ASP B 329 26.58 23.03 -17.11
N ILE B 330 25.96 21.90 -17.40
CA ILE B 330 26.06 21.35 -18.76
C ILE B 330 25.33 22.26 -19.74
N PHE B 331 24.20 22.86 -19.33
CA PHE B 331 23.47 23.75 -20.22
C PHE B 331 24.27 25.00 -20.55
N ASN B 332 24.90 25.62 -19.54
CA ASN B 332 25.66 26.83 -19.81
C ASN B 332 26.97 26.52 -20.53
N GLU B 333 27.52 25.31 -20.34
CA GLU B 333 28.65 24.88 -21.14
C GLU B 333 28.26 24.73 -22.61
N ALA B 334 27.09 24.13 -22.87
CA ALA B 334 26.62 24.00 -24.24
C ALA B 334 26.31 25.35 -24.86
N ARG B 335 25.81 26.29 -24.05
CA ARG B 335 25.47 27.61 -24.58
C ARG B 335 26.73 28.45 -24.82
N LYS B 336 27.76 28.28 -23.99
CA LYS B 336 28.96 29.10 -24.10
C LYS B 336 29.66 28.89 -25.44
N TYR B 337 29.79 27.63 -25.85
CA TYR B 337 30.34 27.30 -27.16
C TYR B 337 29.17 27.25 -28.14
N GLN B 338 29.22 28.10 -29.17
CA GLN B 338 28.06 28.26 -30.06
C GLN B 338 27.62 26.96 -30.71
N PRO B 339 28.50 26.14 -31.33
CA PRO B 339 28.06 24.83 -31.84
C PRO B 339 28.06 23.78 -30.74
N SER B 340 26.87 23.29 -30.40
CA SER B 340 26.73 22.29 -29.34
C SER B 340 25.59 21.36 -29.67
N ILE B 341 25.72 20.10 -29.24
CA ILE B 341 24.72 19.07 -29.41
C ILE B 341 24.54 18.35 -28.07
N ILE B 342 23.29 18.08 -27.70
CA ILE B 342 22.96 17.40 -26.46
C ILE B 342 22.47 16.00 -26.80
N PHE B 343 23.09 14.99 -26.20
CA PHE B 343 22.69 13.60 -26.37
C PHE B 343 22.15 13.08 -25.05
N ILE B 344 20.91 12.58 -25.06
CA ILE B 344 20.27 12.03 -23.87
C ILE B 344 19.84 10.60 -24.19
N ASP B 345 20.21 9.68 -23.31
CA ASP B 345 19.88 8.27 -23.47
C ASP B 345 19.16 7.75 -22.23
N GLU B 346 18.24 6.81 -22.46
CA GLU B 346 17.45 6.20 -21.39
C GLU B 346 16.66 7.26 -20.62
N ILE B 347 15.79 7.96 -21.33
CA ILE B 347 14.98 9.01 -20.71
C ILE B 347 13.99 8.40 -19.73
N ASP B 348 13.43 7.23 -20.08
CA ASP B 348 12.44 6.60 -19.21
C ASP B 348 13.01 6.20 -17.87
N SER B 349 14.33 6.04 -17.76
CA SER B 349 14.94 5.69 -16.48
C SER B 349 15.16 6.92 -15.61
N ILE B 350 15.86 7.92 -16.14
CA ILE B 350 16.12 9.14 -15.36
C ILE B 350 14.83 9.93 -15.16
N ALA B 351 13.96 9.95 -16.17
CA ALA B 351 12.72 10.73 -16.13
C ALA B 351 11.55 9.81 -16.47
N PRO B 352 11.05 9.06 -15.48
CA PRO B 352 9.90 8.18 -15.73
C PRO B 352 8.60 8.97 -15.83
N ASN B 353 7.49 8.27 -16.06
CA ASN B 353 6.19 8.92 -16.16
C ASN B 353 5.77 9.46 -14.80
N ARG B 354 5.20 10.66 -14.80
CA ARG B 354 4.78 11.29 -13.54
C ARG B 354 3.62 10.52 -12.91
N ALA B 355 2.60 10.18 -13.69
CA ALA B 355 1.42 9.53 -13.13
C ALA B 355 1.66 8.06 -12.82
N ASN B 356 2.50 7.39 -13.63
CA ASN B 356 2.70 5.96 -13.45
C ASN B 356 3.36 5.63 -12.11
N ASP B 357 4.36 6.40 -11.72
CA ASP B 357 5.09 6.13 -10.48
C ASP B 357 5.54 7.45 -9.87
N ASP B 358 5.12 7.69 -8.62
CA ASP B 358 5.56 8.87 -7.87
C ASP B 358 6.70 8.47 -6.94
N SER B 359 7.83 8.11 -7.57
CA SER B 359 8.98 7.63 -6.81
C SER B 359 9.57 8.73 -5.94
N GLY B 360 9.73 9.93 -6.50
CA GLY B 360 10.33 11.03 -5.77
C GLY B 360 11.79 11.21 -6.14
N GLU B 361 12.44 12.08 -5.36
CA GLU B 361 13.86 12.45 -5.55
C GLU B 361 13.99 12.99 -6.97
N VAL B 362 14.89 12.46 -7.81
CA VAL B 362 14.97 12.88 -9.21
C VAL B 362 13.71 12.42 -9.92
N GLU B 363 12.87 13.38 -10.30
CA GLU B 363 11.53 13.08 -10.79
C GLU B 363 11.16 14.14 -11.83
N SER B 364 9.86 14.29 -12.09
CA SER B 364 9.38 15.22 -13.11
C SER B 364 9.73 16.66 -12.80
N ARG B 365 10.12 16.97 -11.57
CA ARG B 365 10.61 18.32 -11.28
C ARG B 365 11.86 18.63 -12.10
N VAL B 366 12.74 17.65 -12.27
CA VAL B 366 13.91 17.81 -13.14
C VAL B 366 13.45 18.08 -14.57
N VAL B 367 12.41 17.38 -15.02
CA VAL B 367 11.86 17.59 -16.35
C VAL B 367 11.37 19.03 -16.50
N ALA B 368 10.63 19.53 -15.50
CA ALA B 368 10.12 20.88 -15.56
C ALA B 368 11.25 21.90 -15.60
N THR B 369 12.27 21.70 -14.76
CA THR B 369 13.40 22.64 -14.74
C THR B 369 14.13 22.66 -16.08
N LEU B 370 14.40 21.47 -16.63
CA LEU B 370 15.14 21.42 -17.90
C LEU B 370 14.30 22.00 -19.04
N LEU B 371 13.00 21.74 -19.05
CA LEU B 371 12.14 22.30 -20.09
C LEU B 371 12.08 23.82 -19.98
N THR B 372 11.97 24.35 -18.76
CA THR B 372 11.97 25.81 -18.60
C THR B 372 13.29 26.42 -19.04
N LEU B 373 14.41 25.75 -18.74
CA LEU B 373 15.71 26.26 -19.15
C LEU B 373 15.86 26.25 -20.66
N MET B 374 15.46 25.15 -21.32
CA MET B 374 15.63 25.07 -22.77
C MET B 374 14.61 25.92 -23.53
N ASP B 375 13.49 26.26 -22.91
CA ASP B 375 12.47 27.05 -23.58
C ASP B 375 12.86 28.52 -23.75
N GLY B 376 13.91 28.97 -23.05
CA GLY B 376 14.33 30.36 -23.17
C GLY B 376 15.83 30.54 -23.14
N MET B 377 16.57 29.45 -23.37
CA MET B 377 18.03 29.51 -23.38
C MET B 377 18.58 30.26 -24.59
N GLY B 378 17.91 30.19 -25.73
CA GLY B 378 18.34 30.90 -26.91
C GLY B 378 17.22 31.11 -27.91
N ALA B 379 17.28 32.21 -28.66
CA ALA B 379 16.23 32.49 -29.64
C ALA B 379 16.32 31.54 -30.83
N ALA B 380 17.44 31.61 -31.57
CA ALA B 380 17.69 30.67 -32.66
C ALA B 380 18.91 29.79 -32.38
N GLY B 381 20.09 30.39 -32.20
CA GLY B 381 21.30 29.67 -31.87
C GLY B 381 21.60 28.47 -32.74
N LYS B 382 22.36 27.53 -32.21
CA LYS B 382 22.57 26.23 -32.88
C LYS B 382 22.76 25.19 -31.76
N VAL B 383 21.66 24.57 -31.36
CA VAL B 383 21.65 23.59 -30.28
C VAL B 383 20.75 22.43 -30.68
N VAL B 384 21.25 21.21 -30.51
CA VAL B 384 20.52 20.00 -30.85
C VAL B 384 20.45 19.12 -29.61
N VAL B 385 19.24 18.67 -29.26
CA VAL B 385 19.02 17.74 -28.17
C VAL B 385 18.42 16.47 -28.74
N ILE B 386 19.03 15.33 -28.43
CA ILE B 386 18.59 14.04 -28.93
C ILE B 386 18.06 13.22 -27.76
N ALA B 387 16.83 12.72 -27.90
CA ALA B 387 16.18 11.91 -26.88
C ALA B 387 16.06 10.49 -27.42
N ALA B 388 17.03 9.65 -27.05
CA ALA B 388 17.06 8.25 -27.47
C ALA B 388 16.52 7.39 -26.34
N THR B 389 15.32 6.83 -26.53
CA THR B 389 14.68 6.01 -25.53
C THR B 389 14.15 4.73 -26.18
N ASN B 390 14.06 3.67 -25.38
CA ASN B 390 13.60 2.39 -25.90
C ASN B 390 12.10 2.39 -26.16
N ARG B 391 11.32 2.94 -25.23
CA ARG B 391 9.86 2.96 -25.34
C ARG B 391 9.33 4.34 -25.03
N PRO B 392 8.75 5.05 -25.99
CA PRO B 392 8.17 6.36 -25.69
C PRO B 392 7.02 6.30 -24.71
N ASN B 393 6.33 5.16 -24.61
CA ASN B 393 5.20 5.05 -23.69
C ASN B 393 5.66 5.20 -22.24
N SER B 394 6.79 4.60 -21.88
CA SER B 394 7.30 4.74 -20.53
C SER B 394 7.77 6.16 -20.25
N VAL B 395 8.13 6.91 -21.29
CA VAL B 395 8.55 8.30 -21.12
C VAL B 395 7.35 9.15 -20.71
N ASP B 396 7.61 10.19 -19.93
CA ASP B 396 6.57 11.11 -19.52
C ASP B 396 5.93 11.73 -20.75
N PRO B 397 4.60 11.69 -20.89
CA PRO B 397 3.95 12.32 -22.05
C PRO B 397 4.19 13.81 -22.14
N ALA B 398 4.60 14.47 -21.06
CA ALA B 398 4.99 15.87 -21.15
C ALA B 398 6.18 16.06 -22.09
N LEU B 399 7.09 15.08 -22.11
CA LEU B 399 8.19 15.11 -23.07
C LEU B 399 7.68 15.04 -24.50
N ARG B 400 6.69 14.17 -24.75
CA ARG B 400 6.15 13.97 -26.09
C ARG B 400 5.11 15.04 -26.42
N ARG B 401 5.57 16.29 -26.41
CA ARG B 401 4.73 17.42 -26.76
C ARG B 401 5.14 17.98 -28.11
N PRO B 402 4.19 18.22 -29.01
CA PRO B 402 4.57 18.75 -30.34
C PRO B 402 5.26 20.09 -30.28
N GLY B 403 4.95 20.93 -29.29
CA GLY B 403 5.55 22.25 -29.25
C GLY B 403 7.05 22.23 -29.11
N ARG B 404 7.57 21.34 -28.25
CA ARG B 404 9.01 21.23 -28.02
C ARG B 404 9.63 20.07 -28.80
N PHE B 405 9.12 18.86 -28.59
CA PHE B 405 9.67 17.67 -29.23
C PHE B 405 8.85 17.31 -30.47
N ASP B 406 8.89 18.22 -31.44
CA ASP B 406 8.14 18.02 -32.68
C ASP B 406 8.78 16.95 -33.56
N GLN B 407 10.10 16.99 -33.70
CA GLN B 407 10.78 16.06 -34.59
C GLN B 407 10.79 14.65 -33.99
N GLU B 408 10.43 13.67 -34.82
CA GLU B 408 10.39 12.27 -34.40
C GLU B 408 10.94 11.41 -35.51
N VAL B 409 11.79 10.45 -35.15
CA VAL B 409 12.37 9.48 -36.08
C VAL B 409 12.00 8.09 -35.60
N GLU B 410 11.42 7.30 -36.51
CA GLU B 410 10.98 5.95 -36.20
C GLU B 410 11.93 4.94 -36.81
N ILE B 411 12.40 4.00 -35.98
CA ILE B 411 13.31 2.95 -36.40
C ILE B 411 12.63 1.61 -36.18
N GLY B 412 12.56 0.79 -37.22
CA GLY B 412 11.96 -0.53 -37.16
C GLY B 412 12.98 -1.62 -37.40
N ILE B 413 12.50 -2.86 -37.28
CA ILE B 413 13.37 -4.01 -37.52
C ILE B 413 13.73 -4.08 -39.01
N PRO B 414 14.96 -4.43 -39.36
CA PRO B 414 15.34 -4.48 -40.78
C PRO B 414 14.54 -5.53 -41.54
N ASP B 415 14.25 -5.21 -42.80
CA ASP B 415 13.56 -6.15 -43.69
C ASP B 415 14.61 -7.00 -44.42
N VAL B 416 14.17 -7.72 -45.46
CA VAL B 416 15.09 -8.58 -46.19
C VAL B 416 16.19 -7.77 -46.85
N ASP B 417 15.81 -6.65 -47.48
CA ASP B 417 16.80 -5.82 -48.17
C ASP B 417 17.80 -5.22 -47.19
N ALA B 418 17.30 -4.70 -46.06
CA ALA B 418 18.19 -4.12 -45.07
C ALA B 418 19.10 -5.17 -44.44
N ARG B 419 18.56 -6.35 -44.17
CA ARG B 419 19.39 -7.42 -43.62
C ARG B 419 20.47 -7.85 -44.61
N PHE B 420 20.11 -7.95 -45.89
CA PHE B 420 21.11 -8.28 -46.91
C PHE B 420 22.19 -7.22 -46.99
N ASP B 421 21.79 -5.94 -46.94
CA ASP B 421 22.77 -4.86 -46.96
C ASP B 421 23.69 -4.91 -45.75
N ILE B 422 23.12 -5.19 -44.57
CA ILE B 422 23.92 -5.28 -43.35
C ILE B 422 24.93 -6.42 -43.46
N LEU B 423 24.48 -7.58 -43.94
CA LEU B 423 25.39 -8.72 -44.09
C LEU B 423 26.49 -8.42 -45.09
N THR B 424 26.15 -7.77 -46.22
CA THR B 424 27.17 -7.43 -47.21
C THR B 424 28.18 -6.44 -46.64
N LYS B 425 27.70 -5.44 -45.89
CA LYS B 425 28.60 -4.47 -45.29
C LYS B 425 29.52 -5.13 -44.27
N GLN B 426 28.98 -6.05 -43.45
CA GLN B 426 29.80 -6.76 -42.49
C GLN B 426 30.85 -7.61 -43.19
N PHE B 427 30.47 -8.29 -44.27
CA PHE B 427 31.42 -9.09 -45.03
C PHE B 427 32.52 -8.22 -45.63
N SER B 428 32.15 -7.05 -46.18
CA SER B 428 33.15 -6.14 -46.70
C SER B 428 34.08 -5.64 -45.61
N ARG B 429 33.54 -5.36 -44.42
CA ARG B 429 34.36 -4.91 -43.31
C ARG B 429 35.35 -5.98 -42.87
N MET B 430 34.91 -7.23 -42.79
CA MET B 430 35.80 -8.32 -42.38
C MET B 430 36.67 -8.83 -43.52
N SER B 431 36.45 -8.34 -44.74
CA SER B 431 37.35 -8.54 -45.88
C SER B 431 37.27 -9.95 -46.45
N SER B 432 37.48 -10.07 -47.76
CA SER B 432 37.33 -11.33 -48.47
C SER B 432 38.47 -12.31 -48.21
N ASP B 433 39.60 -11.85 -47.66
CA ASP B 433 40.71 -12.75 -47.40
C ASP B 433 40.45 -13.72 -46.26
N ARG B 434 39.42 -13.48 -45.44
CA ARG B 434 39.11 -14.33 -44.31
C ARG B 434 37.83 -15.14 -44.50
N HIS B 435 37.25 -15.13 -45.69
CA HIS B 435 36.01 -15.85 -45.93
C HIS B 435 35.90 -16.24 -47.39
N VAL B 436 35.08 -17.26 -47.66
CA VAL B 436 34.71 -17.65 -49.02
C VAL B 436 33.19 -17.82 -49.05
N LEU B 437 32.50 -16.76 -49.47
CA LEU B 437 31.04 -16.75 -49.52
C LEU B 437 30.58 -16.19 -50.86
N ASP B 438 29.34 -16.53 -51.21
CA ASP B 438 28.70 -16.02 -52.41
C ASP B 438 27.39 -15.33 -52.04
N SER B 439 26.97 -14.41 -52.91
CA SER B 439 25.87 -13.50 -52.58
C SER B 439 24.54 -14.24 -52.46
N GLU B 440 24.35 -15.30 -53.24
CA GLU B 440 23.11 -16.07 -53.15
C GLU B 440 22.93 -16.66 -51.75
N ALA B 441 24.04 -17.09 -51.12
CA ALA B 441 23.95 -17.52 -49.73
C ALA B 441 23.54 -16.36 -48.82
N ILE B 442 23.94 -15.13 -49.17
CA ILE B 442 23.54 -13.98 -48.37
C ILE B 442 22.03 -13.75 -48.48
N LYS B 443 21.48 -13.85 -49.69
CA LYS B 443 20.01 -13.76 -49.80
C LYS B 443 19.33 -14.90 -49.07
N TYR B 444 19.90 -16.11 -49.13
CA TYR B 444 19.29 -17.24 -48.43
C TYR B 444 19.27 -17.00 -46.92
N ILE B 445 20.37 -16.49 -46.36
CA ILE B 445 20.43 -16.22 -44.94
C ILE B 445 19.46 -15.11 -44.56
N ALA B 446 19.39 -14.06 -45.39
CA ALA B 446 18.46 -12.97 -45.10
C ALA B 446 17.00 -13.45 -45.14
N SER B 447 16.66 -14.30 -46.10
CA SER B 447 15.32 -14.85 -46.18
C SER B 447 15.01 -15.75 -44.99
N LYS B 448 15.99 -16.57 -44.57
CA LYS B 448 15.77 -17.45 -43.44
C LYS B 448 15.56 -16.70 -42.14
N THR B 449 16.00 -15.45 -42.06
CA THR B 449 15.84 -14.62 -40.86
C THR B 449 14.63 -13.71 -41.07
N HIS B 450 13.52 -14.04 -40.41
CA HIS B 450 12.29 -13.26 -40.53
C HIS B 450 12.20 -12.20 -39.42
N GLY B 451 12.18 -12.64 -38.16
CA GLY B 451 12.10 -11.76 -37.02
C GLY B 451 13.44 -11.35 -36.43
N TYR B 452 14.55 -11.70 -37.08
CA TYR B 452 15.86 -11.36 -36.55
C TYR B 452 16.09 -9.86 -36.58
N VAL B 453 16.73 -9.35 -35.54
CA VAL B 453 17.06 -7.94 -35.43
C VAL B 453 18.50 -7.75 -35.89
N GLY B 454 18.87 -6.50 -36.16
CA GLY B 454 20.22 -6.21 -36.62
C GLY B 454 21.27 -6.60 -35.60
N ALA B 455 20.95 -6.50 -34.31
CA ALA B 455 21.90 -6.92 -33.27
C ALA B 455 22.13 -8.42 -33.30
N ASP B 456 21.14 -9.19 -33.77
CA ASP B 456 21.28 -10.64 -33.81
C ASP B 456 22.27 -11.10 -34.88
N LEU B 457 22.38 -10.35 -35.98
CA LEU B 457 23.24 -10.76 -37.08
C LEU B 457 24.72 -10.76 -36.68
N THR B 458 25.15 -9.72 -35.93
CA THR B 458 26.54 -9.67 -35.49
C THR B 458 26.86 -10.83 -34.56
N ALA B 459 25.97 -11.12 -33.61
CA ALA B 459 26.18 -12.25 -32.71
C ALA B 459 26.19 -13.57 -33.47
N LEU B 460 25.33 -13.69 -34.49
CA LEU B 460 25.34 -14.89 -35.32
C LEU B 460 26.66 -15.06 -36.04
N CYS B 461 27.21 -13.97 -36.58
CA CYS B 461 28.51 -14.04 -37.23
C CYS B 461 29.60 -14.43 -36.25
N ARG B 462 29.58 -13.85 -35.05
CA ARG B 462 30.61 -14.16 -34.05
C ARG B 462 30.53 -15.62 -33.61
N GLU B 463 29.32 -16.13 -33.37
CA GLU B 463 29.20 -17.52 -32.95
C GLU B 463 29.50 -18.47 -34.11
N SER B 464 29.26 -18.06 -35.35
CA SER B 464 29.70 -18.85 -36.49
C SER B 464 31.23 -18.91 -36.54
N VAL B 465 31.89 -17.80 -36.23
CA VAL B 465 33.35 -17.80 -36.15
C VAL B 465 33.83 -18.75 -35.07
N MET B 466 33.18 -18.72 -33.90
CA MET B 466 33.54 -19.64 -32.83
C MET B 466 33.33 -21.09 -33.27
N LYS B 467 32.22 -21.38 -33.94
CA LYS B 467 31.96 -22.75 -34.39
C LYS B 467 33.01 -23.21 -35.38
N THR B 468 33.40 -22.33 -36.32
CA THR B 468 34.44 -22.69 -37.27
C THR B 468 35.77 -22.94 -36.58
N ILE B 469 36.12 -22.08 -35.60
CA ILE B 469 37.38 -22.25 -34.88
C ILE B 469 37.39 -23.57 -34.13
N GLN B 470 36.28 -23.91 -33.47
CA GLN B 470 36.21 -25.17 -32.74
C GLN B 470 36.28 -26.36 -33.69
N ARG B 471 35.54 -26.30 -34.80
CA ARG B 471 35.54 -27.40 -35.76
C ARG B 471 36.89 -27.60 -36.40
N GLY B 472 37.69 -26.54 -36.51
CA GLY B 472 39.04 -26.67 -37.00
C GLY B 472 39.96 -27.25 -35.95
N LEU B 473 39.97 -26.63 -34.76
CA LEU B 473 40.89 -27.04 -33.70
C LEU B 473 40.65 -28.48 -33.28
N GLY B 474 39.46 -28.77 -32.76
CA GLY B 474 39.19 -30.09 -32.19
C GLY B 474 39.29 -31.23 -33.19
N THR B 475 39.23 -30.92 -34.49
CA THR B 475 39.32 -31.96 -35.51
C THR B 475 40.74 -32.13 -36.02
N ASP B 476 41.35 -31.05 -36.53
CA ASP B 476 42.64 -31.14 -37.20
C ASP B 476 43.82 -30.86 -36.28
N ALA B 477 43.60 -30.72 -34.97
CA ALA B 477 44.67 -30.53 -33.99
C ALA B 477 45.49 -29.29 -34.30
N ASN B 478 44.83 -28.14 -34.24
CA ASN B 478 45.46 -26.82 -34.40
C ASN B 478 46.08 -26.68 -35.79
N ILE B 479 45.24 -26.84 -36.80
CA ILE B 479 45.65 -26.62 -38.19
C ILE B 479 45.53 -25.12 -38.48
N ASP B 480 46.11 -24.68 -39.59
CA ASP B 480 46.04 -23.28 -39.99
C ASP B 480 44.58 -22.89 -40.24
N LYS B 481 44.19 -21.74 -39.67
CA LYS B 481 42.81 -21.27 -39.80
C LYS B 481 42.57 -20.49 -41.09
N PHE B 482 43.63 -20.16 -41.83
CA PHE B 482 43.45 -19.40 -43.06
C PHE B 482 42.67 -20.20 -44.11
N SER B 483 42.98 -21.49 -44.24
CA SER B 483 42.31 -22.31 -45.24
C SER B 483 40.83 -22.51 -44.90
N LEU B 484 40.52 -22.70 -43.62
CA LEU B 484 39.13 -22.97 -43.23
C LEU B 484 38.22 -21.78 -43.47
N LYS B 485 38.76 -20.56 -43.32
CA LYS B 485 38.02 -19.29 -43.41
C LYS B 485 36.59 -19.41 -42.89
N VAL B 486 35.60 -18.99 -43.68
CA VAL B 486 34.21 -18.99 -43.28
C VAL B 486 33.41 -19.81 -44.28
N THR B 487 32.49 -20.63 -43.77
CA THR B 487 31.67 -21.50 -44.61
C THR B 487 30.19 -21.26 -44.33
N LEU B 488 29.33 -22.14 -44.83
CA LEU B 488 27.89 -22.04 -44.61
C LEU B 488 27.38 -22.95 -43.50
N LYS B 489 28.07 -24.06 -43.23
CA LYS B 489 27.61 -24.99 -42.20
C LYS B 489 27.64 -24.34 -40.82
N ASP B 490 28.70 -23.58 -40.52
CA ASP B 490 28.77 -22.89 -39.24
C ASP B 490 27.66 -21.86 -39.10
N VAL B 491 27.34 -21.15 -40.19
CA VAL B 491 26.26 -20.18 -40.17
C VAL B 491 24.93 -20.87 -39.92
N GLU B 492 24.71 -22.03 -40.57
CA GLU B 492 23.48 -22.78 -40.36
C GLU B 492 23.36 -23.24 -38.91
N SER B 493 24.44 -23.77 -38.34
CA SER B 493 24.42 -24.18 -36.94
C SER B 493 24.16 -22.98 -36.03
N ALA B 494 24.76 -21.83 -36.36
CA ALA B 494 24.56 -20.63 -35.57
C ALA B 494 23.10 -20.18 -35.58
N MET B 495 22.47 -20.20 -36.76
CA MET B 495 21.07 -19.79 -36.82
C MET B 495 20.14 -20.83 -36.20
N VAL B 496 20.56 -22.10 -36.15
CA VAL B 496 19.77 -23.10 -35.44
C VAL B 496 19.84 -22.87 -33.92
N ASP B 497 21.05 -22.65 -33.39
CA ASP B 497 21.24 -22.63 -31.95
C ASP B 497 21.29 -21.23 -31.34
N ILE B 498 21.00 -20.18 -32.13
CA ILE B 498 21.05 -18.83 -31.59
C ILE B 498 19.93 -18.60 -30.59
N ARG B 499 18.72 -19.07 -30.91
CA ARG B 499 17.53 -18.88 -30.09
C ARG B 499 17.31 -17.41 -29.77
N PRO B 500 16.95 -16.58 -30.74
CA PRO B 500 16.72 -15.16 -30.46
C PRO B 500 15.48 -14.95 -29.61
N SER B 501 15.47 -13.85 -28.86
CA SER B 501 14.37 -13.50 -27.98
C SER B 501 13.48 -12.41 -28.57
N ALA B 502 13.44 -12.31 -29.89
CA ALA B 502 12.63 -11.32 -30.58
C ALA B 502 11.34 -11.90 -31.15
N MET B 503 10.98 -13.12 -30.77
CA MET B 503 9.76 -13.74 -31.30
C MET B 503 8.52 -12.97 -30.85
N ARG B 504 8.47 -12.55 -29.59
CA ARG B 504 7.31 -11.84 -29.07
C ARG B 504 7.37 -10.38 -29.48
N GLU B 505 6.36 -9.92 -30.22
CA GLU B 505 6.31 -8.53 -30.65
C GLU B 505 4.87 -8.21 -31.03
N ILE B 506 4.57 -6.91 -31.04
CA ILE B 506 3.25 -6.45 -31.46
C ILE B 506 3.20 -6.10 -32.94
N PHE B 507 4.36 -5.95 -33.60
CA PHE B 507 4.42 -5.54 -35.00
C PHE B 507 5.53 -6.30 -35.69
N LEU B 508 5.18 -7.07 -36.72
CA LEU B 508 6.16 -7.75 -37.55
C LEU B 508 6.25 -7.03 -38.90
N GLU B 509 7.47 -6.90 -39.40
CA GLU B 509 7.76 -6.04 -40.55
C GLU B 509 8.26 -6.89 -41.70
N MET B 510 7.55 -6.82 -42.84
CA MET B 510 7.82 -7.57 -44.06
C MET B 510 7.93 -9.08 -43.82
N PRO B 511 6.83 -9.79 -43.62
CA PRO B 511 6.87 -11.25 -43.66
C PRO B 511 7.24 -11.73 -45.06
N LYS B 512 7.91 -12.89 -45.11
CA LYS B 512 8.42 -13.44 -46.36
C LYS B 512 7.64 -14.70 -46.70
N VAL B 513 6.76 -14.59 -47.69
CA VAL B 513 6.09 -15.74 -48.29
C VAL B 513 5.72 -15.40 -49.73
N TYR B 514 6.15 -16.25 -50.66
CA TYR B 514 5.96 -15.99 -52.08
C TYR B 514 4.73 -16.73 -52.61
N TRP B 515 4.30 -16.32 -53.81
CA TRP B 515 3.12 -16.91 -54.43
C TRP B 515 3.30 -18.37 -54.78
N SER B 516 4.53 -18.88 -54.79
CA SER B 516 4.80 -20.30 -55.00
C SER B 516 4.71 -21.10 -53.71
N ASP B 517 4.23 -20.49 -52.62
CA ASP B 517 4.17 -21.15 -51.33
C ASP B 517 2.77 -21.03 -50.73
N ILE B 518 2.01 -20.02 -51.17
CA ILE B 518 0.68 -19.79 -50.61
C ILE B 518 -0.31 -20.80 -51.19
N GLY B 519 -1.47 -20.88 -50.54
CA GLY B 519 -2.53 -21.76 -51.00
C GLY B 519 -3.89 -21.09 -50.98
N GLY B 520 -4.56 -21.06 -52.12
CA GLY B 520 -5.87 -20.44 -52.19
C GLY B 520 -6.50 -20.66 -53.55
N GLN B 521 -7.67 -20.04 -53.72
CA GLN B 521 -8.42 -20.13 -54.97
C GLN B 521 -8.12 -18.95 -55.87
N GLU B 522 -8.31 -19.16 -57.18
CA GLU B 522 -7.94 -18.15 -58.17
C GLU B 522 -8.80 -16.89 -58.02
N GLU B 523 -10.09 -17.04 -57.73
CA GLU B 523 -10.97 -15.88 -57.64
C GLU B 523 -10.57 -14.98 -56.49
N LEU B 524 -10.22 -15.56 -55.33
CA LEU B 524 -9.78 -14.74 -54.21
C LEU B 524 -8.50 -13.99 -54.54
N LYS B 525 -7.55 -14.64 -55.20
CA LYS B 525 -6.31 -13.97 -55.56
C LYS B 525 -6.58 -12.83 -56.54
N THR B 526 -7.44 -13.07 -57.53
CA THR B 526 -7.76 -12.01 -58.49
C THR B 526 -8.44 -10.83 -57.81
N LYS B 527 -9.38 -11.10 -56.89
CA LYS B 527 -10.08 -10.04 -56.20
C LYS B 527 -9.12 -9.24 -55.32
N MET B 528 -8.26 -9.93 -54.57
CA MET B 528 -7.31 -9.22 -53.71
C MET B 528 -6.35 -8.39 -54.55
N LYS B 529 -5.93 -8.91 -55.71
CA LYS B 529 -5.10 -8.11 -56.61
C LYS B 529 -5.84 -6.88 -57.10
N GLU B 530 -7.13 -7.02 -57.42
CA GLU B 530 -7.91 -5.89 -57.91
C GLU B 530 -8.02 -4.80 -56.85
N MET B 531 -8.37 -5.17 -55.62
CA MET B 531 -8.51 -4.14 -54.60
C MET B 531 -7.21 -3.75 -53.91
N ILE B 532 -6.07 -4.34 -54.27
CA ILE B 532 -4.80 -3.76 -53.82
C ILE B 532 -4.23 -2.88 -54.92
N GLN B 533 -4.61 -3.14 -56.18
CA GLN B 533 -4.13 -2.34 -57.29
C GLN B 533 -5.01 -1.12 -57.55
N LEU B 534 -6.26 -1.12 -57.04
CA LEU B 534 -7.11 0.05 -57.23
C LEU B 534 -6.59 1.26 -56.45
N PRO B 535 -6.45 1.22 -55.10
CA PRO B 535 -6.08 2.44 -54.38
C PRO B 535 -4.66 2.90 -54.67
N LEU B 536 -3.69 1.99 -54.53
CA LEU B 536 -2.28 2.37 -54.63
C LEU B 536 -1.91 2.88 -56.02
N GLU B 537 -2.73 2.60 -57.03
CA GLU B 537 -2.47 3.06 -58.38
C GLU B 537 -3.48 4.09 -58.90
N ALA B 538 -4.56 4.36 -58.15
CA ALA B 538 -5.56 5.31 -58.59
C ALA B 538 -6.04 6.21 -57.45
N SER B 539 -5.18 6.47 -56.46
CA SER B 539 -5.55 7.41 -55.41
C SER B 539 -5.83 8.80 -55.98
N GLU B 540 -5.00 9.26 -56.91
CA GLU B 540 -5.23 10.56 -57.53
C GLU B 540 -6.53 10.57 -58.33
N THR B 541 -6.82 9.48 -59.04
CA THR B 541 -8.08 9.39 -59.78
C THR B 541 -9.28 9.43 -58.84
N PHE B 542 -9.20 8.72 -57.72
CA PHE B 542 -10.29 8.72 -56.75
C PHE B 542 -10.47 10.10 -56.13
N ALA B 543 -9.36 10.79 -55.84
CA ALA B 543 -9.45 12.15 -55.32
C ALA B 543 -10.08 13.09 -56.33
N ARG B 544 -9.73 12.94 -57.61
CA ARG B 544 -10.36 13.75 -58.66
C ARG B 544 -11.85 13.47 -58.74
N LEU B 545 -12.24 12.19 -58.65
CA LEU B 545 -13.65 11.82 -58.71
C LEU B 545 -14.35 12.00 -57.36
N GLY B 546 -13.60 12.17 -56.28
CA GLY B 546 -14.20 12.35 -54.97
C GLY B 546 -14.94 11.13 -54.47
N ILE B 547 -14.41 9.94 -54.71
CA ILE B 547 -15.02 8.70 -54.25
C ILE B 547 -14.12 7.91 -53.31
N SER B 548 -12.81 8.13 -53.34
CA SER B 548 -11.85 7.49 -52.43
C SER B 548 -11.86 5.98 -52.67
N ALA B 549 -11.63 5.19 -51.62
CA ALA B 549 -11.51 3.75 -51.71
C ALA B 549 -12.43 3.10 -50.68
N PRO B 550 -12.85 1.85 -50.92
CA PRO B 550 -13.71 1.17 -49.94
C PRO B 550 -13.08 1.06 -48.56
N LYS B 551 -11.77 0.82 -48.50
CA LYS B 551 -11.01 0.74 -47.25
C LYS B 551 -11.53 -0.34 -46.31
N GLY B 552 -12.29 -1.30 -46.83
CA GLY B 552 -12.82 -2.37 -46.00
C GLY B 552 -12.95 -3.69 -46.71
N VAL B 553 -12.35 -4.74 -46.15
CA VAL B 553 -12.44 -6.09 -46.68
C VAL B 553 -12.68 -7.05 -45.51
N LEU B 554 -13.69 -7.90 -45.64
CA LEU B 554 -14.03 -8.87 -44.61
C LEU B 554 -13.81 -10.27 -45.16
N LEU B 555 -13.13 -11.12 -44.39
CA LEU B 555 -12.84 -12.49 -44.80
C LEU B 555 -13.42 -13.46 -43.79
N TYR B 556 -14.04 -14.53 -44.30
CA TYR B 556 -14.61 -15.57 -43.45
C TYR B 556 -14.50 -16.89 -44.18
N GLY B 557 -14.10 -17.93 -43.44
CA GLY B 557 -13.91 -19.24 -44.02
C GLY B 557 -13.51 -20.29 -42.99
N PRO B 558 -13.13 -21.47 -43.47
CA PRO B 558 -12.73 -22.53 -42.55
C PRO B 558 -11.46 -22.15 -41.79
N PRO B 559 -11.29 -22.65 -40.57
CA PRO B 559 -10.09 -22.31 -39.79
C PRO B 559 -8.81 -22.94 -40.30
N GLY B 560 -8.86 -23.70 -41.38
CA GLY B 560 -7.68 -24.38 -41.89
C GLY B 560 -6.60 -23.44 -42.39
N CYS B 561 -6.88 -22.70 -43.45
CA CYS B 561 -5.91 -21.80 -44.07
C CYS B 561 -6.67 -20.85 -44.99
N SER B 562 -5.92 -20.09 -45.79
CA SER B 562 -6.47 -19.15 -46.77
C SER B 562 -7.26 -18.02 -46.13
N LYS B 563 -7.05 -17.76 -44.84
CA LYS B 563 -7.70 -16.64 -44.18
C LYS B 563 -6.68 -15.82 -43.40
N THR B 564 -5.59 -16.44 -43.00
CA THR B 564 -4.51 -15.78 -42.26
C THR B 564 -3.23 -15.64 -43.06
N LEU B 565 -2.83 -16.68 -43.79
CA LEU B 565 -1.62 -16.61 -44.61
C LEU B 565 -1.78 -15.67 -45.79
N THR B 566 -3.03 -15.36 -46.17
CA THR B 566 -3.26 -14.41 -47.25
C THR B 566 -2.74 -13.01 -46.89
N ALA B 567 -2.89 -12.62 -45.62
CA ALA B 567 -2.35 -11.33 -45.18
C ALA B 567 -0.83 -11.28 -45.33
N LYS B 568 -0.15 -12.37 -44.93
CA LYS B 568 1.30 -12.41 -45.09
C LYS B 568 1.70 -12.39 -46.56
N ALA B 569 0.95 -13.11 -47.40
CA ALA B 569 1.22 -13.09 -48.84
C ALA B 569 1.07 -11.69 -49.41
N LEU B 570 0.01 -10.98 -49.01
CA LEU B 570 -0.18 -9.60 -49.46
C LEU B 570 0.95 -8.71 -48.97
N ALA B 571 1.37 -8.89 -47.72
CA ALA B 571 2.47 -8.09 -47.18
C ALA B 571 3.75 -8.31 -47.98
N THR B 572 4.04 -9.58 -48.31
CA THR B 572 5.26 -9.88 -49.05
C THR B 572 5.18 -9.35 -50.48
N GLU B 573 4.03 -9.47 -51.13
CA GLU B 573 3.92 -9.09 -52.53
C GLU B 573 3.88 -7.57 -52.70
N SER B 574 3.00 -6.89 -51.96
CA SER B 574 2.80 -5.46 -52.17
C SER B 574 4.03 -4.65 -51.74
N GLY B 575 4.81 -5.17 -50.78
CA GLY B 575 5.93 -4.40 -50.28
C GLY B 575 5.54 -3.21 -49.45
N ILE B 576 4.32 -3.21 -48.91
CA ILE B 576 3.81 -2.09 -48.13
C ILE B 576 3.80 -2.51 -46.66
N ASN B 577 3.85 -1.51 -45.78
CA ASN B 577 3.81 -1.78 -44.34
C ASN B 577 2.57 -2.57 -43.98
N PHE B 578 2.75 -3.59 -43.14
CA PHE B 578 1.68 -4.52 -42.78
C PHE B 578 1.53 -4.56 -41.28
N LEU B 579 0.29 -4.43 -40.81
CA LEU B 579 -0.03 -4.46 -39.39
C LEU B 579 -0.90 -5.68 -39.10
N ALA B 580 -0.46 -6.51 -38.16
CA ALA B 580 -1.18 -7.70 -37.75
C ALA B 580 -1.61 -7.53 -36.29
N VAL B 581 -2.90 -7.71 -36.02
CA VAL B 581 -3.46 -7.56 -34.69
C VAL B 581 -4.11 -8.89 -34.30
N LYS B 582 -3.76 -9.39 -33.12
CA LYS B 582 -4.34 -10.61 -32.58
C LYS B 582 -5.46 -10.26 -31.61
N GLY B 583 -6.58 -10.96 -31.74
CA GLY B 583 -7.75 -10.71 -30.93
C GLY B 583 -7.51 -10.82 -29.45
N PRO B 584 -7.23 -12.04 -28.96
CA PRO B 584 -6.98 -12.22 -27.53
C PRO B 584 -5.79 -11.44 -27.00
N GLU B 585 -4.83 -11.08 -27.85
CA GLU B 585 -3.64 -10.37 -27.37
C GLU B 585 -3.99 -9.00 -26.83
N ILE B 586 -4.89 -8.28 -27.52
CA ILE B 586 -5.27 -6.94 -27.08
C ILE B 586 -6.16 -6.96 -25.85
N PHE B 587 -6.67 -8.12 -25.45
CA PHE B 587 -7.49 -8.22 -24.25
C PHE B 587 -6.61 -8.18 -23.01
N ASN B 588 -7.00 -7.36 -22.04
CA ASN B 588 -6.28 -7.22 -20.78
C ASN B 588 -7.27 -7.23 -19.62
N LYS B 589 -6.76 -7.60 -18.45
CA LYS B 589 -7.60 -7.62 -17.26
C LYS B 589 -8.10 -6.22 -16.92
N TYR B 590 -7.24 -5.22 -17.01
CA TYR B 590 -7.64 -3.85 -16.76
C TYR B 590 -8.57 -3.35 -17.86
N VAL B 591 -9.63 -2.66 -17.47
CA VAL B 591 -10.60 -2.11 -18.40
C VAL B 591 -10.12 -0.76 -18.89
N GLY B 592 -10.09 -0.59 -20.22
CA GLY B 592 -9.62 0.63 -20.83
C GLY B 592 -8.23 0.53 -21.44
N GLU B 593 -7.46 -0.50 -21.10
CA GLU B 593 -6.15 -0.70 -21.70
C GLU B 593 -6.29 -0.99 -23.20
N SER B 594 -7.30 -1.76 -23.58
CA SER B 594 -7.53 -2.06 -24.99
C SER B 594 -7.85 -0.79 -25.79
N GLU B 595 -8.56 0.16 -25.17
CA GLU B 595 -8.83 1.44 -25.84
C GLU B 595 -7.52 2.17 -26.12
N ARG B 596 -6.62 2.21 -25.15
CA ARG B 596 -5.33 2.86 -25.34
C ARG B 596 -4.51 2.15 -26.41
N ALA B 597 -4.56 0.81 -26.43
CA ALA B 597 -3.84 0.06 -27.45
C ALA B 597 -4.40 0.36 -28.84
N ILE B 598 -5.72 0.46 -28.96
CA ILE B 598 -6.34 0.78 -30.25
C ILE B 598 -5.94 2.18 -30.69
N ARG B 599 -5.96 3.15 -29.77
CA ARG B 599 -5.52 4.49 -30.12
C ARG B 599 -4.07 4.52 -30.57
N GLU B 600 -3.20 3.79 -29.86
CA GLU B 600 -1.79 3.76 -30.21
C GLU B 600 -1.56 3.12 -31.57
N ILE B 601 -2.26 2.01 -31.86
CA ILE B 601 -2.07 1.37 -33.15
C ILE B 601 -2.63 2.23 -34.27
N PHE B 602 -3.72 2.96 -34.03
CA PHE B 602 -4.24 3.87 -35.04
C PHE B 602 -3.25 5.01 -35.30
N ARG B 603 -2.64 5.55 -34.24
CA ARG B 603 -1.63 6.59 -34.41
C ARG B 603 -0.43 6.06 -35.19
N LYS B 604 -0.01 4.83 -34.88
CA LYS B 604 1.11 4.23 -35.61
C LYS B 604 0.78 4.05 -37.08
N ALA B 605 -0.44 3.60 -37.39
CA ALA B 605 -0.86 3.45 -38.77
C ALA B 605 -0.90 4.80 -39.48
N ARG B 606 -1.39 5.83 -38.80
CA ARG B 606 -1.44 7.16 -39.39
C ARG B 606 -0.04 7.70 -39.69
N SER B 607 0.89 7.52 -38.75
CA SER B 607 2.22 8.10 -38.87
C SER B 607 3.21 7.21 -39.61
N ALA B 608 2.82 5.99 -39.98
CA ALA B 608 3.70 5.04 -40.64
C ALA B 608 3.34 4.86 -42.11
N ALA B 609 2.93 5.96 -42.77
CA ALA B 609 2.61 6.01 -44.20
C ALA B 609 1.37 5.17 -44.50
N PRO B 610 0.80 5.26 -45.69
CA PRO B 610 -0.30 4.34 -46.05
C PRO B 610 0.14 2.89 -45.93
N SER B 611 -0.76 2.06 -45.39
CA SER B 611 -0.43 0.69 -45.07
C SER B 611 -1.72 -0.14 -45.08
N ILE B 612 -1.60 -1.39 -44.66
CA ILE B 612 -2.74 -2.30 -44.55
C ILE B 612 -2.80 -2.81 -43.12
N ILE B 613 -4.01 -2.80 -42.55
CA ILE B 613 -4.24 -3.26 -41.18
C ILE B 613 -5.02 -4.55 -41.24
N PHE B 614 -4.48 -5.60 -40.62
CA PHE B 614 -5.09 -6.92 -40.61
C PHE B 614 -5.28 -7.39 -39.17
N PHE B 615 -6.42 -8.03 -38.92
CA PHE B 615 -6.74 -8.59 -37.62
C PHE B 615 -6.76 -10.12 -37.72
N ASP B 616 -6.03 -10.78 -36.82
CA ASP B 616 -5.93 -12.23 -36.88
C ASP B 616 -7.28 -12.89 -36.64
N GLU B 617 -7.95 -12.52 -35.54
CA GLU B 617 -9.25 -13.11 -35.18
C GLU B 617 -10.09 -12.02 -34.53
N ILE B 618 -11.09 -11.52 -35.27
CA ILE B 618 -12.02 -10.54 -34.70
C ILE B 618 -13.20 -11.20 -34.00
N ASP B 619 -13.37 -12.51 -34.14
CA ASP B 619 -14.49 -13.21 -33.52
C ASP B 619 -14.35 -13.33 -32.01
N ALA B 620 -13.18 -13.01 -31.45
CA ALA B 620 -12.97 -13.09 -30.02
C ALA B 620 -13.32 -11.79 -29.28
N LEU B 621 -13.63 -10.72 -30.01
CA LEU B 621 -13.94 -9.45 -29.38
C LEU B 621 -15.27 -8.88 -29.90
N SER B 622 -15.61 -9.21 -31.14
CA SER B 622 -16.83 -8.66 -31.74
C SER B 622 -18.10 -9.03 -30.99
N PRO B 623 -18.35 -10.30 -30.59
CA PRO B 623 -19.61 -10.59 -29.89
C PRO B 623 -19.68 -9.96 -28.51
N ASP B 624 -20.57 -8.97 -28.35
CA ASP B 624 -20.79 -8.32 -27.07
C ASP B 624 -22.14 -8.63 -26.45
N ARG B 625 -23.10 -9.13 -27.24
CA ARG B 625 -24.43 -9.44 -26.75
C ARG B 625 -24.60 -10.94 -26.48
N ASP B 626 -24.32 -11.77 -27.48
CA ASP B 626 -24.45 -13.22 -27.30
C ASP B 626 -23.46 -13.75 -26.27
N GLY B 627 -22.22 -13.25 -26.30
CA GLY B 627 -21.21 -13.72 -25.38
C GLY B 627 -21.25 -13.11 -23.99
N SER B 628 -22.14 -12.14 -23.77
CA SER B 628 -22.28 -11.46 -22.47
C SER B 628 -20.94 -10.89 -22.00
N SER B 629 -20.23 -10.25 -22.92
CA SER B 629 -18.92 -9.68 -22.61
C SER B 629 -19.08 -8.43 -21.75
N THR B 630 -17.98 -8.01 -21.15
CA THR B 630 -17.96 -6.85 -20.27
C THR B 630 -17.95 -5.57 -21.10
N SER B 631 -17.81 -4.43 -20.44
CA SER B 631 -17.81 -3.14 -21.13
C SER B 631 -16.57 -2.94 -21.98
N ALA B 632 -15.51 -3.70 -21.74
CA ALA B 632 -14.30 -3.55 -22.54
C ALA B 632 -14.55 -3.91 -24.00
N ALA B 633 -15.32 -4.97 -24.25
CA ALA B 633 -15.64 -5.36 -25.62
C ALA B 633 -16.47 -4.28 -26.31
N ASN B 634 -17.45 -3.72 -25.60
CA ASN B 634 -18.25 -2.64 -26.18
C ASN B 634 -17.39 -1.42 -26.49
N HIS B 635 -16.46 -1.08 -25.59
CA HIS B 635 -15.56 0.03 -25.85
C HIS B 635 -14.69 -0.23 -27.06
N VAL B 636 -14.19 -1.46 -27.20
CA VAL B 636 -13.37 -1.81 -28.37
C VAL B 636 -14.18 -1.69 -29.64
N LEU B 637 -15.43 -2.20 -29.62
CA LEU B 637 -16.27 -2.15 -30.81
C LEU B 637 -16.58 -0.71 -31.20
N THR B 638 -16.94 0.14 -30.23
CA THR B 638 -17.25 1.52 -30.58
C THR B 638 -15.99 2.28 -31.02
N SER B 639 -14.83 1.95 -30.44
CA SER B 639 -13.58 2.59 -30.87
C SER B 639 -13.25 2.23 -32.31
N LEU B 640 -13.35 0.95 -32.66
CA LEU B 640 -13.04 0.55 -34.03
C LEU B 640 -14.08 1.11 -35.00
N LEU B 641 -15.34 1.18 -34.59
CA LEU B 641 -16.36 1.79 -35.44
C LEU B 641 -16.07 3.26 -35.69
N ASN B 642 -15.63 3.98 -34.66
CA ASN B 642 -15.28 5.39 -34.83
C ASN B 642 -14.03 5.56 -35.69
N GLU B 643 -13.06 4.66 -35.55
CA GLU B 643 -11.82 4.79 -36.30
C GLU B 643 -11.98 4.41 -37.77
N ILE B 644 -12.87 3.46 -38.09
CA ILE B 644 -13.00 3.01 -39.46
C ILE B 644 -13.68 4.07 -40.32
N ASP B 645 -14.90 4.46 -39.96
CA ASP B 645 -15.66 5.42 -40.76
C ASP B 645 -16.40 6.43 -39.90
N GLY B 646 -15.84 6.77 -38.74
CA GLY B 646 -16.48 7.75 -37.87
C GLY B 646 -15.77 9.08 -37.85
N VAL B 647 -16.43 10.12 -38.40
CA VAL B 647 -16.03 11.52 -38.44
C VAL B 647 -14.56 11.69 -38.86
N GLU B 648 -13.91 10.60 -39.26
CA GLU B 648 -12.54 10.63 -39.74
C GLU B 648 -12.39 9.67 -40.91
N GLU B 649 -11.69 10.12 -41.95
CA GLU B 649 -11.44 9.31 -43.13
C GLU B 649 -9.94 9.25 -43.39
N LEU B 650 -9.41 8.05 -43.50
CA LEU B 650 -7.99 7.81 -43.76
C LEU B 650 -7.87 7.06 -45.08
N LYS B 651 -7.65 7.80 -46.18
CA LYS B 651 -7.61 7.19 -47.50
C LYS B 651 -6.42 6.26 -47.66
N GLY B 652 -5.29 6.61 -47.07
CA GLY B 652 -4.07 5.84 -47.29
C GLY B 652 -4.14 4.42 -46.76
N VAL B 653 -4.67 4.25 -45.56
CA VAL B 653 -4.67 2.94 -44.92
C VAL B 653 -5.76 2.06 -45.53
N VAL B 654 -5.57 0.75 -45.43
CA VAL B 654 -6.54 -0.24 -45.88
C VAL B 654 -6.83 -1.17 -44.73
N ILE B 655 -8.12 -1.41 -44.46
CA ILE B 655 -8.56 -2.24 -43.35
C ILE B 655 -9.08 -3.56 -43.90
N VAL B 656 -8.47 -4.65 -43.45
CA VAL B 656 -8.90 -6.00 -43.81
C VAL B 656 -8.97 -6.84 -42.55
N ALA B 657 -10.02 -7.64 -42.42
CA ALA B 657 -10.24 -8.47 -41.26
C ALA B 657 -10.63 -9.88 -41.67
N ALA B 658 -10.21 -10.86 -40.88
CA ALA B 658 -10.55 -12.26 -41.10
C ALA B 658 -11.19 -12.83 -39.84
N THR B 659 -12.27 -13.59 -40.02
CA THR B 659 -13.00 -14.17 -38.90
C THR B 659 -13.33 -15.62 -39.21
N ASN B 660 -13.55 -16.40 -38.15
CA ASN B 660 -13.96 -17.78 -38.27
C ASN B 660 -15.48 -17.91 -38.41
N ARG B 661 -16.21 -17.44 -37.40
CA ARG B 661 -17.66 -17.44 -37.43
C ARG B 661 -18.15 -16.01 -37.65
N PRO B 662 -18.83 -15.72 -38.76
CA PRO B 662 -19.20 -14.33 -39.06
C PRO B 662 -20.50 -13.84 -38.45
N ASP B 663 -21.27 -14.71 -37.80
CA ASP B 663 -22.59 -14.31 -37.30
C ASP B 663 -22.51 -13.45 -36.03
N GLU B 664 -21.58 -13.74 -35.14
CA GLU B 664 -21.57 -13.05 -33.84
C GLU B 664 -21.07 -11.62 -33.93
N ILE B 665 -20.52 -11.19 -35.07
CA ILE B 665 -20.12 -9.80 -35.25
C ILE B 665 -21.36 -8.93 -35.25
N ASP B 666 -21.32 -7.83 -34.49
CA ASP B 666 -22.47 -6.96 -34.36
C ASP B 666 -22.81 -6.29 -35.70
N ALA B 667 -24.09 -5.98 -35.87
CA ALA B 667 -24.54 -5.38 -37.12
C ALA B 667 -23.94 -4.00 -37.37
N ALA B 668 -23.51 -3.30 -36.31
CA ALA B 668 -22.87 -2.00 -36.50
C ALA B 668 -21.59 -2.13 -37.30
N LEU B 669 -20.76 -3.12 -36.97
CA LEU B 669 -19.56 -3.38 -37.76
C LEU B 669 -19.90 -4.12 -39.05
N LEU B 670 -20.88 -5.04 -39.00
CA LEU B 670 -21.29 -5.80 -40.17
C LEU B 670 -22.33 -4.99 -40.95
N ARG B 671 -21.87 -3.87 -41.49
CA ARG B 671 -22.69 -2.97 -42.29
C ARG B 671 -21.97 -2.66 -43.59
N PRO B 672 -22.68 -2.66 -44.72
CA PRO B 672 -22.04 -2.30 -45.99
C PRO B 672 -21.48 -0.89 -45.96
N GLY B 673 -20.34 -0.70 -46.62
CA GLY B 673 -19.63 0.55 -46.58
C GLY B 673 -18.32 0.40 -45.84
N ARG B 674 -18.34 -0.37 -44.76
CA ARG B 674 -17.15 -0.74 -44.00
C ARG B 674 -17.06 -2.26 -43.97
N LEU B 675 -15.98 -2.79 -44.54
CA LEU B 675 -15.80 -4.23 -44.70
C LEU B 675 -16.96 -4.85 -45.48
N ASP B 676 -17.48 -4.11 -46.47
CA ASP B 676 -18.63 -4.59 -47.23
C ASP B 676 -18.27 -5.81 -48.08
N ARG B 677 -17.07 -5.80 -48.67
CA ARG B 677 -16.67 -6.91 -49.54
C ARG B 677 -16.51 -8.19 -48.73
N HIS B 678 -17.11 -9.27 -49.22
CA HIS B 678 -17.07 -10.56 -48.56
C HIS B 678 -16.62 -11.63 -49.54
N ILE B 679 -15.74 -12.52 -49.08
CA ILE B 679 -15.24 -13.62 -49.88
C ILE B 679 -15.60 -14.92 -49.19
N TYR B 680 -16.20 -15.84 -49.94
CA TYR B 680 -16.58 -17.13 -49.36
C TYR B 680 -15.36 -17.91 -48.90
N VAL B 681 -14.33 -17.97 -49.74
CA VAL B 681 -13.07 -18.71 -49.53
C VAL B 681 -13.29 -20.00 -48.73
N GLY B 682 -13.60 -21.08 -49.44
CA GLY B 682 -13.85 -22.35 -48.82
C GLY B 682 -12.59 -23.14 -48.56
N PRO B 683 -12.71 -24.46 -48.44
CA PRO B 683 -11.52 -25.28 -48.22
C PRO B 683 -10.60 -25.22 -49.41
N PRO B 684 -9.29 -25.37 -49.20
CA PRO B 684 -8.35 -25.31 -50.32
C PRO B 684 -8.59 -26.43 -51.31
N ASP B 685 -8.37 -26.13 -52.59
CA ASP B 685 -8.57 -27.09 -53.66
C ASP B 685 -7.29 -27.89 -53.88
N VAL B 686 -7.23 -28.64 -54.98
CA VAL B 686 -6.16 -29.62 -55.19
C VAL B 686 -4.81 -28.93 -55.29
N ASN B 687 -4.71 -27.91 -56.16
CA ASN B 687 -3.42 -27.28 -56.38
C ASN B 687 -2.94 -26.52 -55.15
N ALA B 688 -3.85 -25.87 -54.43
CA ALA B 688 -3.47 -25.19 -53.19
C ALA B 688 -2.99 -26.19 -52.15
N ARG B 689 -3.70 -27.32 -52.01
CA ARG B 689 -3.24 -28.38 -51.12
C ARG B 689 -1.92 -28.97 -51.60
N LEU B 690 -1.77 -29.13 -52.91
CA LEU B 690 -0.48 -29.57 -53.46
C LEU B 690 0.60 -28.55 -53.15
N GLU B 691 0.28 -27.27 -53.25
CA GLU B 691 1.27 -26.23 -52.99
C GLU B 691 1.71 -26.22 -51.53
N ILE B 692 0.76 -26.36 -50.60
CA ILE B 692 1.13 -26.37 -49.19
C ILE B 692 1.87 -27.67 -48.83
N LEU B 693 1.52 -28.78 -49.48
CA LEU B 693 2.28 -30.01 -49.28
C LEU B 693 3.72 -29.85 -49.75
N LYS B 694 3.91 -29.20 -50.91
CA LYS B 694 5.26 -28.92 -51.38
C LYS B 694 6.00 -28.01 -50.43
N LYS B 695 5.32 -27.00 -49.89
CA LYS B 695 5.93 -26.11 -48.90
C LYS B 695 6.40 -26.88 -47.67
N CYS B 696 5.55 -27.78 -47.17
CA CYS B 696 5.92 -28.59 -46.02
C CYS B 696 6.97 -29.63 -46.36
N THR B 697 7.12 -29.98 -47.63
CA THR B 697 8.10 -30.96 -48.08
C THR B 697 9.42 -30.31 -48.48
N LYS B 698 9.56 -29.00 -48.30
CA LYS B 698 10.80 -28.32 -48.67
C LYS B 698 11.99 -28.85 -47.89
N LYS B 699 11.80 -29.11 -46.60
CA LYS B 699 12.88 -29.68 -45.80
C LYS B 699 13.28 -31.06 -46.30
N PHE B 700 12.31 -31.88 -46.67
CA PHE B 700 12.57 -33.22 -47.18
C PHE B 700 12.90 -33.15 -48.67
N ASN B 701 13.10 -34.32 -49.28
CA ASN B 701 13.38 -34.45 -50.71
C ASN B 701 12.19 -35.11 -51.38
N THR B 702 11.66 -34.45 -52.41
CA THR B 702 10.49 -34.99 -53.10
C THR B 702 10.87 -36.17 -53.99
N GLU B 703 12.00 -36.07 -54.69
CA GLU B 703 12.40 -37.13 -55.61
C GLU B 703 12.86 -38.38 -54.86
N GLU B 704 13.45 -38.22 -53.68
CA GLU B 704 13.84 -39.38 -52.88
C GLU B 704 12.62 -40.15 -52.41
N SER B 705 11.56 -39.45 -51.99
CA SER B 705 10.36 -40.13 -51.53
C SER B 705 9.62 -40.80 -52.67
N GLY B 706 9.78 -40.31 -53.89
CA GLY B 706 9.13 -40.89 -55.05
C GLY B 706 7.69 -40.47 -55.26
N VAL B 707 7.16 -39.58 -54.42
CA VAL B 707 5.79 -39.13 -54.55
C VAL B 707 5.70 -38.11 -55.69
N ASP B 708 4.65 -38.24 -56.51
CA ASP B 708 4.42 -37.33 -57.62
C ASP B 708 3.59 -36.13 -57.24
N LEU B 709 3.24 -35.99 -55.96
CA LEU B 709 2.46 -34.89 -55.38
C LEU B 709 1.01 -34.90 -55.83
N HIS B 710 0.61 -35.81 -56.71
CA HIS B 710 -0.77 -35.89 -57.19
C HIS B 710 -1.60 -36.92 -56.43
N GLU B 711 -1.03 -38.09 -56.14
CA GLU B 711 -1.76 -39.11 -55.39
C GLU B 711 -2.07 -38.63 -53.98
N LEU B 712 -1.11 -37.97 -53.33
CA LEU B 712 -1.35 -37.44 -51.99
C LEU B 712 -2.42 -36.36 -52.01
N ALA B 713 -2.39 -35.49 -53.02
CA ALA B 713 -3.41 -34.45 -53.14
C ALA B 713 -4.79 -35.06 -53.37
N ASP B 714 -4.87 -36.10 -54.21
CA ASP B 714 -6.15 -36.76 -54.45
C ASP B 714 -6.67 -37.43 -53.17
N ARG B 715 -5.78 -38.10 -52.43
CA ARG B 715 -6.19 -38.73 -51.18
C ARG B 715 -6.62 -37.70 -50.15
N THR B 716 -5.87 -36.60 -50.03
CA THR B 716 -6.16 -35.55 -49.06
C THR B 716 -6.88 -34.42 -49.80
N GLU B 717 -8.20 -34.53 -49.87
CA GLU B 717 -9.02 -33.55 -50.57
C GLU B 717 -9.98 -32.80 -49.66
N GLY B 718 -10.57 -33.47 -48.67
CA GLY B 718 -11.49 -32.86 -47.75
C GLY B 718 -10.87 -32.33 -46.47
N TYR B 719 -9.54 -32.30 -46.39
CA TYR B 719 -8.85 -31.89 -45.18
C TYR B 719 -8.58 -30.38 -45.21
N SER B 720 -7.78 -29.90 -44.27
CA SER B 720 -7.45 -28.48 -44.15
C SER B 720 -5.95 -28.30 -44.15
N GLY B 721 -5.52 -27.04 -44.30
CA GLY B 721 -4.10 -26.74 -44.32
C GLY B 721 -3.41 -27.09 -43.01
N ALA B 722 -4.03 -26.72 -41.89
CA ALA B 722 -3.48 -27.11 -40.59
C ALA B 722 -3.48 -28.61 -40.43
N GLU B 723 -4.54 -29.28 -40.90
CA GLU B 723 -4.57 -30.74 -40.88
C GLU B 723 -3.47 -31.33 -41.76
N VAL B 724 -3.20 -30.70 -42.91
CA VAL B 724 -2.12 -31.17 -43.79
C VAL B 724 -0.78 -31.03 -43.08
N VAL B 725 -0.56 -29.90 -42.40
CA VAL B 725 0.69 -29.71 -41.67
C VAL B 725 0.83 -30.75 -40.56
N LEU B 726 -0.27 -31.02 -39.85
CA LEU B 726 -0.24 -32.04 -38.79
C LEU B 726 0.08 -33.42 -39.36
N LEU B 727 -0.52 -33.75 -40.52
CA LEU B 727 -0.23 -35.04 -41.15
C LEU B 727 1.23 -35.13 -41.57
N CYS B 728 1.78 -34.05 -42.11
CA CYS B 728 3.19 -34.05 -42.49
C CYS B 728 4.09 -34.23 -41.27
N GLN B 729 3.76 -33.55 -40.16
CA GLN B 729 4.53 -33.70 -38.94
C GLN B 729 4.46 -35.14 -38.41
N GLU B 730 3.27 -35.73 -38.42
CA GLU B 730 3.13 -37.10 -37.95
C GLU B 730 3.89 -38.08 -38.83
N ALA B 731 3.84 -37.88 -40.15
CA ALA B 731 4.61 -38.73 -41.06
C ALA B 731 6.10 -38.59 -40.82
N GLY B 732 6.57 -37.37 -40.59
CA GLY B 732 7.98 -37.18 -40.28
C GLY B 732 8.38 -37.86 -38.98
N LEU B 733 7.54 -37.76 -37.95
CA LEU B 733 7.82 -38.43 -36.70
C LEU B 733 7.87 -39.94 -36.88
N ALA B 734 6.92 -40.50 -37.63
CA ALA B 734 6.92 -41.94 -37.88
C ALA B 734 8.17 -42.36 -38.64
N ALA B 735 8.59 -41.55 -39.62
CA ALA B 735 9.80 -41.87 -40.37
C ALA B 735 11.03 -41.83 -39.48
N ILE B 736 11.15 -40.81 -38.63
CA ILE B 736 12.35 -40.68 -37.80
C ILE B 736 12.36 -41.64 -36.61
N MET B 737 11.21 -42.22 -36.26
CA MET B 737 11.21 -43.26 -35.23
C MET B 737 11.51 -44.65 -35.77
N GLU B 738 11.77 -44.78 -37.07
CA GLU B 738 12.09 -46.10 -37.63
C GLU B 738 13.56 -46.42 -37.41
N ASP B 739 14.46 -45.61 -37.98
CA ASP B 739 15.90 -45.83 -37.85
C ASP B 739 16.60 -44.51 -37.55
N LEU B 740 16.06 -43.76 -36.59
CA LEU B 740 16.63 -42.50 -36.11
C LEU B 740 16.62 -41.50 -37.27
N ASP B 741 17.75 -40.89 -37.63
CA ASP B 741 17.75 -39.88 -38.68
C ASP B 741 17.43 -40.50 -40.03
N VAL B 742 16.62 -39.80 -40.81
CA VAL B 742 16.23 -40.24 -42.15
C VAL B 742 16.47 -39.11 -43.13
N ALA B 743 16.93 -39.46 -44.33
CA ALA B 743 17.10 -38.49 -45.39
C ALA B 743 15.84 -38.26 -46.21
N LYS B 744 14.80 -39.08 -46.01
CA LYS B 744 13.56 -38.97 -46.77
C LYS B 744 12.44 -39.57 -45.95
N VAL B 745 11.20 -39.27 -46.35
CA VAL B 745 10.00 -39.77 -45.71
C VAL B 745 9.31 -40.73 -46.66
N GLU B 746 8.92 -41.90 -46.15
CA GLU B 746 8.28 -42.92 -46.96
C GLU B 746 6.78 -42.67 -47.05
N LEU B 747 6.18 -43.23 -48.11
CA LEU B 747 4.74 -43.06 -48.33
C LEU B 747 3.91 -43.79 -47.29
N ARG B 748 4.45 -44.87 -46.71
CA ARG B 748 3.70 -45.63 -45.71
C ARG B 748 3.46 -44.79 -44.46
N HIS B 749 4.44 -43.96 -44.07
CA HIS B 749 4.24 -43.07 -42.93
C HIS B 749 3.12 -42.08 -43.20
N PHE B 750 3.08 -41.51 -44.41
CA PHE B 750 2.02 -40.58 -44.76
C PHE B 750 0.66 -41.27 -44.76
N GLU B 751 0.60 -42.50 -45.29
CA GLU B 751 -0.65 -43.25 -45.28
C GLU B 751 -1.12 -43.54 -43.85
N LYS B 752 -0.19 -43.92 -42.97
CA LYS B 752 -0.54 -44.18 -41.59
C LYS B 752 -1.04 -42.92 -40.91
N ALA B 753 -0.39 -41.79 -41.16
CA ALA B 753 -0.84 -40.52 -40.60
C ALA B 753 -2.24 -40.16 -41.10
N PHE B 754 -2.48 -40.36 -42.40
CA PHE B 754 -3.79 -40.05 -42.97
C PHE B 754 -4.87 -40.94 -42.36
N LYS B 755 -4.58 -42.23 -42.17
CA LYS B 755 -5.58 -43.14 -41.61
C LYS B 755 -5.84 -42.85 -40.14
N GLY B 756 -4.78 -42.66 -39.35
CA GLY B 756 -4.95 -42.48 -37.92
C GLY B 756 -5.62 -41.18 -37.54
N ILE B 757 -5.27 -40.09 -38.22
CA ILE B 757 -5.77 -38.76 -37.89
C ILE B 757 -6.92 -38.41 -38.81
N ALA B 758 -8.01 -37.92 -38.23
CA ALA B 758 -9.19 -37.51 -38.97
C ALA B 758 -9.17 -36.00 -39.22
N ARG B 759 -9.96 -35.58 -40.20
CA ARG B 759 -10.01 -34.16 -40.55
C ARG B 759 -10.57 -33.32 -39.41
N GLY B 760 -11.62 -33.79 -38.76
CA GLY B 760 -12.30 -33.01 -37.75
C GLY B 760 -13.25 -31.98 -38.27
N ILE B 761 -13.49 -31.95 -39.58
CA ILE B 761 -14.39 -30.98 -40.21
C ILE B 761 -15.67 -31.71 -40.62
N THR B 762 -16.77 -30.98 -40.61
CA THR B 762 -18.08 -31.52 -40.92
C THR B 762 -18.75 -30.68 -41.99
N PRO B 763 -19.64 -31.27 -42.79
CA PRO B 763 -20.39 -30.47 -43.77
C PRO B 763 -21.30 -29.43 -43.15
N GLU B 764 -21.58 -29.53 -41.85
CA GLU B 764 -22.47 -28.57 -41.20
C GLU B 764 -21.89 -27.15 -41.25
N MET B 765 -20.58 -27.00 -40.99
CA MET B 765 -19.97 -25.68 -41.05
C MET B 765 -19.95 -25.14 -42.48
N LEU B 766 -19.73 -26.02 -43.46
CA LEU B 766 -19.78 -25.58 -44.86
C LEU B 766 -21.19 -25.10 -45.23
N SER B 767 -22.22 -25.82 -44.80
CA SER B 767 -23.59 -25.39 -45.06
C SER B 767 -23.90 -24.08 -44.35
N TYR B 768 -23.38 -23.91 -43.13
CA TYR B 768 -23.59 -22.66 -42.40
C TYR B 768 -22.94 -21.49 -43.13
N TYR B 769 -21.72 -21.67 -43.63
CA TYR B 769 -21.08 -20.62 -44.39
C TYR B 769 -21.83 -20.33 -45.69
N GLU B 770 -22.33 -21.38 -46.35
CA GLU B 770 -23.07 -21.18 -47.59
C GLU B 770 -24.36 -20.39 -47.34
N GLU B 771 -25.09 -20.73 -46.27
CA GLU B 771 -26.33 -20.01 -46.00
C GLU B 771 -26.07 -18.60 -45.49
N PHE B 772 -24.95 -18.37 -44.81
CA PHE B 772 -24.57 -17.00 -44.46
C PHE B 772 -24.25 -16.19 -45.71
N ALA B 773 -23.54 -16.79 -46.67
CA ALA B 773 -23.23 -16.09 -47.91
C ALA B 773 -24.48 -15.82 -48.73
N LEU B 774 -25.45 -16.74 -48.69
CA LEU B 774 -26.68 -16.56 -49.44
C LEU B 774 -27.45 -15.34 -48.95
N ARG B 775 -27.54 -15.16 -47.62
CA ARG B 775 -28.27 -14.03 -47.07
C ARG B 775 -27.52 -12.71 -47.25
N SER B 776 -26.22 -12.76 -47.55
CA SER B 776 -25.44 -11.54 -47.74
C SER B 776 -25.38 -11.16 -49.21
N PHE C 28 51.76 8.99 5.30
CA PHE C 28 50.39 9.44 5.06
C PHE C 28 49.74 8.64 3.94
N LYS C 29 50.47 7.64 3.43
CA LYS C 29 49.93 6.81 2.37
C LYS C 29 48.73 6.01 2.84
N LEU C 30 48.81 5.46 4.06
CA LEU C 30 47.74 4.70 4.69
C LEU C 30 47.29 3.53 3.81
N PRO C 31 48.14 2.51 3.63
CA PRO C 31 47.73 1.36 2.79
C PRO C 31 46.71 0.50 3.53
N ALA C 32 45.68 0.07 2.80
CA ALA C 32 44.59 -0.68 3.40
C ALA C 32 44.54 -2.14 2.95
N GLU C 33 44.51 -2.39 1.64
CA GLU C 33 44.39 -3.74 1.12
C GLU C 33 45.39 -3.94 -0.02
N PHE C 34 45.90 -5.17 -0.13
CA PHE C 34 46.93 -5.52 -1.09
C PHE C 34 46.46 -6.67 -1.95
N ILE C 35 47.02 -6.76 -3.16
CA ILE C 35 46.64 -7.74 -4.15
C ILE C 35 47.89 -8.42 -4.69
N THR C 36 47.84 -9.75 -4.81
CA THR C 36 48.99 -10.54 -5.20
C THR C 36 49.23 -10.46 -6.71
N ARG C 37 50.41 -10.94 -7.12
CA ARG C 37 50.81 -10.94 -8.53
C ARG C 37 51.97 -11.91 -8.71
N PRO C 38 52.00 -12.67 -9.81
CA PRO C 38 53.15 -13.55 -10.06
C PRO C 38 54.43 -12.75 -10.27
N HIS C 39 55.55 -13.37 -9.91
CA HIS C 39 56.85 -12.72 -10.07
C HIS C 39 57.22 -12.64 -11.55
N PRO C 40 57.52 -11.45 -12.06
CA PRO C 40 57.85 -11.32 -13.48
C PRO C 40 59.29 -11.75 -13.77
N SER C 41 59.56 -11.94 -15.07
CA SER C 41 60.86 -12.25 -15.65
C SER C 41 61.38 -13.64 -15.29
N LYS C 42 60.66 -14.40 -14.45
CA LYS C 42 61.07 -15.74 -14.04
C LYS C 42 62.50 -15.75 -13.50
N ASP C 43 63.42 -16.31 -14.27
CA ASP C 43 64.83 -16.43 -13.89
C ASP C 43 64.97 -17.08 -12.52
N HIS C 44 65.92 -16.60 -11.71
CA HIS C 44 66.08 -17.08 -10.35
C HIS C 44 65.74 -15.99 -9.33
N GLY C 45 66.44 -14.86 -9.39
CA GLY C 45 66.19 -13.73 -8.51
C GLY C 45 66.01 -14.10 -7.06
N LYS C 46 64.85 -13.75 -6.49
CA LYS C 46 64.46 -14.23 -5.18
C LYS C 46 63.59 -15.47 -5.28
N GLU C 47 62.45 -15.36 -5.96
CA GLU C 47 61.57 -16.49 -6.30
C GLU C 47 60.85 -17.04 -5.07
N THR C 48 61.24 -16.60 -3.89
CA THR C 48 60.57 -16.97 -2.65
C THR C 48 60.21 -15.78 -1.79
N CYS C 49 61.06 -14.76 -1.75
CA CYS C 49 60.82 -13.59 -0.90
C CYS C 49 60.94 -12.31 -1.69
N THR C 50 60.31 -12.25 -2.87
CA THR C 50 60.33 -11.05 -3.69
C THR C 50 59.70 -9.89 -2.95
N ALA C 51 58.40 -9.99 -2.67
CA ALA C 51 57.66 -9.02 -1.87
C ALA C 51 57.91 -7.60 -2.36
N TYR C 52 57.69 -7.38 -3.65
CA TYR C 52 57.92 -6.06 -4.25
C TYR C 52 56.92 -5.07 -3.69
N ILE C 53 57.38 -4.20 -2.80
CA ILE C 53 56.52 -3.25 -2.09
C ILE C 53 57.22 -1.90 -2.06
N HIS C 54 56.45 -0.83 -2.23
CA HIS C 54 57.01 0.52 -2.23
C HIS C 54 57.68 0.80 -0.89
N PRO C 55 58.80 1.54 -0.88
CA PRO C 55 59.50 1.81 0.39
C PRO C 55 58.66 2.59 1.39
N ASN C 56 57.64 3.33 0.93
CA ASN C 56 56.79 4.07 1.87
C ASN C 56 56.05 3.11 2.81
N VAL C 57 55.52 2.01 2.26
CA VAL C 57 54.85 1.02 3.10
C VAL C 57 55.86 0.35 4.02
N LEU C 58 57.09 0.13 3.54
CA LEU C 58 58.12 -0.47 4.39
C LEU C 58 58.44 0.42 5.58
N SER C 59 58.54 1.73 5.36
CA SER C 59 58.79 2.66 6.46
C SER C 59 57.57 2.79 7.36
N SER C 60 56.36 2.67 6.80
CA SER C 60 55.15 2.79 7.61
C SER C 60 55.00 1.61 8.57
N LEU C 61 55.52 0.44 8.21
CA LEU C 61 55.42 -0.73 9.08
C LEU C 61 56.50 -0.78 10.14
N GLU C 62 57.48 0.13 10.09
CA GLU C 62 58.55 0.21 11.09
C GLU C 62 59.30 -1.11 11.21
N ILE C 63 59.60 -1.74 10.07
CA ILE C 63 60.32 -3.00 10.04
C ILE C 63 61.36 -2.93 8.93
N ASN C 64 62.54 -3.51 9.20
CA ASN C 64 63.63 -3.50 8.24
C ASN C 64 63.21 -4.21 6.96
N PRO C 65 63.40 -3.59 5.78
CA PRO C 65 63.10 -4.29 4.53
C PRO C 65 63.85 -5.60 4.37
N GLY C 66 65.05 -5.71 4.91
CA GLY C 66 65.78 -6.96 4.88
C GLY C 66 65.38 -7.90 6.00
N SER C 67 64.07 -8.07 6.20
CA SER C 67 63.53 -8.92 7.24
C SER C 67 62.29 -9.62 6.71
N PHE C 68 61.52 -10.21 7.61
CA PHE C 68 60.35 -10.98 7.24
C PHE C 68 59.12 -10.09 7.08
N CYS C 69 58.19 -10.53 6.25
CA CYS C 69 56.92 -9.86 6.02
C CYS C 69 55.78 -10.85 6.18
N THR C 70 54.57 -10.32 6.31
CA THR C 70 53.39 -11.14 6.54
C THR C 70 52.28 -10.74 5.56
N VAL C 71 51.46 -11.71 5.18
CA VAL C 71 50.31 -11.48 4.32
C VAL C 71 49.07 -11.96 5.07
N GLY C 72 48.20 -11.03 5.45
CA GLY C 72 47.07 -11.37 6.31
C GLY C 72 46.06 -12.27 5.63
N LYS C 73 45.70 -11.95 4.39
CA LYS C 73 44.78 -12.73 3.54
C LYS C 73 43.44 -13.02 4.22
N ILE C 74 43.15 -12.31 5.32
CA ILE C 74 41.89 -12.41 6.06
C ILE C 74 41.70 -13.82 6.63
N GLY C 75 41.90 -13.95 7.95
CA GLY C 75 41.72 -15.24 8.60
C GLY C 75 42.90 -16.17 8.37
N GLU C 76 42.62 -17.46 8.55
CA GLU C 76 43.60 -18.55 8.41
C GLU C 76 44.94 -18.17 9.01
N ASN C 77 44.93 -17.98 10.33
CA ASN C 77 46.11 -17.52 11.06
C ASN C 77 47.35 -18.35 10.71
N GLY C 78 48.50 -17.70 10.75
CA GLY C 78 49.74 -18.24 10.25
C GLY C 78 50.40 -17.22 9.35
N ILE C 79 49.56 -16.50 8.60
CA ILE C 79 49.87 -15.24 7.92
C ILE C 79 51.06 -15.35 6.97
N LEU C 80 51.62 -16.55 6.84
CA LEU C 80 52.66 -16.85 5.85
C LEU C 80 53.83 -15.88 5.95
N VAL C 81 54.53 -15.96 7.08
CA VAL C 81 55.65 -15.08 7.36
C VAL C 81 56.78 -15.41 6.38
N ILE C 82 57.04 -14.50 5.43
CA ILE C 82 58.07 -14.67 4.42
C ILE C 82 58.93 -13.40 4.42
N ALA C 83 60.19 -13.57 4.02
CA ALA C 83 61.12 -12.44 4.00
C ALA C 83 60.70 -11.42 2.95
N ARG C 84 61.26 -10.21 3.07
CA ARG C 84 60.88 -9.08 2.25
C ARG C 84 62.08 -8.54 1.47
N ALA C 85 61.78 -7.83 0.39
CA ALA C 85 62.79 -7.17 -0.42
C ALA C 85 62.18 -5.92 -1.03
N GLY C 86 63.05 -4.99 -1.43
CA GLY C 86 62.63 -3.72 -1.98
C GLY C 86 62.50 -3.75 -3.50
N ASP C 87 61.69 -2.83 -4.01
CA ASP C 87 61.46 -2.68 -5.44
C ASP C 87 62.38 -1.59 -6.00
N GLU C 88 62.12 -1.21 -7.26
CA GLU C 88 62.91 -0.20 -7.96
C GLU C 88 62.10 1.06 -8.25
N GLU C 89 61.11 1.35 -7.40
CA GLU C 89 60.32 2.58 -7.33
C GLU C 89 59.27 2.71 -8.44
N VAL C 90 59.15 1.74 -9.35
CA VAL C 90 58.10 1.77 -10.35
C VAL C 90 56.96 0.82 -10.02
N HIS C 91 57.20 -0.18 -9.18
CA HIS C 91 56.15 -1.12 -8.78
C HIS C 91 55.06 -0.38 -8.01
N PRO C 92 53.80 -0.46 -8.44
CA PRO C 92 52.73 0.25 -7.72
C PRO C 92 52.53 -0.29 -6.31
N VAL C 93 52.02 0.60 -5.45
CA VAL C 93 51.91 0.30 -4.02
C VAL C 93 50.93 -0.84 -3.79
N ASN C 94 49.77 -0.78 -4.48
CA ASN C 94 48.69 -1.72 -4.17
C ASN C 94 49.08 -3.16 -4.44
N VAL C 95 49.78 -3.41 -5.55
CA VAL C 95 50.06 -4.79 -5.96
C VAL C 95 51.32 -5.29 -5.25
N ILE C 96 51.32 -6.59 -4.93
CA ILE C 96 52.43 -7.24 -4.26
C ILE C 96 52.71 -8.55 -4.99
N THR C 97 53.95 -9.02 -4.91
CA THR C 97 54.38 -10.26 -5.55
C THR C 97 54.65 -11.32 -4.50
N LEU C 98 54.02 -12.49 -4.65
CA LEU C 98 54.21 -13.61 -3.75
C LEU C 98 54.83 -14.83 -4.40
N SER C 99 55.10 -14.76 -5.72
CA SER C 99 55.72 -15.85 -6.48
C SER C 99 54.81 -17.06 -6.61
N THR C 100 54.96 -17.80 -7.73
CA THR C 100 54.09 -18.94 -8.00
C THR C 100 54.29 -20.05 -6.97
N THR C 101 55.50 -20.19 -6.42
CA THR C 101 55.75 -21.23 -5.43
C THR C 101 54.88 -21.03 -4.20
N ILE C 102 54.92 -19.84 -3.60
CA ILE C 102 54.10 -19.56 -2.44
C ILE C 102 52.62 -19.53 -2.82
N ARG C 103 52.30 -19.05 -4.02
CA ARG C 103 50.91 -19.05 -4.47
C ARG C 103 50.33 -20.45 -4.48
N SER C 104 51.10 -21.43 -4.95
CA SER C 104 50.65 -22.82 -4.93
C SER C 104 50.71 -23.41 -3.53
N VAL C 105 51.67 -22.97 -2.70
CA VAL C 105 51.79 -23.50 -1.35
C VAL C 105 50.55 -23.16 -0.52
N GLY C 106 50.17 -21.87 -0.53
CA GLY C 106 49.06 -21.42 0.26
C GLY C 106 47.74 -21.31 -0.45
N ASN C 107 47.68 -21.69 -1.74
CA ASN C 107 46.48 -21.55 -2.56
C ASN C 107 46.02 -20.10 -2.62
N LEU C 108 46.97 -19.16 -2.62
CA LEU C 108 46.66 -17.73 -2.70
C LEU C 108 46.36 -17.41 -4.16
N ILE C 109 45.07 -17.34 -4.51
CA ILE C 109 44.67 -17.08 -5.88
C ILE C 109 44.76 -15.58 -6.16
N LEU C 110 44.79 -15.23 -7.45
CA LEU C 110 44.92 -13.84 -7.84
C LEU C 110 43.68 -13.04 -7.46
N GLY C 111 43.88 -11.75 -7.17
CA GLY C 111 42.80 -10.85 -6.86
C GLY C 111 42.36 -10.84 -5.41
N ASP C 112 42.98 -11.64 -4.55
CA ASP C 112 42.59 -11.69 -3.15
C ASP C 112 43.08 -10.46 -2.40
N ARG C 113 42.44 -10.16 -1.27
CA ARG C 113 42.89 -9.05 -0.44
C ARG C 113 43.88 -9.54 0.62
N LEU C 114 44.89 -8.73 0.88
CA LEU C 114 45.96 -9.10 1.81
C LEU C 114 46.23 -7.95 2.78
N GLU C 115 46.76 -8.31 3.95
CA GLU C 115 47.11 -7.36 4.99
C GLU C 115 48.53 -7.63 5.46
N LEU C 116 49.17 -6.59 5.98
CA LEU C 116 50.54 -6.67 6.45
C LEU C 116 50.63 -6.31 7.93
N LYS C 117 51.46 -7.05 8.66
CA LYS C 117 51.69 -6.82 10.07
C LYS C 117 53.12 -7.23 10.40
N LYS C 118 53.53 -6.97 11.64
CA LYS C 118 54.88 -7.29 12.06
C LYS C 118 55.13 -8.79 12.06
N ALA C 119 56.38 -9.18 11.80
CA ALA C 119 56.74 -10.57 11.72
C ALA C 119 56.73 -11.23 13.10
N GLN C 120 56.63 -12.55 13.10
CA GLN C 120 56.59 -13.33 14.33
C GLN C 120 58.01 -13.73 14.75
N VAL C 121 58.10 -14.64 15.73
CA VAL C 121 59.41 -15.06 16.21
C VAL C 121 60.12 -15.90 15.15
N GLN C 122 61.45 -15.91 15.23
CA GLN C 122 62.26 -16.65 14.28
C GLN C 122 62.05 -18.16 14.45
N PRO C 123 62.08 -18.92 13.36
CA PRO C 123 61.88 -20.37 13.44
C PRO C 123 63.00 -21.03 14.23
N PRO C 124 62.67 -22.05 15.03
CA PRO C 124 63.71 -22.74 15.81
C PRO C 124 64.74 -23.48 14.97
N TYR C 125 64.28 -24.42 14.14
CA TYR C 125 65.16 -25.28 13.35
C TYR C 125 64.30 -26.18 12.48
N ALA C 126 64.96 -26.87 11.55
CA ALA C 126 64.34 -27.88 10.69
C ALA C 126 64.97 -29.22 10.97
N THR C 127 64.14 -30.24 11.20
CA THR C 127 64.65 -31.52 11.68
C THR C 127 64.92 -32.53 10.56
N LYS C 128 63.88 -32.93 9.83
CA LYS C 128 64.00 -34.04 8.89
C LYS C 128 63.74 -33.65 7.45
N VAL C 129 62.57 -33.04 7.16
CA VAL C 129 62.04 -32.69 5.84
C VAL C 129 62.14 -33.84 4.85
N THR C 130 60.99 -34.29 4.33
CA THR C 130 60.92 -35.47 3.49
C THR C 130 60.14 -35.17 2.22
N VAL C 131 60.67 -35.63 1.08
CA VAL C 131 60.05 -35.35 -0.22
C VAL C 131 58.97 -36.39 -0.51
N GLY C 132 58.05 -36.04 -1.41
CA GLY C 132 56.92 -36.89 -1.73
C GLY C 132 56.84 -37.38 -3.16
N SER C 133 57.51 -36.70 -4.09
CA SER C 133 57.54 -37.08 -5.50
C SER C 133 56.13 -37.15 -6.09
N LEU C 134 55.52 -35.96 -6.17
CA LEU C 134 54.14 -35.83 -6.63
C LEU C 134 53.96 -36.41 -8.03
N GLN C 135 52.82 -37.09 -8.22
CA GLN C 135 52.35 -37.64 -9.50
C GLN C 135 53.46 -38.30 -10.32
N GLY C 136 54.38 -38.97 -9.65
CA GLY C 136 55.45 -39.66 -10.33
C GLY C 136 55.71 -41.01 -9.71
N TYR C 137 56.42 -41.85 -10.46
CA TYR C 137 56.80 -43.18 -9.99
C TYR C 137 58.08 -43.17 -9.16
N ASN C 138 58.53 -42.00 -8.72
CA ASN C 138 59.74 -41.82 -7.92
C ASN C 138 60.92 -42.35 -8.74
N ILE C 139 61.87 -43.04 -8.12
CA ILE C 139 63.07 -43.54 -8.77
C ILE C 139 63.75 -42.37 -9.49
N LEU C 140 64.08 -41.33 -8.73
CA LEU C 140 64.66 -40.11 -9.28
C LEU C 140 66.18 -40.07 -9.17
N GLU C 141 66.81 -41.16 -8.71
CA GLU C 141 68.25 -41.15 -8.46
C GLU C 141 69.04 -40.84 -9.72
N CYS C 142 68.59 -41.33 -10.88
CA CYS C 142 69.27 -41.03 -12.13
C CYS C 142 69.24 -39.55 -12.46
N MET C 143 68.10 -38.89 -12.23
CA MET C 143 67.93 -37.48 -12.50
C MET C 143 68.05 -36.62 -11.24
N GLU C 144 68.47 -37.21 -10.13
CA GLU C 144 68.48 -36.52 -8.84
C GLU C 144 69.48 -35.36 -8.88
N GLU C 145 70.76 -35.67 -9.09
CA GLU C 145 71.81 -34.66 -9.26
C GLU C 145 71.83 -33.67 -8.10
N LYS C 146 71.70 -34.20 -6.88
CA LYS C 146 71.75 -33.43 -5.64
C LYS C 146 70.69 -32.33 -5.65
N VAL C 147 69.43 -32.79 -5.60
CA VAL C 147 68.26 -31.90 -5.60
C VAL C 147 68.33 -30.91 -4.44
N ILE C 148 69.02 -31.28 -3.36
CA ILE C 148 68.99 -30.49 -2.13
C ILE C 148 69.49 -29.07 -2.38
N GLN C 149 70.57 -28.92 -3.14
CA GLN C 149 71.07 -27.59 -3.46
C GLN C 149 70.05 -26.82 -4.30
N LYS C 150 69.39 -27.49 -5.25
CA LYS C 150 68.36 -26.83 -6.03
C LYS C 150 67.16 -26.43 -5.18
N LEU C 151 66.85 -27.21 -4.15
CA LEU C 151 65.73 -26.88 -3.27
C LEU C 151 66.07 -25.71 -2.37
N LEU C 152 67.27 -25.71 -1.77
CA LEU C 152 67.63 -24.73 -0.75
C LEU C 152 68.73 -23.78 -1.23
N ASP C 153 68.76 -23.46 -2.52
CA ASP C 153 69.58 -22.38 -3.03
C ASP C 153 68.88 -21.03 -2.95
N ASP C 154 67.88 -20.92 -2.08
CA ASP C 154 67.00 -19.77 -2.01
C ASP C 154 66.88 -19.31 -0.57
N SER C 155 66.60 -18.02 -0.40
CA SER C 155 66.39 -17.43 0.92
C SER C 155 64.95 -17.66 1.37
N GLY C 156 64.76 -17.81 2.68
CA GLY C 156 63.45 -18.08 3.23
C GLY C 156 63.09 -19.54 3.16
N VAL C 157 62.23 -19.89 2.19
CA VAL C 157 61.87 -21.27 1.88
C VAL C 157 61.19 -21.95 3.07
N ILE C 158 59.86 -21.94 3.08
CA ILE C 158 59.10 -22.62 4.12
C ILE C 158 59.10 -24.12 3.84
N MET C 159 59.57 -24.90 4.81
CA MET C 159 59.78 -26.34 4.61
C MET C 159 58.53 -27.11 4.18
N PRO C 160 57.34 -26.91 4.76
CA PRO C 160 56.18 -27.68 4.30
C PRO C 160 55.79 -27.40 2.85
N GLY C 161 56.19 -26.27 2.27
CA GLY C 161 55.85 -26.00 0.89
C GLY C 161 56.97 -25.61 -0.05
N MET C 162 57.28 -26.47 -1.02
CA MET C 162 58.10 -26.12 -2.18
C MET C 162 57.46 -26.73 -3.41
N ILE C 163 57.06 -25.88 -4.35
CA ILE C 163 56.63 -26.32 -5.67
C ILE C 163 57.40 -25.52 -6.71
N PHE C 164 58.19 -26.22 -7.52
CA PHE C 164 59.04 -25.58 -8.54
C PHE C 164 58.91 -26.34 -9.84
N GLN C 165 59.21 -25.63 -10.93
CA GLN C 165 59.21 -26.25 -12.25
C GLN C 165 60.37 -27.23 -12.37
N ASN C 166 60.22 -28.20 -13.28
CA ASN C 166 61.24 -29.23 -13.45
C ASN C 166 62.58 -28.64 -13.87
N LEU C 167 62.56 -27.52 -14.59
CA LEU C 167 63.77 -26.87 -15.11
C LEU C 167 64.47 -27.88 -16.02
N LYS C 168 65.75 -28.17 -15.82
CA LYS C 168 66.48 -29.12 -16.65
C LYS C 168 67.14 -30.15 -15.75
N THR C 169 66.75 -31.41 -15.91
CA THR C 169 67.33 -32.52 -15.15
C THR C 169 67.81 -33.57 -16.14
N LYS C 170 69.14 -33.71 -16.26
CA LYS C 170 69.82 -34.62 -17.17
C LYS C 170 69.15 -34.67 -18.55
N ALA C 171 69.10 -35.84 -19.15
CA ALA C 171 68.44 -36.03 -20.43
C ALA C 171 67.00 -36.52 -20.22
N GLY C 172 66.28 -36.64 -21.32
CA GLY C 172 64.90 -37.08 -21.25
C GLY C 172 63.92 -36.05 -20.74
N ASP C 173 64.28 -34.76 -20.81
CA ASP C 173 63.50 -33.61 -20.39
C ASP C 173 62.45 -33.92 -19.31
N GLU C 174 61.18 -34.06 -19.73
CA GLU C 174 60.01 -34.39 -18.91
C GLU C 174 59.80 -33.39 -17.79
N SER C 175 58.69 -33.54 -17.06
CA SER C 175 58.32 -32.62 -15.99
C SER C 175 58.12 -33.40 -14.69
N ILE C 176 58.63 -32.86 -13.60
CA ILE C 176 58.53 -33.49 -12.29
C ILE C 176 58.17 -32.44 -11.24
N ASP C 177 57.38 -32.86 -10.26
CA ASP C 177 57.00 -32.00 -9.13
C ASP C 177 57.14 -32.81 -7.85
N VAL C 178 57.31 -32.10 -6.74
CA VAL C 178 57.63 -32.71 -5.45
C VAL C 178 56.61 -32.27 -4.42
N VAL C 179 56.25 -33.19 -3.51
CA VAL C 179 55.42 -32.90 -2.36
C VAL C 179 56.31 -32.92 -1.12
N ILE C 180 56.25 -31.85 -0.34
CA ILE C 180 57.12 -31.68 0.80
C ILE C 180 56.28 -31.32 2.02
N THR C 181 54.97 -31.60 1.94
CA THR C 181 54.04 -31.15 2.96
C THR C 181 54.32 -31.79 4.31
N ASP C 182 54.64 -33.08 4.33
CA ASP C 182 54.82 -33.79 5.59
C ASP C 182 56.00 -33.23 6.38
N ALA C 183 55.84 -33.16 7.69
CA ALA C 183 56.87 -32.65 8.58
C ALA C 183 56.83 -33.44 9.89
N SER C 184 57.95 -33.38 10.61
CA SER C 184 58.09 -34.12 11.87
C SER C 184 58.60 -33.24 13.00
N ASP C 185 58.25 -31.96 13.00
CA ASP C 185 58.66 -31.03 14.04
C ASP C 185 57.46 -30.22 14.50
N ASP C 186 57.60 -29.58 15.66
CA ASP C 186 56.54 -28.79 16.26
C ASP C 186 57.07 -27.42 16.64
N SER C 187 56.18 -26.43 16.65
CA SER C 187 56.50 -25.06 17.00
C SER C 187 55.67 -24.63 18.20
N LEU C 188 56.27 -23.80 19.06
CA LEU C 188 55.56 -23.33 20.25
C LEU C 188 54.28 -22.55 19.96
N PRO C 189 54.21 -21.62 19.00
CA PRO C 189 52.96 -20.88 18.82
C PRO C 189 51.97 -21.61 17.93
N ASP C 190 50.71 -21.62 18.37
CA ASP C 190 49.65 -22.25 17.60
C ASP C 190 49.16 -21.39 16.44
N VAL C 191 49.56 -20.12 16.39
CA VAL C 191 49.14 -19.25 15.29
C VAL C 191 49.73 -19.74 13.97
N SER C 192 51.00 -20.11 13.96
CA SER C 192 51.68 -20.55 12.74
C SER C 192 51.07 -21.86 12.27
N GLN C 193 50.31 -21.80 11.16
CA GLN C 193 49.65 -22.99 10.66
C GLN C 193 50.62 -23.92 9.93
N LEU C 194 51.63 -23.35 9.24
CA LEU C 194 52.58 -24.15 8.47
C LEU C 194 53.97 -24.17 9.10
N ASP C 195 54.10 -23.76 10.37
CA ASP C 195 55.28 -23.91 11.20
C ASP C 195 56.60 -23.78 10.44
N LEU C 196 56.81 -22.63 9.82
CA LEU C 196 58.00 -22.42 8.99
C LEU C 196 59.28 -22.66 9.78
N ASN C 197 60.31 -23.13 9.07
CA ASN C 197 61.57 -23.51 9.68
C ASN C 197 62.72 -22.79 8.98
N MET C 198 63.80 -22.57 9.73
CA MET C 198 65.00 -21.95 9.19
C MET C 198 65.86 -23.01 8.49
N ASP C 199 66.81 -22.54 7.69
CA ASP C 199 67.67 -23.40 6.89
C ASP C 199 69.12 -23.16 7.26
N ASP C 200 69.81 -24.22 7.70
CA ASP C 200 71.26 -24.17 7.86
C ASP C 200 71.81 -25.57 7.57
N MET C 201 72.18 -25.79 6.32
CA MET C 201 72.86 -27.01 5.87
C MET C 201 73.96 -26.63 4.90
N TYR C 202 74.50 -27.63 4.21
CA TYR C 202 75.60 -27.43 3.29
C TYR C 202 75.22 -27.89 1.88
N GLY C 203 75.76 -27.19 0.90
CA GLY C 203 75.55 -27.55 -0.49
C GLY C 203 76.47 -26.76 -1.40
N GLY C 204 76.79 -27.37 -2.54
CA GLY C 204 77.68 -26.76 -3.50
C GLY C 204 77.19 -26.85 -4.93
N LEU C 205 76.97 -25.68 -5.56
CA LEU C 205 76.50 -25.60 -6.94
C LEU C 205 75.19 -26.37 -7.12
N GLY C 220 76.39 -33.36 5.70
CA GLY C 220 75.53 -33.62 4.56
C GLY C 220 74.07 -33.80 4.93
N SER C 221 73.31 -32.72 4.86
CA SER C 221 71.89 -32.72 5.18
C SER C 221 71.63 -33.22 6.60
N THR C 222 70.42 -33.71 6.85
CA THR C 222 70.03 -34.24 8.16
C THR C 222 69.38 -35.61 7.94
N HIS C 223 70.22 -36.66 7.89
CA HIS C 223 69.76 -38.03 7.73
C HIS C 223 68.87 -38.19 6.50
N ILE C 224 69.35 -37.65 5.38
CA ILE C 224 68.75 -37.72 4.04
C ILE C 224 67.34 -37.12 4.04
N THR C 225 66.78 -36.93 2.85
CA THR C 225 65.44 -36.35 2.71
C THR C 225 64.52 -37.13 1.78
N PHE C 226 65.03 -38.07 0.99
CA PHE C 226 64.22 -38.82 0.05
C PHE C 226 63.74 -40.11 0.70
N SER C 227 62.44 -40.24 0.92
CA SER C 227 61.88 -41.43 1.54
C SER C 227 60.38 -41.48 1.26
N LYS C 228 59.94 -42.51 0.54
CA LYS C 228 58.52 -42.82 0.32
C LYS C 228 57.82 -41.79 -0.56
N GLU C 229 56.77 -42.22 -1.25
CA GLU C 229 55.96 -41.32 -2.10
C GLU C 229 54.76 -40.84 -1.30
N THR C 230 55.03 -39.99 -0.33
CA THR C 230 53.98 -39.47 0.54
C THR C 230 53.15 -38.42 -0.19
N GLN C 231 51.86 -38.38 0.14
CA GLN C 231 50.94 -37.41 -0.43
C GLN C 231 50.88 -36.19 0.47
N ALA C 232 49.92 -35.29 0.23
CA ALA C 232 49.74 -34.13 1.09
C ALA C 232 49.38 -34.56 2.50
N ASN C 233 50.05 -33.95 3.48
CA ASN C 233 49.86 -34.34 4.86
C ASN C 233 48.47 -33.94 5.35
N ARG C 234 47.76 -34.90 5.93
CA ARG C 234 46.42 -34.64 6.46
C ARG C 234 46.43 -34.21 7.92
N LYS C 235 47.59 -34.28 8.59
CA LYS C 235 47.66 -33.88 9.99
C LYS C 235 47.41 -32.38 10.16
N TYR C 236 47.98 -31.56 9.28
CA TYR C 236 47.87 -30.11 9.37
C TYR C 236 46.65 -29.57 8.64
N ASN C 237 45.92 -30.41 7.92
CA ASN C 237 44.70 -30.02 7.20
C ASN C 237 44.98 -28.88 6.22
N LEU C 238 45.93 -29.13 5.31
CA LEU C 238 46.23 -28.15 4.28
C LEU C 238 45.07 -28.03 3.30
N PRO C 239 44.81 -26.81 2.80
CA PRO C 239 43.74 -26.65 1.80
C PRO C 239 44.10 -27.30 0.48
N GLU C 240 43.43 -28.39 0.15
CA GLU C 240 43.74 -29.13 -1.06
C GLU C 240 43.26 -28.36 -2.28
N PRO C 241 44.13 -28.07 -3.25
CA PRO C 241 43.67 -27.40 -4.48
C PRO C 241 42.68 -28.26 -5.24
N LEU C 242 41.71 -27.61 -5.87
CA LEU C 242 40.66 -28.31 -6.61
C LEU C 242 41.18 -28.65 -7.99
N SER C 243 41.37 -29.94 -8.26
CA SER C 243 41.88 -30.37 -9.55
C SER C 243 40.81 -30.24 -10.63
N TYR C 244 41.28 -30.14 -11.88
CA TYR C 244 40.35 -30.04 -13.00
C TYR C 244 39.55 -31.32 -13.20
N ALA C 245 40.12 -32.47 -12.80
CA ALA C 245 39.45 -33.75 -12.92
C ALA C 245 38.55 -34.08 -11.74
N ALA C 246 38.50 -33.21 -10.73
CA ALA C 246 37.63 -33.46 -9.58
C ALA C 246 36.15 -33.44 -10.00
N VAL C 247 35.78 -32.51 -10.86
CA VAL C 247 34.41 -32.45 -11.35
C VAL C 247 34.30 -33.30 -12.61
N GLY C 248 33.14 -33.93 -12.80
CA GLY C 248 32.96 -34.88 -13.87
C GLY C 248 31.48 -35.17 -14.09
N GLY C 249 31.22 -36.00 -15.10
CA GLY C 249 29.88 -36.25 -15.55
C GLY C 249 29.34 -35.20 -16.50
N LEU C 250 30.04 -34.07 -16.62
CA LEU C 250 29.73 -33.00 -17.56
C LEU C 250 30.96 -32.70 -18.41
N ASP C 251 31.62 -33.76 -18.88
CA ASP C 251 32.89 -33.59 -19.58
C ASP C 251 32.72 -32.76 -20.85
N LYS C 252 31.65 -33.01 -21.60
CA LYS C 252 31.38 -32.21 -22.80
C LYS C 252 31.14 -30.74 -22.44
N GLU C 253 30.33 -30.49 -21.43
CA GLU C 253 30.02 -29.12 -21.03
C GLU C 253 31.27 -28.40 -20.52
N ILE C 254 32.06 -29.06 -19.67
CA ILE C 254 33.25 -28.41 -19.13
C ILE C 254 34.29 -28.19 -20.23
N GLU C 255 34.40 -29.13 -21.16
CA GLU C 255 35.34 -28.96 -22.27
C GLU C 255 34.92 -27.78 -23.14
N SER C 256 33.62 -27.68 -23.45
CA SER C 256 33.14 -26.55 -24.25
C SER C 256 33.37 -25.23 -23.53
N LEU C 257 33.09 -25.18 -22.23
CA LEU C 257 33.30 -23.96 -21.47
C LEU C 257 34.77 -23.57 -21.43
N LYS C 258 35.64 -24.55 -21.19
CA LYS C 258 37.07 -24.28 -21.14
C LYS C 258 37.60 -23.78 -22.48
N SER C 259 37.16 -24.41 -23.58
CA SER C 259 37.59 -23.94 -24.90
C SER C 259 37.06 -22.53 -25.18
N ALA C 260 35.80 -22.26 -24.83
CA ALA C 260 35.20 -20.97 -25.11
C ALA C 260 35.85 -19.85 -24.30
N ILE C 261 36.37 -20.17 -23.11
CA ILE C 261 37.07 -19.15 -22.33
C ILE C 261 38.57 -19.14 -22.60
N GLU C 262 39.11 -20.17 -23.27
CA GLU C 262 40.54 -20.23 -23.51
C GLU C 262 40.90 -19.62 -24.86
N ILE C 263 40.04 -19.78 -25.86
CA ILE C 263 40.36 -19.27 -27.20
C ILE C 263 40.41 -17.74 -27.26
N PRO C 264 39.65 -16.96 -26.44
CA PRO C 264 39.85 -15.51 -26.48
C PRO C 264 41.13 -15.08 -25.79
N LEU C 265 41.40 -15.66 -24.61
CA LEU C 265 42.56 -15.24 -23.83
C LEU C 265 43.87 -15.62 -24.49
N HIS C 266 43.98 -16.89 -24.91
CA HIS C 266 45.22 -17.39 -25.47
C HIS C 266 45.40 -17.07 -26.96
N GLN C 267 44.33 -16.68 -27.65
CA GLN C 267 44.39 -16.31 -29.05
C GLN C 267 43.63 -15.01 -29.27
N PRO C 268 44.14 -13.88 -28.72
CA PRO C 268 43.45 -12.61 -28.92
C PRO C 268 43.68 -12.01 -30.29
N THR C 269 44.92 -12.15 -30.80
CA THR C 269 45.23 -11.59 -32.12
C THR C 269 44.52 -12.34 -33.23
N LEU C 270 44.43 -13.68 -33.11
CA LEU C 270 43.76 -14.46 -34.13
C LEU C 270 42.29 -14.10 -34.24
N PHE C 271 41.62 -13.89 -33.10
CA PHE C 271 40.21 -13.51 -33.12
C PHE C 271 40.05 -12.06 -33.56
N SER C 272 40.96 -11.17 -33.15
CA SER C 272 40.88 -9.78 -33.55
C SER C 272 41.13 -9.60 -35.05
N SER C 273 41.86 -10.54 -35.68
CA SER C 273 42.05 -10.47 -37.12
C SER C 273 40.73 -10.56 -37.88
N PHE C 274 39.76 -11.31 -37.34
CA PHE C 274 38.45 -11.36 -37.97
C PHE C 274 37.73 -10.02 -37.88
N GLY C 275 37.97 -9.26 -36.82
CA GLY C 275 37.33 -7.97 -36.64
C GLY C 275 35.99 -8.00 -35.94
N VAL C 276 35.47 -9.18 -35.61
CA VAL C 276 34.17 -9.28 -34.95
C VAL C 276 34.24 -9.06 -33.45
N SER C 277 35.45 -9.09 -32.86
CA SER C 277 35.72 -8.87 -31.44
C SER C 277 35.18 -10.01 -30.59
N PRO C 278 35.86 -10.36 -29.50
CA PRO C 278 35.38 -11.46 -28.65
C PRO C 278 34.48 -10.94 -27.56
N PRO C 279 33.37 -11.63 -27.30
CA PRO C 279 32.48 -11.21 -26.20
C PRO C 279 33.10 -11.53 -24.85
N ARG C 280 32.56 -10.87 -23.82
CA ARG C 280 33.05 -11.03 -22.46
C ARG C 280 32.07 -11.77 -21.54
N GLY C 281 30.81 -11.90 -21.93
CA GLY C 281 29.81 -12.50 -21.07
C GLY C 281 29.60 -13.99 -21.26
N ILE C 282 29.73 -14.76 -20.19
CA ILE C 282 29.46 -16.19 -20.19
C ILE C 282 28.41 -16.45 -19.11
N LEU C 283 27.36 -17.17 -19.49
CA LEU C 283 26.22 -17.42 -18.61
C LEU C 283 26.25 -18.86 -18.12
N LEU C 284 26.17 -19.04 -16.80
CA LEU C 284 26.11 -20.35 -16.17
C LEU C 284 24.81 -20.46 -15.40
N HIS C 285 24.06 -21.55 -15.63
CA HIS C 285 22.79 -21.74 -14.95
C HIS C 285 22.52 -23.23 -14.83
N GLY C 286 21.64 -23.58 -13.89
CA GLY C 286 21.26 -24.94 -13.66
C GLY C 286 20.51 -25.13 -12.35
N PRO C 287 20.07 -26.35 -12.09
CA PRO C 287 19.37 -26.63 -10.83
C PRO C 287 20.30 -26.46 -9.65
N PRO C 288 19.79 -26.13 -8.47
CA PRO C 288 20.65 -25.99 -7.30
C PRO C 288 21.30 -27.32 -6.91
N GLY C 289 22.50 -27.22 -6.36
CA GLY C 289 23.24 -28.40 -5.95
C GLY C 289 24.07 -29.05 -7.05
N THR C 290 24.06 -28.50 -8.27
CA THR C 290 24.82 -29.10 -9.36
C THR C 290 26.31 -28.83 -9.26
N GLY C 291 26.72 -27.89 -8.41
CA GLY C 291 28.12 -27.58 -8.24
C GLY C 291 28.71 -26.57 -9.19
N LYS C 292 27.92 -25.59 -9.64
CA LYS C 292 28.45 -24.56 -10.52
C LYS C 292 29.53 -23.73 -9.83
N THR C 293 29.32 -23.42 -8.54
CA THR C 293 30.35 -22.73 -7.79
C THR C 293 31.62 -23.57 -7.68
N MET C 294 31.49 -24.90 -7.59
CA MET C 294 32.66 -25.76 -7.55
C MET C 294 33.46 -25.67 -8.84
N LEU C 295 32.79 -25.68 -9.99
CA LEU C 295 33.52 -25.60 -11.26
C LEU C 295 34.10 -24.21 -11.47
N LEU C 296 33.41 -23.17 -10.98
CA LEU C 296 34.00 -21.83 -10.99
C LEU C 296 35.29 -21.80 -10.18
N ARG C 297 35.27 -22.39 -8.98
CA ARG C 297 36.49 -22.45 -8.17
C ARG C 297 37.57 -23.27 -8.86
N VAL C 298 37.20 -24.37 -9.51
CA VAL C 298 38.16 -25.22 -10.19
C VAL C 298 38.84 -24.46 -11.32
N VAL C 299 38.05 -23.76 -12.14
CA VAL C 299 38.62 -23.04 -13.27
C VAL C 299 39.42 -21.83 -12.78
N ALA C 300 39.04 -21.23 -11.65
CA ALA C 300 39.84 -20.15 -11.10
C ALA C 300 41.20 -20.67 -10.61
N ASN C 301 41.20 -21.84 -9.95
CA ASN C 301 42.45 -22.38 -9.43
C ASN C 301 43.36 -22.87 -10.55
N THR C 302 42.80 -23.52 -11.56
CA THR C 302 43.60 -24.10 -12.63
C THR C 302 44.10 -23.08 -13.64
N SER C 303 43.61 -21.84 -13.58
CA SER C 303 44.03 -20.79 -14.49
C SER C 303 45.03 -19.87 -13.80
N ASN C 304 46.19 -19.67 -14.43
CA ASN C 304 47.22 -18.80 -13.89
C ASN C 304 46.92 -17.33 -14.10
N ALA C 305 45.91 -16.99 -14.91
CA ALA C 305 45.56 -15.60 -15.14
C ALA C 305 44.84 -15.02 -13.92
N HIS C 306 44.76 -13.69 -13.90
CA HIS C 306 44.09 -13.00 -12.80
C HIS C 306 42.60 -13.32 -12.79
N VAL C 307 42.07 -13.56 -11.60
CA VAL C 307 40.66 -13.87 -11.41
C VAL C 307 40.06 -12.89 -10.41
N LEU C 308 38.82 -12.47 -10.67
CA LEU C 308 38.12 -11.53 -9.81
C LEU C 308 36.72 -12.05 -9.55
N THR C 309 36.26 -11.95 -8.30
CA THR C 309 34.94 -12.40 -7.91
C THR C 309 34.30 -11.38 -6.98
N ILE C 310 32.97 -11.39 -6.92
CA ILE C 310 32.22 -10.51 -6.05
C ILE C 310 31.79 -11.29 -4.83
N ASN C 311 31.70 -10.59 -3.69
CA ASN C 311 31.36 -11.21 -2.41
C ASN C 311 29.89 -11.03 -2.05
N GLY C 312 29.01 -11.02 -3.04
CA GLY C 312 27.59 -10.96 -2.80
C GLY C 312 27.06 -9.54 -2.70
N PRO C 313 26.08 -9.34 -1.81
CA PRO C 313 25.44 -8.02 -1.70
C PRO C 313 26.26 -6.99 -0.93
N SER C 314 27.50 -7.30 -0.55
CA SER C 314 28.32 -6.33 0.17
C SER C 314 28.65 -5.10 -0.67
N ILE C 315 28.64 -5.22 -1.99
CA ILE C 315 28.87 -4.06 -2.85
C ILE C 315 27.71 -3.08 -2.72
N VAL C 316 26.48 -3.59 -2.60
CA VAL C 316 25.32 -2.73 -2.50
C VAL C 316 25.37 -1.96 -1.18
N SER C 317 25.21 -0.64 -1.26
CA SER C 317 25.25 0.23 -0.10
C SER C 317 24.14 1.26 -0.20
N LYS C 318 23.90 1.96 0.90
CA LYS C 318 22.85 2.98 0.93
C LYS C 318 23.18 4.14 -0.01
N TYR C 319 24.45 4.52 -0.08
CA TYR C 319 24.85 5.63 -0.95
C TYR C 319 24.72 5.24 -2.41
N LEU C 320 24.07 6.10 -3.20
CA LEU C 320 23.87 5.80 -4.62
C LEU C 320 25.19 5.76 -5.37
N GLY C 321 26.08 6.70 -5.11
CA GLY C 321 27.33 6.79 -5.86
C GLY C 321 28.42 5.86 -5.39
N GLU C 322 28.35 5.36 -4.15
CA GLU C 322 29.39 4.50 -3.64
C GLU C 322 29.45 3.18 -4.41
N THR C 323 28.30 2.59 -4.71
CA THR C 323 28.27 1.34 -5.47
C THR C 323 28.83 1.55 -6.87
N GLU C 324 28.45 2.65 -7.52
CA GLU C 324 28.96 2.94 -8.85
C GLU C 324 30.47 3.13 -8.84
N ALA C 325 30.98 3.86 -7.83
CA ALA C 325 32.42 4.06 -7.73
C ALA C 325 33.15 2.75 -7.48
N ALA C 326 32.59 1.89 -6.62
CA ALA C 326 33.21 0.60 -6.37
C ALA C 326 33.24 -0.27 -7.62
N LEU C 327 32.13 -0.29 -8.37
CA LEU C 327 32.09 -1.06 -9.61
C LEU C 327 33.09 -0.51 -10.63
N ARG C 328 33.19 0.81 -10.73
CA ARG C 328 34.14 1.41 -11.65
C ARG C 328 35.57 1.07 -11.26
N ASP C 329 35.88 1.10 -9.96
CA ASP C 329 37.22 0.74 -9.52
C ASP C 329 37.53 -0.73 -9.80
N ILE C 330 36.55 -1.61 -9.57
CA ILE C 330 36.75 -3.03 -9.86
C ILE C 330 37.02 -3.25 -11.34
N PHE C 331 36.23 -2.59 -12.19
CA PHE C 331 36.43 -2.74 -13.64
C PHE C 331 37.78 -2.15 -14.06
N ASN C 332 38.18 -1.02 -13.46
CA ASN C 332 39.47 -0.42 -13.77
C ASN C 332 40.61 -1.37 -13.43
N GLU C 333 40.58 -1.97 -12.24
CA GLU C 333 41.58 -2.95 -11.88
C GLU C 333 41.49 -4.18 -12.78
N ALA C 334 40.30 -4.50 -13.27
CA ALA C 334 40.13 -5.65 -14.14
C ALA C 334 40.84 -5.46 -15.48
N ARG C 335 40.60 -4.32 -16.14
CA ARG C 335 41.19 -4.17 -17.47
C ARG C 335 42.53 -3.45 -17.44
N LYS C 336 43.02 -3.06 -16.26
CA LYS C 336 44.38 -2.54 -16.15
C LYS C 336 45.40 -3.60 -16.56
N TYR C 337 45.18 -4.84 -16.13
CA TYR C 337 45.99 -5.97 -16.56
C TYR C 337 45.24 -6.74 -17.64
N GLN C 338 45.93 -7.07 -18.73
CA GLN C 338 45.28 -7.76 -19.85
C GLN C 338 44.67 -9.09 -19.46
N PRO C 339 45.39 -10.03 -18.81
CA PRO C 339 44.74 -11.31 -18.43
C PRO C 339 43.95 -11.16 -17.15
N SER C 340 42.62 -11.24 -17.28
CA SER C 340 41.75 -11.09 -16.13
C SER C 340 40.51 -11.96 -16.32
N ILE C 341 40.02 -12.52 -15.21
CA ILE C 341 38.81 -13.34 -15.18
C ILE C 341 37.83 -12.70 -14.21
N ILE C 342 36.58 -12.56 -14.63
CA ILE C 342 35.53 -11.96 -13.82
C ILE C 342 34.54 -13.05 -13.44
N PHE C 343 34.30 -13.20 -12.14
CA PHE C 343 33.35 -14.17 -11.62
C PHE C 343 32.19 -13.44 -10.95
N ILE C 344 30.97 -13.77 -11.38
CA ILE C 344 29.76 -13.16 -10.85
C ILE C 344 28.87 -14.26 -10.31
N ASP C 345 28.37 -14.08 -9.09
CA ASP C 345 27.53 -15.07 -8.43
C ASP C 345 26.20 -14.43 -8.03
N GLU C 346 25.14 -15.23 -8.09
CA GLU C 346 23.76 -14.77 -7.88
C GLU C 346 23.47 -13.46 -8.60
N ILE C 347 23.65 -13.44 -9.92
CA ILE C 347 23.32 -12.25 -10.70
C ILE C 347 21.83 -11.95 -10.67
N ASP C 348 20.99 -12.95 -10.42
CA ASP C 348 19.55 -12.73 -10.35
C ASP C 348 19.20 -11.79 -9.19
N SER C 349 19.86 -11.97 -8.04
CA SER C 349 19.61 -11.08 -6.91
C SER C 349 20.26 -9.72 -7.13
N ILE C 350 21.48 -9.70 -7.68
CA ILE C 350 22.17 -8.44 -7.91
C ILE C 350 21.48 -7.64 -9.00
N ALA C 351 21.00 -8.31 -10.05
CA ALA C 351 20.35 -7.67 -11.19
C ALA C 351 18.99 -8.31 -11.42
N PRO C 352 17.99 -7.97 -10.61
CA PRO C 352 16.65 -8.52 -10.82
C PRO C 352 15.98 -7.91 -12.04
N ASN C 353 14.92 -8.57 -12.49
CA ASN C 353 14.16 -8.09 -13.63
C ASN C 353 13.47 -6.78 -13.29
N ARG C 354 13.67 -5.75 -14.11
CA ARG C 354 13.05 -4.46 -13.85
C ARG C 354 11.53 -4.54 -13.99
N ALA C 355 11.04 -5.28 -14.97
CA ALA C 355 9.60 -5.41 -15.18
C ALA C 355 8.94 -6.15 -14.02
N ASN C 356 9.61 -7.18 -13.49
CA ASN C 356 9.01 -7.99 -12.43
C ASN C 356 8.78 -7.15 -11.17
N ASP C 357 9.75 -6.33 -10.78
CA ASP C 357 9.63 -5.52 -9.58
C ASP C 357 10.58 -4.33 -9.67
N ASP C 358 10.03 -3.13 -9.81
CA ASP C 358 10.83 -1.91 -9.79
C ASP C 358 10.74 -1.28 -8.40
N SER C 359 11.28 -2.02 -7.42
CA SER C 359 11.22 -1.58 -6.03
C SER C 359 12.03 -0.30 -5.83
N GLY C 360 13.21 -0.22 -6.43
CA GLY C 360 14.07 0.93 -6.31
C GLY C 360 15.44 0.57 -5.78
N GLU C 361 16.24 1.61 -5.54
CA GLU C 361 17.60 1.46 -5.05
C GLU C 361 18.38 0.60 -6.04
N VAL C 362 18.46 -0.71 -5.82
CA VAL C 362 18.94 -1.62 -6.87
C VAL C 362 17.83 -1.73 -7.91
N GLU C 363 18.09 -1.25 -9.12
CA GLU C 363 17.09 -1.20 -10.18
C GLU C 363 17.84 -1.36 -11.50
N SER C 364 17.18 -0.98 -12.60
CA SER C 364 17.78 -1.11 -13.93
C SER C 364 19.00 -0.22 -14.12
N ARG C 365 19.24 0.75 -13.23
CA ARG C 365 20.42 1.60 -13.34
C ARG C 365 21.71 0.79 -13.20
N VAL C 366 21.74 -0.16 -12.26
CA VAL C 366 22.92 -0.99 -12.10
C VAL C 366 23.09 -1.91 -13.30
N VAL C 367 21.98 -2.40 -13.86
CA VAL C 367 22.05 -3.20 -15.08
C VAL C 367 22.69 -2.40 -16.21
N ALA C 368 22.23 -1.16 -16.38
CA ALA C 368 22.76 -0.31 -17.44
C ALA C 368 24.24 -0.02 -17.22
N THR C 369 24.64 0.28 -15.98
CA THR C 369 26.03 0.63 -15.74
C THR C 369 26.96 -0.58 -15.93
N LEU C 370 26.53 -1.77 -15.50
CA LEU C 370 27.33 -2.97 -15.78
C LEU C 370 27.40 -3.25 -17.27
N LEU C 371 26.28 -3.06 -18.00
CA LEU C 371 26.32 -3.29 -19.44
C LEU C 371 27.28 -2.34 -20.13
N THR C 372 27.26 -1.06 -19.74
CA THR C 372 28.19 -0.09 -20.33
C THR C 372 29.63 -0.44 -19.96
N LEU C 373 29.85 -0.89 -18.72
CA LEU C 373 31.21 -1.25 -18.31
C LEU C 373 31.74 -2.44 -19.09
N MET C 374 30.90 -3.45 -19.34
CA MET C 374 31.35 -4.64 -20.06
C MET C 374 31.28 -4.48 -21.57
N ASP C 375 30.68 -3.41 -22.07
CA ASP C 375 30.55 -3.24 -23.52
C ASP C 375 31.88 -2.82 -24.16
N GLY C 376 32.62 -1.92 -23.51
CA GLY C 376 33.73 -1.28 -24.19
C GLY C 376 35.04 -1.12 -23.43
N MET C 377 35.41 -2.10 -22.61
CA MET C 377 36.69 -1.97 -21.90
C MET C 377 37.87 -1.94 -22.88
N GLY C 378 37.71 -2.54 -24.05
CA GLY C 378 38.76 -2.55 -25.04
C GLY C 378 38.24 -3.09 -26.36
N ALA C 379 39.07 -2.94 -27.40
CA ALA C 379 38.67 -3.40 -28.73
C ALA C 379 38.71 -4.92 -28.81
N ALA C 380 39.90 -5.50 -28.68
CA ALA C 380 40.06 -6.95 -28.64
C ALA C 380 40.13 -7.48 -27.21
N GLY C 381 41.16 -7.05 -26.46
CA GLY C 381 41.32 -7.44 -25.07
C GLY C 381 41.35 -8.92 -24.81
N LYS C 382 41.35 -9.30 -23.53
CA LYS C 382 41.18 -10.70 -23.13
C LYS C 382 40.47 -10.69 -21.78
N VAL C 383 39.14 -10.76 -21.81
CA VAL C 383 38.31 -10.69 -20.62
C VAL C 383 37.10 -11.60 -20.82
N VAL C 384 36.83 -12.44 -19.82
CA VAL C 384 35.63 -13.27 -19.80
C VAL C 384 34.95 -13.11 -18.45
N VAL C 385 33.63 -12.98 -18.46
CA VAL C 385 32.84 -12.79 -17.25
C VAL C 385 31.96 -14.03 -17.08
N ILE C 386 32.04 -14.65 -15.91
CA ILE C 386 31.28 -15.85 -15.59
C ILE C 386 30.19 -15.46 -14.61
N ALA C 387 28.93 -15.64 -15.02
CA ALA C 387 27.78 -15.32 -14.19
C ALA C 387 27.01 -16.60 -13.90
N ALA C 388 26.74 -16.84 -12.62
CA ALA C 388 26.01 -18.02 -12.17
C ALA C 388 24.69 -17.60 -11.56
N THR C 389 23.59 -18.15 -12.07
CA THR C 389 22.26 -17.83 -11.57
C THR C 389 21.44 -19.12 -11.46
N ASN C 390 20.64 -19.21 -10.39
CA ASN C 390 19.79 -20.37 -10.20
C ASN C 390 18.59 -20.35 -11.13
N ARG C 391 17.96 -19.17 -11.30
CA ARG C 391 16.78 -19.02 -12.14
C ARG C 391 17.08 -18.08 -13.29
N PRO C 392 17.32 -18.61 -14.50
CA PRO C 392 17.56 -17.72 -15.65
C PRO C 392 16.39 -16.81 -15.96
N ASN C 393 15.16 -17.25 -15.71
CA ASN C 393 14.00 -16.41 -16.00
C ASN C 393 13.98 -15.17 -15.12
N SER C 394 14.35 -15.31 -13.85
CA SER C 394 14.37 -14.17 -12.94
C SER C 394 15.42 -13.15 -13.32
N VAL C 395 16.44 -13.53 -14.09
CA VAL C 395 17.46 -12.58 -14.52
C VAL C 395 16.85 -11.57 -15.47
N ASP C 396 17.41 -10.37 -15.46
CA ASP C 396 16.95 -9.32 -16.35
C ASP C 396 17.14 -9.75 -17.80
N PRO C 397 16.10 -9.73 -18.63
CA PRO C 397 16.28 -10.10 -20.05
C PRO C 397 17.25 -9.21 -20.80
N ALA C 398 17.55 -8.01 -20.27
CA ALA C 398 18.58 -7.18 -20.89
C ALA C 398 19.93 -7.88 -20.85
N LEU C 399 20.24 -8.55 -19.75
CA LEU C 399 21.46 -9.35 -19.69
C LEU C 399 21.43 -10.50 -20.70
N ARG C 400 20.29 -11.18 -20.80
CA ARG C 400 20.15 -12.34 -21.68
C ARG C 400 19.82 -11.88 -23.10
N ARG C 401 20.83 -11.30 -23.74
CA ARG C 401 20.73 -10.85 -25.12
C ARG C 401 21.94 -11.32 -25.91
N PRO C 402 21.75 -11.59 -27.21
CA PRO C 402 22.90 -12.03 -28.02
C PRO C 402 24.01 -10.99 -28.13
N GLY C 403 23.69 -9.70 -27.93
CA GLY C 403 24.72 -8.67 -28.04
C GLY C 403 25.68 -8.61 -26.88
N ARG C 404 25.31 -9.19 -25.74
CA ARG C 404 26.14 -9.13 -24.53
C ARG C 404 26.42 -10.50 -23.94
N PHE C 405 25.47 -11.43 -23.99
CA PHE C 405 25.59 -12.75 -23.39
C PHE C 405 25.23 -13.83 -24.40
N ASP C 406 25.83 -13.74 -25.60
CA ASP C 406 25.51 -14.68 -26.66
C ASP C 406 25.85 -16.12 -26.26
N GLN C 407 26.98 -16.33 -25.59
CA GLN C 407 27.40 -17.67 -25.21
C GLN C 407 26.74 -18.04 -23.89
N GLU C 408 26.08 -19.21 -23.86
CA GLU C 408 25.46 -19.74 -22.66
C GLU C 408 25.93 -21.16 -22.43
N VAL C 409 26.01 -21.54 -21.16
CA VAL C 409 26.36 -22.90 -20.76
C VAL C 409 25.20 -23.45 -19.93
N GLU C 410 24.68 -24.61 -20.34
CA GLU C 410 23.54 -25.23 -19.69
C GLU C 410 24.00 -26.44 -18.90
N ILE C 411 23.59 -26.51 -17.63
CA ILE C 411 23.92 -27.63 -16.75
C ILE C 411 22.60 -28.25 -16.29
N GLY C 412 22.47 -29.56 -16.49
CA GLY C 412 21.29 -30.30 -16.09
C GLY C 412 21.55 -31.26 -14.95
N ILE C 413 20.49 -31.96 -14.58
CA ILE C 413 20.59 -32.97 -13.52
C ILE C 413 21.46 -34.13 -14.01
N PRO C 414 22.40 -34.63 -13.19
CA PRO C 414 23.20 -35.77 -13.64
C PRO C 414 22.35 -37.01 -13.85
N ASP C 415 22.73 -37.80 -14.85
CA ASP C 415 22.04 -39.05 -15.15
C ASP C 415 22.72 -40.20 -14.40
N VAL C 416 22.39 -41.43 -14.76
CA VAL C 416 22.96 -42.59 -14.08
C VAL C 416 24.48 -42.63 -14.28
N ASP C 417 24.93 -42.41 -15.52
CA ASP C 417 26.36 -42.46 -15.80
C ASP C 417 27.12 -41.37 -15.06
N ALA C 418 26.59 -40.15 -15.04
CA ALA C 418 27.26 -39.05 -14.35
C ALA C 418 27.33 -39.30 -12.85
N ARG C 419 26.23 -39.79 -12.26
CA ARG C 419 26.23 -40.08 -10.83
C ARG C 419 27.20 -41.22 -10.50
N PHE C 420 27.26 -42.25 -11.34
CA PHE C 420 28.22 -43.33 -11.14
C PHE C 420 29.64 -42.80 -11.21
N ASP C 421 29.93 -41.93 -12.17
CA ASP C 421 31.26 -41.33 -12.27
C ASP C 421 31.58 -40.50 -11.04
N ILE C 422 30.61 -39.74 -10.55
CA ILE C 422 30.83 -38.91 -9.36
C ILE C 422 31.14 -39.79 -8.15
N LEU C 423 30.38 -40.87 -7.98
CA LEU C 423 30.63 -41.79 -6.87
C LEU C 423 32.00 -42.42 -6.97
N THR C 424 32.40 -42.85 -8.18
CA THR C 424 33.72 -43.46 -8.35
C THR C 424 34.82 -42.45 -8.04
N LYS C 425 34.65 -41.21 -8.49
CA LYS C 425 35.63 -40.17 -8.17
C LYS C 425 35.74 -39.96 -6.68
N GLN C 426 34.60 -39.89 -5.98
CA GLN C 426 34.65 -39.67 -4.53
C GLN C 426 35.34 -40.83 -3.82
N PHE C 427 35.01 -42.06 -4.20
CA PHE C 427 35.66 -43.21 -3.59
C PHE C 427 37.16 -43.20 -3.85
N SER C 428 37.58 -42.84 -5.06
CA SER C 428 39.00 -42.65 -5.31
C SER C 428 39.56 -41.50 -4.49
N ARG C 429 38.73 -40.52 -4.13
CA ARG C 429 39.20 -39.35 -3.40
C ARG C 429 39.58 -39.71 -1.97
N MET C 430 38.73 -40.45 -1.26
CA MET C 430 39.18 -40.90 0.06
C MET C 430 39.79 -42.31 0.04
N SER C 431 40.10 -42.85 -1.14
CA SER C 431 40.99 -44.00 -1.28
C SER C 431 40.35 -45.30 -0.78
N SER C 432 40.81 -46.43 -1.32
CA SER C 432 40.28 -47.73 -0.93
C SER C 432 40.75 -48.19 0.44
N ASP C 433 41.70 -47.47 1.06
CA ASP C 433 42.18 -47.86 2.38
C ASP C 433 41.14 -47.65 3.47
N ARG C 434 40.11 -46.83 3.21
CA ARG C 434 39.09 -46.52 4.20
C ARG C 434 37.73 -47.13 3.89
N HIS C 435 37.57 -47.73 2.72
CA HIS C 435 36.29 -48.31 2.34
C HIS C 435 36.51 -49.42 1.32
N VAL C 436 35.54 -50.32 1.23
CA VAL C 436 35.54 -51.38 0.23
C VAL C 436 34.20 -51.35 -0.50
N LEU C 437 34.24 -51.14 -1.82
CA LEU C 437 33.04 -51.08 -2.64
C LEU C 437 33.41 -51.51 -4.05
N ASP C 438 32.80 -52.58 -4.54
CA ASP C 438 33.06 -53.04 -5.89
C ASP C 438 32.27 -52.20 -6.89
N SER C 439 32.60 -52.37 -8.18
CA SER C 439 31.97 -51.57 -9.22
C SER C 439 30.47 -51.83 -9.31
N GLU C 440 30.06 -53.09 -9.15
CA GLU C 440 28.64 -53.42 -9.19
C GLU C 440 27.89 -52.74 -8.05
N ALA C 441 28.51 -52.65 -6.87
CA ALA C 441 27.89 -51.95 -5.76
C ALA C 441 27.71 -50.47 -6.07
N ILE C 442 28.72 -49.84 -6.68
CA ILE C 442 28.61 -48.44 -7.05
C ILE C 442 27.50 -48.24 -8.06
N LYS C 443 27.41 -49.14 -9.06
CA LYS C 443 26.36 -49.03 -10.06
C LYS C 443 24.98 -49.19 -9.41
N TYR C 444 24.84 -50.13 -8.48
CA TYR C 444 23.57 -50.32 -7.79
C TYR C 444 23.18 -49.09 -6.97
N ILE C 445 24.15 -48.49 -6.28
CA ILE C 445 23.88 -47.28 -5.50
C ILE C 445 23.46 -46.14 -6.43
N ALA C 446 24.15 -45.98 -7.56
CA ALA C 446 23.79 -44.94 -8.50
C ALA C 446 22.39 -45.15 -9.08
N SER C 447 22.05 -46.40 -9.40
CA SER C 447 20.73 -46.69 -9.92
C SER C 447 19.64 -46.42 -8.88
N LYS C 448 19.90 -46.79 -7.62
CA LYS C 448 18.93 -46.57 -6.56
C LYS C 448 18.67 -45.07 -6.36
N THR C 449 19.73 -44.26 -6.36
CA THR C 449 19.61 -42.82 -6.20
C THR C 449 19.65 -42.17 -7.58
N HIS C 450 18.51 -42.26 -8.27
CA HIS C 450 18.41 -41.67 -9.61
C HIS C 450 17.97 -40.22 -9.59
N GLY C 451 17.27 -39.79 -8.54
CA GLY C 451 16.83 -38.42 -8.41
C GLY C 451 17.78 -37.51 -7.66
N TYR C 452 18.98 -37.98 -7.33
CA TYR C 452 19.91 -37.20 -6.54
C TYR C 452 20.83 -36.37 -7.42
N VAL C 453 21.69 -35.58 -6.78
CA VAL C 453 22.64 -34.71 -7.45
C VAL C 453 24.00 -34.90 -6.78
N GLY C 454 25.04 -34.30 -7.36
CA GLY C 454 26.37 -34.44 -6.80
C GLY C 454 26.46 -33.97 -5.35
N ALA C 455 25.81 -32.84 -5.04
CA ALA C 455 25.73 -32.39 -3.66
C ALA C 455 24.97 -33.41 -2.80
N ASP C 456 23.90 -33.98 -3.35
CA ASP C 456 23.17 -35.02 -2.63
C ASP C 456 24.06 -36.23 -2.38
N LEU C 457 24.86 -36.62 -3.37
CA LEU C 457 25.78 -37.75 -3.19
C LEU C 457 26.84 -37.45 -2.13
N THR C 458 27.38 -36.23 -2.13
CA THR C 458 28.36 -35.86 -1.11
C THR C 458 27.74 -35.88 0.29
N ALA C 459 26.52 -35.35 0.42
CA ALA C 459 25.84 -35.39 1.72
C ALA C 459 25.54 -36.82 2.13
N LEU C 460 25.19 -37.68 1.17
CA LEU C 460 24.96 -39.09 1.46
C LEU C 460 26.22 -39.76 1.96
N CYS C 461 27.35 -39.48 1.33
CA CYS C 461 28.62 -40.04 1.80
C CYS C 461 28.95 -39.55 3.21
N ARG C 462 28.75 -38.26 3.47
CA ARG C 462 29.03 -37.72 4.79
C ARG C 462 28.15 -38.35 5.86
N GLU C 463 26.85 -38.48 5.58
CA GLU C 463 25.95 -39.07 6.55
C GLU C 463 26.23 -40.56 6.74
N SER C 464 26.62 -41.27 5.68
CA SER C 464 27.02 -42.66 5.83
C SER C 464 28.24 -42.79 6.72
N VAL C 465 29.22 -41.90 6.53
CA VAL C 465 30.43 -41.94 7.36
C VAL C 465 30.09 -41.68 8.82
N MET C 466 29.27 -40.65 9.09
CA MET C 466 28.99 -40.32 10.48
C MET C 466 28.10 -41.38 11.14
N LYS C 467 27.17 -41.98 10.39
CA LYS C 467 26.37 -43.08 10.95
C LYS C 467 27.24 -44.31 11.20
N THR C 468 28.20 -44.60 10.33
CA THR C 468 29.11 -45.71 10.58
C THR C 468 29.94 -45.46 11.84
N ILE C 469 30.43 -44.23 12.01
CA ILE C 469 31.19 -43.89 13.21
C ILE C 469 30.32 -44.05 14.45
N GLN C 470 29.07 -43.56 14.40
CA GLN C 470 28.18 -43.67 15.55
C GLN C 470 27.87 -45.13 15.87
N ARG C 471 27.63 -45.95 14.85
CA ARG C 471 27.35 -47.37 15.07
C ARG C 471 28.56 -48.07 15.69
N GLY C 472 29.76 -47.76 15.19
CA GLY C 472 30.96 -48.35 15.76
C GLY C 472 31.16 -47.96 17.21
N LEU C 473 30.95 -46.67 17.52
CA LEU C 473 31.07 -46.21 18.90
C LEU C 473 30.04 -46.89 19.80
N GLY C 474 28.80 -47.02 19.32
CA GLY C 474 27.76 -47.61 20.15
C GLY C 474 27.96 -49.09 20.40
N THR C 475 28.39 -49.83 19.38
CA THR C 475 28.45 -51.29 19.47
C THR C 475 29.83 -51.82 19.79
N ASP C 476 30.84 -51.48 18.97
CA ASP C 476 32.15 -52.10 19.08
C ASP C 476 32.95 -51.63 20.29
N ALA C 477 32.48 -50.62 21.01
CA ALA C 477 33.12 -50.14 22.24
C ALA C 477 34.55 -49.68 21.99
N ASN C 478 34.65 -48.60 21.21
CA ASN C 478 35.92 -47.90 20.95
C ASN C 478 36.92 -48.79 20.22
N ILE C 479 36.51 -49.28 19.05
CA ILE C 479 37.40 -50.04 18.19
C ILE C 479 38.07 -49.07 17.21
N ASP C 480 39.18 -49.51 16.63
CA ASP C 480 39.80 -48.75 15.56
C ASP C 480 38.85 -48.64 14.37
N LYS C 481 38.73 -47.43 13.82
CA LYS C 481 37.81 -47.19 12.72
C LYS C 481 38.22 -47.91 11.44
N PHE C 482 39.47 -48.35 11.34
CA PHE C 482 39.95 -49.01 10.12
C PHE C 482 39.32 -50.38 9.92
N SER C 483 39.01 -51.10 10.99
CA SER C 483 38.44 -52.44 10.85
C SER C 483 37.01 -52.39 10.31
N LEU C 484 36.17 -51.51 10.86
CA LEU C 484 34.77 -51.44 10.46
C LEU C 484 34.58 -50.89 9.05
N LYS C 485 35.38 -49.87 8.68
CA LYS C 485 35.34 -49.19 7.39
C LYS C 485 33.90 -48.91 6.93
N VAL C 486 33.66 -48.96 5.62
CA VAL C 486 32.37 -48.64 5.04
C VAL C 486 31.75 -49.91 4.47
N THR C 487 30.46 -50.09 4.70
CA THR C 487 29.69 -51.23 4.23
C THR C 487 28.51 -50.74 3.41
N LEU C 488 27.58 -51.66 3.10
CA LEU C 488 26.43 -51.35 2.27
C LEU C 488 25.18 -51.00 3.07
N LYS C 489 24.98 -51.63 4.23
CA LYS C 489 23.75 -51.41 4.99
C LYS C 489 23.64 -49.98 5.49
N ASP C 490 24.74 -49.40 5.97
CA ASP C 490 24.70 -48.03 6.46
C ASP C 490 24.40 -47.06 5.33
N VAL C 491 24.98 -47.27 4.15
CA VAL C 491 24.70 -46.42 3.01
C VAL C 491 23.24 -46.53 2.58
N GLU C 492 22.72 -47.76 2.56
CA GLU C 492 21.31 -47.95 2.19
C GLU C 492 20.39 -47.23 3.16
N SER C 493 20.65 -47.38 4.47
CA SER C 493 19.89 -46.63 5.45
C SER C 493 20.08 -45.14 5.27
N ALA C 494 21.24 -44.70 4.79
CA ALA C 494 21.49 -43.29 4.57
C ALA C 494 20.59 -42.73 3.47
N MET C 495 20.52 -43.42 2.31
CA MET C 495 19.62 -42.91 1.29
C MET C 495 18.16 -43.08 1.69
N VAL C 496 17.85 -44.07 2.54
CA VAL C 496 16.49 -44.20 3.03
C VAL C 496 16.11 -42.99 3.89
N ASP C 497 17.00 -42.61 4.81
CA ASP C 497 16.71 -41.56 5.78
C ASP C 497 16.79 -40.15 5.20
N ILE C 498 17.76 -39.89 4.31
CA ILE C 498 18.02 -38.51 3.91
C ILE C 498 16.86 -37.94 3.09
N ARG C 499 16.29 -38.75 2.18
CA ARG C 499 15.19 -38.38 1.30
C ARG C 499 15.64 -37.32 0.30
N PRO C 500 15.14 -37.36 -0.94
CA PRO C 500 15.61 -36.39 -1.94
C PRO C 500 15.34 -34.95 -1.52
N SER C 501 16.26 -34.06 -1.93
CA SER C 501 16.26 -32.68 -1.46
C SER C 501 15.08 -31.86 -1.99
N ALA C 502 14.32 -32.38 -2.95
CA ALA C 502 13.19 -31.64 -3.48
C ALA C 502 12.15 -31.34 -2.41
N MET C 503 11.99 -32.22 -1.43
CA MET C 503 11.02 -32.04 -0.33
C MET C 503 9.60 -31.83 -0.87
N ARG C 504 9.27 -32.54 -1.93
CA ARG C 504 7.93 -32.56 -2.49
C ARG C 504 7.50 -34.00 -2.71
N GLU C 505 6.20 -34.25 -2.53
CA GLU C 505 5.68 -35.60 -2.68
C GLU C 505 5.83 -36.08 -4.12
N ILE C 506 6.35 -37.28 -4.27
CA ILE C 506 6.60 -37.86 -5.59
C ILE C 506 6.70 -39.38 -5.43
N PHE C 507 6.17 -40.10 -6.42
CA PHE C 507 6.23 -41.56 -6.39
C PHE C 507 7.67 -42.05 -6.44
N LEU C 508 8.48 -41.46 -7.33
CA LEU C 508 9.90 -41.76 -7.55
C LEU C 508 10.10 -43.13 -8.18
N GLU C 509 9.04 -43.92 -8.36
CA GLU C 509 9.06 -45.19 -9.09
C GLU C 509 9.83 -46.28 -8.35
N MET C 510 10.56 -45.92 -7.31
CA MET C 510 11.30 -46.92 -6.54
C MET C 510 10.38 -47.68 -5.58
N PRO C 511 9.62 -47.02 -4.71
CA PRO C 511 8.75 -47.76 -3.79
C PRO C 511 7.29 -47.87 -4.24
N LYS C 512 6.96 -47.46 -5.46
CA LYS C 512 5.58 -47.41 -5.91
C LYS C 512 5.32 -48.50 -6.94
N VAL C 513 4.14 -48.45 -7.55
CA VAL C 513 3.72 -49.49 -8.48
C VAL C 513 4.66 -49.55 -9.68
N TYR C 514 4.92 -50.76 -10.16
CA TYR C 514 5.75 -51.02 -11.32
C TYR C 514 4.89 -51.46 -12.50
N TRP C 515 5.56 -51.79 -13.61
CA TRP C 515 4.84 -52.24 -14.79
C TRP C 515 4.31 -53.66 -14.63
N SER C 516 5.07 -54.52 -13.95
CA SER C 516 4.63 -55.90 -13.76
C SER C 516 3.40 -55.98 -12.87
N ASP C 517 3.22 -55.01 -11.97
CA ASP C 517 2.06 -55.00 -11.08
C ASP C 517 0.76 -54.63 -11.79
N ILE C 518 0.85 -54.07 -13.00
CA ILE C 518 -0.32 -53.59 -13.73
C ILE C 518 -0.44 -54.38 -15.03
N GLY C 519 -1.63 -54.93 -15.28
CA GLY C 519 -1.90 -55.62 -16.52
C GLY C 519 -2.94 -54.90 -17.37
N GLY C 520 -2.52 -54.40 -18.53
CA GLY C 520 -3.41 -53.65 -19.39
C GLY C 520 -3.33 -54.06 -20.85
N GLN C 521 -3.58 -53.12 -21.75
CA GLN C 521 -3.57 -53.37 -23.19
C GLN C 521 -2.30 -52.78 -23.80
N GLU C 522 -1.63 -53.58 -24.63
CA GLU C 522 -0.40 -53.12 -25.27
C GLU C 522 -0.64 -52.07 -26.34
N GLU C 523 -1.90 -51.92 -26.80
CA GLU C 523 -2.19 -50.96 -27.85
C GLU C 523 -1.87 -49.54 -27.42
N LEU C 524 -2.23 -49.18 -26.19
CA LEU C 524 -1.90 -47.85 -25.69
C LEU C 524 -0.43 -47.75 -25.31
N LYS C 525 0.18 -48.85 -24.87
CA LYS C 525 1.58 -48.83 -24.48
C LYS C 525 2.48 -48.55 -25.68
N THR C 526 2.20 -49.19 -26.82
CA THR C 526 2.99 -48.94 -28.02
C THR C 526 2.90 -47.47 -28.44
N LYS C 527 1.74 -46.84 -28.20
CA LYS C 527 1.59 -45.43 -28.52
C LYS C 527 2.39 -44.56 -27.56
N MET C 528 2.24 -44.78 -26.25
CA MET C 528 2.86 -43.86 -25.29
C MET C 528 4.36 -44.00 -25.27
N LYS C 529 4.89 -45.21 -25.46
CA LYS C 529 6.34 -45.39 -25.50
C LYS C 529 6.97 -44.53 -26.59
N GLU C 530 6.43 -44.61 -27.80
CA GLU C 530 6.94 -43.79 -28.89
C GLU C 530 6.68 -42.30 -28.63
N MET C 531 5.52 -41.97 -28.09
CA MET C 531 5.17 -40.56 -27.89
C MET C 531 6.13 -39.88 -26.93
N ILE C 532 6.51 -40.56 -25.84
CA ILE C 532 7.43 -39.94 -24.89
C ILE C 532 8.88 -40.30 -25.16
N GLN C 533 9.16 -41.18 -26.13
CA GLN C 533 10.53 -41.37 -26.59
C GLN C 533 10.89 -40.41 -27.71
N LEU C 534 9.90 -39.79 -28.34
CA LEU C 534 10.17 -38.78 -29.36
C LEU C 534 11.01 -37.63 -28.81
N PRO C 535 10.59 -36.96 -27.72
CA PRO C 535 11.37 -35.77 -27.29
C PRO C 535 12.68 -36.12 -26.63
N LEU C 536 12.71 -37.19 -25.83
CA LEU C 536 13.92 -37.52 -25.09
C LEU C 536 15.03 -38.02 -26.00
N GLU C 537 14.68 -38.63 -27.14
CA GLU C 537 15.67 -39.24 -28.01
C GLU C 537 15.87 -38.54 -29.35
N ALA C 538 14.93 -37.69 -29.78
CA ALA C 538 15.01 -37.07 -31.09
C ALA C 538 14.97 -35.55 -31.00
N SER C 539 15.55 -34.97 -29.94
CA SER C 539 15.63 -33.52 -29.84
C SER C 539 16.47 -32.94 -30.97
N GLU C 540 17.61 -33.57 -31.27
CA GLU C 540 18.44 -33.12 -32.38
C GLU C 540 17.73 -33.29 -33.72
N THR C 541 16.97 -34.37 -33.88
CA THR C 541 16.21 -34.56 -35.11
C THR C 541 15.14 -33.48 -35.27
N PHE C 542 14.46 -33.14 -34.18
CA PHE C 542 13.48 -32.06 -34.23
C PHE C 542 14.14 -30.73 -34.58
N ALA C 543 15.30 -30.46 -33.99
CA ALA C 543 16.01 -29.21 -34.28
C ALA C 543 16.45 -29.15 -35.74
N ARG C 544 16.97 -30.25 -36.28
CA ARG C 544 17.45 -30.25 -37.65
C ARG C 544 16.30 -30.17 -38.65
N LEU C 545 15.27 -30.99 -38.48
CA LEU C 545 14.17 -31.03 -39.43
C LEU C 545 13.24 -29.84 -39.29
N GLY C 546 13.08 -29.31 -38.08
CA GLY C 546 12.15 -28.23 -37.83
C GLY C 546 10.73 -28.66 -37.57
N ILE C 547 10.44 -29.97 -37.63
CA ILE C 547 9.09 -30.45 -37.34
C ILE C 547 8.73 -30.20 -35.89
N SER C 548 9.71 -30.34 -34.98
CA SER C 548 9.51 -30.16 -33.55
C SER C 548 8.49 -31.17 -33.01
N ALA C 549 7.90 -30.87 -31.85
CA ALA C 549 6.96 -31.76 -31.22
C ALA C 549 5.69 -31.00 -30.87
N PRO C 550 4.50 -31.53 -31.17
CA PRO C 550 3.26 -30.85 -30.78
C PRO C 550 3.13 -30.65 -29.28
N LYS C 551 3.68 -31.57 -28.48
CA LYS C 551 3.65 -31.51 -27.02
C LYS C 551 2.23 -31.54 -26.47
N GLY C 552 1.28 -32.07 -27.24
CA GLY C 552 -0.10 -32.14 -26.80
C GLY C 552 -0.67 -33.54 -26.82
N VAL C 553 -0.98 -34.08 -25.64
CA VAL C 553 -1.57 -35.39 -25.51
C VAL C 553 -2.73 -35.31 -24.52
N LEU C 554 -3.83 -35.96 -24.85
CA LEU C 554 -5.03 -35.97 -24.02
C LEU C 554 -5.48 -37.39 -23.77
N LEU C 555 -5.88 -37.69 -22.54
CA LEU C 555 -6.41 -38.99 -22.16
C LEU C 555 -7.77 -38.79 -21.53
N TYR C 556 -8.79 -39.42 -22.11
CA TYR C 556 -10.16 -39.34 -21.61
C TYR C 556 -10.64 -40.76 -21.29
N GLY C 557 -11.27 -40.92 -20.14
CA GLY C 557 -11.76 -42.20 -19.72
C GLY C 557 -12.98 -42.10 -18.84
N PRO C 558 -13.82 -43.14 -18.84
CA PRO C 558 -15.00 -43.15 -17.98
C PRO C 558 -14.61 -43.22 -16.51
N PRO C 559 -15.47 -42.73 -15.62
CA PRO C 559 -15.17 -42.86 -14.18
C PRO C 559 -15.04 -44.33 -13.78
N GLY C 560 -14.09 -44.60 -12.89
CA GLY C 560 -13.79 -45.94 -12.47
C GLY C 560 -12.87 -46.72 -13.39
N CYS C 561 -12.42 -46.11 -14.49
CA CYS C 561 -11.53 -46.78 -15.42
C CYS C 561 -10.07 -46.51 -15.07
N SER C 562 -9.15 -46.86 -15.97
CA SER C 562 -7.73 -46.68 -15.76
C SER C 562 -7.26 -45.44 -16.50
N LYS C 563 -7.26 -44.30 -15.81
CA LYS C 563 -6.75 -43.06 -16.38
C LYS C 563 -5.55 -42.57 -15.56
N THR C 564 -5.75 -42.42 -14.25
CA THR C 564 -4.63 -42.14 -13.36
C THR C 564 -3.65 -43.31 -13.37
N LEU C 565 -4.15 -44.53 -13.59
CA LEU C 565 -3.29 -45.68 -13.76
C LEU C 565 -2.40 -45.53 -14.99
N THR C 566 -2.98 -45.05 -16.10
CA THR C 566 -2.18 -44.80 -17.30
C THR C 566 -1.16 -43.70 -17.06
N ALA C 567 -1.55 -42.65 -16.32
CA ALA C 567 -0.58 -41.60 -16.00
C ALA C 567 0.57 -42.14 -15.16
N LYS C 568 0.27 -42.99 -14.18
CA LYS C 568 1.32 -43.59 -13.37
C LYS C 568 2.22 -44.50 -14.21
N ALA C 569 1.63 -45.24 -15.15
CA ALA C 569 2.43 -46.08 -16.04
C ALA C 569 3.35 -45.23 -16.91
N LEU C 570 2.84 -44.10 -17.41
CA LEU C 570 3.66 -43.17 -18.19
C LEU C 570 4.83 -42.66 -17.35
N ALA C 571 4.55 -42.25 -16.11
CA ALA C 571 5.60 -41.74 -15.24
C ALA C 571 6.63 -42.83 -14.93
N THR C 572 6.17 -44.06 -14.72
CA THR C 572 7.08 -45.16 -14.41
C THR C 572 7.98 -45.48 -15.60
N GLU C 573 7.41 -45.57 -16.80
CA GLU C 573 8.21 -45.95 -17.96
C GLU C 573 9.16 -44.82 -18.36
N SER C 574 8.74 -43.56 -18.16
CA SER C 574 9.60 -42.44 -18.50
C SER C 574 10.87 -42.41 -17.66
N GLY C 575 10.77 -42.75 -16.38
CA GLY C 575 11.92 -42.69 -15.50
C GLY C 575 12.45 -41.30 -15.26
N ILE C 576 11.57 -40.31 -15.21
CA ILE C 576 11.94 -38.92 -15.02
C ILE C 576 11.08 -38.37 -13.89
N ASN C 577 11.57 -37.32 -13.23
CA ASN C 577 10.87 -36.71 -12.11
C ASN C 577 9.44 -36.33 -12.51
N PHE C 578 8.48 -36.72 -11.69
CA PHE C 578 7.06 -36.53 -11.98
C PHE C 578 6.47 -35.59 -10.93
N LEU C 579 5.72 -34.59 -11.39
CA LEU C 579 5.06 -33.63 -10.53
C LEU C 579 3.57 -33.99 -10.46
N ALA C 580 3.09 -34.32 -9.27
CA ALA C 580 1.69 -34.69 -9.08
C ALA C 580 0.88 -33.42 -8.86
N VAL C 581 0.26 -32.93 -9.94
CA VAL C 581 -0.53 -31.70 -9.92
C VAL C 581 -1.95 -32.05 -10.35
N LYS C 582 -2.93 -31.52 -9.63
CA LYS C 582 -4.34 -31.74 -9.93
C LYS C 582 -5.06 -30.41 -9.99
N GLY C 583 -6.20 -30.41 -10.68
CA GLY C 583 -6.93 -29.21 -11.02
C GLY C 583 -7.22 -28.29 -9.85
N PRO C 584 -8.05 -28.74 -8.90
CA PRO C 584 -8.40 -27.87 -7.77
C PRO C 584 -7.22 -27.48 -6.89
N GLU C 585 -6.08 -28.18 -7.00
CA GLU C 585 -4.92 -27.83 -6.18
C GLU C 585 -4.43 -26.42 -6.50
N ILE C 586 -4.36 -26.08 -7.79
CA ILE C 586 -3.91 -24.74 -8.17
C ILE C 586 -4.94 -23.69 -7.77
N PHE C 587 -6.20 -24.08 -7.65
CA PHE C 587 -7.24 -23.14 -7.25
C PHE C 587 -7.06 -22.74 -5.78
N ASN C 588 -7.37 -21.48 -5.49
CA ASN C 588 -7.28 -20.97 -4.13
C ASN C 588 -8.29 -19.86 -3.96
N LYS C 589 -8.62 -19.57 -2.69
CA LYS C 589 -9.59 -18.53 -2.39
C LYS C 589 -9.09 -17.16 -2.83
N TYR C 590 -7.80 -16.89 -2.62
CA TYR C 590 -7.23 -15.60 -2.98
C TYR C 590 -7.23 -15.42 -4.49
N VAL C 591 -7.51 -14.19 -4.93
CA VAL C 591 -7.52 -13.87 -6.35
C VAL C 591 -6.08 -13.63 -6.80
N GLY C 592 -5.65 -14.35 -7.84
CA GLY C 592 -4.31 -14.26 -8.35
C GLY C 592 -3.35 -15.29 -7.79
N GLU C 593 -3.73 -16.00 -6.74
CA GLU C 593 -2.87 -17.05 -6.19
C GLU C 593 -2.76 -18.23 -7.14
N SER C 594 -3.84 -18.53 -7.89
CA SER C 594 -3.80 -19.60 -8.85
C SER C 594 -2.78 -19.34 -9.95
N GLU C 595 -2.71 -18.10 -10.44
CA GLU C 595 -1.71 -17.73 -11.44
C GLU C 595 -0.30 -17.88 -10.88
N ARG C 596 -0.10 -17.48 -9.63
CA ARG C 596 1.21 -17.63 -8.99
C ARG C 596 1.60 -19.09 -8.89
N ALA C 597 0.66 -19.95 -8.49
CA ALA C 597 0.95 -21.37 -8.39
C ALA C 597 1.24 -21.98 -9.77
N ILE C 598 0.50 -21.56 -10.79
CA ILE C 598 0.75 -22.06 -12.14
C ILE C 598 2.13 -21.66 -12.62
N ARG C 599 2.51 -20.41 -12.41
CA ARG C 599 3.84 -19.95 -12.81
C ARG C 599 4.92 -20.69 -12.03
N GLU C 600 4.69 -20.93 -10.74
CA GLU C 600 5.66 -21.65 -9.93
C GLU C 600 5.85 -23.07 -10.43
N ILE C 601 4.76 -23.79 -10.68
CA ILE C 601 4.87 -25.17 -11.11
C ILE C 601 5.50 -25.25 -12.50
N PHE C 602 5.21 -24.28 -13.37
CA PHE C 602 5.80 -24.32 -14.70
C PHE C 602 7.29 -23.96 -14.69
N ARG C 603 7.71 -22.98 -13.88
CA ARG C 603 9.15 -22.74 -13.84
C ARG C 603 9.89 -23.83 -13.07
N LYS C 604 9.20 -24.58 -12.21
CA LYS C 604 9.83 -25.74 -11.59
C LYS C 604 9.98 -26.87 -12.60
N ALA C 605 8.95 -27.11 -13.41
CA ALA C 605 9.04 -28.14 -14.44
C ALA C 605 10.08 -27.80 -15.49
N ARG C 606 10.21 -26.51 -15.85
CA ARG C 606 11.22 -26.11 -16.82
C ARG C 606 12.62 -26.40 -16.31
N SER C 607 12.87 -26.12 -15.03
CA SER C 607 14.19 -26.36 -14.43
C SER C 607 14.38 -27.79 -13.96
N ALA C 608 13.34 -28.62 -14.02
CA ALA C 608 13.42 -30.02 -13.59
C ALA C 608 13.69 -30.96 -14.76
N ALA C 609 14.47 -30.50 -15.75
CA ALA C 609 14.87 -31.25 -16.93
C ALA C 609 13.67 -31.56 -17.82
N PRO C 610 13.88 -31.99 -19.08
CA PRO C 610 12.73 -32.41 -19.90
C PRO C 610 11.94 -33.52 -19.24
N SER C 611 10.69 -33.22 -18.87
CA SER C 611 9.85 -34.14 -18.14
C SER C 611 8.43 -34.03 -18.67
N ILE C 612 7.48 -34.61 -17.93
CA ILE C 612 6.07 -34.56 -18.29
C ILE C 612 5.30 -33.95 -17.13
N ILE C 613 4.45 -32.98 -17.43
CA ILE C 613 3.58 -32.34 -16.45
C ILE C 613 2.17 -32.88 -16.65
N PHE C 614 1.54 -33.31 -15.56
CA PHE C 614 0.27 -34.02 -15.62
C PHE C 614 -0.74 -33.35 -14.71
N PHE C 615 -1.98 -33.27 -15.17
CA PHE C 615 -3.10 -32.77 -14.38
C PHE C 615 -4.07 -33.92 -14.15
N ASP C 616 -4.35 -34.21 -12.87
CA ASP C 616 -5.21 -35.34 -12.55
C ASP C 616 -6.65 -35.10 -12.97
N GLU C 617 -7.19 -33.92 -12.63
CA GLU C 617 -8.58 -33.58 -12.92
C GLU C 617 -8.61 -32.18 -13.52
N ILE C 618 -8.49 -32.10 -14.86
CA ILE C 618 -8.59 -30.81 -15.54
C ILE C 618 -10.03 -30.40 -15.80
N ASP C 619 -11.00 -31.23 -15.42
CA ASP C 619 -12.41 -30.91 -15.62
C ASP C 619 -12.92 -29.85 -14.66
N ALA C 620 -12.16 -29.51 -13.62
CA ALA C 620 -12.61 -28.50 -12.67
C ALA C 620 -12.49 -27.09 -13.25
N LEU C 621 -11.53 -26.87 -14.16
CA LEU C 621 -11.28 -25.57 -14.73
C LEU C 621 -11.54 -25.47 -16.22
N SER C 622 -11.68 -26.60 -16.93
CA SER C 622 -11.94 -26.56 -18.37
C SER C 622 -13.25 -25.86 -18.72
N PRO C 623 -14.39 -26.14 -18.08
CA PRO C 623 -15.65 -25.51 -18.53
C PRO C 623 -15.78 -24.10 -17.97
N ASP C 624 -15.95 -23.13 -18.86
CA ASP C 624 -16.21 -21.74 -18.49
C ASP C 624 -17.59 -21.26 -18.89
N ARG C 625 -18.03 -21.59 -20.11
CA ARG C 625 -19.38 -21.22 -20.53
C ARG C 625 -20.43 -21.96 -19.70
N ASP C 626 -20.21 -23.24 -19.42
CA ASP C 626 -21.15 -24.03 -18.65
C ASP C 626 -20.91 -23.85 -17.15
N GLY C 627 -22.00 -23.68 -16.41
CA GLY C 627 -21.93 -23.52 -14.98
C GLY C 627 -21.64 -22.11 -14.49
N SER C 628 -21.49 -21.15 -15.40
CA SER C 628 -21.22 -19.76 -15.05
C SER C 628 -19.96 -19.64 -14.18
N SER C 629 -18.84 -20.03 -14.76
CA SER C 629 -17.57 -20.00 -14.05
C SER C 629 -17.15 -18.56 -13.76
N THR C 630 -16.41 -18.39 -12.67
CA THR C 630 -15.96 -17.07 -12.27
C THR C 630 -14.83 -16.58 -13.17
N SER C 631 -14.47 -15.30 -13.01
CA SER C 631 -13.43 -14.72 -13.83
C SER C 631 -12.07 -15.35 -13.55
N ALA C 632 -11.87 -15.90 -12.36
CA ALA C 632 -10.60 -16.56 -12.05
C ALA C 632 -10.39 -17.79 -12.93
N ALA C 633 -11.45 -18.57 -13.16
CA ALA C 633 -11.34 -19.73 -14.03
C ALA C 633 -11.01 -19.33 -15.46
N ASN C 634 -11.65 -18.26 -15.96
CA ASN C 634 -11.35 -17.79 -17.30
C ASN C 634 -9.91 -17.29 -17.41
N HIS C 635 -9.45 -16.57 -16.39
CA HIS C 635 -8.06 -16.09 -16.40
C HIS C 635 -7.08 -17.25 -16.40
N VAL C 636 -7.36 -18.28 -15.59
CA VAL C 636 -6.47 -19.44 -15.54
C VAL C 636 -6.49 -20.17 -16.87
N LEU C 637 -7.66 -20.32 -17.49
CA LEU C 637 -7.75 -20.98 -18.79
C LEU C 637 -6.96 -20.20 -19.84
N THR C 638 -7.08 -18.88 -19.85
CA THR C 638 -6.34 -18.07 -20.81
C THR C 638 -4.83 -18.19 -20.57
N SER C 639 -4.42 -18.17 -19.30
CA SER C 639 -3.00 -18.30 -18.99
C SER C 639 -2.44 -19.64 -19.45
N LEU C 640 -3.17 -20.73 -19.20
CA LEU C 640 -2.70 -22.04 -19.62
C LEU C 640 -2.71 -22.18 -21.14
N LEU C 641 -3.70 -21.58 -21.81
CA LEU C 641 -3.73 -21.57 -23.27
C LEU C 641 -2.51 -20.84 -23.82
N ASN C 642 -2.15 -19.71 -23.21
CA ASN C 642 -0.97 -18.99 -23.65
C ASN C 642 0.31 -19.76 -23.35
N GLU C 643 0.32 -20.53 -22.25
CA GLU C 643 1.51 -21.26 -21.87
C GLU C 643 1.74 -22.50 -22.73
N ILE C 644 0.66 -23.17 -23.18
CA ILE C 644 0.80 -24.41 -23.92
C ILE C 644 1.40 -24.15 -25.30
N ASP C 645 0.71 -23.37 -26.13
CA ASP C 645 1.17 -23.12 -27.49
C ASP C 645 0.97 -21.67 -27.90
N GLY C 646 1.07 -20.74 -26.96
CA GLY C 646 0.93 -19.32 -27.23
C GLY C 646 2.27 -18.60 -27.08
N VAL C 647 2.52 -17.65 -27.98
CA VAL C 647 3.68 -16.76 -28.04
C VAL C 647 5.02 -17.46 -27.81
N GLU C 648 5.06 -18.47 -26.93
CA GLU C 648 6.28 -19.18 -26.61
C GLU C 648 6.05 -20.67 -26.73
N GLU C 649 7.14 -21.41 -26.99
CA GLU C 649 7.11 -22.85 -27.13
C GLU C 649 7.99 -23.48 -26.05
N LEU C 650 7.47 -24.51 -25.38
CA LEU C 650 8.17 -25.20 -24.31
C LEU C 650 8.65 -26.54 -24.83
N LYS C 651 9.91 -26.61 -25.24
CA LYS C 651 10.51 -27.83 -25.77
C LYS C 651 10.81 -28.86 -24.68
N GLY C 652 11.14 -28.41 -23.47
CA GLY C 652 11.52 -29.33 -22.41
C GLY C 652 10.38 -30.17 -21.89
N VAL C 653 9.35 -29.53 -21.33
CA VAL C 653 8.28 -30.26 -20.68
C VAL C 653 7.26 -30.72 -21.72
N VAL C 654 6.50 -31.76 -21.35
CA VAL C 654 5.43 -32.31 -22.16
C VAL C 654 4.15 -32.24 -21.35
N ILE C 655 3.10 -31.68 -21.93
CA ILE C 655 1.84 -31.44 -21.24
C ILE C 655 0.89 -32.60 -21.53
N VAL C 656 0.45 -33.27 -20.47
CA VAL C 656 -0.57 -34.32 -20.56
C VAL C 656 -1.70 -33.95 -19.60
N ALA C 657 -2.93 -34.04 -20.07
CA ALA C 657 -4.10 -33.63 -19.30
C ALA C 657 -5.09 -34.77 -19.19
N ALA C 658 -5.72 -34.89 -18.03
CA ALA C 658 -6.74 -35.90 -17.77
C ALA C 658 -8.02 -35.21 -17.30
N THR C 659 -9.14 -35.59 -17.90
CA THR C 659 -10.43 -35.01 -17.57
C THR C 659 -11.45 -36.12 -17.32
N ASN C 660 -12.37 -35.85 -16.38
CA ASN C 660 -13.43 -36.80 -16.12
C ASN C 660 -14.50 -36.79 -17.20
N ARG C 661 -14.65 -35.67 -17.91
CA ARG C 661 -15.62 -35.55 -18.99
C ARG C 661 -15.12 -34.54 -20.01
N PRO C 662 -14.69 -34.98 -21.19
CA PRO C 662 -14.11 -34.06 -22.18
C PRO C 662 -15.12 -33.38 -23.10
N ASP C 663 -16.41 -33.41 -22.78
CA ASP C 663 -17.41 -32.79 -23.63
C ASP C 663 -17.72 -31.35 -23.25
N GLU C 664 -17.47 -30.95 -22.01
CA GLU C 664 -17.68 -29.58 -21.56
C GLU C 664 -16.42 -28.73 -21.65
N ILE C 665 -15.32 -29.27 -22.18
CA ILE C 665 -14.08 -28.51 -22.30
C ILE C 665 -14.27 -27.35 -23.28
N ASP C 666 -13.55 -26.27 -23.04
CA ASP C 666 -13.65 -25.10 -23.89
C ASP C 666 -13.12 -25.39 -25.29
N ALA C 667 -13.75 -24.78 -26.29
CA ALA C 667 -13.35 -25.00 -27.67
C ALA C 667 -11.95 -24.44 -27.95
N ALA C 668 -11.50 -23.47 -27.14
CA ALA C 668 -10.17 -22.92 -27.33
C ALA C 668 -9.09 -23.97 -27.11
N LEU C 669 -9.24 -24.78 -26.07
CA LEU C 669 -8.26 -25.85 -25.82
C LEU C 669 -8.48 -27.05 -26.74
N LEU C 670 -9.73 -27.35 -27.11
CA LEU C 670 -10.01 -28.47 -28.00
C LEU C 670 -9.73 -28.04 -29.44
N ARG C 671 -8.45 -27.81 -29.70
CA ARG C 671 -7.97 -27.37 -31.00
C ARG C 671 -6.85 -28.29 -31.46
N PRO C 672 -6.80 -28.62 -32.75
CA PRO C 672 -5.69 -29.43 -33.26
C PRO C 672 -4.35 -28.75 -33.01
N GLY C 673 -3.35 -29.56 -32.67
CA GLY C 673 -2.03 -29.03 -32.36
C GLY C 673 -1.69 -29.13 -30.89
N ARG C 674 -2.67 -28.83 -30.03
CA ARG C 674 -2.51 -28.94 -28.58
C ARG C 674 -3.54 -29.95 -28.06
N LEU C 675 -3.06 -30.93 -27.30
CA LEU C 675 -3.91 -31.97 -26.72
C LEU C 675 -4.73 -32.67 -27.80
N ASP C 676 -4.13 -32.83 -28.99
CA ASP C 676 -4.85 -33.38 -30.12
C ASP C 676 -5.05 -34.89 -29.98
N ARG C 677 -4.03 -35.60 -29.51
CA ARG C 677 -4.12 -37.06 -29.42
C ARG C 677 -5.18 -37.46 -28.40
N HIS C 678 -6.05 -38.36 -28.80
CA HIS C 678 -7.14 -38.85 -27.95
C HIS C 678 -7.11 -40.36 -27.93
N ILE C 679 -7.10 -40.94 -26.73
CA ILE C 679 -7.10 -42.39 -26.54
C ILE C 679 -8.35 -42.77 -25.75
N TYR C 680 -9.11 -43.72 -26.27
CA TYR C 680 -10.33 -44.14 -25.61
C TYR C 680 -10.04 -44.75 -24.25
N VAL C 681 -8.99 -45.57 -24.16
CA VAL C 681 -8.56 -46.29 -22.96
C VAL C 681 -9.77 -46.76 -22.15
N GLY C 682 -10.54 -47.68 -22.73
CA GLY C 682 -11.76 -48.16 -22.11
C GLY C 682 -11.47 -49.12 -20.97
N PRO C 683 -12.52 -49.75 -20.46
CA PRO C 683 -12.37 -50.68 -19.33
C PRO C 683 -11.51 -51.86 -19.72
N PRO C 684 -10.78 -52.45 -18.77
CA PRO C 684 -9.87 -53.57 -19.09
C PRO C 684 -10.60 -54.75 -19.73
N ASP C 685 -9.98 -55.36 -20.72
CA ASP C 685 -10.56 -56.50 -21.42
C ASP C 685 -10.33 -57.78 -20.62
N VAL C 686 -10.57 -58.92 -21.25
CA VAL C 686 -10.58 -60.20 -20.53
C VAL C 686 -9.21 -60.51 -19.95
N ASN C 687 -8.16 -60.38 -20.76
CA ASN C 687 -6.82 -60.75 -20.27
C ASN C 687 -6.33 -59.76 -19.22
N ALA C 688 -6.60 -58.47 -19.40
CA ALA C 688 -6.19 -57.48 -18.41
C ALA C 688 -6.92 -57.69 -17.09
N ARG C 689 -8.23 -57.97 -17.15
CA ARG C 689 -8.98 -58.24 -15.93
C ARG C 689 -8.49 -59.52 -15.25
N LEU C 690 -8.17 -60.54 -16.03
CA LEU C 690 -7.63 -61.77 -15.46
C LEU C 690 -6.29 -61.53 -14.77
N GLU C 691 -5.43 -60.73 -15.40
CA GLU C 691 -4.14 -60.41 -14.79
C GLU C 691 -4.32 -59.61 -13.50
N ILE C 692 -5.25 -58.65 -13.51
CA ILE C 692 -5.51 -57.87 -12.31
C ILE C 692 -6.04 -58.76 -11.18
N LEU C 693 -6.95 -59.66 -11.51
CA LEU C 693 -7.48 -60.59 -10.51
C LEU C 693 -6.38 -61.50 -9.96
N LYS C 694 -5.52 -62.01 -10.84
CA LYS C 694 -4.43 -62.86 -10.39
C LYS C 694 -3.47 -62.10 -9.49
N LYS C 695 -3.17 -60.84 -9.82
CA LYS C 695 -2.32 -60.03 -8.96
C LYS C 695 -2.99 -59.81 -7.59
N CYS C 696 -4.29 -59.53 -7.59
CA CYS C 696 -5.01 -59.42 -6.32
C CYS C 696 -5.06 -60.77 -5.61
N THR C 697 -5.25 -61.86 -6.37
CA THR C 697 -5.29 -63.19 -5.79
C THR C 697 -3.90 -63.73 -5.44
N LYS C 698 -2.83 -63.07 -5.91
CA LYS C 698 -1.48 -63.52 -5.60
C LYS C 698 -1.24 -63.51 -4.09
N LYS C 699 -1.76 -62.51 -3.39
CA LYS C 699 -1.69 -62.53 -1.93
C LYS C 699 -2.46 -63.70 -1.36
N PHE C 700 -3.61 -64.02 -1.95
CA PHE C 700 -4.38 -65.20 -1.56
C PHE C 700 -3.70 -66.45 -2.13
N ASN C 701 -4.36 -67.60 -1.99
CA ASN C 701 -3.90 -68.84 -2.58
C ASN C 701 -4.91 -69.29 -3.63
N THR C 702 -4.44 -69.51 -4.86
CA THR C 702 -5.34 -69.82 -5.97
C THR C 702 -5.87 -71.25 -5.88
N GLU C 703 -5.06 -72.18 -5.39
CA GLU C 703 -5.46 -73.59 -5.39
C GLU C 703 -6.66 -73.83 -4.47
N GLU C 704 -6.64 -73.23 -3.28
CA GLU C 704 -7.73 -73.41 -2.32
C GLU C 704 -8.83 -72.37 -2.48
N SER C 705 -8.68 -71.41 -3.39
CA SER C 705 -9.72 -70.41 -3.57
C SER C 705 -10.98 -71.00 -4.17
N GLY C 706 -10.85 -72.07 -4.95
CA GLY C 706 -11.99 -72.69 -5.59
C GLY C 706 -12.41 -72.08 -6.90
N VAL C 707 -11.73 -71.03 -7.35
CA VAL C 707 -12.05 -70.35 -8.60
C VAL C 707 -10.93 -70.60 -9.61
N ASP C 708 -11.27 -70.51 -10.89
CA ASP C 708 -10.34 -70.71 -11.97
C ASP C 708 -9.72 -69.41 -12.47
N LEU C 709 -9.98 -68.30 -11.78
CA LEU C 709 -9.48 -66.96 -12.12
C LEU C 709 -10.02 -66.46 -13.45
N HIS C 710 -11.01 -67.12 -14.01
CA HIS C 710 -11.64 -66.69 -15.25
C HIS C 710 -13.15 -66.56 -15.14
N GLU C 711 -13.81 -67.41 -14.36
CA GLU C 711 -15.25 -67.29 -14.17
C GLU C 711 -15.59 -66.00 -13.45
N LEU C 712 -14.79 -65.61 -12.46
CA LEU C 712 -15.02 -64.36 -11.76
C LEU C 712 -14.88 -63.16 -12.70
N ALA C 713 -13.86 -63.19 -13.56
CA ALA C 713 -13.68 -62.12 -14.53
C ALA C 713 -14.84 -62.07 -15.53
N ASP C 714 -15.30 -63.23 -15.99
CA ASP C 714 -16.42 -63.27 -16.93
C ASP C 714 -17.69 -62.72 -16.28
N ARG C 715 -17.96 -63.11 -15.03
CA ARG C 715 -19.14 -62.59 -14.34
C ARG C 715 -19.00 -61.10 -14.07
N THR C 716 -17.81 -60.65 -13.68
CA THR C 716 -17.56 -59.23 -13.40
C THR C 716 -16.97 -58.58 -14.65
N GLU C 717 -17.85 -58.34 -15.62
CA GLU C 717 -17.48 -57.73 -16.89
C GLU C 717 -18.00 -56.32 -17.06
N GLY C 718 -19.16 -55.99 -16.48
CA GLY C 718 -19.73 -54.67 -16.55
C GLY C 718 -19.31 -53.73 -15.44
N TYR C 719 -18.38 -54.13 -14.58
CA TYR C 719 -17.93 -53.30 -13.48
C TYR C 719 -16.76 -52.44 -13.91
N SER C 720 -16.55 -51.35 -13.17
CA SER C 720 -15.43 -50.47 -13.42
C SER C 720 -14.14 -51.05 -12.84
N GLY C 721 -13.01 -50.51 -13.29
CA GLY C 721 -11.73 -51.01 -12.81
C GLY C 721 -11.56 -50.83 -11.31
N ALA C 722 -11.94 -49.66 -10.80
CA ALA C 722 -11.91 -49.44 -9.36
C ALA C 722 -12.86 -50.39 -8.63
N GLU C 723 -14.06 -50.59 -9.19
CA GLU C 723 -14.99 -51.55 -8.60
C GLU C 723 -14.44 -52.97 -8.65
N VAL C 724 -13.77 -53.32 -9.76
CA VAL C 724 -13.17 -54.65 -9.87
C VAL C 724 -12.10 -54.84 -8.80
N VAL C 725 -11.27 -53.82 -8.60
CA VAL C 725 -10.23 -53.90 -7.57
C VAL C 725 -10.85 -54.03 -6.18
N LEU C 726 -11.87 -53.21 -5.90
CA LEU C 726 -12.53 -53.26 -4.60
C LEU C 726 -13.28 -54.55 -4.37
N LEU C 727 -13.67 -55.25 -5.43
CA LEU C 727 -14.41 -56.50 -5.28
C LEU C 727 -13.58 -57.55 -4.56
N CYS C 728 -12.29 -57.65 -4.90
CA CYS C 728 -11.43 -58.62 -4.24
C CYS C 728 -11.31 -58.33 -2.75
N GLN C 729 -11.10 -57.05 -2.39
CA GLN C 729 -10.98 -56.69 -0.99
C GLN C 729 -12.27 -56.95 -0.22
N GLU C 730 -13.42 -56.61 -0.81
CA GLU C 730 -14.67 -56.81 -0.10
C GLU C 730 -15.04 -58.29 0.00
N ALA C 731 -14.67 -59.08 -1.02
CA ALA C 731 -14.85 -60.53 -0.91
C ALA C 731 -13.94 -61.12 0.15
N GLY C 732 -12.71 -60.61 0.27
CA GLY C 732 -11.85 -61.04 1.37
C GLY C 732 -12.44 -60.68 2.72
N LEU C 733 -13.04 -59.51 2.83
CA LEU C 733 -13.73 -59.13 4.06
C LEU C 733 -14.88 -60.10 4.36
N ALA C 734 -15.66 -60.44 3.34
CA ALA C 734 -16.74 -61.41 3.53
C ALA C 734 -16.20 -62.75 3.98
N ALA C 735 -15.08 -63.19 3.41
CA ALA C 735 -14.48 -64.46 3.82
C ALA C 735 -13.99 -64.41 5.26
N ILE C 736 -13.34 -63.32 5.66
CA ILE C 736 -12.83 -63.19 7.02
C ILE C 736 -13.91 -62.83 8.03
N MET C 737 -15.14 -62.61 7.57
CA MET C 737 -16.24 -62.33 8.49
C MET C 737 -16.43 -63.42 9.54
N GLU C 738 -16.11 -64.67 9.19
CA GLU C 738 -16.49 -65.80 10.04
C GLU C 738 -15.72 -65.79 11.37
N ASP C 739 -14.41 -65.94 11.30
CA ASP C 739 -13.57 -66.06 12.51
C ASP C 739 -12.31 -65.23 12.37
N LEU C 740 -12.48 -63.96 11.98
CA LEU C 740 -11.38 -63.02 11.82
C LEU C 740 -10.34 -63.53 10.82
N ASP C 741 -9.16 -63.87 11.29
CA ASP C 741 -8.10 -64.36 10.40
C ASP C 741 -8.49 -65.72 9.83
N VAL C 742 -8.48 -65.82 8.50
CA VAL C 742 -8.86 -67.05 7.81
C VAL C 742 -7.80 -67.38 6.76
N ALA C 743 -7.83 -68.63 6.30
CA ALA C 743 -7.00 -69.08 5.21
C ALA C 743 -7.80 -69.70 4.07
N LYS C 744 -9.14 -69.66 4.14
CA LYS C 744 -10.00 -70.26 3.14
C LYS C 744 -11.06 -69.27 2.72
N VAL C 745 -11.32 -69.21 1.42
CA VAL C 745 -12.38 -68.38 0.84
C VAL C 745 -13.36 -69.30 0.12
N GLU C 746 -14.66 -69.04 0.31
CA GLU C 746 -15.70 -69.88 -0.24
C GLU C 746 -16.51 -69.12 -1.30
N LEU C 747 -17.23 -69.90 -2.12
CA LEU C 747 -18.02 -69.31 -3.19
C LEU C 747 -19.20 -68.52 -2.65
N ARG C 748 -19.73 -68.88 -1.49
CA ARG C 748 -20.84 -68.14 -0.91
C ARG C 748 -20.43 -66.71 -0.55
N HIS C 749 -19.19 -66.55 -0.07
CA HIS C 749 -18.68 -65.21 0.22
C HIS C 749 -18.59 -64.37 -1.06
N PHE C 750 -18.13 -64.97 -2.16
CA PHE C 750 -18.07 -64.25 -3.42
C PHE C 750 -19.46 -63.88 -3.92
N GLU C 751 -20.42 -64.80 -3.77
CA GLU C 751 -21.79 -64.49 -4.19
C GLU C 751 -22.38 -63.36 -3.36
N LYS C 752 -22.15 -63.37 -2.05
CA LYS C 752 -22.61 -62.27 -1.20
C LYS C 752 -21.93 -60.96 -1.56
N ALA C 753 -20.64 -61.02 -1.90
CA ALA C 753 -19.92 -59.82 -2.32
C ALA C 753 -20.51 -59.24 -3.60
N PHE C 754 -20.81 -60.12 -4.57
CA PHE C 754 -21.42 -59.65 -5.82
C PHE C 754 -22.81 -59.08 -5.58
N LYS C 755 -23.60 -59.72 -4.71
CA LYS C 755 -24.96 -59.25 -4.47
C LYS C 755 -24.97 -57.92 -3.72
N GLY C 756 -24.05 -57.74 -2.78
CA GLY C 756 -24.04 -56.56 -1.93
C GLY C 756 -23.44 -55.31 -2.51
N ILE C 757 -22.94 -55.35 -3.74
CA ILE C 757 -22.34 -54.18 -4.37
C ILE C 757 -23.03 -53.92 -5.70
N ALA C 758 -22.89 -52.68 -6.18
CA ALA C 758 -23.46 -52.25 -7.44
C ALA C 758 -22.38 -51.65 -8.31
N ARG C 759 -22.52 -51.83 -9.63
CA ARG C 759 -21.52 -51.33 -10.56
C ARG C 759 -21.48 -49.81 -10.56
N GLY C 760 -22.63 -49.15 -10.48
CA GLY C 760 -22.68 -47.71 -10.49
C GLY C 760 -22.43 -47.07 -11.84
N ILE C 761 -22.39 -47.86 -12.92
CA ILE C 761 -22.12 -47.37 -14.25
C ILE C 761 -23.33 -47.69 -15.13
N THR C 762 -23.82 -46.68 -15.86
CA THR C 762 -24.98 -46.81 -16.74
C THR C 762 -24.56 -46.77 -18.20
N PRO C 763 -25.33 -47.41 -19.09
CA PRO C 763 -25.00 -47.33 -20.52
C PRO C 763 -25.10 -45.93 -21.10
N GLU C 764 -25.83 -45.01 -20.44
CA GLU C 764 -25.99 -43.67 -20.99
C GLU C 764 -24.67 -42.92 -21.06
N MET C 765 -23.88 -42.97 -19.98
CA MET C 765 -22.59 -42.29 -19.98
C MET C 765 -21.62 -42.92 -20.96
N LEU C 766 -21.65 -44.25 -21.11
CA LEU C 766 -20.80 -44.91 -22.10
C LEU C 766 -21.20 -44.48 -23.51
N SER C 767 -22.50 -44.38 -23.79
CA SER C 767 -22.95 -43.90 -25.09
C SER C 767 -22.52 -42.46 -25.33
N TYR C 768 -22.59 -41.62 -24.29
CA TYR C 768 -22.13 -40.24 -24.43
C TYR C 768 -20.64 -40.18 -24.72
N TYR C 769 -19.85 -41.00 -24.03
CA TYR C 769 -18.41 -41.04 -24.29
C TYR C 769 -18.11 -41.52 -25.70
N GLU C 770 -18.85 -42.52 -26.18
CA GLU C 770 -18.68 -42.97 -27.55
C GLU C 770 -19.04 -41.87 -28.54
N GLU C 771 -20.12 -41.13 -28.27
CA GLU C 771 -20.50 -40.01 -29.12
C GLU C 771 -19.44 -38.93 -29.13
N PHE C 772 -18.71 -38.77 -28.02
CA PHE C 772 -17.59 -37.84 -28.00
C PHE C 772 -16.51 -38.26 -29.00
N ALA C 773 -16.22 -39.57 -29.08
CA ALA C 773 -15.23 -40.05 -30.03
C ALA C 773 -15.71 -39.90 -31.46
N LEU C 774 -16.99 -40.20 -31.72
CA LEU C 774 -17.52 -40.08 -33.07
C LEU C 774 -17.53 -38.63 -33.55
N ARG C 775 -17.91 -37.71 -32.67
CA ARG C 775 -17.97 -36.30 -33.04
C ARG C 775 -16.60 -35.69 -33.27
N SER C 776 -15.53 -36.35 -32.86
CA SER C 776 -14.18 -35.84 -33.06
C SER C 776 -13.33 -36.82 -33.85
N LYS D 29 41.08 3.72 25.48
CA LYS D 29 40.56 2.42 25.05
C LYS D 29 39.03 2.40 25.08
N LEU D 30 38.47 2.84 26.20
CA LEU D 30 37.02 2.91 26.41
C LEU D 30 36.38 1.54 26.18
N PRO D 31 36.61 0.57 27.06
CA PRO D 31 36.02 -0.76 26.88
C PRO D 31 34.55 -0.75 27.30
N ALA D 32 33.69 -1.29 26.44
CA ALA D 32 32.25 -1.31 26.69
C ALA D 32 31.81 -2.61 27.36
N GLU D 33 32.07 -3.75 26.71
CA GLU D 33 31.62 -5.04 27.19
C GLU D 33 32.81 -6.01 27.25
N PHE D 34 32.65 -7.05 28.07
CA PHE D 34 33.66 -8.07 28.24
C PHE D 34 33.02 -9.45 28.15
N ILE D 35 33.84 -10.44 27.81
CA ILE D 35 33.40 -11.82 27.68
C ILE D 35 34.31 -12.71 28.52
N THR D 36 33.78 -13.86 28.92
CA THR D 36 34.48 -14.77 29.80
C THR D 36 35.25 -15.82 29.01
N ARG D 37 36.27 -16.40 29.65
CA ARG D 37 37.14 -17.39 29.04
C ARG D 37 37.74 -18.25 30.14
N PRO D 38 37.80 -19.57 29.97
CA PRO D 38 38.35 -20.43 31.03
C PRO D 38 39.83 -20.17 31.25
N HIS D 39 40.26 -20.39 32.49
CA HIS D 39 41.67 -20.23 32.84
C HIS D 39 42.44 -21.47 32.40
N PRO D 40 43.48 -21.33 31.57
CA PRO D 40 44.23 -22.50 31.09
C PRO D 40 45.32 -22.90 32.07
N SER D 41 46.06 -23.95 31.70
CA SER D 41 47.21 -24.52 32.41
C SER D 41 46.82 -25.19 33.73
N LYS D 42 45.56 -25.15 34.13
CA LYS D 42 45.09 -25.73 35.38
C LYS D 42 45.90 -25.18 36.54
N ASP D 43 46.92 -25.92 36.96
CA ASP D 43 47.81 -25.56 38.08
C ASP D 43 46.95 -25.20 39.28
N HIS D 44 47.42 -24.25 40.11
CA HIS D 44 46.62 -23.70 41.19
C HIS D 44 46.34 -22.22 40.96
N GLY D 45 47.38 -21.40 40.82
CA GLY D 45 47.20 -19.99 40.53
C GLY D 45 46.35 -19.31 41.58
N LYS D 46 45.41 -18.49 41.12
CA LYS D 46 44.44 -17.88 42.02
C LYS D 46 43.25 -18.80 42.24
N GLU D 47 42.74 -19.39 41.16
CA GLU D 47 41.70 -20.42 41.16
C GLU D 47 40.34 -19.85 41.55
N THR D 48 40.30 -18.61 42.02
CA THR D 48 39.04 -17.95 42.31
C THR D 48 39.03 -16.54 41.74
N CYS D 49 40.21 -15.91 41.69
CA CYS D 49 40.34 -14.49 41.36
C CYS D 49 41.47 -14.27 40.35
N THR D 50 41.46 -15.06 39.28
CA THR D 50 42.45 -14.88 38.22
C THR D 50 42.32 -13.49 37.62
N ALA D 51 41.20 -13.22 36.96
CA ALA D 51 40.84 -11.90 36.44
C ALA D 51 41.97 -11.30 35.60
N TYR D 52 42.31 -12.00 34.52
CA TYR D 52 43.37 -11.55 33.62
C TYR D 52 42.84 -10.38 32.79
N ILE D 53 43.15 -9.16 33.22
CA ILE D 53 42.67 -7.95 32.58
C ILE D 53 43.88 -7.11 32.18
N HIS D 54 43.78 -6.46 31.02
CA HIS D 54 44.88 -5.64 30.53
C HIS D 54 45.13 -4.47 31.47
N PRO D 55 46.39 -4.10 31.71
CA PRO D 55 46.67 -2.96 32.61
C PRO D 55 46.07 -1.65 32.14
N ASN D 56 45.87 -1.47 30.84
CA ASN D 56 45.24 -0.25 30.34
C ASN D 56 43.82 -0.11 30.86
N VAL D 57 43.07 -1.22 30.88
CA VAL D 57 41.72 -1.19 31.43
C VAL D 57 41.75 -0.88 32.93
N LEU D 58 42.76 -1.42 33.63
CA LEU D 58 42.89 -1.13 35.06
C LEU D 58 43.15 0.35 35.30
N SER D 59 44.02 0.96 34.48
CA SER D 59 44.28 2.39 34.61
C SER D 59 43.04 3.20 34.25
N SER D 60 42.28 2.77 33.24
CA SER D 60 41.08 3.49 32.86
C SER D 60 40.03 3.47 33.98
N LEU D 61 39.90 2.33 34.66
CA LEU D 61 38.92 2.20 35.73
C LEU D 61 39.39 2.82 37.05
N GLU D 62 40.67 3.13 37.17
CA GLU D 62 41.24 3.75 38.38
C GLU D 62 40.93 2.91 39.62
N ILE D 63 41.24 1.62 39.54
CA ILE D 63 41.00 0.68 40.62
C ILE D 63 42.29 -0.08 40.90
N ASN D 64 42.58 -0.29 42.18
CA ASN D 64 43.83 -0.93 42.57
C ASN D 64 43.84 -2.39 42.12
N PRO D 65 44.86 -2.82 41.36
CA PRO D 65 44.93 -4.25 41.00
C PRO D 65 44.99 -5.18 42.18
N GLY D 66 45.61 -4.77 43.28
CA GLY D 66 45.69 -5.60 44.47
C GLY D 66 44.46 -5.47 45.36
N SER D 67 43.29 -5.37 44.74
CA SER D 67 42.05 -5.23 45.48
C SER D 67 40.93 -5.90 44.71
N PHE D 68 39.78 -6.03 45.36
CA PHE D 68 38.62 -6.67 44.75
C PHE D 68 38.09 -5.83 43.60
N CYS D 69 37.51 -6.51 42.61
CA CYS D 69 36.88 -5.86 41.48
C CYS D 69 35.48 -6.43 41.28
N THR D 70 34.61 -5.64 40.67
CA THR D 70 33.21 -6.00 40.47
C THR D 70 32.92 -6.12 38.98
N VAL D 71 32.29 -7.22 38.60
CA VAL D 71 32.00 -7.52 37.19
C VAL D 71 30.48 -7.54 37.02
N GLY D 72 29.97 -6.67 36.15
CA GLY D 72 28.55 -6.48 35.98
C GLY D 72 27.78 -7.71 35.53
N LYS D 73 28.07 -8.18 34.31
CA LYS D 73 27.40 -9.33 33.71
C LYS D 73 25.89 -9.08 33.62
N ILE D 74 25.56 -8.09 32.79
CA ILE D 74 24.21 -7.67 32.41
C ILE D 74 23.15 -7.95 33.47
N GLY D 75 22.94 -6.99 34.38
CA GLY D 75 21.87 -7.10 35.35
C GLY D 75 22.27 -7.83 36.61
N GLU D 76 21.27 -8.38 37.32
CA GLU D 76 21.44 -9.16 38.55
C GLU D 76 22.46 -8.51 39.49
N ASN D 77 22.09 -7.35 40.04
CA ASN D 77 22.96 -6.53 40.87
C ASN D 77 23.68 -7.31 41.96
N GLY D 78 24.84 -6.82 42.36
CA GLY D 78 25.78 -7.56 43.19
C GLY D 78 27.13 -7.50 42.53
N ILE D 79 27.11 -7.52 41.20
CA ILE D 79 28.23 -7.20 40.33
C ILE D 79 29.42 -8.13 40.60
N LEU D 80 29.15 -9.30 41.18
CA LEU D 80 30.10 -10.40 41.28
C LEU D 80 31.48 -9.93 41.78
N VAL D 81 31.49 -9.49 43.03
CA VAL D 81 32.71 -8.97 43.65
C VAL D 81 33.75 -10.07 43.73
N ILE D 82 34.84 -9.92 42.97
CA ILE D 82 35.93 -10.89 42.91
C ILE D 82 37.25 -10.12 42.90
N ALA D 83 38.25 -10.65 43.59
CA ALA D 83 39.57 -10.03 43.57
C ALA D 83 40.17 -10.08 42.17
N ARG D 84 41.17 -9.23 41.95
CA ARG D 84 41.75 -9.06 40.62
C ARG D 84 43.26 -9.26 40.68
N ALA D 85 43.83 -9.61 39.52
CA ALA D 85 45.26 -9.83 39.39
C ALA D 85 45.71 -9.41 38.00
N GLY D 86 47.02 -9.24 37.85
CA GLY D 86 47.58 -8.82 36.58
C GLY D 86 47.69 -9.96 35.59
N ASP D 87 48.13 -9.60 34.38
CA ASP D 87 48.27 -10.58 33.30
C ASP D 87 49.67 -10.55 32.71
N GLU D 88 49.88 -11.28 31.62
CA GLU D 88 51.16 -11.37 30.94
C GLU D 88 51.20 -10.58 29.64
N GLU D 89 50.25 -9.66 29.44
CA GLU D 89 50.10 -8.79 28.27
C GLU D 89 49.71 -9.55 27.01
N VAL D 90 49.51 -10.87 27.10
CA VAL D 90 49.08 -11.64 25.93
C VAL D 90 47.56 -11.81 25.90
N HIS D 91 46.92 -11.81 27.07
CA HIS D 91 45.47 -11.98 27.14
C HIS D 91 44.77 -10.76 26.53
N PRO D 92 43.92 -10.94 25.53
CA PRO D 92 43.23 -9.78 24.94
C PRO D 92 42.21 -9.19 25.90
N VAL D 93 41.87 -7.93 25.62
CA VAL D 93 40.97 -7.18 26.50
C VAL D 93 39.58 -7.80 26.52
N ASN D 94 39.11 -8.28 25.36
CA ASN D 94 37.74 -8.73 25.25
C ASN D 94 37.45 -9.92 26.16
N VAL D 95 38.36 -10.88 26.23
CA VAL D 95 38.13 -12.07 27.04
C VAL D 95 38.63 -11.85 28.45
N ILE D 96 37.91 -12.41 29.42
CA ILE D 96 38.29 -12.35 30.83
C ILE D 96 38.24 -13.76 31.40
N THR D 97 38.93 -13.96 32.52
CA THR D 97 38.99 -15.23 33.20
C THR D 97 38.45 -15.08 34.62
N LEU D 98 37.48 -15.92 34.98
CA LEU D 98 36.92 -15.86 36.33
C LEU D 98 36.69 -17.25 36.91
N SER D 99 37.38 -18.26 36.40
CA SER D 99 37.41 -19.62 36.95
C SER D 99 36.12 -20.39 36.72
N THR D 100 36.26 -21.68 36.41
CA THR D 100 35.08 -22.52 36.18
C THR D 100 34.25 -22.68 37.44
N THR D 101 34.86 -22.54 38.62
CA THR D 101 34.10 -22.60 39.86
C THR D 101 33.05 -21.50 39.90
N ILE D 102 33.48 -20.25 39.70
CA ILE D 102 32.54 -19.13 39.69
C ILE D 102 31.62 -19.24 38.48
N ARG D 103 32.12 -19.74 37.35
CA ARG D 103 31.26 -19.92 36.18
C ARG D 103 30.08 -20.83 36.50
N SER D 104 30.34 -21.94 37.20
CA SER D 104 29.26 -22.84 37.58
C SER D 104 28.41 -22.26 38.70
N VAL D 105 29.01 -21.48 39.60
CA VAL D 105 28.24 -20.89 40.70
C VAL D 105 27.19 -19.92 40.16
N GLY D 106 27.61 -19.01 39.29
CA GLY D 106 26.71 -18.04 38.71
C GLY D 106 26.03 -18.49 37.44
N ASN D 107 26.23 -19.74 37.03
CA ASN D 107 25.66 -20.29 35.80
C ASN D 107 26.06 -19.45 34.58
N LEU D 108 27.30 -18.94 34.59
CA LEU D 108 27.82 -18.18 33.47
C LEU D 108 28.15 -19.13 32.32
N ILE D 109 27.66 -18.79 31.12
CA ILE D 109 27.93 -19.57 29.93
C ILE D 109 28.92 -18.80 29.07
N LEU D 110 29.81 -19.53 28.41
CA LEU D 110 30.87 -18.93 27.62
C LEU D 110 30.25 -18.24 26.40
N GLY D 111 30.14 -16.91 26.46
CA GLY D 111 29.52 -16.16 25.38
C GLY D 111 28.70 -14.98 25.85
N ASP D 112 28.49 -14.88 27.16
CA ASP D 112 27.72 -13.78 27.72
C ASP D 112 28.54 -12.50 27.73
N ARG D 113 27.84 -11.37 27.84
CA ARG D 113 28.47 -10.06 27.90
C ARG D 113 28.59 -9.60 29.34
N LEU D 114 29.76 -9.06 29.69
CA LEU D 114 30.04 -8.65 31.06
C LEU D 114 30.64 -7.26 31.06
N GLU D 115 30.45 -6.55 32.16
CA GLU D 115 30.94 -5.19 32.33
C GLU D 115 31.67 -5.07 33.67
N LEU D 116 32.45 -4.00 33.80
CA LEU D 116 33.22 -3.73 35.01
C LEU D 116 32.73 -2.47 35.68
N LYS D 117 32.69 -2.49 37.02
CA LYS D 117 32.23 -1.37 37.82
C LYS D 117 33.20 -1.15 38.98
N LYS D 118 32.85 -0.21 39.85
CA LYS D 118 33.69 0.12 41.00
C LYS D 118 33.56 -0.93 42.09
N ALA D 119 34.63 -1.09 42.87
CA ALA D 119 34.65 -2.08 43.94
C ALA D 119 33.74 -1.67 45.09
N GLN D 120 33.20 -2.68 45.77
CA GLN D 120 32.30 -2.47 46.90
C GLN D 120 33.08 -2.55 48.22
N VAL D 121 32.35 -2.55 49.33
CA VAL D 121 32.99 -2.59 50.64
C VAL D 121 33.59 -3.97 50.90
N GLN D 122 34.65 -4.00 51.72
CA GLN D 122 35.33 -5.24 52.03
C GLN D 122 34.42 -6.17 52.84
N PRO D 123 34.56 -7.48 52.65
CA PRO D 123 33.72 -8.43 53.39
C PRO D 123 34.11 -8.49 54.85
N PRO D 124 33.14 -8.42 55.77
CA PRO D 124 33.47 -8.39 57.20
C PRO D 124 34.11 -9.68 57.72
N TYR D 125 33.41 -10.81 57.58
CA TYR D 125 33.86 -12.08 58.17
C TYR D 125 32.88 -13.17 57.76
N ALA D 126 33.39 -14.40 57.69
CA ALA D 126 32.57 -15.58 57.45
C ALA D 126 32.14 -16.19 58.78
N THR D 127 31.00 -16.88 58.77
CA THR D 127 30.37 -17.33 60.00
C THR D 127 30.36 -18.85 60.17
N LYS D 128 29.75 -19.59 59.24
CA LYS D 128 29.51 -21.02 59.44
C LYS D 128 30.28 -21.90 58.45
N VAL D 129 30.05 -21.72 57.14
CA VAL D 129 30.46 -22.58 56.03
C VAL D 129 30.18 -24.07 56.29
N THR D 130 29.73 -24.77 55.25
CA THR D 130 29.37 -26.18 55.39
C THR D 130 29.47 -26.88 54.05
N VAL D 131 30.20 -27.99 54.00
CA VAL D 131 30.33 -28.76 52.78
C VAL D 131 29.03 -29.51 52.51
N GLY D 132 28.78 -29.80 51.23
CA GLY D 132 27.55 -30.45 50.82
C GLY D 132 27.70 -31.87 50.33
N SER D 133 28.83 -32.18 49.68
CA SER D 133 29.11 -33.50 49.12
C SER D 133 28.02 -33.91 48.13
N LEU D 134 27.96 -33.15 47.03
CA LEU D 134 26.95 -33.36 46.01
C LEU D 134 27.08 -34.72 45.36
N GLN D 135 25.99 -35.15 44.71
CA GLN D 135 25.85 -36.44 44.02
C GLN D 135 26.47 -37.60 44.79
N GLY D 136 26.35 -37.57 46.12
CA GLY D 136 26.88 -38.63 46.95
C GLY D 136 26.07 -38.81 48.20
N TYR D 137 26.41 -39.84 48.96
CA TYR D 137 25.74 -40.17 50.21
C TYR D 137 26.40 -39.53 51.42
N ASN D 138 27.38 -38.66 51.21
CA ASN D 138 28.12 -37.97 52.27
C ASN D 138 28.83 -39.02 53.13
N ILE D 139 29.05 -38.70 54.41
CA ILE D 139 29.77 -39.56 55.35
C ILE D 139 31.11 -39.93 54.73
N LEU D 140 31.85 -38.92 54.28
CA LEU D 140 33.15 -39.17 53.66
C LEU D 140 34.17 -39.61 54.70
N GLU D 141 34.25 -38.90 55.82
CA GLU D 141 35.06 -39.27 56.98
C GLU D 141 36.49 -39.66 56.60
N CYS D 142 36.68 -40.92 56.18
CA CYS D 142 38.02 -41.43 55.94
C CYS D 142 38.71 -40.69 54.80
N MET D 143 37.98 -40.41 53.72
CA MET D 143 38.57 -39.75 52.56
C MET D 143 38.53 -38.23 52.65
N GLU D 144 38.07 -37.68 53.77
CA GLU D 144 38.07 -36.23 53.95
C GLU D 144 39.49 -35.68 53.93
N GLU D 145 40.29 -36.06 54.92
CA GLU D 145 41.71 -35.67 55.02
C GLU D 145 41.87 -34.15 54.98
N LYS D 146 41.06 -33.47 55.78
CA LYS D 146 41.14 -32.01 55.96
C LYS D 146 40.95 -31.27 54.64
N VAL D 147 39.74 -31.42 54.10
CA VAL D 147 39.36 -30.64 52.92
C VAL D 147 39.31 -29.15 53.26
N ILE D 148 39.06 -28.82 54.52
CA ILE D 148 38.88 -27.43 54.93
C ILE D 148 40.11 -26.58 54.60
N GLN D 149 41.31 -27.14 54.81
CA GLN D 149 42.53 -26.40 54.51
C GLN D 149 42.61 -26.04 53.03
N LYS D 150 42.29 -26.99 52.16
CA LYS D 150 42.32 -26.72 50.72
C LYS D 150 41.26 -25.69 50.34
N LEU D 151 40.07 -25.77 50.93
CA LEU D 151 39.00 -24.83 50.59
C LEU D 151 39.35 -23.42 51.03
N LEU D 152 39.80 -23.25 52.27
CA LEU D 152 40.06 -21.93 52.82
C LEU D 152 41.46 -21.41 52.53
N ASP D 153 42.30 -22.20 51.87
CA ASP D 153 43.61 -21.70 51.46
C ASP D 153 43.50 -20.71 50.31
N ASP D 154 42.38 -20.69 49.60
CA ASP D 154 42.16 -19.79 48.48
C ASP D 154 41.37 -18.57 48.94
N SER D 155 41.66 -17.43 48.32
CA SER D 155 40.91 -16.22 48.61
C SER D 155 39.51 -16.30 48.02
N GLY D 156 38.56 -15.67 48.71
CA GLY D 156 37.18 -15.70 48.27
C GLY D 156 36.34 -16.72 49.01
N VAL D 157 36.09 -17.86 48.37
CA VAL D 157 35.28 -18.94 48.93
C VAL D 157 33.92 -18.39 49.31
N ILE D 158 33.09 -18.09 48.32
CA ILE D 158 31.78 -17.48 48.57
C ILE D 158 30.79 -18.56 48.99
N MET D 159 29.90 -18.20 49.93
CA MET D 159 29.00 -19.17 50.54
C MET D 159 27.84 -19.59 49.61
N PRO D 160 27.25 -18.69 48.80
CA PRO D 160 26.18 -19.13 47.91
C PRO D 160 26.58 -20.17 46.86
N GLY D 161 27.83 -20.65 46.90
CA GLY D 161 28.19 -21.78 46.06
C GLY D 161 29.67 -21.91 45.74
N MET D 162 30.11 -23.15 45.52
CA MET D 162 31.43 -23.42 44.97
C MET D 162 31.41 -24.82 44.37
N ILE D 163 32.07 -24.97 43.22
CA ILE D 163 32.18 -26.26 42.54
C ILE D 163 33.63 -26.45 42.13
N PHE D 164 34.24 -27.55 42.59
CA PHE D 164 35.62 -27.86 42.26
C PHE D 164 35.77 -29.36 42.09
N GLN D 165 36.75 -29.75 41.27
CA GLN D 165 37.02 -31.15 41.05
C GLN D 165 37.72 -31.76 42.27
N ASN D 166 37.52 -33.07 42.45
CA ASN D 166 38.09 -33.76 43.60
C ASN D 166 39.61 -33.80 43.55
N LEU D 167 40.19 -33.74 42.34
CA LEU D 167 41.64 -33.82 42.13
C LEU D 167 42.11 -35.17 42.68
N LYS D 168 43.07 -35.22 43.61
CA LYS D 168 43.58 -36.47 44.14
C LYS D 168 43.43 -36.44 45.66
N THR D 169 42.55 -37.30 46.19
CA THR D 169 42.35 -37.45 47.63
C THR D 169 42.55 -38.92 47.99
N LYS D 170 43.71 -39.22 48.59
CA LYS D 170 44.13 -40.57 48.97
C LYS D 170 43.75 -41.61 47.93
N ALA D 171 43.28 -42.77 48.39
CA ALA D 171 42.85 -43.84 47.50
C ALA D 171 41.36 -43.72 47.23
N GLY D 172 40.81 -44.71 46.52
CA GLY D 172 39.39 -44.70 46.21
C GLY D 172 39.00 -43.84 45.04
N ASP D 173 39.98 -43.37 44.25
CA ASP D 173 39.82 -42.54 43.05
C ASP D 173 38.51 -41.76 42.98
N GLU D 174 37.71 -42.02 41.93
CA GLU D 174 36.39 -41.45 41.67
C GLU D 174 36.40 -39.93 41.68
N SER D 175 35.21 -39.33 41.54
CA SER D 175 35.07 -37.89 41.51
C SER D 175 33.96 -37.47 42.48
N ILE D 176 34.27 -36.49 43.33
CA ILE D 176 33.31 -35.98 44.31
C ILE D 176 33.38 -34.46 44.31
N ASP D 177 32.22 -33.82 44.48
CA ASP D 177 32.11 -32.37 44.59
C ASP D 177 31.27 -32.01 45.80
N VAL D 178 31.54 -30.83 46.37
CA VAL D 178 30.90 -30.39 47.59
C VAL D 178 30.16 -29.09 47.32
N VAL D 179 29.16 -28.82 48.17
CA VAL D 179 28.31 -27.64 48.07
C VAL D 179 28.43 -26.85 49.36
N ILE D 180 28.63 -25.53 49.23
CA ILE D 180 28.86 -24.64 50.37
C ILE D 180 27.65 -23.76 50.65
N THR D 181 26.51 -24.04 50.01
CA THR D 181 25.36 -23.13 49.98
C THR D 181 24.62 -23.14 51.32
N ASP D 182 25.12 -22.34 52.26
CA ASP D 182 24.38 -22.00 53.46
C ASP D 182 25.08 -20.84 54.16
N ALA D 183 24.33 -20.13 55.00
CA ALA D 183 24.87 -19.04 55.77
C ALA D 183 23.93 -18.73 56.92
N SER D 184 24.46 -18.03 57.94
CA SER D 184 23.67 -17.61 59.08
C SER D 184 23.80 -16.12 59.38
N ASP D 185 24.61 -15.39 58.62
CA ASP D 185 24.79 -13.96 58.82
C ASP D 185 24.00 -13.17 57.78
N ASP D 186 23.70 -11.93 58.12
CA ASP D 186 22.91 -11.04 57.28
C ASP D 186 23.75 -9.86 56.83
N SER D 187 23.61 -9.47 55.57
CA SER D 187 24.32 -8.33 55.01
C SER D 187 23.37 -7.15 54.89
N LEU D 188 23.80 -6.00 55.39
CA LEU D 188 22.95 -4.80 55.36
C LEU D 188 22.60 -4.37 53.94
N PRO D 189 23.53 -4.28 52.98
CA PRO D 189 23.12 -3.91 51.62
C PRO D 189 22.40 -5.07 50.94
N ASP D 190 21.17 -4.83 50.51
CA ASP D 190 20.38 -5.83 49.80
C ASP D 190 20.67 -5.85 48.31
N VAL D 191 21.46 -4.90 47.80
CA VAL D 191 21.80 -4.88 46.38
C VAL D 191 22.63 -6.11 46.02
N SER D 192 23.62 -6.44 46.85
CA SER D 192 24.50 -7.58 46.60
C SER D 192 23.93 -8.80 47.28
N GLN D 193 23.32 -9.69 46.48
CA GLN D 193 22.77 -10.94 47.01
C GLN D 193 23.83 -12.01 47.18
N LEU D 194 25.01 -11.84 46.59
CA LEU D 194 26.09 -12.83 46.71
C LEU D 194 26.77 -12.79 48.08
N ASP D 195 26.76 -11.63 48.75
CA ASP D 195 27.27 -11.43 50.11
C ASP D 195 28.52 -12.23 50.42
N LEU D 196 29.58 -12.04 49.62
CA LEU D 196 30.83 -12.76 49.84
C LEU D 196 31.46 -12.35 51.16
N ASN D 197 32.14 -13.29 51.81
CA ASN D 197 32.81 -13.06 53.06
C ASN D 197 34.25 -13.53 52.98
N MET D 198 35.12 -12.89 53.76
CA MET D 198 36.54 -13.23 53.77
C MET D 198 36.76 -14.56 54.48
N ASP D 199 37.97 -15.09 54.32
CA ASP D 199 38.34 -16.40 54.83
C ASP D 199 39.38 -16.26 55.94
N ASP D 200 39.22 -17.08 56.99
CA ASP D 200 40.16 -17.11 58.10
C ASP D 200 40.37 -18.56 58.51
N MET D 201 41.61 -19.03 58.46
CA MET D 201 41.95 -20.41 58.78
C MET D 201 43.17 -20.45 59.67
N TYR D 202 43.16 -21.37 60.63
CA TYR D 202 44.28 -21.62 61.54
C TYR D 202 44.77 -23.03 61.28
N GLY D 203 45.80 -23.16 60.43
CA GLY D 203 46.34 -24.47 60.11
C GLY D 203 47.44 -24.34 59.08
N GLY D 204 47.94 -25.49 58.67
CA GLY D 204 49.01 -25.55 57.68
C GLY D 204 48.77 -26.67 56.70
N LEU D 205 49.43 -26.55 55.55
CA LEU D 205 49.34 -27.54 54.48
C LEU D 205 47.89 -27.76 54.04
N GLY D 220 40.68 -23.80 64.28
CA GLY D 220 40.14 -24.90 63.51
C GLY D 220 38.82 -24.58 62.85
N SER D 221 38.88 -23.97 61.67
CA SER D 221 37.70 -23.59 60.89
C SER D 221 36.86 -22.62 61.74
N THR D 222 35.54 -22.59 61.50
CA THR D 222 34.61 -21.73 62.24
C THR D 222 33.43 -22.58 62.74
N HIS D 223 33.61 -23.19 63.91
CA HIS D 223 32.56 -23.96 64.57
C HIS D 223 32.03 -25.07 63.66
N ILE D 224 32.94 -25.97 63.27
CA ILE D 224 32.71 -27.17 62.46
C ILE D 224 32.13 -26.81 61.09
N THR D 225 32.27 -27.73 60.14
CA THR D 225 31.77 -27.48 58.79
C THR D 225 31.00 -28.68 58.24
N PHE D 226 31.14 -29.85 58.88
CA PHE D 226 30.49 -31.06 58.39
C PHE D 226 29.09 -31.16 58.98
N SER D 227 28.08 -30.96 58.14
CA SER D 227 26.69 -31.03 58.60
C SER D 227 25.79 -31.27 57.39
N LYS D 228 25.15 -32.44 57.35
CA LYS D 228 24.14 -32.78 56.34
C LYS D 228 24.70 -32.80 54.92
N GLU D 229 23.86 -33.15 53.96
CA GLU D 229 24.23 -33.19 52.55
C GLU D 229 23.11 -32.59 51.70
N THR D 230 22.58 -31.46 52.16
CA THR D 230 21.41 -30.86 51.53
C THR D 230 21.79 -30.26 50.17
N GLN D 231 20.75 -29.96 49.38
CA GLN D 231 20.92 -29.37 48.05
C GLN D 231 21.26 -27.88 48.20
N ALA D 232 21.30 -27.17 47.08
CA ALA D 232 21.60 -25.75 47.11
C ALA D 232 20.53 -24.99 47.88
N ASN D 233 20.96 -23.97 48.63
CA ASN D 233 20.03 -23.17 49.42
C ASN D 233 19.02 -22.48 48.52
N ARG D 234 17.75 -22.59 48.89
CA ARG D 234 16.67 -22.02 48.09
C ARG D 234 16.25 -20.63 48.55
N LYS D 235 16.67 -20.22 49.75
CA LYS D 235 16.30 -18.89 50.25
C LYS D 235 16.85 -17.79 49.36
N TYR D 236 18.08 -17.96 48.87
CA TYR D 236 18.66 -16.98 47.96
C TYR D 236 18.03 -17.03 46.57
N ASN D 237 17.35 -18.13 46.24
CA ASN D 237 16.68 -18.30 44.94
C ASN D 237 17.65 -18.09 43.78
N LEU D 238 18.86 -18.63 43.92
CA LEU D 238 19.86 -18.52 42.87
C LEU D 238 19.46 -19.36 41.66
N PRO D 239 19.84 -18.93 40.46
CA PRO D 239 19.58 -19.75 39.27
C PRO D 239 20.32 -21.07 39.35
N GLU D 240 19.69 -22.12 38.85
CA GLU D 240 20.25 -23.46 38.87
C GLU D 240 20.58 -23.92 37.46
N PRO D 241 21.76 -24.49 37.22
CA PRO D 241 22.10 -24.96 35.88
C PRO D 241 21.26 -26.17 35.48
N LEU D 242 20.42 -26.00 34.45
CA LEU D 242 19.55 -27.08 34.00
C LEU D 242 20.39 -28.20 33.39
N SER D 243 20.02 -29.43 33.71
CA SER D 243 20.73 -30.61 33.25
C SER D 243 19.75 -31.53 32.50
N TYR D 244 20.25 -32.71 32.11
CA TYR D 244 19.44 -33.67 31.37
C TYR D 244 18.41 -34.36 32.24
N ALA D 245 18.49 -34.22 33.56
CA ALA D 245 17.51 -34.85 34.44
C ALA D 245 16.12 -34.26 34.24
N ALA D 246 16.04 -32.94 34.05
CA ALA D 246 14.74 -32.30 33.86
C ALA D 246 14.05 -32.79 32.59
N VAL D 247 14.81 -32.94 31.51
CA VAL D 247 14.25 -33.37 30.23
C VAL D 247 13.94 -34.86 30.30
N GLY D 248 12.73 -35.23 29.91
CA GLY D 248 12.33 -36.63 29.92
C GLY D 248 11.37 -36.94 28.80
N GLY D 249 11.32 -38.22 28.43
CA GLY D 249 10.45 -38.68 27.37
C GLY D 249 11.00 -38.56 25.97
N LEU D 250 12.18 -37.97 25.80
CA LEU D 250 12.79 -37.80 24.49
C LEU D 250 14.16 -38.46 24.45
N ASP D 251 14.24 -39.70 24.96
CA ASP D 251 15.54 -40.35 25.12
C ASP D 251 16.23 -40.56 23.78
N LYS D 252 15.49 -41.02 22.77
CA LYS D 252 16.09 -41.23 21.46
C LYS D 252 16.53 -39.91 20.83
N GLU D 253 15.68 -38.89 20.90
CA GLU D 253 16.02 -37.59 20.31
C GLU D 253 17.17 -36.94 21.07
N ILE D 254 17.17 -37.04 22.40
CA ILE D 254 18.27 -36.44 23.16
C ILE D 254 19.58 -37.18 22.90
N GLU D 255 19.51 -38.51 22.71
CA GLU D 255 20.72 -39.25 22.36
C GLU D 255 21.23 -38.86 20.97
N SER D 256 20.32 -38.67 20.02
CA SER D 256 20.72 -38.22 18.70
C SER D 256 21.37 -36.85 18.75
N LEU D 257 20.79 -35.94 19.55
CA LEU D 257 21.38 -34.60 19.71
C LEU D 257 22.75 -34.68 20.37
N LYS D 258 22.89 -35.55 21.38
CA LYS D 258 24.19 -35.73 22.02
C LYS D 258 25.23 -36.25 21.03
N SER D 259 24.85 -37.21 20.19
CA SER D 259 25.77 -37.71 19.17
C SER D 259 26.14 -36.62 18.18
N ALA D 260 25.16 -35.83 17.74
CA ALA D 260 25.42 -34.79 16.74
C ALA D 260 26.28 -33.67 17.30
N ILE D 261 26.20 -33.42 18.62
CA ILE D 261 27.03 -32.38 19.21
C ILE D 261 28.39 -32.92 19.65
N GLU D 262 28.51 -34.23 19.86
CA GLU D 262 29.76 -34.81 20.32
C GLU D 262 30.69 -35.24 19.19
N ILE D 263 30.13 -35.68 18.05
CA ILE D 263 30.98 -36.18 16.97
C ILE D 263 31.93 -35.12 16.44
N PRO D 264 31.48 -33.91 16.05
CA PRO D 264 32.43 -32.94 15.49
C PRO D 264 33.32 -32.28 16.53
N LEU D 265 32.72 -31.90 17.67
CA LEU D 265 33.45 -31.09 18.65
C LEU D 265 34.54 -31.90 19.35
N HIS D 266 34.20 -33.11 19.81
CA HIS D 266 35.14 -33.87 20.63
C HIS D 266 36.25 -34.50 19.80
N GLN D 267 35.89 -35.17 18.71
CA GLN D 267 36.85 -35.89 17.87
C GLN D 267 36.66 -35.47 16.41
N PRO D 268 37.16 -34.30 16.03
CA PRO D 268 37.06 -33.89 14.63
C PRO D 268 38.10 -34.53 13.73
N THR D 269 39.22 -34.99 14.28
CA THR D 269 40.28 -35.58 13.46
C THR D 269 39.81 -36.86 12.79
N LEU D 270 39.03 -37.68 13.50
CA LEU D 270 38.56 -38.94 12.92
C LEU D 270 37.69 -38.69 11.69
N PHE D 271 36.81 -37.68 11.76
CA PHE D 271 35.96 -37.38 10.62
C PHE D 271 36.72 -36.66 9.52
N SER D 272 37.68 -35.80 9.89
CA SER D 272 38.43 -35.03 8.91
C SER D 272 39.49 -35.84 8.19
N SER D 273 39.89 -37.00 8.73
CA SER D 273 40.88 -37.83 8.05
C SER D 273 40.39 -38.34 6.70
N PHE D 274 39.08 -38.46 6.52
CA PHE D 274 38.55 -38.91 5.23
C PHE D 274 38.64 -37.82 4.18
N GLY D 275 38.41 -36.58 4.57
CA GLY D 275 38.46 -35.44 3.65
C GLY D 275 37.11 -34.94 3.17
N VAL D 276 35.99 -35.51 3.65
CA VAL D 276 34.67 -35.05 3.22
C VAL D 276 34.16 -33.87 4.02
N SER D 277 34.95 -33.37 4.98
CA SER D 277 34.64 -32.23 5.85
C SER D 277 33.52 -32.57 6.83
N PRO D 278 33.56 -32.06 8.05
CA PRO D 278 32.52 -32.36 9.03
C PRO D 278 31.30 -31.49 8.83
N PRO D 279 30.11 -32.00 9.11
CA PRO D 279 28.91 -31.17 9.01
C PRO D 279 28.93 -30.03 10.02
N ARG D 280 28.34 -28.90 9.62
CA ARG D 280 28.34 -27.71 10.43
C ARG D 280 26.95 -27.21 10.82
N GLY D 281 25.91 -27.60 10.08
CA GLY D 281 24.56 -27.11 10.32
C GLY D 281 23.68 -28.18 10.95
N ILE D 282 23.00 -27.79 12.02
CA ILE D 282 22.03 -28.65 12.71
C ILE D 282 20.70 -27.91 12.75
N LEU D 283 19.63 -28.58 12.32
CA LEU D 283 18.31 -27.98 12.25
C LEU D 283 17.42 -28.57 13.33
N LEU D 284 16.74 -27.72 14.08
CA LEU D 284 15.82 -28.12 15.14
C LEU D 284 14.47 -27.45 14.91
N HIS D 285 13.40 -28.24 14.97
CA HIS D 285 12.06 -27.73 14.73
C HIS D 285 11.05 -28.57 15.49
N GLY D 286 9.86 -28.01 15.69
CA GLY D 286 8.79 -28.69 16.37
C GLY D 286 7.62 -27.77 16.66
N PRO D 287 6.54 -28.33 17.20
CA PRO D 287 5.37 -27.51 17.55
C PRO D 287 5.69 -26.54 18.67
N PRO D 288 5.00 -25.42 18.73
CA PRO D 288 5.31 -24.40 19.77
C PRO D 288 5.10 -24.96 21.17
N GLY D 289 5.97 -24.52 22.09
CA GLY D 289 5.87 -24.92 23.47
C GLY D 289 6.36 -26.32 23.79
N THR D 290 6.98 -27.00 22.82
CA THR D 290 7.41 -28.37 23.05
C THR D 290 8.54 -28.42 24.09
N GLY D 291 9.47 -27.47 24.02
CA GLY D 291 10.57 -27.43 24.97
C GLY D 291 11.93 -27.54 24.32
N LYS D 292 11.99 -27.29 23.01
CA LYS D 292 13.26 -27.37 22.28
C LYS D 292 14.26 -26.34 22.81
N THR D 293 13.77 -25.14 23.14
CA THR D 293 14.67 -24.10 23.65
C THR D 293 15.24 -24.49 25.02
N MET D 294 14.47 -25.24 25.81
CA MET D 294 15.03 -25.76 27.05
C MET D 294 16.15 -26.74 26.78
N LEU D 295 16.00 -27.59 25.76
CA LEU D 295 17.11 -28.45 25.36
C LEU D 295 18.32 -27.63 24.94
N LEU D 296 18.08 -26.52 24.23
CA LEU D 296 19.18 -25.64 23.86
C LEU D 296 19.89 -25.09 25.08
N ARG D 297 19.14 -24.60 26.07
CA ARG D 297 19.78 -24.07 27.27
C ARG D 297 20.50 -25.17 28.04
N VAL D 298 19.93 -26.37 28.07
CA VAL D 298 20.52 -27.48 28.82
C VAL D 298 21.86 -27.88 28.19
N VAL D 299 21.89 -28.02 26.86
CA VAL D 299 23.13 -28.37 26.20
C VAL D 299 24.14 -27.23 26.27
N ALA D 300 23.66 -25.97 26.35
CA ALA D 300 24.59 -24.87 26.59
C ALA D 300 25.21 -24.95 27.98
N ASN D 301 24.40 -25.26 28.98
CA ASN D 301 24.92 -25.33 30.35
C ASN D 301 25.88 -26.50 30.52
N THR D 302 25.54 -27.66 29.95
CA THR D 302 26.35 -28.86 30.15
C THR D 302 27.60 -28.87 29.27
N SER D 303 27.69 -27.99 28.29
CA SER D 303 28.84 -27.95 27.41
C SER D 303 29.91 -27.00 27.98
N ASN D 304 31.16 -27.46 27.93
CA ASN D 304 32.28 -26.65 28.39
C ASN D 304 32.84 -25.75 27.29
N ALA D 305 32.28 -25.80 26.09
CA ALA D 305 32.77 -24.99 24.98
C ALA D 305 32.03 -23.66 24.91
N HIS D 306 32.58 -22.75 24.10
CA HIS D 306 32.00 -21.43 23.94
C HIS D 306 30.70 -21.51 23.14
N VAL D 307 29.76 -20.62 23.47
CA VAL D 307 28.49 -20.54 22.76
C VAL D 307 28.30 -19.12 22.24
N LEU D 308 27.50 -19.00 21.19
CA LEU D 308 27.24 -17.72 20.55
C LEU D 308 25.74 -17.43 20.48
N THR D 309 25.04 -17.60 21.59
CA THR D 309 23.61 -17.33 21.62
C THR D 309 23.35 -15.86 21.31
N ILE D 310 22.38 -15.62 20.42
CA ILE D 310 22.03 -14.27 19.97
C ILE D 310 20.61 -13.97 20.37
N ASN D 311 20.28 -12.68 20.36
CA ASN D 311 18.93 -12.23 20.70
C ASN D 311 17.99 -12.26 19.51
N GLY D 312 18.50 -11.95 18.31
CA GLY D 312 17.70 -11.99 17.11
C GLY D 312 17.45 -10.61 16.53
N PRO D 313 16.22 -10.12 16.65
CA PRO D 313 15.88 -8.83 16.04
C PRO D 313 16.62 -7.64 16.62
N SER D 314 17.20 -7.79 17.82
CA SER D 314 17.94 -6.68 18.43
C SER D 314 19.14 -6.27 17.58
N ILE D 315 19.85 -7.25 17.03
CA ILE D 315 20.99 -6.95 16.17
C ILE D 315 20.53 -6.25 14.90
N VAL D 316 19.39 -6.66 14.36
CA VAL D 316 18.87 -6.05 13.13
C VAL D 316 18.51 -4.61 13.39
N SER D 317 19.00 -3.71 12.53
CA SER D 317 18.72 -2.28 12.64
C SER D 317 18.50 -1.72 11.24
N LYS D 318 18.22 -0.41 11.19
CA LYS D 318 17.99 0.24 9.91
C LYS D 318 19.26 0.31 9.07
N TYR D 319 20.42 0.34 9.70
CA TYR D 319 21.69 0.40 8.98
C TYR D 319 22.05 -1.00 8.49
N LEU D 320 22.23 -1.13 7.17
CA LEU D 320 22.60 -2.43 6.62
C LEU D 320 24.03 -2.81 6.97
N GLY D 321 24.92 -1.81 7.11
CA GLY D 321 26.30 -2.10 7.40
C GLY D 321 26.55 -2.51 8.85
N GLU D 322 25.76 -1.99 9.78
CA GLU D 322 25.96 -2.33 11.19
C GLU D 322 25.69 -3.81 11.45
N THR D 323 24.62 -4.33 10.86
CA THR D 323 24.31 -5.76 11.03
C THR D 323 25.40 -6.62 10.42
N GLU D 324 25.90 -6.25 9.25
CA GLU D 324 26.99 -7.00 8.62
C GLU D 324 28.25 -6.96 9.47
N ALA D 325 28.57 -5.79 10.05
CA ALA D 325 29.74 -5.69 10.91
C ALA D 325 29.60 -6.53 12.17
N ALA D 326 28.40 -6.54 12.77
CA ALA D 326 28.17 -7.38 13.93
C ALA D 326 28.31 -8.85 13.57
N LEU D 327 27.78 -9.25 12.41
CA LEU D 327 27.94 -10.63 11.96
C LEU D 327 29.41 -10.98 11.75
N ARG D 328 30.16 -10.08 11.11
CA ARG D 328 31.61 -10.25 11.05
C ARG D 328 32.16 -10.55 12.43
N ASP D 329 32.03 -9.59 13.36
CA ASP D 329 32.66 -9.71 14.66
C ASP D 329 32.31 -11.03 15.34
N ILE D 330 31.03 -11.41 15.31
CA ILE D 330 30.63 -12.63 16.03
C ILE D 330 31.23 -13.86 15.38
N PHE D 331 31.25 -13.93 14.04
CA PHE D 331 31.78 -15.15 13.42
C PHE D 331 33.31 -15.22 13.45
N ASN D 332 34.01 -14.09 13.38
CA ASN D 332 35.45 -14.15 13.62
C ASN D 332 35.75 -14.52 15.07
N GLU D 333 34.93 -14.07 16.03
CA GLU D 333 35.10 -14.53 17.41
C GLU D 333 34.89 -16.03 17.52
N ALA D 334 33.87 -16.55 16.84
CA ALA D 334 33.60 -18.00 16.89
C ALA D 334 34.72 -18.79 16.23
N ARG D 335 35.23 -18.31 15.09
CA ARG D 335 36.23 -19.06 14.34
C ARG D 335 37.60 -18.99 14.99
N LYS D 336 37.95 -17.84 15.57
CA LYS D 336 39.29 -17.66 16.13
C LYS D 336 39.56 -18.65 17.27
N TYR D 337 38.59 -18.82 18.16
CA TYR D 337 38.72 -19.76 19.26
C TYR D 337 38.20 -21.12 18.81
N GLN D 338 39.01 -22.16 18.98
CA GLN D 338 38.65 -23.47 18.45
C GLN D 338 37.36 -24.03 19.04
N PRO D 339 37.16 -24.08 20.38
CA PRO D 339 35.87 -24.55 20.90
C PRO D 339 34.85 -23.43 20.90
N SER D 340 33.85 -23.55 20.02
CA SER D 340 32.82 -22.53 19.90
C SER D 340 31.56 -23.15 19.31
N ILE D 341 30.41 -22.72 19.84
CA ILE D 341 29.11 -23.14 19.33
C ILE D 341 28.31 -21.88 19.00
N ILE D 342 27.42 -22.00 18.01
CA ILE D 342 26.57 -20.89 17.59
C ILE D 342 25.13 -21.32 17.75
N PHE D 343 24.35 -20.53 18.48
CA PHE D 343 22.92 -20.78 18.71
C PHE D 343 22.11 -19.70 18.00
N ILE D 344 21.26 -20.12 17.08
CA ILE D 344 20.36 -19.21 16.35
C ILE D 344 18.94 -19.71 16.53
N ASP D 345 18.05 -18.83 16.97
CA ASP D 345 16.65 -19.13 17.19
C ASP D 345 15.78 -18.25 16.28
N GLU D 346 14.49 -18.60 16.18
CA GLU D 346 13.50 -17.86 15.35
C GLU D 346 14.05 -17.68 13.93
N ILE D 347 14.45 -18.78 13.29
CA ILE D 347 15.08 -18.78 11.94
C ILE D 347 14.12 -18.24 10.86
N ASP D 348 12.83 -18.58 10.94
CA ASP D 348 11.85 -18.18 9.91
C ASP D 348 11.76 -16.65 9.77
N SER D 349 11.75 -15.93 10.90
CA SER D 349 11.63 -14.44 10.87
C SER D 349 12.86 -13.83 10.18
N ILE D 350 14.00 -13.83 10.88
CA ILE D 350 15.27 -13.30 10.43
C ILE D 350 15.54 -13.67 8.97
N ALA D 351 15.12 -14.88 8.57
CA ALA D 351 15.33 -15.37 7.22
C ALA D 351 14.00 -15.86 6.64
N PRO D 352 13.13 -14.94 6.21
CA PRO D 352 11.88 -15.36 5.57
C PRO D 352 12.15 -16.03 4.23
N ASN D 353 11.20 -16.86 3.82
CA ASN D 353 11.28 -17.49 2.51
C ASN D 353 11.25 -16.44 1.41
N ARG D 354 12.17 -16.56 0.45
CA ARG D 354 12.24 -15.58 -0.64
C ARG D 354 10.99 -15.64 -1.51
N ALA D 355 10.50 -16.86 -1.80
CA ALA D 355 9.34 -16.99 -2.65
C ALA D 355 8.06 -16.54 -1.96
N ASN D 356 8.06 -16.50 -0.63
CA ASN D 356 6.86 -16.11 0.10
C ASN D 356 6.50 -14.64 -0.15
N ASP D 357 7.47 -13.74 0.01
CA ASP D 357 7.24 -12.32 -0.19
C ASP D 357 8.56 -11.60 -0.39
N ASP D 358 8.47 -10.40 -0.96
CA ASP D 358 9.64 -9.53 -1.14
C ASP D 358 9.60 -8.47 -0.04
N SER D 359 10.05 -8.88 1.16
CA SER D 359 10.01 -7.98 2.30
C SER D 359 10.93 -6.77 2.10
N GLY D 360 12.11 -6.98 1.54
CA GLY D 360 13.07 -5.91 1.36
C GLY D 360 13.90 -5.67 2.60
N GLU D 361 14.86 -4.74 2.45
CA GLU D 361 15.81 -4.42 3.51
C GLU D 361 16.52 -5.67 4.00
N VAL D 362 16.11 -6.20 5.15
CA VAL D 362 16.60 -7.48 5.65
C VAL D 362 15.93 -8.55 4.82
N GLU D 363 16.70 -9.22 3.97
CA GLU D 363 16.16 -10.16 3.00
C GLU D 363 17.20 -11.25 2.77
N SER D 364 17.07 -11.97 1.65
CA SER D 364 17.92 -13.11 1.33
C SER D 364 19.40 -12.77 1.30
N ARG D 365 19.75 -11.48 1.40
CA ARG D 365 21.15 -11.10 1.51
C ARG D 365 21.79 -11.68 2.76
N VAL D 366 21.06 -11.67 3.89
CA VAL D 366 21.57 -12.28 5.10
C VAL D 366 21.69 -13.79 4.93
N VAL D 367 20.77 -14.40 4.18
CA VAL D 367 20.87 -15.83 3.89
C VAL D 367 22.15 -16.13 3.13
N ALA D 368 22.44 -15.31 2.11
CA ALA D 368 23.64 -15.51 1.31
C ALA D 368 24.90 -15.32 2.14
N THR D 369 24.92 -14.29 2.99
CA THR D 369 26.13 -14.06 3.80
C THR D 369 26.30 -15.15 4.85
N LEU D 370 25.21 -15.68 5.40
CA LEU D 370 25.32 -16.80 6.33
C LEU D 370 25.84 -18.04 5.62
N LEU D 371 25.35 -18.30 4.40
CA LEU D 371 25.84 -19.45 3.64
C LEU D 371 27.33 -19.32 3.33
N THR D 372 27.77 -18.13 2.93
CA THR D 372 29.19 -17.92 2.68
C THR D 372 30.01 -18.03 3.96
N LEU D 373 29.43 -17.64 5.10
CA LEU D 373 30.14 -17.77 6.37
C LEU D 373 30.32 -19.23 6.76
N MET D 374 29.26 -20.02 6.70
CA MET D 374 29.32 -21.41 7.14
C MET D 374 29.85 -22.35 6.07
N ASP D 375 30.12 -21.86 4.86
CA ASP D 375 30.68 -22.73 3.84
C ASP D 375 32.16 -23.03 4.11
N GLY D 376 32.94 -22.02 4.47
CA GLY D 376 34.38 -22.18 4.54
C GLY D 376 35.08 -21.64 5.77
N MET D 377 34.50 -21.83 6.96
CA MET D 377 35.12 -21.29 8.17
C MET D 377 36.51 -21.90 8.40
N GLY D 378 36.74 -23.11 7.94
CA GLY D 378 38.01 -23.78 8.13
C GLY D 378 38.01 -25.13 7.45
N ALA D 379 39.17 -25.79 7.52
CA ALA D 379 39.30 -27.10 6.89
C ALA D 379 38.59 -28.18 7.72
N ALA D 380 39.08 -28.44 8.93
CA ALA D 380 38.42 -29.35 9.85
C ALA D 380 37.67 -28.60 10.95
N GLY D 381 38.39 -27.83 11.76
CA GLY D 381 37.82 -27.04 12.82
C GLY D 381 36.93 -27.80 13.79
N LYS D 382 36.20 -27.05 14.62
CA LYS D 382 35.11 -27.60 15.42
C LYS D 382 34.10 -26.47 15.63
N VAL D 383 33.13 -26.41 14.73
CA VAL D 383 32.14 -25.33 14.71
C VAL D 383 30.81 -25.90 14.24
N VAL D 384 29.77 -25.75 15.04
CA VAL D 384 28.42 -26.17 14.67
C VAL D 384 27.46 -25.04 14.97
N VAL D 385 26.37 -25.00 14.22
CA VAL D 385 25.31 -24.01 14.39
C VAL D 385 23.99 -24.75 14.57
N ILE D 386 23.21 -24.32 15.57
CA ILE D 386 21.92 -24.93 15.87
C ILE D 386 20.83 -23.92 15.54
N ALA D 387 19.91 -24.31 14.67
CA ALA D 387 18.81 -23.45 14.23
C ALA D 387 17.51 -24.00 14.80
N ALA D 388 16.79 -23.17 15.55
CA ALA D 388 15.50 -23.52 16.12
C ALA D 388 14.42 -22.70 15.44
N THR D 389 13.46 -23.37 14.82
CA THR D 389 12.39 -22.71 14.09
C THR D 389 11.06 -23.33 14.48
N ASN D 390 10.01 -22.51 14.46
CA ASN D 390 8.68 -23.00 14.80
C ASN D 390 8.11 -23.88 13.71
N ARG D 391 8.24 -23.48 12.45
CA ARG D 391 7.73 -24.24 11.32
C ARG D 391 8.81 -24.33 10.25
N PRO D 392 9.24 -25.53 9.86
CA PRO D 392 10.27 -25.63 8.81
C PRO D 392 9.82 -25.11 7.46
N ASN D 393 8.52 -25.05 7.19
CA ASN D 393 8.05 -24.57 5.90
C ASN D 393 8.39 -23.10 5.68
N SER D 394 8.26 -22.27 6.73
CA SER D 394 8.59 -20.86 6.62
C SER D 394 10.08 -20.61 6.48
N VAL D 395 10.92 -21.60 6.78
CA VAL D 395 12.36 -21.42 6.65
C VAL D 395 12.74 -21.33 5.17
N ASP D 396 13.72 -20.47 4.89
CA ASP D 396 14.19 -20.31 3.52
C ASP D 396 14.75 -21.63 3.00
N PRO D 397 14.33 -22.10 1.83
CA PRO D 397 14.86 -23.37 1.31
C PRO D 397 16.37 -23.34 1.06
N ALA D 398 16.98 -22.16 0.93
CA ALA D 398 18.42 -22.09 0.77
C ALA D 398 19.14 -22.67 1.99
N LEU D 399 18.65 -22.34 3.19
CA LEU D 399 19.19 -22.97 4.40
C LEU D 399 18.86 -24.46 4.43
N ARG D 400 17.63 -24.82 4.04
CA ARG D 400 17.20 -26.23 4.04
C ARG D 400 17.81 -26.94 2.84
N ARG D 401 19.10 -27.24 2.96
CA ARG D 401 19.84 -27.92 1.92
C ARG D 401 20.75 -28.98 2.55
N PRO D 402 20.93 -30.12 1.89
CA PRO D 402 21.90 -31.11 2.40
C PRO D 402 23.31 -30.58 2.49
N GLY D 403 23.68 -29.59 1.69
CA GLY D 403 24.98 -28.96 1.83
C GLY D 403 25.07 -27.99 3.00
N ARG D 404 23.94 -27.60 3.58
CA ARG D 404 23.90 -26.66 4.68
C ARG D 404 23.28 -27.24 5.95
N PHE D 405 22.13 -27.88 5.84
CA PHE D 405 21.36 -28.36 6.99
C PHE D 405 20.95 -29.81 6.78
N ASP D 406 21.90 -30.67 6.41
CA ASP D 406 21.58 -32.07 6.14
C ASP D 406 21.04 -32.79 7.38
N GLN D 407 21.51 -32.42 8.56
CA GLN D 407 20.96 -32.98 9.78
C GLN D 407 19.73 -32.18 10.21
N GLU D 408 18.61 -32.87 10.39
CA GLU D 408 17.37 -32.27 10.88
C GLU D 408 16.96 -32.99 12.15
N VAL D 409 16.64 -32.21 13.19
CA VAL D 409 16.17 -32.76 14.46
C VAL D 409 14.73 -32.30 14.66
N GLU D 410 13.82 -33.26 14.75
CA GLU D 410 12.40 -32.99 14.93
C GLU D 410 11.97 -33.49 16.31
N ILE D 411 11.34 -32.60 17.09
CA ILE D 411 10.86 -32.93 18.42
C ILE D 411 9.33 -32.89 18.35
N GLY D 412 8.72 -34.05 18.14
CA GLY D 412 7.29 -34.13 17.98
C GLY D 412 6.54 -33.98 19.30
N ILE D 413 5.21 -33.99 19.19
CA ILE D 413 4.36 -33.88 20.37
C ILE D 413 4.55 -35.11 21.26
N PRO D 414 4.70 -34.94 22.57
CA PRO D 414 4.87 -36.11 23.44
C PRO D 414 3.65 -37.02 23.41
N ASP D 415 3.89 -38.32 23.48
CA ASP D 415 2.83 -39.31 23.57
C ASP D 415 2.50 -39.57 25.02
N VAL D 416 1.73 -40.63 25.29
CA VAL D 416 1.34 -40.94 26.67
C VAL D 416 2.57 -41.26 27.52
N ASP D 417 3.50 -42.05 26.97
CA ASP D 417 4.68 -42.43 27.74
C ASP D 417 5.56 -41.22 28.04
N ALA D 418 5.78 -40.36 27.04
CA ALA D 418 6.60 -39.18 27.25
C ALA D 418 5.96 -38.22 28.24
N ARG D 419 4.65 -38.02 28.14
CA ARG D 419 3.95 -37.15 29.08
C ARG D 419 4.02 -37.71 30.50
N PHE D 420 3.85 -39.03 30.64
CA PHE D 420 3.98 -39.65 31.96
C PHE D 420 5.38 -39.48 32.52
N ASP D 421 6.40 -39.64 31.68
CA ASP D 421 7.78 -39.45 32.13
C ASP D 421 8.01 -38.00 32.56
N ILE D 422 7.49 -37.04 31.80
CA ILE D 422 7.65 -35.63 32.16
C ILE D 422 6.97 -35.33 33.48
N LEU D 423 5.75 -35.84 33.68
CA LEU D 423 5.05 -35.60 34.93
C LEU D 423 5.79 -36.22 36.12
N THR D 424 6.29 -37.45 35.95
CA THR D 424 7.04 -38.09 37.02
C THR D 424 8.32 -37.30 37.34
N LYS D 425 9.02 -36.83 36.31
CA LYS D 425 10.22 -36.03 36.54
C LYS D 425 9.89 -34.73 37.26
N GLN D 426 8.79 -34.08 36.88
CA GLN D 426 8.40 -32.84 37.54
C GLN D 426 8.05 -33.07 39.01
N PHE D 427 7.30 -34.13 39.30
CA PHE D 427 6.96 -34.45 40.68
C PHE D 427 8.21 -34.78 41.49
N SER D 428 9.14 -35.54 40.89
CA SER D 428 10.41 -35.80 41.56
C SER D 428 11.20 -34.51 41.78
N ARG D 429 11.02 -33.53 40.88
CA ARG D 429 11.71 -32.27 41.03
C ARG D 429 11.19 -31.49 42.23
N MET D 430 9.87 -31.39 42.39
CA MET D 430 9.39 -30.68 43.58
C MET D 430 9.34 -31.57 44.82
N SER D 431 9.69 -32.84 44.69
CA SER D 431 9.86 -33.75 45.83
C SER D 431 8.53 -34.10 46.48
N SER D 432 8.53 -35.17 47.28
CA SER D 432 7.30 -35.67 47.90
C SER D 432 6.89 -34.88 49.13
N ASP D 433 7.69 -33.89 49.56
CA ASP D 433 7.31 -33.08 50.71
C ASP D 433 6.09 -32.22 50.41
N ARG D 434 5.99 -31.70 49.19
CA ARG D 434 4.93 -30.77 48.84
C ARG D 434 3.73 -31.44 48.18
N HIS D 435 3.74 -32.75 47.97
CA HIS D 435 2.62 -33.41 47.31
C HIS D 435 2.68 -34.90 47.61
N VAL D 436 1.53 -35.56 47.43
CA VAL D 436 1.42 -37.02 47.55
C VAL D 436 0.67 -37.51 46.31
N LEU D 437 1.41 -38.07 45.35
CA LEU D 437 0.84 -38.60 44.13
C LEU D 437 1.32 -40.03 43.92
N ASP D 438 0.42 -40.90 43.49
CA ASP D 438 0.76 -42.29 43.22
C ASP D 438 0.98 -42.51 41.73
N SER D 439 1.58 -43.66 41.40
CA SER D 439 1.90 -43.95 40.00
C SER D 439 0.63 -44.05 39.15
N GLU D 440 -0.41 -44.69 39.67
CA GLU D 440 -1.65 -44.82 38.90
C GLU D 440 -2.30 -43.46 38.66
N ALA D 441 -2.21 -42.54 39.62
CA ALA D 441 -2.75 -41.19 39.40
C ALA D 441 -2.03 -40.48 38.27
N ILE D 442 -0.69 -40.59 38.23
CA ILE D 442 0.07 -39.97 37.16
C ILE D 442 -0.26 -40.61 35.82
N LYS D 443 -0.42 -41.94 35.80
CA LYS D 443 -0.79 -42.62 34.57
C LYS D 443 -2.16 -42.18 34.08
N TYR D 444 -3.12 -42.04 34.99
CA TYR D 444 -4.45 -41.57 34.60
C TYR D 444 -4.41 -40.15 34.08
N ILE D 445 -3.62 -39.28 34.73
CA ILE D 445 -3.49 -37.89 34.26
C ILE D 445 -2.88 -37.86 32.87
N ALA D 446 -1.84 -38.65 32.64
CA ALA D 446 -1.21 -38.70 31.32
C ALA D 446 -2.17 -39.22 30.26
N SER D 447 -2.95 -40.25 30.60
CA SER D 447 -3.92 -40.79 29.66
C SER D 447 -5.00 -39.76 29.33
N LYS D 448 -5.47 -39.02 30.33
CA LYS D 448 -6.49 -38.01 30.10
C LYS D 448 -5.97 -36.90 29.18
N THR D 449 -4.72 -36.48 29.38
CA THR D 449 -4.11 -35.45 28.55
C THR D 449 -3.53 -36.12 27.30
N HIS D 450 -4.42 -36.33 26.32
CA HIS D 450 -4.01 -37.02 25.09
C HIS D 450 -3.21 -36.11 24.17
N GLY D 451 -3.54 -34.81 24.13
CA GLY D 451 -2.86 -33.88 23.25
C GLY D 451 -2.04 -32.81 23.93
N TYR D 452 -1.89 -32.85 25.25
CA TYR D 452 -1.16 -31.80 25.94
C TYR D 452 0.35 -31.98 25.74
N VAL D 453 1.08 -30.89 25.97
CA VAL D 453 2.53 -30.86 25.81
C VAL D 453 3.15 -30.59 27.17
N GLY D 454 4.48 -30.67 27.24
CA GLY D 454 5.17 -30.43 28.50
C GLY D 454 4.90 -29.07 29.08
N ALA D 455 4.87 -28.04 28.22
CA ALA D 455 4.48 -26.71 28.69
C ALA D 455 3.04 -26.70 29.19
N ASP D 456 2.16 -27.41 28.49
CA ASP D 456 0.78 -27.53 28.94
C ASP D 456 0.69 -28.26 30.27
N LEU D 457 1.50 -29.30 30.46
CA LEU D 457 1.52 -30.00 31.73
C LEU D 457 2.01 -29.11 32.87
N THR D 458 3.05 -28.31 32.60
CA THR D 458 3.53 -27.37 33.61
C THR D 458 2.48 -26.34 33.95
N ALA D 459 1.76 -25.83 32.93
CA ALA D 459 0.68 -24.89 33.18
C ALA D 459 -0.43 -25.53 33.99
N LEU D 460 -0.74 -26.80 33.71
CA LEU D 460 -1.75 -27.52 34.48
C LEU D 460 -1.34 -27.63 35.94
N CYS D 461 -0.07 -27.98 36.19
CA CYS D 461 0.41 -28.09 37.56
C CYS D 461 0.35 -26.72 38.26
N ARG D 462 0.74 -25.67 37.56
CA ARG D 462 0.73 -24.33 38.15
C ARG D 462 -0.69 -23.90 38.51
N GLU D 463 -1.64 -24.06 37.58
CA GLU D 463 -3.01 -23.65 37.85
C GLU D 463 -3.64 -24.52 38.94
N SER D 464 -3.28 -25.80 39.01
CA SER D 464 -3.72 -26.62 40.12
C SER D 464 -3.17 -26.09 41.43
N VAL D 465 -1.93 -25.59 41.42
CA VAL D 465 -1.34 -25.01 42.63
C VAL D 465 -2.12 -23.77 43.06
N MET D 466 -2.43 -22.88 42.11
CA MET D 466 -3.22 -21.70 42.48
C MET D 466 -4.60 -22.08 43.00
N LYS D 467 -5.26 -23.05 42.35
CA LYS D 467 -6.58 -23.46 42.81
C LYS D 467 -6.53 -24.06 44.20
N THR D 468 -5.52 -24.89 44.47
CA THR D 468 -5.37 -25.47 45.80
C THR D 468 -5.12 -24.38 46.84
N ILE D 469 -4.26 -23.41 46.51
CA ILE D 469 -3.94 -22.34 47.46
C ILE D 469 -5.19 -21.52 47.77
N GLN D 470 -5.95 -21.15 46.73
CA GLN D 470 -7.14 -20.34 46.95
C GLN D 470 -8.22 -21.11 47.70
N ARG D 471 -8.37 -22.41 47.40
CA ARG D 471 -9.34 -23.22 48.13
C ARG D 471 -8.96 -23.34 49.60
N GLY D 472 -7.67 -23.55 49.88
CA GLY D 472 -7.22 -23.62 51.26
C GLY D 472 -7.44 -22.32 52.00
N LEU D 473 -7.13 -21.19 51.35
CA LEU D 473 -7.35 -19.88 51.97
C LEU D 473 -8.83 -19.65 52.24
N GLY D 474 -9.69 -20.02 51.29
CA GLY D 474 -11.12 -19.80 51.47
C GLY D 474 -11.73 -20.67 52.55
N THR D 475 -11.33 -21.95 52.62
CA THR D 475 -11.98 -22.90 53.51
C THR D 475 -11.25 -23.08 54.83
N ASP D 476 -9.97 -23.45 54.79
CA ASP D 476 -9.24 -23.79 56.01
C ASP D 476 -8.78 -22.57 56.79
N ALA D 477 -8.95 -21.36 56.26
CA ALA D 477 -8.60 -20.12 56.94
C ALA D 477 -7.12 -20.08 57.31
N ASN D 478 -6.27 -20.08 56.28
CA ASN D 478 -4.82 -19.95 56.43
C ASN D 478 -4.23 -21.10 57.25
N ILE D 479 -4.48 -22.31 56.77
CA ILE D 479 -3.91 -23.52 57.38
C ILE D 479 -2.49 -23.69 56.85
N ASP D 480 -1.73 -24.60 57.48
CA ASP D 480 -0.37 -24.87 57.03
C ASP D 480 -0.37 -25.35 55.58
N LYS D 481 0.60 -24.84 54.80
CA LYS D 481 0.65 -25.17 53.38
C LYS D 481 0.90 -26.66 53.15
N PHE D 482 1.79 -27.26 53.94
CA PHE D 482 2.10 -28.68 53.76
C PHE D 482 0.95 -29.58 54.20
N SER D 483 0.02 -29.07 55.01
CA SER D 483 -1.11 -29.89 55.45
C SER D 483 -2.01 -30.26 54.28
N LEU D 484 -2.29 -29.31 53.38
CA LEU D 484 -3.17 -29.56 52.26
C LEU D 484 -2.44 -30.11 51.04
N LYS D 485 -1.16 -29.74 50.87
CA LYS D 485 -0.31 -30.11 49.74
C LYS D 485 -1.09 -30.17 48.42
N VAL D 486 -0.91 -31.24 47.65
CA VAL D 486 -1.53 -31.39 46.34
C VAL D 486 -2.34 -32.67 46.31
N THR D 487 -3.59 -32.58 45.86
CA THR D 487 -4.48 -33.72 45.70
C THR D 487 -4.86 -33.85 44.22
N LEU D 488 -5.82 -34.73 43.94
CA LEU D 488 -6.21 -35.03 42.57
C LEU D 488 -7.43 -34.22 42.10
N LYS D 489 -8.33 -33.85 43.01
CA LYS D 489 -9.54 -33.15 42.62
C LYS D 489 -9.22 -31.78 42.02
N ASP D 490 -8.27 -31.06 42.61
CA ASP D 490 -7.89 -29.77 42.06
C ASP D 490 -7.26 -29.92 40.68
N VAL D 491 -6.46 -30.96 40.48
CA VAL D 491 -5.88 -31.22 39.17
C VAL D 491 -6.96 -31.51 38.14
N GLU D 492 -7.96 -32.32 38.52
CA GLU D 492 -9.05 -32.62 37.61
C GLU D 492 -9.84 -31.37 37.25
N SER D 493 -10.14 -30.53 38.25
CA SER D 493 -10.86 -29.29 37.98
C SER D 493 -10.04 -28.37 37.08
N ALA D 494 -8.73 -28.31 37.32
CA ALA D 494 -7.86 -27.46 36.51
C ALA D 494 -7.83 -27.93 35.06
N MET D 495 -7.70 -29.24 34.84
CA MET D 495 -7.65 -29.73 33.46
C MET D 495 -9.00 -29.63 32.78
N VAL D 496 -10.09 -29.65 33.55
CA VAL D 496 -11.42 -29.41 32.97
C VAL D 496 -11.56 -27.95 32.55
N ASP D 497 -11.14 -27.02 33.41
CA ASP D 497 -11.37 -25.60 33.15
C ASP D 497 -10.36 -25.00 32.18
N ILE D 498 -9.20 -25.63 32.00
CA ILE D 498 -8.13 -25.02 31.23
C ILE D 498 -8.40 -25.02 29.73
N ARG D 499 -9.35 -25.84 29.26
CA ARG D 499 -9.67 -26.04 27.84
C ARG D 499 -8.51 -26.81 27.21
N PRO D 500 -8.78 -27.74 26.28
CA PRO D 500 -7.71 -28.58 25.75
C PRO D 500 -6.66 -27.77 24.98
N SER D 501 -5.53 -28.43 24.71
CA SER D 501 -4.36 -27.75 24.17
C SER D 501 -4.64 -27.16 22.80
N ALA D 502 -5.39 -27.88 21.96
CA ALA D 502 -5.70 -27.39 20.62
C ALA D 502 -6.65 -26.22 20.72
N MET D 503 -6.15 -25.01 20.47
CA MET D 503 -6.97 -23.82 20.52
C MET D 503 -8.07 -23.88 19.47
N ARG D 504 -9.31 -23.65 19.90
CA ARG D 504 -10.48 -23.67 19.02
C ARG D 504 -10.55 -24.96 18.22
N GLU D 505 -10.35 -26.08 18.90
CA GLU D 505 -10.38 -27.37 18.22
C GLU D 505 -11.81 -27.71 17.78
N ILE D 506 -11.90 -28.57 16.77
CA ILE D 506 -13.18 -29.03 16.28
C ILE D 506 -13.42 -30.52 16.54
N PHE D 507 -12.36 -31.32 16.65
CA PHE D 507 -12.48 -32.74 17.01
C PHE D 507 -12.51 -32.82 18.54
N LEU D 508 -13.71 -32.65 19.09
CA LEU D 508 -13.90 -32.57 20.52
C LEU D 508 -13.93 -33.96 21.16
N GLU D 509 -13.83 -33.97 22.49
CA GLU D 509 -13.88 -35.20 23.28
C GLU D 509 -15.27 -35.31 23.89
N MET D 510 -16.16 -35.98 23.19
CA MET D 510 -17.53 -36.12 23.66
C MET D 510 -17.61 -37.18 24.77
N PRO D 511 -18.59 -37.08 25.66
CA PRO D 511 -18.65 -38.01 26.81
C PRO D 511 -18.94 -39.44 26.38
N LYS D 512 -18.80 -40.35 27.34
CA LYS D 512 -18.95 -41.78 27.12
C LYS D 512 -20.13 -42.32 27.92
N VAL D 513 -20.67 -43.45 27.45
CA VAL D 513 -21.80 -44.07 28.11
C VAL D 513 -21.75 -45.58 27.85
N TYR D 514 -22.10 -46.36 28.87
CA TYR D 514 -21.89 -47.80 28.89
C TYR D 514 -22.93 -48.52 28.02
N TRP D 515 -22.66 -49.82 27.79
CA TRP D 515 -23.44 -50.60 26.85
C TRP D 515 -24.90 -50.77 27.29
N SER D 516 -25.14 -51.06 28.57
CA SER D 516 -26.50 -51.31 29.03
C SER D 516 -27.38 -50.08 28.91
N ASP D 517 -26.77 -48.91 28.70
CA ASP D 517 -27.50 -47.67 28.43
C ASP D 517 -27.75 -47.46 26.93
N ILE D 518 -27.38 -48.43 26.10
CA ILE D 518 -27.51 -48.33 24.64
C ILE D 518 -28.62 -49.26 24.19
N GLY D 519 -29.55 -48.74 23.40
CA GLY D 519 -30.63 -49.53 22.84
C GLY D 519 -30.67 -49.38 21.34
N GLY D 520 -30.70 -50.51 20.64
CA GLY D 520 -30.73 -50.50 19.19
C GLY D 520 -30.74 -51.91 18.64
N GLN D 521 -30.77 -51.97 17.31
CA GLN D 521 -30.80 -53.26 16.62
C GLN D 521 -29.45 -53.97 16.77
N GLU D 522 -29.48 -55.29 16.61
CA GLU D 522 -28.27 -56.08 16.75
C GLU D 522 -27.43 -56.12 15.49
N GLU D 523 -28.03 -55.85 14.32
CA GLU D 523 -27.26 -55.86 13.07
C GLU D 523 -26.26 -54.71 13.04
N LEU D 524 -26.67 -53.53 13.49
CA LEU D 524 -25.75 -52.40 13.54
C LEU D 524 -24.63 -52.66 14.53
N LYS D 525 -24.94 -53.31 15.66
CA LYS D 525 -23.90 -53.68 16.62
C LYS D 525 -22.95 -54.71 16.03
N THR D 526 -23.48 -55.64 15.24
CA THR D 526 -22.61 -56.64 14.60
C THR D 526 -21.67 -55.97 13.60
N LYS D 527 -22.17 -55.04 12.80
CA LYS D 527 -21.30 -54.31 11.88
C LYS D 527 -20.32 -53.42 12.63
N MET D 528 -20.74 -52.89 13.77
CA MET D 528 -19.87 -52.15 14.68
C MET D 528 -18.67 -52.99 15.10
N LYS D 529 -18.94 -54.19 15.64
CA LYS D 529 -17.88 -55.09 16.06
C LYS D 529 -17.02 -55.52 14.87
N GLU D 530 -17.66 -55.76 13.73
CA GLU D 530 -16.94 -56.00 12.48
C GLU D 530 -15.87 -54.92 12.22
N MET D 531 -16.31 -53.68 12.10
CA MET D 531 -15.44 -52.60 11.65
C MET D 531 -14.48 -52.13 12.73
N ILE D 532 -14.64 -52.57 13.98
CA ILE D 532 -13.60 -52.31 14.97
C ILE D 532 -12.65 -53.48 15.16
N GLN D 533 -13.12 -54.73 15.04
CA GLN D 533 -12.27 -55.89 15.23
C GLN D 533 -11.37 -56.14 14.03
N LEU D 534 -11.82 -55.83 12.81
CA LEU D 534 -10.97 -56.05 11.66
C LEU D 534 -9.68 -55.22 11.70
N PRO D 535 -9.71 -53.90 11.85
CA PRO D 535 -8.46 -53.13 11.73
C PRO D 535 -7.50 -53.33 12.90
N LEU D 536 -8.01 -53.49 14.11
CA LEU D 536 -7.14 -53.55 15.29
C LEU D 536 -6.33 -54.84 15.33
N GLU D 537 -6.97 -55.97 15.06
CA GLU D 537 -6.30 -57.27 15.15
C GLU D 537 -6.38 -58.04 13.84
N ALA D 538 -6.35 -57.33 12.70
CA ALA D 538 -6.27 -57.99 11.41
C ALA D 538 -5.31 -57.27 10.47
N SER D 539 -4.37 -56.49 11.02
CA SER D 539 -3.38 -55.82 10.17
C SER D 539 -2.51 -56.82 9.43
N GLU D 540 -2.04 -57.86 10.13
CA GLU D 540 -1.22 -58.88 9.48
C GLU D 540 -2.04 -59.65 8.43
N THR D 541 -3.32 -59.93 8.74
CA THR D 541 -4.18 -60.61 7.78
C THR D 541 -4.36 -59.77 6.53
N PHE D 542 -4.58 -58.47 6.69
CA PHE D 542 -4.72 -57.57 5.53
C PHE D 542 -3.42 -57.50 4.74
N ALA D 543 -2.28 -57.45 5.42
CA ALA D 543 -1.00 -57.38 4.72
C ALA D 543 -0.74 -58.65 3.92
N ARG D 544 -1.03 -59.82 4.51
CA ARG D 544 -0.79 -61.08 3.83
C ARG D 544 -1.81 -61.35 2.74
N LEU D 545 -3.03 -60.81 2.88
CA LEU D 545 -4.11 -61.09 1.94
C LEU D 545 -4.38 -59.95 0.97
N GLY D 546 -3.79 -58.78 1.20
CA GLY D 546 -4.00 -57.65 0.31
C GLY D 546 -5.32 -56.96 0.47
N ILE D 547 -6.10 -57.28 1.51
CA ILE D 547 -7.40 -56.65 1.70
C ILE D 547 -7.23 -55.18 2.07
N SER D 548 -6.22 -54.87 2.87
CA SER D 548 -5.93 -53.51 3.35
C SER D 548 -7.12 -53.03 4.17
N ALA D 549 -7.35 -51.72 4.23
CA ALA D 549 -8.43 -51.14 5.01
C ALA D 549 -9.21 -50.16 4.15
N PRO D 550 -10.48 -50.44 3.83
CA PRO D 550 -11.28 -49.46 3.07
C PRO D 550 -11.44 -48.13 3.79
N LYS D 551 -11.47 -48.14 5.12
CA LYS D 551 -11.54 -46.94 5.98
C LYS D 551 -12.69 -46.02 5.61
N GLY D 552 -13.68 -46.53 4.88
CA GLY D 552 -14.83 -45.71 4.51
C GLY D 552 -16.15 -46.33 4.89
N VAL D 553 -16.87 -45.69 5.80
CA VAL D 553 -18.20 -46.14 6.24
C VAL D 553 -19.14 -44.95 6.23
N LEU D 554 -20.29 -45.10 5.60
CA LEU D 554 -21.29 -44.05 5.50
C LEU D 554 -22.49 -44.42 6.36
N LEU D 555 -22.92 -43.48 7.19
CA LEU D 555 -24.05 -43.69 8.10
C LEU D 555 -25.19 -42.78 7.65
N TYR D 556 -26.23 -43.38 7.06
CA TYR D 556 -27.41 -42.66 6.61
C TYR D 556 -28.65 -43.25 7.27
N GLY D 557 -29.54 -42.38 7.72
CA GLY D 557 -30.77 -42.80 8.36
C GLY D 557 -31.63 -41.65 8.79
N PRO D 558 -32.82 -41.94 9.30
CA PRO D 558 -33.71 -40.88 9.79
C PRO D 558 -33.07 -40.14 10.95
N PRO D 559 -33.30 -38.83 11.07
CA PRO D 559 -32.70 -38.07 12.17
C PRO D 559 -33.33 -38.43 13.50
N GLY D 560 -32.51 -38.41 14.56
CA GLY D 560 -32.97 -38.55 15.92
C GLY D 560 -33.07 -39.98 16.42
N CYS D 561 -32.76 -40.97 15.59
CA CYS D 561 -32.87 -42.38 15.99
C CYS D 561 -31.52 -43.07 15.86
N SER D 562 -30.70 -42.95 16.91
CA SER D 562 -29.49 -43.75 17.11
C SER D 562 -28.48 -43.63 15.96
N LYS D 563 -28.45 -42.50 15.27
CA LYS D 563 -27.43 -42.32 14.23
C LYS D 563 -26.05 -42.07 14.85
N THR D 564 -25.99 -41.22 15.88
CA THR D 564 -24.75 -40.93 16.59
C THR D 564 -24.59 -41.81 17.83
N LEU D 565 -25.62 -42.56 18.19
CA LEU D 565 -25.53 -43.45 19.34
C LEU D 565 -24.49 -44.53 19.13
N THR D 566 -24.39 -45.05 17.91
CA THR D 566 -23.37 -46.05 17.60
C THR D 566 -21.97 -45.47 17.79
N ALA D 567 -21.74 -44.25 17.31
CA ALA D 567 -20.44 -43.62 17.48
C ALA D 567 -20.13 -43.37 18.94
N LYS D 568 -21.14 -42.96 19.73
CA LYS D 568 -20.92 -42.74 21.15
C LYS D 568 -20.57 -44.03 21.87
N ALA D 569 -21.31 -45.11 21.59
CA ALA D 569 -21.00 -46.40 22.19
C ALA D 569 -19.64 -46.89 21.75
N LEU D 570 -19.22 -46.54 20.54
CA LEU D 570 -17.90 -46.95 20.06
C LEU D 570 -16.81 -46.19 20.79
N ALA D 571 -16.98 -44.90 20.98
CA ALA D 571 -16.04 -44.12 21.77
C ALA D 571 -15.92 -44.69 23.18
N THR D 572 -17.05 -45.13 23.75
CA THR D 572 -16.99 -45.72 25.08
C THR D 572 -16.26 -47.06 25.08
N GLU D 573 -16.64 -47.97 24.18
CA GLU D 573 -16.15 -49.35 24.28
C GLU D 573 -14.71 -49.48 23.80
N SER D 574 -14.35 -48.82 22.70
CA SER D 574 -13.06 -49.06 22.07
C SER D 574 -11.91 -48.69 23.00
N GLY D 575 -12.03 -47.55 23.68
CA GLY D 575 -10.96 -47.05 24.51
C GLY D 575 -9.87 -46.31 23.76
N ILE D 576 -9.88 -46.37 22.44
CA ILE D 576 -8.94 -45.61 21.63
C ILE D 576 -9.33 -44.14 21.67
N ASN D 577 -8.35 -43.26 21.49
CA ASN D 577 -8.61 -41.82 21.52
C ASN D 577 -9.61 -41.45 20.43
N PHE D 578 -10.82 -41.07 20.84
CA PHE D 578 -11.90 -40.76 19.91
C PHE D 578 -12.01 -39.27 19.72
N LEU D 579 -12.35 -38.86 18.49
CA LEU D 579 -12.50 -37.46 18.14
C LEU D 579 -13.71 -37.30 17.24
N ALA D 580 -14.52 -36.28 17.50
CA ALA D 580 -15.76 -36.06 16.78
C ALA D 580 -15.88 -34.60 16.37
N VAL D 581 -16.42 -34.37 15.18
CA VAL D 581 -16.59 -33.03 14.62
C VAL D 581 -18.06 -32.81 14.33
N LYS D 582 -18.60 -31.69 14.82
CA LYS D 582 -19.90 -31.22 14.36
C LYS D 582 -19.74 -30.60 12.98
N GLY D 583 -20.55 -31.06 12.03
CA GLY D 583 -20.44 -30.67 10.64
C GLY D 583 -20.44 -29.17 10.41
N PRO D 584 -21.53 -28.49 10.79
CA PRO D 584 -21.60 -27.04 10.55
C PRO D 584 -20.53 -26.24 11.29
N GLU D 585 -19.89 -26.80 12.32
CA GLU D 585 -18.86 -26.07 13.04
C GLU D 585 -17.64 -25.79 12.17
N ILE D 586 -17.47 -26.49 11.05
CA ILE D 586 -16.32 -26.26 10.18
C ILE D 586 -16.40 -24.92 9.48
N PHE D 587 -17.58 -24.31 9.41
CA PHE D 587 -17.76 -23.04 8.74
C PHE D 587 -17.51 -21.89 9.71
N ASN D 588 -16.69 -20.93 9.28
CA ASN D 588 -16.37 -19.77 10.09
C ASN D 588 -16.36 -18.53 9.20
N LYS D 589 -16.40 -17.36 9.83
CA LYS D 589 -16.39 -16.11 9.09
C LYS D 589 -15.10 -15.95 8.29
N TYR D 590 -13.97 -16.28 8.90
CA TYR D 590 -12.70 -16.17 8.20
C TYR D 590 -12.60 -17.21 7.09
N VAL D 591 -11.96 -16.81 5.99
CA VAL D 591 -11.79 -17.67 4.82
C VAL D 591 -10.38 -18.23 4.83
N GLY D 592 -10.27 -19.55 4.74
CA GLY D 592 -9.00 -20.24 4.76
C GLY D 592 -8.61 -20.80 6.12
N GLU D 593 -9.24 -20.34 7.19
CA GLU D 593 -8.95 -20.88 8.52
C GLU D 593 -9.42 -22.32 8.65
N SER D 594 -10.55 -22.66 8.02
CA SER D 594 -11.06 -24.03 8.09
C SER D 594 -10.09 -25.02 7.47
N GLU D 595 -9.49 -24.66 6.34
CA GLU D 595 -8.56 -25.56 5.66
C GLU D 595 -7.33 -25.83 6.53
N ARG D 596 -6.74 -24.79 7.10
CA ARG D 596 -5.55 -24.98 7.93
C ARG D 596 -5.89 -25.70 9.23
N ALA D 597 -7.07 -25.43 9.79
CA ALA D 597 -7.49 -26.17 10.98
C ALA D 597 -7.67 -27.65 10.68
N ILE D 598 -8.27 -27.98 9.53
CA ILE D 598 -8.44 -29.37 9.13
C ILE D 598 -7.08 -30.03 8.93
N ARG D 599 -6.16 -29.34 8.27
CA ARG D 599 -4.84 -29.89 8.04
C ARG D 599 -4.11 -30.16 9.35
N GLU D 600 -4.16 -29.21 10.28
CA GLU D 600 -3.44 -29.37 11.54
C GLU D 600 -4.07 -30.47 12.39
N ILE D 601 -5.40 -30.57 12.40
CA ILE D 601 -6.03 -31.61 13.21
C ILE D 601 -5.81 -32.98 12.59
N PHE D 602 -5.76 -33.08 11.26
CA PHE D 602 -5.41 -34.34 10.63
C PHE D 602 -3.97 -34.73 10.92
N ARG D 603 -3.05 -33.77 10.93
CA ARG D 603 -1.67 -34.07 11.32
C ARG D 603 -1.61 -34.54 12.77
N LYS D 604 -2.37 -33.90 13.66
CA LYS D 604 -2.42 -34.33 15.05
C LYS D 604 -2.97 -35.75 15.18
N ALA D 605 -4.02 -36.07 14.42
CA ALA D 605 -4.57 -37.41 14.45
C ALA D 605 -3.57 -38.43 13.92
N ARG D 606 -2.83 -38.08 12.87
CA ARG D 606 -1.82 -38.98 12.34
C ARG D 606 -0.72 -39.23 13.35
N SER D 607 -0.27 -38.18 14.04
CA SER D 607 0.80 -38.32 15.02
C SER D 607 0.32 -38.83 16.38
N ALA D 608 -0.99 -38.96 16.58
CA ALA D 608 -1.57 -39.39 17.85
C ALA D 608 -1.97 -40.86 17.84
N ALA D 609 -1.19 -41.71 17.16
CA ALA D 609 -1.39 -43.15 17.09
C ALA D 609 -2.66 -43.49 16.29
N PRO D 610 -2.82 -44.74 15.84
CA PRO D 610 -4.04 -45.10 15.12
C PRO D 610 -5.29 -44.85 15.96
N SER D 611 -6.18 -44.01 15.44
CA SER D 611 -7.42 -43.65 16.12
C SER D 611 -8.61 -43.85 15.21
N ILE D 612 -9.78 -43.36 15.62
CA ILE D 612 -10.99 -43.41 14.81
C ILE D 612 -11.56 -42.01 14.70
N ILE D 613 -11.95 -41.63 13.48
CA ILE D 613 -12.45 -40.29 13.18
C ILE D 613 -13.91 -40.39 12.78
N PHE D 614 -14.76 -39.58 13.43
CA PHE D 614 -16.19 -39.59 13.18
C PHE D 614 -16.69 -38.17 12.95
N PHE D 615 -17.67 -38.03 12.06
CA PHE D 615 -18.29 -36.75 11.76
C PHE D 615 -19.77 -36.81 12.10
N ASP D 616 -20.28 -35.74 12.70
CA ASP D 616 -21.66 -35.74 13.18
C ASP D 616 -22.65 -35.52 12.05
N GLU D 617 -22.58 -34.38 11.38
CA GLU D 617 -23.54 -33.99 10.34
C GLU D 617 -22.79 -33.49 9.12
N ILE D 618 -22.46 -34.39 8.19
CA ILE D 618 -21.81 -34.00 6.95
C ILE D 618 -22.77 -33.43 5.92
N ASP D 619 -24.05 -33.30 6.27
CA ASP D 619 -25.08 -32.79 5.36
C ASP D 619 -25.02 -31.28 5.19
N ALA D 620 -24.18 -30.57 5.93
CA ALA D 620 -24.05 -29.12 5.79
C ALA D 620 -22.92 -28.71 4.84
N LEU D 621 -21.92 -29.58 4.66
CA LEU D 621 -20.78 -29.28 3.80
C LEU D 621 -20.79 -30.07 2.50
N SER D 622 -21.37 -31.27 2.50
CA SER D 622 -21.41 -32.08 1.28
C SER D 622 -22.20 -31.42 0.16
N PRO D 623 -23.43 -30.92 0.36
CA PRO D 623 -24.19 -30.37 -0.78
C PRO D 623 -23.64 -29.04 -1.28
N ASP D 624 -23.07 -29.05 -2.49
CA ASP D 624 -22.60 -27.85 -3.13
C ASP D 624 -23.19 -27.61 -4.50
N ARG D 625 -23.65 -28.66 -5.19
CA ARG D 625 -24.30 -28.52 -6.49
C ARG D 625 -25.82 -28.51 -6.40
N ASP D 626 -26.40 -29.25 -5.46
CA ASP D 626 -27.84 -29.23 -5.27
C ASP D 626 -28.32 -27.86 -4.83
N GLY D 627 -27.58 -27.21 -3.92
CA GLY D 627 -27.93 -25.89 -3.45
C GLY D 627 -26.76 -24.94 -3.57
N SER D 628 -27.08 -23.65 -3.49
CA SER D 628 -26.05 -22.63 -3.62
C SER D 628 -25.07 -22.69 -2.45
N SER D 629 -23.79 -22.58 -2.76
CA SER D 629 -22.74 -22.61 -1.75
C SER D 629 -21.56 -21.79 -2.24
N THR D 630 -20.73 -21.37 -1.28
CA THR D 630 -19.55 -20.58 -1.59
C THR D 630 -18.39 -21.49 -1.99
N SER D 631 -17.29 -20.87 -2.42
CA SER D 631 -16.10 -21.62 -2.81
C SER D 631 -15.42 -22.28 -1.61
N ALA D 632 -15.68 -21.79 -0.40
CA ALA D 632 -15.08 -22.40 0.79
C ALA D 632 -15.56 -23.83 0.97
N ALA D 633 -16.85 -24.07 0.73
CA ALA D 633 -17.38 -25.43 0.86
C ALA D 633 -16.76 -26.36 -0.17
N ASN D 634 -16.58 -25.90 -1.41
CA ASN D 634 -15.95 -26.71 -2.43
C ASN D 634 -14.49 -27.00 -2.08
N HIS D 635 -13.78 -25.99 -1.55
CA HIS D 635 -12.40 -26.21 -1.12
C HIS D 635 -12.32 -27.23 0.01
N VAL D 636 -13.26 -27.14 0.97
CA VAL D 636 -13.29 -28.11 2.06
C VAL D 636 -13.55 -29.51 1.52
N LEU D 637 -14.50 -29.64 0.59
CA LEU D 637 -14.82 -30.94 0.02
C LEU D 637 -13.63 -31.55 -0.71
N THR D 638 -12.95 -30.74 -1.53
CA THR D 638 -11.82 -31.28 -2.27
C THR D 638 -10.63 -31.58 -1.36
N SER D 639 -10.44 -30.78 -0.29
CA SER D 639 -9.39 -31.09 0.67
C SER D 639 -9.69 -32.40 1.41
N LEU D 640 -10.95 -32.62 1.78
CA LEU D 640 -11.33 -33.87 2.41
C LEU D 640 -11.13 -35.04 1.46
N LEU D 641 -11.47 -34.87 0.19
CA LEU D 641 -11.26 -35.92 -0.80
C LEU D 641 -9.78 -36.24 -0.95
N ASN D 642 -8.93 -35.22 -1.01
CA ASN D 642 -7.49 -35.44 -1.12
C ASN D 642 -6.94 -36.14 0.12
N GLU D 643 -7.42 -35.75 1.30
CA GLU D 643 -6.97 -36.41 2.52
C GLU D 643 -7.40 -37.87 2.56
N ILE D 644 -8.63 -38.15 2.12
CA ILE D 644 -9.15 -39.52 2.21
C ILE D 644 -8.45 -40.42 1.19
N ASP D 645 -8.40 -40.00 -0.08
CA ASP D 645 -7.86 -40.87 -1.11
C ASP D 645 -7.03 -40.13 -2.15
N GLY D 646 -6.58 -38.92 -1.88
CA GLY D 646 -5.75 -38.20 -2.83
C GLY D 646 -4.27 -38.45 -2.62
N VAL D 647 -3.70 -39.34 -3.45
CA VAL D 647 -2.30 -39.76 -3.43
C VAL D 647 -1.76 -39.98 -2.01
N GLU D 648 -2.66 -40.32 -1.09
CA GLU D 648 -2.28 -40.61 0.29
C GLU D 648 -3.22 -41.67 0.85
N GLU D 649 -2.71 -42.42 1.82
CA GLU D 649 -3.49 -43.47 2.48
C GLU D 649 -3.25 -43.38 3.98
N LEU D 650 -4.34 -43.49 4.75
CA LEU D 650 -4.29 -43.44 6.21
C LEU D 650 -4.80 -44.79 6.72
N LYS D 651 -3.90 -45.76 6.82
CA LYS D 651 -4.28 -47.09 7.28
C LYS D 651 -4.55 -47.10 8.78
N GLY D 652 -3.80 -46.32 9.55
CA GLY D 652 -3.95 -46.35 11.00
C GLY D 652 -5.32 -45.88 11.47
N VAL D 653 -5.82 -44.79 10.91
CA VAL D 653 -7.06 -44.19 11.35
C VAL D 653 -8.20 -44.66 10.44
N VAL D 654 -9.41 -44.66 10.99
CA VAL D 654 -10.62 -45.04 10.28
C VAL D 654 -11.57 -43.86 10.31
N ILE D 655 -12.09 -43.48 9.15
CA ILE D 655 -12.98 -42.34 9.01
C ILE D 655 -14.39 -42.84 8.75
N VAL D 656 -15.33 -42.40 9.58
CA VAL D 656 -16.74 -42.74 9.43
C VAL D 656 -17.54 -41.44 9.37
N ALA D 657 -18.48 -41.39 8.43
CA ALA D 657 -19.28 -40.19 8.19
C ALA D 657 -20.75 -40.51 8.42
N ALA D 658 -21.43 -39.63 9.16
CA ALA D 658 -22.85 -39.76 9.43
C ALA D 658 -23.60 -38.62 8.75
N THR D 659 -24.65 -38.96 8.00
CA THR D 659 -25.41 -37.99 7.24
C THR D 659 -26.90 -38.17 7.52
N ASN D 660 -27.62 -37.05 7.44
CA ASN D 660 -29.08 -37.05 7.59
C ASN D 660 -29.78 -37.19 6.24
N ARG D 661 -29.49 -36.29 5.31
CA ARG D 661 -30.06 -36.36 3.96
C ARG D 661 -29.15 -37.18 3.07
N PRO D 662 -29.64 -38.27 2.45
CA PRO D 662 -28.74 -39.18 1.73
C PRO D 662 -28.32 -38.69 0.36
N ASP D 663 -29.14 -37.88 -0.30
CA ASP D 663 -28.84 -37.41 -1.65
C ASP D 663 -28.08 -36.09 -1.67
N GLU D 664 -27.75 -35.52 -0.52
CA GLU D 664 -27.00 -34.28 -0.47
C GLU D 664 -25.49 -34.50 -0.44
N ILE D 665 -25.03 -35.74 -0.37
CA ILE D 665 -23.60 -36.02 -0.46
C ILE D 665 -23.16 -35.87 -1.91
N ASP D 666 -22.05 -35.16 -2.12
CA ASP D 666 -21.56 -34.88 -3.46
C ASP D 666 -21.13 -36.18 -4.15
N ALA D 667 -21.23 -36.18 -5.48
CA ALA D 667 -20.88 -37.36 -6.26
C ALA D 667 -19.40 -37.69 -6.12
N ALA D 668 -18.54 -36.65 -6.09
CA ALA D 668 -17.10 -36.89 -5.93
C ALA D 668 -16.80 -37.55 -4.60
N LEU D 669 -17.44 -37.09 -3.53
CA LEU D 669 -17.23 -37.71 -2.22
C LEU D 669 -17.79 -39.13 -2.19
N LEU D 670 -18.94 -39.36 -2.83
CA LEU D 670 -19.57 -40.68 -2.86
C LEU D 670 -19.09 -41.42 -4.11
N ARG D 671 -17.88 -41.96 -4.01
CA ARG D 671 -17.24 -42.71 -5.07
C ARG D 671 -16.70 -44.01 -4.51
N PRO D 672 -16.55 -45.05 -5.35
CA PRO D 672 -15.99 -46.30 -4.87
C PRO D 672 -14.58 -46.11 -4.30
N GLY D 673 -14.29 -46.82 -3.22
CA GLY D 673 -13.03 -46.72 -2.52
C GLY D 673 -13.09 -45.86 -1.26
N ARG D 674 -14.11 -45.03 -1.12
CA ARG D 674 -14.29 -44.19 0.05
C ARG D 674 -15.76 -44.15 0.43
N LEU D 675 -16.04 -44.22 1.73
CA LEU D 675 -17.40 -44.28 2.25
C LEU D 675 -18.18 -45.43 1.61
N ASP D 676 -17.50 -46.56 1.45
CA ASP D 676 -18.09 -47.70 0.76
C ASP D 676 -19.21 -48.34 1.57
N ARG D 677 -18.96 -48.58 2.86
CA ARG D 677 -19.96 -49.24 3.69
C ARG D 677 -21.13 -48.31 3.97
N HIS D 678 -22.34 -48.85 3.81
CA HIS D 678 -23.56 -48.10 4.07
C HIS D 678 -24.39 -48.84 5.11
N ILE D 679 -24.86 -48.12 6.12
CA ILE D 679 -25.63 -48.69 7.22
C ILE D 679 -27.01 -48.07 7.20
N TYR D 680 -28.05 -48.92 7.19
CA TYR D 680 -29.42 -48.42 7.20
C TYR D 680 -29.72 -47.64 8.48
N VAL D 681 -29.30 -48.18 9.63
CA VAL D 681 -29.44 -47.58 10.96
C VAL D 681 -30.80 -46.89 11.10
N GLY D 682 -31.86 -47.56 10.65
CA GLY D 682 -33.19 -47.00 10.67
C GLY D 682 -33.77 -46.90 12.07
N PRO D 683 -35.09 -46.77 12.16
CA PRO D 683 -35.75 -46.64 13.46
C PRO D 683 -35.55 -47.89 14.30
N PRO D 684 -35.48 -47.75 15.62
CA PRO D 684 -35.31 -48.93 16.48
C PRO D 684 -36.48 -49.87 16.38
N ASP D 685 -36.19 -51.17 16.55
CA ASP D 685 -37.22 -52.20 16.45
C ASP D 685 -38.01 -52.28 17.75
N VAL D 686 -38.84 -53.32 17.87
CA VAL D 686 -39.68 -53.46 19.07
C VAL D 686 -38.82 -53.71 20.30
N ASN D 687 -37.80 -54.55 20.18
CA ASN D 687 -36.97 -54.88 21.33
C ASN D 687 -36.23 -53.66 21.86
N ALA D 688 -35.67 -52.84 20.97
CA ALA D 688 -34.95 -51.64 21.41
C ALA D 688 -35.89 -50.66 22.09
N ARG D 689 -37.09 -50.47 21.54
CA ARG D 689 -38.06 -49.57 22.16
C ARG D 689 -38.49 -50.10 23.53
N LEU D 690 -38.68 -51.41 23.64
CA LEU D 690 -39.03 -52.00 24.94
C LEU D 690 -37.91 -51.79 25.94
N GLU D 691 -36.66 -51.97 25.52
CA GLU D 691 -35.53 -51.74 26.43
C GLU D 691 -35.46 -50.28 26.86
N ILE D 692 -35.69 -49.35 25.94
CA ILE D 692 -35.66 -47.94 26.27
C ILE D 692 -36.78 -47.60 27.26
N LEU D 693 -37.98 -48.15 27.03
CA LEU D 693 -39.09 -47.91 27.94
C LEU D 693 -38.81 -48.47 29.33
N LYS D 694 -38.23 -49.67 29.39
CA LYS D 694 -37.87 -50.26 30.69
C LYS D 694 -36.83 -49.41 31.40
N LYS D 695 -35.84 -48.92 30.66
CA LYS D 695 -34.80 -48.08 31.26
C LYS D 695 -35.39 -46.78 31.79
N CYS D 696 -36.29 -46.16 31.03
CA CYS D 696 -36.90 -44.92 31.48
C CYS D 696 -37.82 -45.14 32.67
N THR D 697 -38.50 -46.28 32.72
CA THR D 697 -39.39 -46.64 33.81
C THR D 697 -38.64 -47.28 34.98
N LYS D 698 -37.33 -47.48 34.84
CA LYS D 698 -36.55 -48.11 35.91
C LYS D 698 -36.58 -47.26 37.18
N LYS D 699 -36.49 -45.94 37.04
CA LYS D 699 -36.58 -45.06 38.20
C LYS D 699 -37.93 -45.19 38.89
N PHE D 700 -39.00 -45.28 38.10
CA PHE D 700 -40.34 -45.49 38.65
C PHE D 700 -40.50 -46.94 39.09
N ASN D 701 -41.59 -47.20 39.81
CA ASN D 701 -41.91 -48.55 40.28
C ASN D 701 -42.76 -49.23 39.23
N THR D 702 -42.15 -50.16 38.48
CA THR D 702 -42.84 -50.78 37.36
C THR D 702 -43.85 -51.81 37.83
N GLU D 703 -43.55 -52.51 38.93
CA GLU D 703 -44.41 -53.62 39.36
C GLU D 703 -45.78 -53.12 39.81
N GLU D 704 -45.81 -52.09 40.66
CA GLU D 704 -47.09 -51.62 41.19
C GLU D 704 -47.75 -50.57 40.29
N SER D 705 -47.08 -50.15 39.21
CA SER D 705 -47.70 -49.22 38.28
C SER D 705 -48.73 -49.90 37.40
N GLY D 706 -48.65 -51.22 37.26
CA GLY D 706 -49.61 -51.98 36.48
C GLY D 706 -49.25 -52.17 35.02
N VAL D 707 -48.17 -51.55 34.53
CA VAL D 707 -47.78 -51.69 33.14
C VAL D 707 -46.85 -52.89 33.00
N ASP D 708 -47.02 -53.63 31.91
CA ASP D 708 -46.19 -54.80 31.62
C ASP D 708 -44.94 -54.47 30.83
N LEU D 709 -44.74 -53.20 30.47
CA LEU D 709 -43.59 -52.72 29.71
C LEU D 709 -43.50 -53.31 28.31
N HIS D 710 -44.53 -54.01 27.86
CA HIS D 710 -44.58 -54.59 26.52
C HIS D 710 -45.75 -54.11 25.70
N GLU D 711 -46.94 -53.98 26.31
CA GLU D 711 -48.09 -53.47 25.58
C GLU D 711 -47.88 -52.03 25.13
N LEU D 712 -47.28 -51.20 26.00
CA LEU D 712 -46.99 -49.82 25.62
C LEU D 712 -45.99 -49.77 24.48
N ALA D 713 -44.97 -50.62 24.51
CA ALA D 713 -44.00 -50.67 23.43
C ALA D 713 -44.64 -51.11 22.12
N ASP D 714 -45.52 -52.12 22.19
CA ASP D 714 -46.23 -52.56 20.98
C ASP D 714 -47.11 -51.45 20.43
N ARG D 715 -47.83 -50.75 21.30
CA ARG D 715 -48.64 -49.62 20.83
C ARG D 715 -47.77 -48.51 20.25
N THR D 716 -46.65 -48.22 20.91
CA THR D 716 -45.73 -47.18 20.43
C THR D 716 -44.70 -47.82 19.51
N GLU D 717 -45.17 -48.16 18.30
CA GLU D 717 -44.34 -48.79 17.30
C GLU D 717 -43.84 -47.83 16.22
N GLY D 718 -44.59 -46.77 15.94
CA GLY D 718 -44.18 -45.78 14.94
C GLY D 718 -43.24 -44.71 15.43
N TYR D 719 -42.85 -44.74 16.70
CA TYR D 719 -41.97 -43.73 17.27
C TYR D 719 -40.51 -44.19 17.12
N SER D 720 -39.60 -43.45 17.74
CA SER D 720 -38.18 -43.77 17.75
C SER D 720 -37.66 -43.68 19.18
N GLY D 721 -36.35 -43.84 19.34
CA GLY D 721 -35.76 -43.77 20.67
C GLY D 721 -35.93 -42.41 21.31
N ALA D 722 -35.63 -41.35 20.56
CA ALA D 722 -35.82 -39.99 21.09
C ALA D 722 -37.28 -39.71 21.37
N GLU D 723 -38.18 -40.19 20.49
CA GLU D 723 -39.61 -39.99 20.72
C GLU D 723 -40.06 -40.70 22.00
N VAL D 724 -39.58 -41.92 22.23
CA VAL D 724 -39.93 -42.63 23.45
C VAL D 724 -39.37 -41.91 24.67
N VAL D 725 -38.14 -41.39 24.55
CA VAL D 725 -37.52 -40.69 25.67
C VAL D 725 -38.33 -39.45 26.04
N LEU D 726 -38.71 -38.66 25.03
CA LEU D 726 -39.48 -37.45 25.33
C LEU D 726 -40.89 -37.79 25.79
N LEU D 727 -41.47 -38.89 25.31
CA LEU D 727 -42.76 -39.34 25.81
C LEU D 727 -42.68 -39.69 27.29
N CYS D 728 -41.63 -40.42 27.68
CA CYS D 728 -41.46 -40.76 29.09
C CYS D 728 -41.21 -39.51 29.93
N GLN D 729 -40.45 -38.55 29.39
CA GLN D 729 -40.22 -37.31 30.11
C GLN D 729 -41.53 -36.55 30.32
N GLU D 730 -42.37 -36.48 29.29
CA GLU D 730 -43.65 -35.79 29.43
C GLU D 730 -44.57 -36.51 30.40
N ALA D 731 -44.56 -37.85 30.38
CA ALA D 731 -45.35 -38.61 31.34
C ALA D 731 -44.88 -38.35 32.77
N GLY D 732 -43.56 -38.29 32.98
CA GLY D 732 -43.03 -37.96 34.29
C GLY D 732 -43.41 -36.55 34.72
N LEU D 733 -43.39 -35.61 33.78
CA LEU D 733 -43.82 -34.24 34.10
C LEU D 733 -45.28 -34.19 34.51
N ALA D 734 -46.13 -34.92 33.77
CA ALA D 734 -47.54 -34.97 34.12
C ALA D 734 -47.77 -35.66 35.46
N ALA D 735 -46.94 -36.65 35.79
CA ALA D 735 -47.06 -37.31 37.09
C ALA D 735 -46.63 -36.39 38.22
N ILE D 736 -45.55 -35.62 38.02
CA ILE D 736 -45.03 -34.78 39.10
C ILE D 736 -45.80 -33.48 39.25
N MET D 737 -46.52 -33.02 38.23
CA MET D 737 -47.29 -31.79 38.38
C MET D 737 -48.53 -31.97 39.23
N GLU D 738 -48.89 -33.21 39.59
CA GLU D 738 -50.09 -33.44 40.39
C GLU D 738 -49.85 -33.19 41.87
N ASP D 739 -48.93 -33.94 42.48
CA ASP D 739 -48.65 -33.84 43.90
C ASP D 739 -47.14 -33.86 44.15
N LEU D 740 -46.39 -33.10 43.35
CA LEU D 740 -44.94 -32.92 43.51
C LEU D 740 -44.27 -34.28 43.33
N ASP D 741 -43.56 -34.80 44.31
CA ASP D 741 -42.80 -36.04 44.12
C ASP D 741 -43.72 -37.23 43.94
N VAL D 742 -43.37 -38.10 42.99
CA VAL D 742 -44.09 -39.33 42.73
C VAL D 742 -43.09 -40.45 42.57
N ALA D 743 -43.45 -41.64 43.05
CA ALA D 743 -42.60 -42.82 42.92
C ALA D 743 -42.95 -43.67 41.71
N LYS D 744 -43.91 -43.25 40.89
CA LYS D 744 -44.34 -44.03 39.74
C LYS D 744 -44.97 -43.09 38.71
N VAL D 745 -45.33 -43.67 37.57
CA VAL D 745 -46.07 -42.97 36.53
C VAL D 745 -47.32 -43.78 36.22
N GLU D 746 -48.46 -43.10 36.14
CA GLU D 746 -49.73 -43.79 35.94
C GLU D 746 -49.95 -44.10 34.47
N LEU D 747 -50.79 -45.12 34.22
CA LEU D 747 -51.10 -45.50 32.85
C LEU D 747 -51.92 -44.42 32.16
N ARG D 748 -52.81 -43.76 32.88
CA ARG D 748 -53.61 -42.68 32.29
C ARG D 748 -52.72 -41.52 31.87
N HIS D 749 -51.71 -41.20 32.68
CA HIS D 749 -50.77 -40.14 32.30
C HIS D 749 -50.00 -40.51 31.04
N PHE D 750 -49.57 -41.77 30.93
CA PHE D 750 -48.88 -42.22 29.73
C PHE D 750 -49.78 -42.15 28.51
N GLU D 751 -51.05 -42.55 28.66
CA GLU D 751 -51.98 -42.47 27.54
C GLU D 751 -52.22 -41.02 27.11
N LYS D 752 -52.38 -40.12 28.09
CA LYS D 752 -52.56 -38.71 27.76
C LYS D 752 -51.33 -38.14 27.05
N ALA D 753 -50.13 -38.51 27.52
CA ALA D 753 -48.92 -38.05 26.87
C ALA D 753 -48.81 -38.57 25.45
N PHE D 754 -49.17 -39.84 25.24
CA PHE D 754 -49.13 -40.41 23.90
C PHE D 754 -50.13 -39.72 22.98
N LYS D 755 -51.32 -39.44 23.49
CA LYS D 755 -52.32 -38.73 22.68
C LYS D 755 -51.86 -37.32 22.33
N GLY D 756 -51.24 -36.63 23.28
CA GLY D 756 -50.81 -35.26 23.03
C GLY D 756 -49.70 -35.16 22.02
N ILE D 757 -48.73 -36.07 22.07
CA ILE D 757 -47.56 -35.99 21.22
C ILE D 757 -47.81 -36.76 19.92
N ALA D 758 -47.10 -36.37 18.87
CA ALA D 758 -47.18 -37.03 17.58
C ALA D 758 -45.81 -37.57 17.20
N ARG D 759 -45.82 -38.58 16.32
CA ARG D 759 -44.56 -39.21 15.92
C ARG D 759 -43.66 -38.23 15.18
N GLY D 760 -44.22 -37.40 14.31
CA GLY D 760 -43.42 -36.45 13.57
C GLY D 760 -42.62 -37.04 12.43
N ILE D 761 -42.84 -38.30 12.08
CA ILE D 761 -42.11 -38.98 11.01
C ILE D 761 -43.11 -39.37 9.92
N THR D 762 -42.77 -39.04 8.68
CA THR D 762 -43.62 -39.29 7.54
C THR D 762 -43.15 -40.52 6.75
N PRO D 763 -44.08 -41.32 6.23
CA PRO D 763 -43.67 -42.51 5.45
C PRO D 763 -42.94 -42.18 4.16
N GLU D 764 -43.15 -40.98 3.59
CA GLU D 764 -42.48 -40.66 2.33
C GLU D 764 -40.97 -40.52 2.51
N MET D 765 -40.53 -40.04 3.69
CA MET D 765 -39.09 -39.97 3.94
C MET D 765 -38.50 -41.37 4.06
N LEU D 766 -39.24 -42.30 4.67
CA LEU D 766 -38.79 -43.69 4.72
C LEU D 766 -38.72 -44.29 3.32
N SER D 767 -39.70 -43.99 2.47
CA SER D 767 -39.65 -44.45 1.09
C SER D 767 -38.45 -43.88 0.35
N TYR D 768 -38.14 -42.60 0.60
CA TYR D 768 -36.95 -41.99 0.02
C TYR D 768 -35.68 -42.69 0.49
N TYR D 769 -35.60 -43.02 1.77
CA TYR D 769 -34.45 -43.75 2.29
C TYR D 769 -34.33 -45.13 1.64
N GLU D 770 -35.46 -45.81 1.47
CA GLU D 770 -35.44 -47.12 0.82
C GLU D 770 -34.98 -47.00 -0.64
N GLU D 771 -35.46 -45.98 -1.34
CA GLU D 771 -35.03 -45.77 -2.72
C GLU D 771 -33.54 -45.48 -2.79
N PHE D 772 -33.01 -44.68 -1.86
CA PHE D 772 -31.57 -44.43 -1.82
C PHE D 772 -30.80 -45.72 -1.55
N ALA D 773 -31.31 -46.54 -0.63
CA ALA D 773 -30.62 -47.80 -0.31
C ALA D 773 -30.60 -48.73 -1.51
N LEU D 774 -31.72 -48.83 -2.23
CA LEU D 774 -31.75 -49.68 -3.42
C LEU D 774 -30.84 -49.13 -4.52
N ARG D 775 -30.84 -47.82 -4.71
CA ARG D 775 -29.99 -47.20 -5.73
C ARG D 775 -28.50 -47.35 -5.43
N SER D 776 -28.10 -47.20 -4.17
CA SER D 776 -26.69 -47.33 -3.80
C SER D 776 -26.30 -48.80 -3.65
N PHE E 28 29.31 16.02 35.27
CA PHE E 28 29.13 15.45 33.94
C PHE E 28 28.13 14.31 33.95
N LYS E 29 27.55 14.06 35.13
CA LYS E 29 26.56 12.99 35.25
C LYS E 29 25.33 13.28 34.40
N LEU E 30 24.86 14.53 34.40
CA LEU E 30 23.71 14.99 33.62
C LEU E 30 22.48 14.14 33.91
N PRO E 31 21.89 14.26 35.11
CA PRO E 31 20.69 13.46 35.43
C PRO E 31 19.47 14.01 34.70
N ALA E 32 18.82 13.16 33.92
CA ALA E 32 17.65 13.56 33.15
C ALA E 32 16.34 13.29 33.88
N GLU E 33 16.17 12.07 34.39
CA GLU E 33 14.95 11.68 35.07
C GLU E 33 15.31 11.05 36.41
N PHE E 34 14.34 11.10 37.33
CA PHE E 34 14.52 10.57 38.67
C PHE E 34 13.39 9.60 39.00
N ILE E 35 13.67 8.70 39.94
CA ILE E 35 12.72 7.68 40.38
C ILE E 35 12.46 7.89 41.87
N THR E 36 11.23 7.66 42.28
CA THR E 36 10.81 7.81 43.66
C THR E 36 10.95 6.47 44.41
N ARG E 37 11.29 6.56 45.69
CA ARG E 37 11.57 5.39 46.51
C ARG E 37 11.27 5.71 47.97
N PRO E 38 10.61 4.80 48.70
CA PRO E 38 10.28 5.09 50.10
C PRO E 38 11.53 5.18 50.98
N HIS E 39 11.40 5.95 52.05
CA HIS E 39 12.50 6.10 52.99
C HIS E 39 12.70 4.81 53.78
N PRO E 40 13.90 4.23 53.78
CA PRO E 40 14.12 2.97 54.48
C PRO E 40 14.25 3.16 55.99
N SER E 41 14.15 2.03 56.70
CA SER E 41 14.35 1.88 58.14
C SER E 41 13.26 2.54 58.98
N LYS E 42 12.30 3.22 58.35
CA LYS E 42 11.20 3.89 59.06
C LYS E 42 11.72 4.79 60.18
N ASP E 43 11.48 4.40 61.43
CA ASP E 43 11.87 5.17 62.61
C ASP E 43 11.38 6.61 62.50
N HIS E 44 12.22 7.56 62.91
CA HIS E 44 11.92 8.98 62.74
C HIS E 44 12.85 9.64 61.75
N GLY E 45 14.16 9.60 62.00
CA GLY E 45 15.14 10.20 61.10
C GLY E 45 14.81 11.63 60.73
N LYS E 46 14.48 11.84 59.45
CA LYS E 46 13.96 13.12 58.98
C LYS E 46 12.45 13.04 58.74
N GLU E 47 12.03 12.07 57.91
CA GLU E 47 10.64 11.67 57.76
C GLU E 47 9.80 12.71 57.01
N THR E 48 10.38 13.89 56.75
CA THR E 48 9.71 14.88 55.92
C THR E 48 10.69 15.48 54.92
N CYS E 49 11.97 15.47 55.28
CA CYS E 49 13.03 16.09 54.49
C CYS E 49 14.21 15.14 54.33
N THR E 50 13.93 13.89 54.00
CA THR E 50 14.97 12.89 53.81
C THR E 50 15.89 13.31 52.66
N ALA E 51 15.34 13.37 51.44
CA ALA E 51 16.04 13.89 50.27
C ALA E 51 17.40 13.22 50.08
N TYR E 52 17.36 11.90 49.85
CA TYR E 52 18.57 11.12 49.67
C TYR E 52 19.02 11.20 48.20
N ILE E 53 19.68 12.31 47.88
CA ILE E 53 20.20 12.55 46.54
C ILE E 53 21.72 12.50 46.59
N HIS E 54 22.31 11.82 45.60
CA HIS E 54 23.74 11.56 45.60
C HIS E 54 24.50 12.89 45.46
N PRO E 55 25.66 13.03 46.12
CA PRO E 55 26.32 14.36 46.16
C PRO E 55 26.71 14.91 44.80
N ASN E 56 27.06 14.08 43.84
CA ASN E 56 27.39 14.58 42.51
C ASN E 56 26.19 15.24 41.85
N VAL E 57 24.99 14.70 42.10
CA VAL E 57 23.77 15.35 41.61
C VAL E 57 23.58 16.70 42.30
N LEU E 58 23.93 16.79 43.58
CA LEU E 58 23.83 18.06 44.29
C LEU E 58 24.78 19.09 43.72
N SER E 59 26.02 18.67 43.39
CA SER E 59 26.99 19.60 42.83
C SER E 59 26.66 19.98 41.41
N SER E 60 26.01 19.08 40.66
CA SER E 60 25.66 19.36 39.27
C SER E 60 24.65 20.50 39.17
N LEU E 61 23.68 20.55 40.09
CA LEU E 61 22.67 21.58 40.09
C LEU E 61 23.16 22.91 40.66
N GLU E 62 24.34 22.92 41.29
CA GLU E 62 24.92 24.13 41.86
C GLU E 62 23.97 24.79 42.87
N ILE E 63 23.44 23.98 43.78
CA ILE E 63 22.53 24.44 44.81
C ILE E 63 23.02 23.91 46.15
N ASN E 64 22.96 24.75 47.18
CA ASN E 64 23.44 24.38 48.50
C ASN E 64 22.61 23.21 49.03
N PRO E 65 23.26 22.14 49.51
CA PRO E 65 22.48 21.02 50.08
C PRO E 65 21.57 21.43 51.23
N GLY E 66 22.00 22.39 52.05
CA GLY E 66 21.18 22.86 53.15
C GLY E 66 20.12 23.86 52.72
N SER E 67 19.35 23.52 51.69
CA SER E 67 18.30 24.37 51.17
C SER E 67 17.15 23.50 50.69
N PHE E 68 16.11 24.15 50.17
CA PHE E 68 14.94 23.44 49.69
C PHE E 68 15.22 22.77 48.34
N CYS E 69 14.32 21.88 47.94
CA CYS E 69 14.44 21.18 46.67
C CYS E 69 13.05 20.88 46.14
N THR E 70 12.97 20.63 44.83
CA THR E 70 11.72 20.33 44.16
C THR E 70 11.88 19.08 43.30
N VAL E 71 10.78 18.35 43.13
CA VAL E 71 10.75 17.12 42.36
C VAL E 71 9.75 17.33 41.22
N GLY E 72 10.27 17.56 40.01
CA GLY E 72 9.44 18.05 38.92
C GLY E 72 8.21 17.20 38.64
N LYS E 73 8.32 15.88 38.84
CA LYS E 73 7.22 14.91 38.67
C LYS E 73 6.36 15.22 37.45
N ILE E 74 7.05 15.54 36.34
CA ILE E 74 6.49 15.82 35.01
C ILE E 74 5.18 16.61 35.11
N GLY E 75 5.28 17.86 35.57
CA GLY E 75 4.16 18.76 35.61
C GLY E 75 3.90 19.28 37.01
N GLU E 76 2.83 20.10 37.11
CA GLU E 76 2.38 20.70 38.37
C GLU E 76 3.50 21.54 38.99
N ASN E 77 3.86 22.59 38.27
CA ASN E 77 4.98 23.45 38.67
C ASN E 77 4.74 24.05 40.04
N GLY E 78 5.82 24.17 40.81
CA GLY E 78 5.76 24.65 42.18
C GLY E 78 6.16 23.55 43.15
N ILE E 79 5.66 22.34 42.90
CA ILE E 79 6.02 21.13 43.63
C ILE E 79 5.92 21.35 45.14
N LEU E 80 6.88 20.82 45.88
CA LEU E 80 6.90 20.86 47.34
C LEU E 80 8.30 21.25 47.77
N VAL E 81 8.51 22.53 48.09
CA VAL E 81 9.82 22.98 48.51
C VAL E 81 10.17 22.34 49.85
N ILE E 82 11.12 21.41 49.83
CA ILE E 82 11.48 20.61 50.98
C ILE E 82 12.99 20.67 51.17
N ALA E 83 13.43 20.88 52.42
CA ALA E 83 14.85 20.97 52.73
C ALA E 83 15.59 19.71 52.29
N ARG E 84 16.73 19.89 51.61
CA ARG E 84 17.46 18.77 51.07
C ARG E 84 18.54 18.30 52.05
N ALA E 85 19.04 17.10 51.82
CA ALA E 85 20.08 16.50 52.64
C ALA E 85 20.93 15.59 51.75
N GLY E 86 21.74 14.75 52.37
CA GLY E 86 22.61 13.84 51.65
C GLY E 86 22.43 12.39 52.04
N ASP E 87 22.80 11.48 51.17
CA ASP E 87 22.68 10.05 51.41
C ASP E 87 23.99 9.50 51.96
N GLU E 88 24.06 8.17 52.07
CA GLU E 88 25.24 7.48 52.60
C GLU E 88 26.09 6.86 51.50
N GLU E 89 25.98 7.36 50.28
CA GLU E 89 26.72 6.93 49.09
C GLU E 89 26.38 5.50 48.68
N VAL E 90 25.33 4.91 49.24
CA VAL E 90 24.91 3.56 48.85
C VAL E 90 23.63 3.68 48.02
N HIS E 91 22.86 4.72 48.27
CA HIS E 91 21.62 4.96 47.53
C HIS E 91 21.95 5.32 46.09
N PRO E 92 21.41 4.61 45.10
CA PRO E 92 21.71 4.95 43.70
C PRO E 92 21.09 6.28 43.30
N VAL E 93 21.63 6.84 42.22
CA VAL E 93 21.22 8.16 41.75
C VAL E 93 19.77 8.14 41.29
N ASN E 94 19.35 7.06 40.64
CA ASN E 94 18.02 7.03 40.02
C ASN E 94 16.90 7.21 41.03
N VAL E 95 16.99 6.54 42.17
CA VAL E 95 15.92 6.57 43.16
C VAL E 95 16.24 7.63 44.22
N ILE E 96 15.18 8.33 44.66
CA ILE E 96 15.28 9.33 45.71
C ILE E 96 14.14 9.11 46.70
N THR E 97 14.31 9.68 47.90
CA THR E 97 13.35 9.51 48.98
C THR E 97 12.68 10.85 49.28
N LEU E 98 11.35 10.85 49.25
CA LEU E 98 10.57 12.05 49.56
C LEU E 98 9.59 11.82 50.72
N SER E 99 9.70 10.69 51.41
CA SER E 99 8.89 10.36 52.59
C SER E 99 7.44 10.04 52.25
N THR E 100 6.90 9.01 52.91
CA THR E 100 5.55 8.55 52.60
C THR E 100 4.51 9.62 52.90
N THR E 101 4.80 10.54 53.83
CA THR E 101 3.89 11.64 54.09
C THR E 101 3.69 12.49 52.84
N ILE E 102 4.79 12.92 52.22
CA ILE E 102 4.71 13.69 50.99
C ILE E 102 4.14 12.83 49.85
N ARG E 103 4.47 11.54 49.83
CA ARG E 103 3.89 10.65 48.82
C ARG E 103 2.37 10.69 48.88
N SER E 104 1.81 10.57 50.08
CA SER E 104 0.36 10.59 50.24
C SER E 104 -0.21 11.99 49.98
N VAL E 105 0.53 13.03 50.36
CA VAL E 105 0.04 14.40 50.18
C VAL E 105 -0.09 14.72 48.70
N GLY E 106 0.96 14.46 47.93
CA GLY E 106 0.96 14.76 46.50
C GLY E 106 0.49 13.63 45.61
N ASN E 107 -0.01 12.54 46.19
CA ASN E 107 -0.42 11.36 45.43
C ASN E 107 0.72 10.84 44.56
N LEU E 108 1.93 10.88 45.08
CA LEU E 108 3.13 10.43 44.36
C LEU E 108 3.15 8.91 44.37
N ILE E 109 2.69 8.31 43.29
CA ILE E 109 2.71 6.86 43.15
C ILE E 109 4.12 6.40 42.82
N LEU E 110 4.53 5.30 43.42
CA LEU E 110 5.90 4.81 43.30
C LEU E 110 6.14 4.33 41.86
N GLY E 111 6.81 5.16 41.07
CA GLY E 111 7.11 4.82 39.69
C GLY E 111 6.96 5.99 38.73
N ASP E 112 6.46 7.11 39.23
CA ASP E 112 6.27 8.28 38.40
C ASP E 112 7.62 8.91 38.04
N ARG E 113 7.73 9.37 36.80
CA ARG E 113 8.95 10.04 36.36
C ARG E 113 9.10 11.38 37.07
N LEU E 114 10.34 11.72 37.42
CA LEU E 114 10.62 12.91 38.23
C LEU E 114 11.74 13.71 37.60
N GLU E 115 11.74 15.00 37.90
CA GLU E 115 12.78 15.93 37.48
C GLU E 115 13.23 16.77 38.67
N LEU E 116 14.45 17.29 38.59
CA LEU E 116 15.05 18.07 39.66
C LEU E 116 15.16 19.53 39.25
N LYS E 117 14.69 20.42 40.10
CA LYS E 117 14.74 21.86 39.86
C LYS E 117 15.21 22.58 41.11
N LYS E 118 15.74 23.77 40.92
CA LYS E 118 16.27 24.56 42.03
C LYS E 118 15.14 25.09 42.91
N ALA E 119 15.50 25.44 44.14
CA ALA E 119 14.52 25.91 45.10
C ALA E 119 14.07 27.34 44.79
N GLN E 120 12.87 27.67 45.25
CA GLN E 120 12.29 29.00 45.07
C GLN E 120 12.52 29.84 46.32
N VAL E 121 11.87 31.01 46.37
CA VAL E 121 12.03 31.91 47.50
C VAL E 121 11.32 31.34 48.73
N GLN E 122 11.89 31.63 49.91
CA GLN E 122 11.32 31.10 51.14
C GLN E 122 10.02 31.83 51.49
N PRO E 123 9.04 31.13 52.03
CA PRO E 123 7.77 31.76 52.41
C PRO E 123 7.91 32.57 53.68
N PRO E 124 7.04 33.57 53.90
CA PRO E 124 7.16 34.41 55.11
C PRO E 124 6.91 33.67 56.42
N TYR E 125 5.74 33.07 56.58
CA TYR E 125 5.34 32.51 57.87
C TYR E 125 4.01 31.77 57.69
N ALA E 126 3.54 31.15 58.77
CA ALA E 126 2.27 30.46 58.82
C ALA E 126 1.23 31.29 59.57
N THR E 127 -0.05 31.06 59.27
CA THR E 127 -1.12 31.88 59.82
C THR E 127 -2.05 31.09 60.73
N LYS E 128 -2.70 30.03 60.24
CA LYS E 128 -3.76 29.36 60.99
C LYS E 128 -3.42 27.94 61.38
N VAL E 129 -3.11 27.07 60.40
CA VAL E 129 -2.91 25.61 60.51
C VAL E 129 -3.98 24.94 61.38
N THR E 130 -4.78 24.08 60.77
CA THR E 130 -5.89 23.44 61.46
C THR E 130 -5.99 21.97 61.03
N VAL E 131 -6.13 21.08 62.02
CA VAL E 131 -6.17 19.64 61.77
C VAL E 131 -7.53 19.21 61.25
N GLY E 132 -7.61 18.00 60.71
CA GLY E 132 -8.86 17.49 60.16
C GLY E 132 -9.41 16.26 60.85
N SER E 133 -8.53 15.40 61.36
CA SER E 133 -8.90 14.17 62.07
C SER E 133 -9.78 13.27 61.19
N LEU E 134 -9.17 12.79 60.11
CA LEU E 134 -9.87 11.99 59.13
C LEU E 134 -10.34 10.66 59.72
N GLN E 135 -11.35 10.08 59.07
CA GLN E 135 -11.93 8.77 59.42
C GLN E 135 -12.15 8.62 60.93
N GLY E 136 -12.65 9.69 61.54
CA GLY E 136 -12.95 9.67 62.96
C GLY E 136 -14.11 10.59 63.29
N TYR E 137 -14.67 10.38 64.48
CA TYR E 137 -15.78 11.18 64.98
C TYR E 137 -15.30 12.43 65.72
N ASN E 138 -13.99 12.67 65.73
CA ASN E 138 -13.37 13.84 66.39
C ASN E 138 -13.66 13.77 67.89
N ILE E 139 -13.58 14.92 68.58
CA ILE E 139 -13.71 14.98 70.02
C ILE E 139 -12.73 14.00 70.64
N LEU E 140 -11.44 14.32 70.57
CA LEU E 140 -10.39 13.37 70.93
C LEU E 140 -9.85 13.58 72.34
N GLU E 141 -9.50 14.82 72.70
CA GLU E 141 -8.92 15.22 73.98
C GLU E 141 -8.01 14.19 74.63
N CYS E 142 -8.53 12.99 74.94
CA CYS E 142 -7.80 12.02 75.75
C CYS E 142 -6.52 11.56 75.08
N MET E 143 -6.61 11.09 73.84
CA MET E 143 -5.42 10.59 73.15
C MET E 143 -4.71 11.64 72.31
N GLU E 144 -5.12 12.91 72.40
CA GLU E 144 -4.39 14.00 71.77
C GLU E 144 -2.99 14.07 72.37
N GLU E 145 -2.90 14.35 73.67
CA GLU E 145 -1.64 14.35 74.41
C GLU E 145 -0.61 15.27 73.77
N LYS E 146 -1.04 16.50 73.46
CA LYS E 146 -0.17 17.55 72.92
C LYS E 146 0.48 17.10 71.60
N VAL E 147 -0.38 16.92 70.59
CA VAL E 147 0.10 16.56 69.26
C VAL E 147 1.02 17.62 68.70
N ILE E 148 0.81 18.89 69.10
CA ILE E 148 1.49 20.02 68.47
C ILE E 148 3.02 19.84 68.53
N GLN E 149 3.53 19.41 69.68
CA GLN E 149 4.97 19.15 69.80
C GLN E 149 5.43 18.14 68.76
N LYS E 150 4.75 17.00 68.67
CA LYS E 150 5.09 16.02 67.66
C LYS E 150 4.60 16.45 66.28
N LEU E 151 3.62 17.36 66.21
CA LEU E 151 3.09 17.77 64.93
C LEU E 151 4.08 18.64 64.17
N LEU E 152 4.74 19.57 64.85
CA LEU E 152 5.70 20.46 64.22
C LEU E 152 7.10 20.31 64.81
N ASP E 153 7.40 19.17 65.43
CA ASP E 153 8.77 18.89 65.84
C ASP E 153 9.64 18.51 64.65
N ASP E 154 9.04 18.14 63.54
CA ASP E 154 9.77 17.75 62.33
C ASP E 154 10.02 18.95 61.43
N SER E 155 11.10 18.88 60.68
CA SER E 155 11.42 19.93 59.72
C SER E 155 10.48 19.85 58.52
N GLY E 156 10.13 21.02 57.99
CA GLY E 156 9.21 21.08 56.87
C GLY E 156 7.77 21.20 57.31
N VAL E 157 7.03 20.09 57.27
CA VAL E 157 5.65 20.02 57.72
C VAL E 157 4.82 21.08 57.00
N ILE E 158 4.46 20.80 55.74
CA ILE E 158 3.71 21.78 54.96
C ILE E 158 2.28 21.83 55.48
N MET E 159 1.77 23.05 55.70
CA MET E 159 0.54 23.22 56.45
C MET E 159 -0.72 22.75 55.75
N PRO E 160 -0.83 22.70 54.41
CA PRO E 160 -2.04 22.13 53.81
C PRO E 160 -2.02 20.61 53.65
N GLY E 161 -0.88 19.94 53.85
CA GLY E 161 -0.83 18.51 53.68
C GLY E 161 0.11 17.77 54.59
N MET E 162 -0.40 16.76 55.31
CA MET E 162 0.44 15.83 56.06
C MET E 162 -0.34 14.57 56.42
N ILE E 163 0.31 13.41 56.31
CA ILE E 163 -0.26 12.14 56.75
C ILE E 163 0.83 11.37 57.47
N PHE E 164 0.52 10.88 58.68
CA PHE E 164 1.48 10.14 59.47
C PHE E 164 0.78 8.97 60.15
N GLN E 165 1.59 8.00 60.58
CA GLN E 165 1.09 6.82 61.25
C GLN E 165 0.57 7.18 62.65
N ASN E 166 -0.32 6.33 63.17
CA ASN E 166 -0.91 6.57 64.48
C ASN E 166 0.13 6.57 65.60
N LEU E 167 1.25 5.88 65.38
CA LEU E 167 2.33 5.74 66.38
C LEU E 167 1.72 5.08 67.61
N LYS E 168 1.89 5.63 68.81
CA LYS E 168 1.33 5.02 70.02
C LYS E 168 1.09 6.12 71.05
N THR E 169 -0.17 6.46 71.28
CA THR E 169 -0.55 7.46 72.27
C THR E 169 -1.34 6.78 73.37
N LYS E 170 -0.81 6.84 74.60
CA LYS E 170 -1.38 6.25 75.81
C LYS E 170 -1.92 4.85 75.54
N ALA E 171 -3.00 4.47 76.24
CA ALA E 171 -3.64 3.18 76.03
C ALA E 171 -4.74 3.29 74.99
N GLY E 172 -5.33 2.14 74.66
CA GLY E 172 -6.38 2.07 73.68
C GLY E 172 -5.94 1.80 72.26
N ASP E 173 -4.66 1.44 72.05
CA ASP E 173 -4.03 1.13 70.76
C ASP E 173 -4.72 1.74 69.56
N GLU E 174 -5.31 0.90 68.71
CA GLU E 174 -6.07 1.26 67.51
C GLU E 174 -5.25 2.11 66.54
N SER E 175 -5.87 2.52 65.44
CA SER E 175 -5.18 3.32 64.42
C SER E 175 -6.00 4.58 64.15
N ILE E 176 -5.35 5.74 64.28
CA ILE E 176 -5.96 7.03 63.99
C ILE E 176 -4.96 7.88 63.24
N ASP E 177 -5.43 8.53 62.18
CA ASP E 177 -4.59 9.38 61.35
C ASP E 177 -5.05 10.83 61.46
N VAL E 178 -4.09 11.75 61.36
CA VAL E 178 -4.35 13.18 61.43
C VAL E 178 -4.04 13.79 60.07
N VAL E 179 -4.96 14.62 59.57
CA VAL E 179 -4.80 15.31 58.30
C VAL E 179 -5.02 16.79 58.55
N ILE E 180 -4.42 17.63 57.71
CA ILE E 180 -4.28 19.06 57.98
C ILE E 180 -4.94 19.84 56.84
N THR E 181 -6.00 19.27 56.27
CA THR E 181 -6.56 19.69 54.98
C THR E 181 -6.67 21.20 54.80
N ASP E 182 -7.50 21.85 55.63
CA ASP E 182 -7.85 23.23 55.38
C ASP E 182 -6.66 24.16 55.53
N ALA E 183 -6.57 25.14 54.64
CA ALA E 183 -5.50 26.12 54.63
C ALA E 183 -6.05 27.47 54.19
N SER E 184 -5.50 28.54 54.77
CA SER E 184 -5.96 29.89 54.44
C SER E 184 -4.82 30.89 54.31
N ASP E 185 -3.57 30.44 54.20
CA ASP E 185 -2.45 31.35 54.05
C ASP E 185 -2.44 31.97 52.66
N ASP E 186 -1.80 33.13 52.56
CA ASP E 186 -1.70 33.88 51.31
C ASP E 186 -0.26 33.88 50.82
N SER E 187 -0.06 33.52 49.56
CA SER E 187 1.26 33.50 48.94
C SER E 187 1.22 34.35 47.68
N LEU E 188 2.22 35.23 47.53
CA LEU E 188 2.28 36.09 46.35
C LEU E 188 2.39 35.31 45.05
N PRO E 189 3.28 34.33 44.88
CA PRO E 189 3.31 33.59 43.61
C PRO E 189 2.24 32.51 43.58
N ASP E 190 1.39 32.55 42.54
CA ASP E 190 0.36 31.54 42.38
C ASP E 190 0.90 30.22 41.87
N VAL E 191 2.17 30.17 41.46
CA VAL E 191 2.76 28.92 40.98
C VAL E 191 2.85 27.91 42.12
N SER E 192 3.12 28.37 43.33
CA SER E 192 3.21 27.49 44.49
C SER E 192 1.89 26.75 44.71
N GLN E 193 1.91 25.43 44.53
CA GLN E 193 0.67 24.66 44.61
C GLN E 193 0.20 24.50 46.05
N LEU E 194 1.13 24.26 46.98
CA LEU E 194 0.77 23.97 48.36
C LEU E 194 1.37 24.94 49.36
N ASP E 195 1.91 26.08 48.90
CA ASP E 195 2.27 27.26 49.69
C ASP E 195 2.83 26.95 51.07
N LEU E 196 3.98 26.29 51.12
CA LEU E 196 4.66 25.96 52.38
C LEU E 196 4.75 27.18 53.29
N ASN E 197 4.82 26.94 54.59
CA ASN E 197 4.98 27.98 55.58
C ASN E 197 5.95 27.50 56.67
N MET E 198 6.56 28.48 57.34
CA MET E 198 7.52 28.18 58.39
C MET E 198 6.82 27.67 59.65
N ASP E 199 7.60 27.00 60.50
CA ASP E 199 7.11 26.45 61.76
C ASP E 199 7.84 27.10 62.92
N ASP E 200 7.08 27.56 63.92
CA ASP E 200 7.67 28.09 65.16
C ASP E 200 6.70 27.78 66.30
N MET E 201 6.92 26.65 66.97
CA MET E 201 6.09 26.20 68.07
C MET E 201 6.85 26.30 69.38
N TYR E 202 6.11 26.22 70.48
CA TYR E 202 6.67 26.20 71.82
C TYR E 202 6.26 24.91 72.52
N GLY E 203 7.23 24.18 73.04
CA GLY E 203 6.93 22.92 73.72
C GLY E 203 8.21 22.21 74.09
N GLY E 204 8.03 21.04 74.70
CA GLY E 204 9.16 20.23 75.12
C GLY E 204 8.85 18.76 74.96
N LEU E 205 9.92 17.97 74.82
CA LEU E 205 9.82 16.52 74.66
C LEU E 205 8.93 16.13 73.48
N GLY E 220 3.17 28.26 68.98
CA GLY E 220 1.80 27.83 69.17
C GLY E 220 0.85 28.38 68.13
N SER E 221 1.41 29.03 67.12
CA SER E 221 0.67 29.64 66.00
C SER E 221 -0.31 30.66 66.60
N THR E 222 -1.50 30.82 66.05
CA THR E 222 -2.49 31.77 66.56
C THR E 222 -3.82 31.07 66.72
N HIS E 223 -4.41 31.19 67.91
CA HIS E 223 -5.74 30.66 68.21
C HIS E 223 -5.81 29.15 67.94
N ILE E 224 -4.93 28.42 68.63
CA ILE E 224 -4.81 26.95 68.61
C ILE E 224 -4.82 26.39 67.20
N THR E 225 -4.94 25.07 67.08
CA THR E 225 -4.98 24.41 65.79
C THR E 225 -6.14 23.44 65.64
N PHE E 226 -6.61 22.84 66.74
CA PHE E 226 -7.67 21.85 66.66
C PHE E 226 -9.02 22.53 66.47
N SER E 227 -9.65 22.31 65.32
CA SER E 227 -10.96 22.92 65.05
C SER E 227 -11.67 22.11 63.98
N LYS E 228 -12.68 21.34 64.39
CA LYS E 228 -13.68 20.75 63.51
C LYS E 228 -13.07 19.64 62.64
N GLU E 229 -13.90 18.82 62.00
CA GLU E 229 -13.46 17.59 61.35
C GLU E 229 -13.62 17.75 59.84
N THR E 230 -13.11 18.85 59.31
CA THR E 230 -13.28 19.18 57.90
C THR E 230 -12.60 18.17 56.99
N GLN E 231 -13.18 18.01 55.80
CA GLN E 231 -12.62 17.15 54.76
C GLN E 231 -11.59 17.95 53.97
N ALA E 232 -11.12 17.41 52.84
CA ALA E 232 -10.20 18.13 51.99
C ALA E 232 -10.84 19.41 51.48
N ASN E 233 -10.09 20.51 51.57
CA ASN E 233 -10.61 21.81 51.15
C ASN E 233 -10.83 21.85 49.65
N ARG E 234 -11.98 22.38 49.23
CA ARG E 234 -12.32 22.50 47.82
C ARG E 234 -11.78 23.78 47.20
N LYS E 235 -11.25 24.71 48.00
CA LYS E 235 -10.65 25.92 47.44
C LYS E 235 -9.42 25.59 46.60
N TYR E 236 -8.57 24.69 47.08
CA TYR E 236 -7.39 24.25 46.36
C TYR E 236 -7.61 22.97 45.57
N ASN E 237 -8.44 22.06 46.10
CA ASN E 237 -8.81 20.82 45.41
C ASN E 237 -7.57 19.98 45.07
N LEU E 238 -6.90 19.53 46.12
CA LEU E 238 -5.75 18.64 45.94
C LEU E 238 -6.21 17.28 45.43
N PRO E 239 -5.38 16.61 44.63
CA PRO E 239 -5.74 15.26 44.18
C PRO E 239 -5.89 14.31 45.36
N GLU E 240 -6.85 13.40 45.23
CA GLU E 240 -7.16 12.47 46.31
C GLU E 240 -6.77 11.04 45.94
N PRO E 241 -6.33 10.25 46.92
CA PRO E 241 -6.02 8.83 46.68
C PRO E 241 -7.28 7.96 46.63
N LEU E 242 -7.89 7.91 45.45
CA LEU E 242 -9.12 7.15 45.27
C LEU E 242 -8.90 5.67 45.60
N SER E 243 -9.83 5.12 46.39
CA SER E 243 -9.76 3.75 46.86
C SER E 243 -10.91 2.93 46.29
N TYR E 244 -11.03 1.70 46.75
CA TYR E 244 -12.09 0.81 46.28
C TYR E 244 -13.48 1.28 46.69
N ALA E 245 -13.57 2.22 47.65
CA ALA E 245 -14.88 2.70 48.08
C ALA E 245 -15.61 3.42 46.95
N ALA E 246 -14.89 4.22 46.17
CA ALA E 246 -15.52 4.92 45.06
C ALA E 246 -16.03 3.95 44.00
N VAL E 247 -15.26 2.91 43.70
CA VAL E 247 -15.67 1.94 42.69
C VAL E 247 -16.77 1.06 43.27
N GLY E 248 -17.87 0.93 42.52
CA GLY E 248 -18.99 0.14 42.96
C GLY E 248 -19.59 -0.64 41.81
N GLY E 249 -20.37 -1.67 42.18
CA GLY E 249 -21.03 -2.51 41.22
C GLY E 249 -20.19 -3.61 40.61
N LEU E 250 -18.91 -3.70 40.97
CA LEU E 250 -18.01 -4.72 40.47
C LEU E 250 -17.25 -5.39 41.60
N ASP E 251 -17.87 -5.48 42.79
CA ASP E 251 -17.18 -6.01 43.96
C ASP E 251 -16.78 -7.47 43.77
N LYS E 252 -17.62 -8.23 43.07
CA LYS E 252 -17.35 -9.67 42.88
C LYS E 252 -16.02 -9.89 42.18
N GLU E 253 -15.73 -9.11 41.14
CA GLU E 253 -14.41 -9.17 40.53
C GLU E 253 -13.36 -8.39 41.34
N ILE E 254 -13.80 -7.50 42.24
CA ILE E 254 -12.84 -6.83 43.11
C ILE E 254 -12.14 -7.83 44.02
N GLU E 255 -12.90 -8.78 44.58
CA GLU E 255 -12.25 -9.83 45.38
C GLU E 255 -11.30 -10.67 44.53
N SER E 256 -11.70 -10.95 43.28
CA SER E 256 -10.84 -11.75 42.40
C SER E 256 -9.52 -11.05 42.13
N LEU E 257 -9.58 -9.76 41.80
CA LEU E 257 -8.34 -9.00 41.57
C LEU E 257 -7.54 -8.85 42.86
N LYS E 258 -8.22 -8.74 44.01
CA LYS E 258 -7.52 -8.63 45.28
C LYS E 258 -6.73 -9.91 45.56
N SER E 259 -7.34 -11.06 45.32
CA SER E 259 -6.61 -12.32 45.43
C SER E 259 -5.46 -12.36 44.44
N ALA E 260 -5.72 -11.94 43.21
CA ALA E 260 -4.67 -11.96 42.18
C ALA E 260 -3.50 -11.05 42.55
N ILE E 261 -3.73 -10.02 43.36
CA ILE E 261 -2.65 -9.09 43.65
C ILE E 261 -1.90 -9.42 44.94
N GLU E 262 -2.55 -10.02 45.95
CA GLU E 262 -1.72 -10.45 47.09
C GLU E 262 -1.65 -11.97 47.28
N ILE E 263 -1.81 -12.77 46.23
CA ILE E 263 -1.21 -14.10 46.29
C ILE E 263 0.29 -14.02 45.98
N PRO E 264 0.72 -13.45 44.84
CA PRO E 264 2.16 -13.46 44.53
C PRO E 264 2.96 -12.40 45.27
N LEU E 265 2.39 -11.20 45.44
CA LEU E 265 3.17 -10.06 45.92
C LEU E 265 3.31 -10.06 47.44
N HIS E 266 2.19 -9.94 48.15
CA HIS E 266 2.25 -9.75 49.60
C HIS E 266 2.54 -11.04 50.35
N GLN E 267 2.38 -12.20 49.71
CA GLN E 267 2.67 -13.49 50.31
C GLN E 267 3.53 -14.31 49.36
N PRO E 268 4.81 -13.95 49.21
CA PRO E 268 5.67 -14.71 48.29
C PRO E 268 6.12 -16.05 48.87
N THR E 269 6.29 -16.14 50.19
CA THR E 269 6.75 -17.39 50.79
C THR E 269 5.70 -18.49 50.66
N LEU E 270 4.42 -18.13 50.77
CA LEU E 270 3.36 -19.14 50.67
C LEU E 270 3.38 -19.82 49.30
N PHE E 271 3.57 -19.03 48.23
CA PHE E 271 3.66 -19.63 46.90
C PHE E 271 5.00 -20.33 46.69
N SER E 272 6.09 -19.74 47.18
CA SER E 272 7.42 -20.32 47.01
C SER E 272 7.54 -21.67 47.72
N SER E 273 6.71 -21.93 48.74
CA SER E 273 6.76 -23.22 49.41
C SER E 273 6.43 -24.38 48.48
N PHE E 274 5.77 -24.11 47.35
CA PHE E 274 5.47 -25.16 46.38
C PHE E 274 6.51 -25.24 45.27
N GLY E 275 7.03 -24.09 44.83
CA GLY E 275 8.11 -24.08 43.85
C GLY E 275 7.69 -24.31 42.42
N VAL E 276 6.46 -23.96 42.05
CA VAL E 276 6.00 -24.13 40.67
C VAL E 276 6.01 -22.83 39.89
N SER E 277 6.52 -21.74 40.47
CA SER E 277 6.61 -20.40 39.89
C SER E 277 5.23 -19.78 39.75
N PRO E 278 5.08 -18.48 40.03
CA PRO E 278 3.78 -17.83 39.91
C PRO E 278 3.60 -17.20 38.54
N PRO E 279 2.37 -17.06 38.08
CA PRO E 279 2.13 -16.34 36.81
C PRO E 279 2.57 -14.89 36.92
N ARG E 280 3.14 -14.38 35.82
CA ARG E 280 3.65 -13.02 35.77
C ARG E 280 2.73 -12.06 35.02
N GLY E 281 1.54 -12.50 34.63
CA GLY E 281 0.65 -11.66 33.86
C GLY E 281 -0.82 -11.84 34.17
N ILE E 282 -1.54 -10.74 34.30
CA ILE E 282 -2.99 -10.74 34.52
C ILE E 282 -3.62 -9.92 33.41
N LEU E 283 -4.62 -10.50 32.74
CA LEU E 283 -5.26 -9.88 31.60
C LEU E 283 -6.60 -9.28 32.00
N LEU E 284 -6.77 -7.99 31.73
CA LEU E 284 -8.02 -7.28 31.97
C LEU E 284 -8.61 -6.83 30.64
N HIS E 285 -9.88 -7.15 30.41
CA HIS E 285 -10.53 -6.82 29.15
C HIS E 285 -12.00 -6.56 29.38
N GLY E 286 -12.61 -5.84 28.44
CA GLY E 286 -14.02 -5.53 28.50
C GLY E 286 -14.39 -4.38 27.59
N PRO E 287 -15.67 -4.05 27.53
CA PRO E 287 -16.10 -2.92 26.70
C PRO E 287 -15.54 -1.62 27.25
N PRO E 288 -15.27 -0.64 26.39
CA PRO E 288 -14.74 0.64 26.87
C PRO E 288 -15.74 1.38 27.75
N GLY E 289 -15.20 2.17 28.67
CA GLY E 289 -16.00 2.93 29.59
C GLY E 289 -16.37 2.22 30.88
N THR E 290 -16.02 0.95 31.02
CA THR E 290 -16.33 0.21 32.24
C THR E 290 -15.48 0.67 33.42
N GLY E 291 -14.34 1.32 33.17
CA GLY E 291 -13.49 1.81 34.22
C GLY E 291 -12.27 0.98 34.51
N LYS E 292 -11.58 0.43 33.51
CA LYS E 292 -10.37 -0.38 33.83
C LYS E 292 -9.24 0.49 34.39
N THR E 293 -8.96 1.64 33.77
CA THR E 293 -7.85 2.57 34.13
C THR E 293 -8.05 3.17 35.53
N MET E 294 -9.27 3.54 35.90
CA MET E 294 -9.56 4.07 37.26
C MET E 294 -9.28 2.93 38.23
N LEU E 295 -9.75 1.73 37.87
CA LEU E 295 -9.54 0.51 38.70
C LEU E 295 -8.03 0.26 38.80
N LEU E 296 -7.32 0.15 37.67
CA LEU E 296 -5.89 -0.07 37.81
C LEU E 296 -5.22 1.08 38.56
N ARG E 297 -5.70 2.31 38.37
CA ARG E 297 -5.17 3.44 39.15
C ARG E 297 -5.45 3.23 40.64
N VAL E 298 -6.65 2.77 40.98
CA VAL E 298 -7.00 2.55 42.38
C VAL E 298 -6.14 1.44 42.98
N VAL E 299 -5.97 0.33 42.25
CA VAL E 299 -5.18 -0.77 42.80
C VAL E 299 -3.71 -0.39 42.88
N ALA E 300 -3.25 0.55 42.04
CA ALA E 300 -1.88 1.04 42.17
C ALA E 300 -1.74 1.97 43.37
N ASN E 301 -2.73 2.85 43.59
CA ASN E 301 -2.67 3.78 44.71
C ASN E 301 -2.74 3.05 46.05
N THR E 302 -3.61 2.04 46.15
CA THR E 302 -3.79 1.33 47.41
C THR E 302 -2.59 0.50 47.81
N SER E 303 -1.64 0.27 46.90
CA SER E 303 -0.44 -0.49 47.17
C SER E 303 0.75 0.45 47.24
N ASN E 304 1.56 0.30 48.29
CA ASN E 304 2.75 1.12 48.47
C ASN E 304 3.95 0.63 47.68
N ALA E 305 3.82 -0.50 46.99
CA ALA E 305 4.92 -1.04 46.22
C ALA E 305 5.14 -0.23 44.94
N HIS E 306 6.33 -0.40 44.36
CA HIS E 306 6.67 0.30 43.12
C HIS E 306 5.82 -0.22 41.96
N VAL E 307 5.43 0.70 41.07
CA VAL E 307 4.67 0.36 39.89
C VAL E 307 5.36 0.95 38.68
N LEU E 308 5.12 0.34 37.52
CA LEU E 308 5.68 0.78 36.25
C LEU E 308 4.54 1.07 35.28
N THR E 309 4.57 2.26 34.69
CA THR E 309 3.58 2.68 33.71
C THR E 309 4.28 3.08 32.41
N ILE E 310 3.61 2.84 31.29
CA ILE E 310 4.13 3.17 29.97
C ILE E 310 3.08 3.95 29.21
N ASN E 311 3.53 4.93 28.42
CA ASN E 311 2.59 5.70 27.59
C ASN E 311 2.02 4.82 26.48
N GLY E 312 2.81 3.90 25.95
CA GLY E 312 2.37 3.03 24.88
C GLY E 312 3.00 3.38 23.55
N PRO E 313 2.24 4.04 22.68
CA PRO E 313 2.77 4.37 21.34
C PRO E 313 3.95 5.33 21.37
N SER E 314 4.16 6.04 22.48
CA SER E 314 5.31 6.94 22.56
C SER E 314 6.62 6.17 22.51
N ILE E 315 6.64 4.95 23.05
CA ILE E 315 7.83 4.11 23.00
C ILE E 315 8.15 3.73 21.56
N VAL E 316 7.13 3.52 20.73
CA VAL E 316 7.33 3.16 19.34
C VAL E 316 8.16 4.24 18.66
N SER E 317 9.24 3.81 18.00
CA SER E 317 10.16 4.75 17.35
C SER E 317 10.76 4.07 16.13
N LYS E 318 11.40 4.89 15.29
CA LYS E 318 12.02 4.37 14.07
C LYS E 318 13.14 3.40 14.37
N TYR E 319 13.96 3.71 15.38
CA TYR E 319 15.10 2.87 15.72
C TYR E 319 14.64 1.49 16.15
N LEU E 320 15.28 0.46 15.61
CA LEU E 320 14.87 -0.92 15.91
C LEU E 320 15.26 -1.31 17.33
N GLY E 321 16.50 -0.99 17.74
CA GLY E 321 17.00 -1.45 19.03
C GLY E 321 16.74 -0.51 20.18
N GLU E 322 16.32 0.73 19.91
CA GLU E 322 16.07 1.67 21.00
C GLU E 322 14.92 1.20 21.89
N THR E 323 13.83 0.73 21.28
CA THR E 323 12.71 0.22 22.07
C THR E 323 13.11 -1.01 22.87
N GLU E 324 13.88 -1.91 22.25
CA GLU E 324 14.34 -3.10 22.95
C GLU E 324 15.19 -2.74 24.16
N ALA E 325 16.13 -1.79 23.97
CA ALA E 325 16.99 -1.38 25.08
C ALA E 325 16.18 -0.71 26.18
N ALA E 326 15.22 0.15 25.82
CA ALA E 326 14.41 0.82 26.84
C ALA E 326 13.58 -0.18 27.63
N LEU E 327 12.95 -1.14 26.94
CA LEU E 327 12.14 -2.14 27.63
C LEU E 327 13.01 -3.04 28.51
N ARG E 328 14.19 -3.42 28.03
CA ARG E 328 15.09 -4.22 28.84
C ARG E 328 15.54 -3.47 30.09
N ASP E 329 15.85 -2.18 29.94
CA ASP E 329 16.22 -1.38 31.10
C ASP E 329 15.08 -1.26 32.09
N ILE E 330 13.85 -1.07 31.60
CA ILE E 330 12.70 -0.98 32.47
C ILE E 330 12.50 -2.29 33.24
N PHE E 331 12.61 -3.42 32.53
CA PHE E 331 12.45 -4.71 33.19
C PHE E 331 13.56 -4.95 34.22
N ASN E 332 14.79 -4.57 33.90
CA ASN E 332 15.88 -4.72 34.86
C ASN E 332 15.66 -3.87 36.10
N GLU E 333 15.19 -2.63 35.90
CA GLU E 333 14.89 -1.77 37.04
C GLU E 333 13.77 -2.36 37.89
N ALA E 334 12.74 -2.91 37.24
CA ALA E 334 11.66 -3.54 37.98
C ALA E 334 12.14 -4.76 38.77
N ARG E 335 13.04 -5.55 38.18
CA ARG E 335 13.55 -6.73 38.88
C ARG E 335 14.49 -6.35 40.01
N LYS E 336 15.21 -5.23 39.88
CA LYS E 336 16.21 -4.87 40.88
C LYS E 336 15.58 -4.67 42.25
N TYR E 337 14.43 -4.02 42.31
CA TYR E 337 13.69 -3.85 43.55
C TYR E 337 12.57 -4.88 43.59
N GLN E 338 12.53 -5.65 44.68
CA GLN E 338 11.59 -6.78 44.76
C GLN E 338 10.13 -6.35 44.60
N PRO E 339 9.61 -5.33 45.32
CA PRO E 339 8.22 -4.93 45.11
C PRO E 339 8.06 -4.11 43.84
N SER E 340 7.46 -4.72 42.81
CA SER E 340 7.28 -4.07 41.53
C SER E 340 6.04 -4.62 40.85
N ILE E 341 5.29 -3.73 40.21
CA ILE E 341 4.09 -4.10 39.46
C ILE E 341 4.18 -3.43 38.09
N ILE E 342 3.90 -4.21 37.04
CA ILE E 342 3.99 -3.74 35.67
C ILE E 342 2.59 -3.46 35.13
N PHE E 343 2.38 -2.26 34.62
CA PHE E 343 1.11 -1.87 34.01
C PHE E 343 1.33 -1.66 32.52
N ILE E 344 0.56 -2.35 31.70
CA ILE E 344 0.66 -2.27 30.25
C ILE E 344 -0.75 -1.98 29.72
N ASP E 345 -1.02 -0.71 29.45
CA ASP E 345 -2.32 -0.31 28.91
C ASP E 345 -2.33 -0.43 27.38
N GLU E 346 -3.54 -0.55 26.83
CA GLU E 346 -3.79 -0.66 25.39
C GLU E 346 -2.81 -1.62 24.72
N ILE E 347 -2.59 -2.76 25.39
CA ILE E 347 -1.64 -3.75 24.92
C ILE E 347 -2.05 -4.35 23.58
N ASP E 348 -3.32 -4.19 23.19
CA ASP E 348 -3.79 -4.77 21.93
C ASP E 348 -3.02 -4.20 20.73
N SER E 349 -2.79 -2.88 20.72
CA SER E 349 -2.02 -2.29 19.64
C SER E 349 -0.56 -2.75 19.70
N ILE E 350 -0.03 -2.91 20.91
CA ILE E 350 1.36 -3.36 21.06
C ILE E 350 1.52 -4.79 20.55
N ALA E 351 0.50 -5.62 20.74
CA ALA E 351 0.54 -7.05 20.39
C ALA E 351 -0.60 -7.37 19.44
N PRO E 352 -0.42 -7.12 18.15
CA PRO E 352 -1.45 -7.46 17.17
C PRO E 352 -1.48 -8.96 16.91
N ASN E 353 -2.61 -9.41 16.36
CA ASN E 353 -2.78 -10.81 16.02
C ASN E 353 -1.96 -11.17 14.78
N ARG E 354 -1.65 -12.46 14.63
CA ARG E 354 -0.84 -12.91 13.51
C ARG E 354 -1.58 -12.74 12.19
N ALA E 355 -2.82 -13.22 12.11
CA ALA E 355 -3.54 -13.23 10.85
C ALA E 355 -4.27 -11.93 10.55
N ASN E 356 -4.40 -11.03 11.54
CA ASN E 356 -5.14 -9.80 11.32
C ASN E 356 -4.44 -8.89 10.32
N ASP E 357 -3.15 -8.61 10.55
CA ASP E 357 -2.40 -7.72 9.67
C ASP E 357 -0.92 -7.79 10.02
N ASP E 358 -0.07 -7.87 9.00
CA ASP E 358 1.38 -7.75 9.17
C ASP E 358 1.79 -6.32 8.79
N SER E 359 1.49 -5.39 9.69
CA SER E 359 1.68 -3.97 9.40
C SER E 359 3.16 -3.63 9.21
N GLY E 360 4.01 -4.07 10.13
CA GLY E 360 5.42 -3.77 10.09
C GLY E 360 5.84 -2.83 11.20
N GLU E 361 7.05 -2.30 11.05
CA GLU E 361 7.66 -1.38 12.02
C GLU E 361 7.71 -2.10 13.37
N VAL E 362 7.12 -1.56 14.43
CA VAL E 362 7.06 -2.26 15.72
C VAL E 362 6.06 -3.41 15.56
N GLU E 363 6.54 -4.63 15.68
CA GLU E 363 5.74 -5.80 15.34
C GLU E 363 6.20 -6.94 16.25
N SER E 364 5.92 -8.19 15.86
CA SER E 364 6.03 -9.38 16.69
C SER E 364 7.37 -9.54 17.41
N ARG E 365 8.39 -8.79 16.98
CA ARG E 365 9.68 -8.86 17.69
C ARG E 365 9.53 -8.39 19.13
N VAL E 366 8.71 -7.34 19.35
CA VAL E 366 8.46 -6.86 20.70
C VAL E 366 7.73 -7.92 21.51
N VAL E 367 6.74 -8.58 20.90
CA VAL E 367 6.01 -9.63 21.58
C VAL E 367 6.96 -10.76 22.00
N ALA E 368 7.81 -11.18 21.07
CA ALA E 368 8.75 -12.27 21.37
C ALA E 368 9.72 -11.89 22.47
N THR E 369 10.26 -10.67 22.43
CA THR E 369 11.20 -10.27 23.46
C THR E 369 10.53 -10.11 24.82
N LEU E 370 9.28 -9.64 24.85
CA LEU E 370 8.54 -9.57 26.10
C LEU E 370 8.29 -10.96 26.67
N LEU E 371 7.92 -11.92 25.82
CA LEU E 371 7.72 -13.28 26.30
C LEU E 371 9.01 -13.86 26.86
N THR E 372 10.11 -13.73 26.12
CA THR E 372 11.38 -14.28 26.57
C THR E 372 11.88 -13.59 27.84
N LEU E 373 11.51 -12.32 28.03
CA LEU E 373 11.92 -11.62 29.24
C LEU E 373 11.08 -12.08 30.44
N MET E 374 9.77 -11.87 30.38
CA MET E 374 8.92 -12.19 31.52
C MET E 374 8.88 -13.68 31.84
N ASP E 375 9.32 -14.54 30.92
CA ASP E 375 9.45 -15.96 31.20
C ASP E 375 10.88 -16.37 31.49
N GLY E 376 11.82 -15.44 31.60
CA GLY E 376 13.21 -15.81 31.71
C GLY E 376 13.97 -15.43 32.96
N MET E 377 13.68 -14.27 33.56
CA MET E 377 14.49 -13.83 34.70
C MET E 377 14.02 -14.45 36.01
N GLY E 378 12.80 -14.17 36.41
CA GLY E 378 12.32 -14.53 37.74
C GLY E 378 11.77 -15.93 37.81
N ALA E 379 12.16 -16.66 38.86
CA ALA E 379 11.61 -17.99 39.12
C ALA E 379 10.42 -17.89 40.07
N ALA E 380 10.67 -17.46 41.31
CA ALA E 380 9.59 -17.16 42.24
C ALA E 380 9.25 -15.67 42.26
N GLY E 381 10.20 -14.83 42.67
CA GLY E 381 10.08 -13.39 42.65
C GLY E 381 8.80 -12.82 43.22
N LYS E 382 8.51 -11.56 42.88
CA LYS E 382 7.18 -10.97 43.09
C LYS E 382 6.99 -9.92 42.01
N VAL E 383 6.41 -10.33 40.88
CA VAL E 383 6.24 -9.46 39.72
C VAL E 383 4.94 -9.85 39.02
N VAL E 384 4.13 -8.85 38.69
CA VAL E 384 2.90 -9.05 37.94
C VAL E 384 2.82 -8.00 36.84
N VAL E 385 2.30 -8.41 35.68
CA VAL E 385 2.11 -7.53 34.54
C VAL E 385 0.61 -7.37 34.33
N ILE E 386 0.13 -6.13 34.37
CA ILE E 386 -1.28 -5.82 34.20
C ILE E 386 -1.47 -5.37 32.76
N ALA E 387 -2.27 -6.11 32.00
CA ALA E 387 -2.53 -5.82 30.60
C ALA E 387 -3.99 -5.42 30.44
N ALA E 388 -4.22 -4.26 29.83
CA ALA E 388 -5.57 -3.75 29.58
C ALA E 388 -5.81 -3.69 28.08
N THR E 389 -6.91 -4.29 27.63
CA THR E 389 -7.26 -4.32 26.23
C THR E 389 -8.78 -4.22 26.08
N ASN E 390 -9.21 -3.82 24.89
CA ASN E 390 -10.62 -3.66 24.58
C ASN E 390 -11.22 -4.96 24.04
N ARG E 391 -10.66 -5.48 22.96
CA ARG E 391 -11.16 -6.70 22.34
C ARG E 391 -10.19 -7.85 22.60
N PRO E 392 -10.54 -8.84 23.42
CA PRO E 392 -9.63 -9.97 23.65
C PRO E 392 -9.31 -10.76 22.40
N ASN E 393 -10.26 -10.86 21.46
CA ASN E 393 -10.01 -11.63 20.25
C ASN E 393 -8.90 -11.02 19.40
N SER E 394 -8.88 -9.69 19.29
CA SER E 394 -7.83 -9.02 18.52
C SER E 394 -6.46 -9.17 19.18
N VAL E 395 -6.41 -9.47 20.47
CA VAL E 395 -5.14 -9.68 21.16
C VAL E 395 -4.50 -10.96 20.63
N ASP E 396 -3.16 -11.01 20.70
CA ASP E 396 -2.44 -12.17 20.20
C ASP E 396 -2.83 -13.42 20.98
N PRO E 397 -3.23 -14.50 20.31
CA PRO E 397 -3.52 -15.74 21.03
C PRO E 397 -2.32 -16.32 21.77
N ALA E 398 -1.10 -16.01 21.33
CA ALA E 398 0.09 -16.45 22.06
C ALA E 398 0.13 -15.86 23.45
N LEU E 399 -0.23 -14.58 23.59
CA LEU E 399 -0.31 -13.97 24.91
C LEU E 399 -1.40 -14.63 25.75
N ARG E 400 -2.55 -14.92 25.14
CA ARG E 400 -3.68 -15.52 25.85
C ARG E 400 -3.46 -17.03 25.97
N ARG E 401 -2.50 -17.39 26.81
CA ARG E 401 -2.16 -18.77 27.08
C ARG E 401 -2.05 -18.98 28.58
N PRO E 402 -2.44 -20.15 29.09
CA PRO E 402 -2.31 -20.41 30.53
C PRO E 402 -0.88 -20.40 31.03
N GLY E 403 0.11 -20.54 30.15
CA GLY E 403 1.49 -20.53 30.59
C GLY E 403 1.91 -19.20 31.22
N ARG E 404 1.38 -18.10 30.71
CA ARG E 404 1.75 -16.78 31.21
C ARG E 404 0.55 -15.94 31.60
N PHE E 405 -0.59 -16.09 30.92
CA PHE E 405 -1.76 -15.27 31.19
C PHE E 405 -2.95 -16.13 31.59
N ASP E 406 -2.73 -17.08 32.51
CA ASP E 406 -3.80 -17.97 32.94
C ASP E 406 -4.91 -17.24 33.68
N GLN E 407 -4.68 -16.00 34.09
CA GLN E 407 -5.69 -15.20 34.78
C GLN E 407 -6.33 -14.25 33.78
N GLU E 408 -7.64 -14.42 33.56
CA GLU E 408 -8.41 -13.56 32.67
C GLU E 408 -9.48 -12.83 33.47
N VAL E 409 -9.58 -11.52 33.25
CA VAL E 409 -10.56 -10.69 33.94
C VAL E 409 -11.51 -10.11 32.89
N GLU E 410 -12.80 -10.36 33.07
CA GLU E 410 -13.84 -9.83 32.19
C GLU E 410 -14.69 -8.86 32.99
N ILE E 411 -14.82 -7.64 32.50
CA ILE E 411 -15.59 -6.59 33.16
C ILE E 411 -16.76 -6.26 32.23
N GLY E 412 -17.91 -6.89 32.50
CA GLY E 412 -19.10 -6.61 31.72
C GLY E 412 -19.75 -5.29 32.12
N ILE E 413 -20.70 -4.87 31.30
CA ILE E 413 -21.43 -3.63 31.55
C ILE E 413 -22.27 -3.80 32.82
N PRO E 414 -22.43 -2.76 33.64
CA PRO E 414 -23.19 -2.91 34.87
C PRO E 414 -24.65 -3.26 34.60
N ASP E 415 -25.21 -4.10 35.46
CA ASP E 415 -26.61 -4.45 35.41
C ASP E 415 -27.41 -3.46 36.27
N VAL E 416 -28.67 -3.80 36.55
CA VAL E 416 -29.52 -2.89 37.32
C VAL E 416 -28.94 -2.67 38.71
N ASP E 417 -28.54 -3.76 39.38
CA ASP E 417 -27.99 -3.63 40.72
C ASP E 417 -26.68 -2.86 40.73
N ALA E 418 -25.78 -3.18 39.78
CA ALA E 418 -24.50 -2.47 39.73
C ALA E 418 -24.69 -0.99 39.39
N ARG E 419 -25.60 -0.69 38.46
CA ARG E 419 -25.87 0.71 38.14
C ARG E 419 -26.47 1.45 39.33
N PHE E 420 -27.38 0.79 40.07
CA PHE E 420 -27.94 1.41 41.26
C PHE E 420 -26.86 1.69 42.29
N ASP E 421 -25.93 0.73 42.48
CA ASP E 421 -24.83 0.94 43.42
C ASP E 421 -23.95 2.10 42.97
N ILE E 422 -23.67 2.18 41.66
CA ILE E 422 -22.82 3.26 41.14
C ILE E 422 -23.48 4.61 41.37
N LEU E 423 -24.79 4.71 41.09
CA LEU E 423 -25.49 5.97 41.33
C LEU E 423 -25.52 6.33 42.81
N THR E 424 -25.75 5.34 43.69
CA THR E 424 -25.76 5.63 45.12
C THR E 424 -24.40 6.15 45.58
N LYS E 425 -23.32 5.52 45.11
CA LYS E 425 -21.98 6.02 45.45
C LYS E 425 -21.74 7.41 44.90
N GLN E 426 -22.19 7.67 43.67
CA GLN E 426 -21.99 8.98 43.06
C GLN E 426 -22.69 10.07 43.85
N PHE E 427 -23.95 9.85 44.23
CA PHE E 427 -24.65 10.85 45.02
C PHE E 427 -24.12 10.95 46.44
N SER E 428 -23.65 9.84 47.01
CA SER E 428 -23.02 9.92 48.33
C SER E 428 -21.73 10.73 48.28
N ARG E 429 -21.08 10.76 47.12
CA ARG E 429 -19.89 11.59 46.96
C ARG E 429 -20.19 13.06 47.21
N MET E 430 -21.29 13.56 46.65
CA MET E 430 -21.68 14.95 46.90
C MET E 430 -22.47 15.12 48.19
N SER E 431 -22.94 14.01 48.79
CA SER E 431 -23.61 14.03 50.09
C SER E 431 -24.93 14.78 50.03
N SER E 432 -25.61 14.86 51.17
CA SER E 432 -26.93 15.47 51.23
C SER E 432 -26.90 16.99 51.28
N ASP E 433 -25.75 17.59 51.57
CA ASP E 433 -25.67 19.04 51.63
C ASP E 433 -25.83 19.67 50.24
N ARG E 434 -25.22 19.07 49.22
CA ARG E 434 -25.26 19.62 47.88
C ARG E 434 -26.51 19.24 47.10
N HIS E 435 -27.25 18.23 47.54
CA HIS E 435 -28.43 17.77 46.82
C HIS E 435 -29.26 16.89 47.74
N VAL E 436 -30.54 16.75 47.40
CA VAL E 436 -31.45 15.85 48.10
C VAL E 436 -32.18 14.99 47.06
N LEU E 437 -32.16 13.68 47.25
CA LEU E 437 -32.84 12.75 46.36
C LEU E 437 -33.15 11.47 47.14
N ASP E 438 -34.37 10.99 47.01
CA ASP E 438 -34.77 9.76 47.68
C ASP E 438 -34.17 8.54 46.98
N SER E 439 -34.06 7.44 47.73
CA SER E 439 -33.53 6.21 47.16
C SER E 439 -34.46 5.63 46.11
N GLU E 440 -35.76 5.90 46.23
CA GLU E 440 -36.71 5.43 45.21
C GLU E 440 -36.42 6.07 43.86
N ALA E 441 -36.09 7.37 43.85
CA ALA E 441 -35.73 8.03 42.60
C ALA E 441 -34.46 7.42 42.01
N ILE E 442 -33.48 7.10 42.87
CA ILE E 442 -32.25 6.48 42.38
C ILE E 442 -32.54 5.11 41.77
N LYS E 443 -33.40 4.32 42.42
CA LYS E 443 -33.78 3.03 41.87
C LYS E 443 -34.51 3.18 40.54
N TYR E 444 -35.40 4.16 40.44
CA TYR E 444 -36.12 4.40 39.19
C TYR E 444 -35.17 4.80 38.07
N ILE E 445 -34.19 5.66 38.38
CA ILE E 445 -33.22 6.06 37.37
C ILE E 445 -32.36 4.87 36.94
N ALA E 446 -31.96 4.03 37.90
CA ALA E 446 -31.17 2.85 37.56
C ALA E 446 -31.97 1.89 36.69
N SER E 447 -33.26 1.72 36.98
CA SER E 447 -34.10 0.87 36.15
C SER E 447 -34.26 1.45 34.75
N LYS E 448 -34.42 2.77 34.65
CA LYS E 448 -34.56 3.40 33.34
C LYS E 448 -33.29 3.27 32.52
N THR E 449 -32.13 3.43 33.16
CA THR E 449 -30.84 3.32 32.47
C THR E 449 -30.51 1.83 32.32
N HIS E 450 -30.72 1.30 31.13
CA HIS E 450 -30.50 -0.13 30.87
C HIS E 450 -29.14 -0.44 30.26
N GLY E 451 -28.70 0.33 29.27
CA GLY E 451 -27.43 0.11 28.62
C GLY E 451 -26.33 1.06 29.02
N TYR E 452 -26.51 1.84 30.07
CA TYR E 452 -25.52 2.82 30.49
C TYR E 452 -24.34 2.15 31.19
N VAL E 453 -23.17 2.76 31.05
CA VAL E 453 -21.97 2.29 31.71
C VAL E 453 -21.58 3.32 32.78
N GLY E 454 -20.59 2.96 33.60
CA GLY E 454 -20.18 3.86 34.67
C GLY E 454 -19.74 5.22 34.18
N ALA E 455 -18.96 5.24 33.09
CA ALA E 455 -18.61 6.51 32.46
C ALA E 455 -19.85 7.22 31.94
N ASP E 456 -20.79 6.45 31.38
CA ASP E 456 -22.04 7.04 30.90
C ASP E 456 -22.83 7.65 32.06
N LEU E 457 -22.85 6.98 33.21
CA LEU E 457 -23.58 7.52 34.36
C LEU E 457 -22.90 8.78 34.90
N THR E 458 -21.57 8.78 34.96
CA THR E 458 -20.86 9.98 35.39
C THR E 458 -21.13 11.15 34.44
N ALA E 459 -21.10 10.88 33.14
CA ALA E 459 -21.49 11.90 32.16
C ALA E 459 -22.90 12.39 32.45
N LEU E 460 -23.85 11.45 32.55
CA LEU E 460 -25.26 11.78 32.79
C LEU E 460 -25.41 12.73 33.97
N CYS E 461 -24.70 12.46 35.05
CA CYS E 461 -24.68 13.38 36.18
C CYS E 461 -24.10 14.74 35.77
N ARG E 462 -23.07 14.73 34.92
CA ARG E 462 -22.44 15.98 34.50
C ARG E 462 -23.42 16.87 33.73
N GLU E 463 -24.10 16.32 32.72
CA GLU E 463 -25.07 17.19 32.05
C GLU E 463 -26.33 17.41 32.86
N SER E 464 -26.62 16.59 33.87
CA SER E 464 -27.71 16.94 34.79
C SER E 464 -27.36 18.21 35.56
N VAL E 465 -26.13 18.30 36.06
CA VAL E 465 -25.67 19.52 36.71
C VAL E 465 -25.64 20.68 35.72
N MET E 466 -25.23 20.40 34.48
CA MET E 466 -25.22 21.44 33.44
C MET E 466 -26.63 21.99 33.20
N LYS E 467 -27.61 21.10 33.09
CA LYS E 467 -28.99 21.53 32.88
C LYS E 467 -29.50 22.32 34.06
N THR E 468 -29.19 21.89 35.28
CA THR E 468 -29.59 22.65 36.46
C THR E 468 -29.00 24.05 36.43
N ILE E 469 -27.70 24.16 36.11
CA ILE E 469 -27.03 25.46 36.12
C ILE E 469 -27.63 26.37 35.05
N GLN E 470 -27.82 25.84 33.84
CA GLN E 470 -28.33 26.67 32.75
C GLN E 470 -29.77 27.09 33.02
N ARG E 471 -30.59 26.20 33.55
CA ARG E 471 -31.97 26.56 33.88
C ARG E 471 -32.02 27.63 34.97
N GLY E 472 -31.18 27.48 35.99
CA GLY E 472 -31.13 28.50 37.03
C GLY E 472 -30.69 29.85 36.51
N LEU E 473 -29.66 29.87 35.67
CA LEU E 473 -29.20 31.12 35.09
C LEU E 473 -30.26 31.75 34.20
N GLY E 474 -30.95 30.94 33.40
CA GLY E 474 -31.97 31.47 32.51
C GLY E 474 -33.18 32.01 33.23
N THR E 475 -33.63 31.31 34.27
CA THR E 475 -34.90 31.67 34.93
C THR E 475 -34.67 32.58 36.14
N ASP E 476 -33.90 32.11 37.12
CA ASP E 476 -33.78 32.84 38.38
C ASP E 476 -32.93 34.10 38.28
N ALA E 477 -32.16 34.26 37.20
CA ALA E 477 -31.31 35.43 36.99
C ALA E 477 -30.26 35.56 38.10
N ASN E 478 -29.43 34.53 38.20
CA ASN E 478 -28.22 34.54 39.03
C ASN E 478 -28.56 34.69 40.52
N ILE E 479 -29.44 33.82 41.01
CA ILE E 479 -29.64 33.66 42.44
C ILE E 479 -28.66 32.60 42.95
N ASP E 480 -28.50 32.50 44.26
CA ASP E 480 -27.69 31.44 44.85
C ASP E 480 -28.20 30.08 44.41
N LYS E 481 -27.42 29.36 43.62
CA LYS E 481 -27.86 28.10 43.03
C LYS E 481 -27.70 26.91 43.97
N PHE E 482 -27.16 27.12 45.17
CA PHE E 482 -27.02 26.02 46.11
C PHE E 482 -28.38 25.48 46.55
N SER E 483 -29.35 26.38 46.75
CA SER E 483 -30.69 25.95 47.18
C SER E 483 -31.39 25.18 46.06
N LEU E 484 -31.11 25.51 44.80
CA LEU E 484 -31.76 24.82 43.70
C LEU E 484 -31.34 23.35 43.64
N LYS E 485 -30.07 23.06 43.92
CA LYS E 485 -29.48 21.73 43.95
C LYS E 485 -29.94 20.84 42.80
N VAL E 486 -30.07 19.54 43.05
CA VAL E 486 -30.38 18.56 42.01
C VAL E 486 -31.84 18.14 42.15
N THR E 487 -32.54 18.10 41.02
CA THR E 487 -33.94 17.68 40.97
C THR E 487 -34.11 16.55 39.97
N LEU E 488 -35.36 16.22 39.63
CA LEU E 488 -35.65 15.14 38.70
C LEU E 488 -35.84 15.61 37.27
N LYS E 489 -36.37 16.82 37.06
CA LYS E 489 -36.64 17.29 35.70
C LYS E 489 -35.36 17.43 34.90
N ASP E 490 -34.31 18.02 35.50
CA ASP E 490 -33.04 18.17 34.80
C ASP E 490 -32.41 16.83 34.49
N VAL E 491 -32.55 15.86 35.41
CA VAL E 491 -31.99 14.53 35.18
C VAL E 491 -32.71 13.82 34.05
N GLU E 492 -34.04 13.93 34.01
CA GLU E 492 -34.82 13.39 32.90
C GLU E 492 -34.43 14.04 31.57
N SER E 493 -34.28 15.36 31.56
CA SER E 493 -33.79 16.02 30.35
C SER E 493 -32.40 15.54 29.97
N ALA E 494 -31.59 15.18 30.98
CA ALA E 494 -30.26 14.65 30.71
C ALA E 494 -30.34 13.30 30.00
N MET E 495 -31.19 12.39 30.49
CA MET E 495 -31.39 11.15 29.74
C MET E 495 -31.96 11.43 28.35
N VAL E 496 -32.77 12.48 28.21
CA VAL E 496 -33.36 12.79 26.91
C VAL E 496 -32.28 13.21 25.92
N ASP E 497 -31.37 14.08 26.35
CA ASP E 497 -30.41 14.68 25.42
C ASP E 497 -29.07 13.97 25.37
N ILE E 498 -28.83 12.96 26.20
CA ILE E 498 -27.51 12.32 26.20
C ILE E 498 -27.27 11.55 24.91
N ARG E 499 -28.25 10.74 24.47
CA ARG E 499 -28.08 9.86 23.33
C ARG E 499 -26.80 9.03 23.45
N PRO E 500 -26.78 8.04 24.33
CA PRO E 500 -25.55 7.26 24.53
C PRO E 500 -25.14 6.52 23.26
N SER E 501 -23.82 6.36 23.09
CA SER E 501 -23.29 5.68 21.93
C SER E 501 -23.37 4.16 22.04
N ALA E 502 -23.81 3.63 23.18
CA ALA E 502 -23.92 2.19 23.40
C ALA E 502 -25.29 1.65 23.06
N MET E 503 -25.99 2.28 22.11
CA MET E 503 -27.32 1.80 21.71
C MET E 503 -27.23 0.41 21.10
N ARG E 504 -26.24 0.17 20.26
CA ARG E 504 -26.03 -1.14 19.65
C ARG E 504 -25.22 -1.99 20.61
N GLU E 505 -25.91 -2.76 21.45
CA GLU E 505 -25.30 -3.56 22.48
C GLU E 505 -25.91 -4.96 22.49
N ILE E 506 -25.14 -5.92 22.99
CA ILE E 506 -25.62 -7.30 23.07
C ILE E 506 -26.52 -7.52 24.28
N PHE E 507 -26.43 -6.67 25.29
CA PHE E 507 -27.27 -6.77 26.48
C PHE E 507 -28.37 -5.71 26.41
N LEU E 508 -29.61 -6.13 26.55
CA LEU E 508 -30.75 -5.22 26.48
C LEU E 508 -31.69 -5.49 27.64
N GLU E 509 -32.34 -4.42 28.10
CA GLU E 509 -33.34 -4.50 29.15
C GLU E 509 -34.59 -3.74 28.70
N MET E 510 -35.74 -4.18 29.18
CA MET E 510 -37.03 -3.68 28.76
C MET E 510 -37.87 -3.42 29.99
N PRO E 511 -38.74 -2.41 29.95
CA PRO E 511 -39.49 -2.04 31.17
C PRO E 511 -40.31 -3.20 31.72
N LYS E 512 -40.42 -3.24 33.04
CA LYS E 512 -40.96 -4.38 33.77
C LYS E 512 -42.41 -4.10 34.16
N VAL E 513 -43.25 -5.12 34.04
CA VAL E 513 -44.65 -5.04 34.47
C VAL E 513 -44.96 -6.24 35.37
N TYR E 514 -46.01 -6.10 36.16
CA TYR E 514 -46.43 -7.12 37.12
C TYR E 514 -47.61 -7.92 36.56
N TRP E 515 -48.18 -8.78 37.41
CA TRP E 515 -49.29 -9.63 37.02
C TRP E 515 -50.55 -8.83 36.69
N SER E 516 -50.63 -7.59 37.14
CA SER E 516 -51.82 -6.77 36.85
C SER E 516 -51.96 -6.51 35.36
N ASP E 517 -50.84 -6.28 34.67
CA ASP E 517 -50.88 -5.99 33.24
C ASP E 517 -51.15 -7.22 32.39
N ILE E 518 -51.15 -8.41 32.99
CA ILE E 518 -51.34 -9.64 32.24
C ILE E 518 -52.77 -9.73 31.72
N GLY E 519 -52.91 -9.87 30.41
CA GLY E 519 -54.17 -10.28 29.81
C GLY E 519 -54.03 -11.60 29.11
N GLY E 520 -54.62 -12.66 29.67
CA GLY E 520 -54.56 -13.96 29.06
C GLY E 520 -55.43 -14.95 29.79
N GLN E 521 -55.36 -16.20 29.33
CA GLN E 521 -56.14 -17.29 29.92
C GLN E 521 -55.36 -17.92 31.07
N GLU E 522 -56.08 -18.40 32.08
CA GLU E 522 -55.45 -18.98 33.25
C GLU E 522 -54.76 -20.31 32.95
N GLU E 523 -55.19 -21.01 31.90
CA GLU E 523 -54.57 -22.29 31.56
C GLU E 523 -53.11 -22.09 31.17
N LEU E 524 -52.84 -21.17 30.24
CA LEU E 524 -51.47 -20.89 29.85
C LEU E 524 -50.66 -20.28 30.99
N LYS E 525 -51.31 -19.49 31.85
CA LYS E 525 -50.62 -18.95 33.01
C LYS E 525 -50.13 -20.06 33.93
N THR E 526 -51.01 -21.04 34.21
CA THR E 526 -50.60 -22.18 35.03
C THR E 526 -49.51 -22.99 34.34
N LYS E 527 -49.63 -23.16 33.03
CA LYS E 527 -48.63 -23.93 32.29
C LYS E 527 -47.25 -23.28 32.39
N MET E 528 -47.17 -21.96 32.18
CA MET E 528 -45.86 -21.31 32.25
C MET E 528 -45.36 -21.22 33.68
N LYS E 529 -46.27 -21.09 34.66
CA LYS E 529 -45.85 -21.11 36.06
C LYS E 529 -45.21 -22.45 36.41
N GLU E 530 -45.84 -23.55 35.99
CA GLU E 530 -45.25 -24.87 36.22
C GLU E 530 -43.92 -25.00 35.49
N MET E 531 -43.85 -24.52 34.25
CA MET E 531 -42.63 -24.65 33.46
C MET E 531 -41.47 -23.91 34.13
N ILE E 532 -41.71 -22.68 34.59
CA ILE E 532 -40.65 -21.93 35.25
C ILE E 532 -40.33 -22.52 36.62
N GLN E 533 -41.32 -23.09 37.32
CA GLN E 533 -41.07 -23.66 38.63
C GLN E 533 -40.34 -25.00 38.57
N LEU E 534 -40.38 -25.69 37.42
CA LEU E 534 -39.70 -26.98 37.31
C LEU E 534 -38.20 -26.88 37.58
N PRO E 535 -37.41 -26.11 36.81
CA PRO E 535 -35.95 -26.16 37.03
C PRO E 535 -35.52 -25.48 38.31
N LEU E 536 -36.24 -24.46 38.77
CA LEU E 536 -35.83 -23.72 39.96
C LEU E 536 -36.09 -24.49 41.24
N GLU E 537 -37.12 -25.33 41.28
CA GLU E 537 -37.52 -26.03 42.49
C GLU E 537 -37.31 -27.53 42.43
N ALA E 538 -37.74 -28.18 41.35
CA ALA E 538 -37.67 -29.63 41.24
C ALA E 538 -36.40 -30.12 40.55
N SER E 539 -35.29 -29.40 40.70
CA SER E 539 -34.03 -29.85 40.11
C SER E 539 -33.58 -31.17 40.72
N GLU E 540 -33.70 -31.30 42.05
CA GLU E 540 -33.33 -32.56 42.69
C GLU E 540 -34.27 -33.69 42.29
N THR E 541 -35.56 -33.38 42.13
CA THR E 541 -36.51 -34.39 41.67
C THR E 541 -36.16 -34.86 40.26
N PHE E 542 -35.80 -33.93 39.39
CA PHE E 542 -35.37 -34.31 38.04
C PHE E 542 -34.10 -35.15 38.08
N ALA E 543 -33.16 -34.79 38.95
CA ALA E 543 -31.91 -35.55 39.06
C ALA E 543 -32.16 -36.97 39.53
N ARG E 544 -33.03 -37.14 40.54
CA ARG E 544 -33.26 -38.47 41.07
C ARG E 544 -34.16 -39.31 40.18
N LEU E 545 -35.12 -38.70 39.47
CA LEU E 545 -35.99 -39.43 38.58
C LEU E 545 -35.45 -39.53 37.15
N GLY E 546 -34.48 -38.68 36.79
CA GLY E 546 -33.95 -38.69 35.44
C GLY E 546 -34.83 -38.04 34.40
N ILE E 547 -35.92 -37.39 34.80
CA ILE E 547 -36.82 -36.76 33.85
C ILE E 547 -36.14 -35.55 33.19
N SER E 548 -35.36 -34.80 33.98
CA SER E 548 -34.71 -33.58 33.52
C SER E 548 -35.73 -32.57 33.03
N ALA E 549 -35.32 -31.66 32.14
CA ALA E 549 -36.20 -30.63 31.62
C ALA E 549 -36.08 -30.55 30.11
N PRO E 550 -37.20 -30.36 29.41
CA PRO E 550 -37.14 -30.20 27.95
C PRO E 550 -36.40 -28.95 27.51
N LYS E 551 -36.25 -27.96 28.39
CA LYS E 551 -35.54 -26.69 28.14
C LYS E 551 -35.94 -26.07 26.80
N GLY E 552 -37.17 -26.30 26.37
CA GLY E 552 -37.67 -25.71 25.15
C GLY E 552 -39.16 -25.40 25.20
N VAL E 553 -39.51 -24.14 24.94
CA VAL E 553 -40.90 -23.69 24.98
C VAL E 553 -41.18 -22.93 23.70
N LEU E 554 -42.28 -23.27 23.03
CA LEU E 554 -42.71 -22.61 21.81
C LEU E 554 -44.05 -21.94 22.04
N LEU E 555 -44.14 -20.65 21.69
CA LEU E 555 -45.36 -19.87 21.85
C LEU E 555 -45.78 -19.35 20.49
N TYR E 556 -46.82 -19.95 19.92
CA TYR E 556 -47.35 -19.55 18.61
C TYR E 556 -48.71 -18.89 18.86
N GLY E 557 -48.83 -17.63 18.46
CA GLY E 557 -50.06 -16.90 18.66
C GLY E 557 -50.20 -15.72 17.71
N PRO E 558 -51.27 -14.94 17.88
CA PRO E 558 -51.47 -13.76 17.05
C PRO E 558 -50.37 -12.75 17.25
N PRO E 559 -50.02 -11.97 16.22
CA PRO E 559 -48.95 -10.98 16.35
C PRO E 559 -49.34 -9.79 17.21
N GLY E 560 -50.58 -9.78 17.70
CA GLY E 560 -51.09 -8.67 18.48
C GLY E 560 -50.39 -8.46 19.81
N CYS E 561 -50.53 -9.41 20.72
CA CYS E 561 -50.01 -9.28 22.08
C CYS E 561 -49.92 -10.65 22.71
N SER E 562 -49.72 -10.68 24.03
CA SER E 562 -49.71 -11.86 24.91
C SER E 562 -48.42 -12.64 24.83
N LYS E 563 -47.38 -12.13 24.17
CA LYS E 563 -46.06 -12.76 24.18
C LYS E 563 -45.02 -11.86 24.84
N THR E 564 -44.83 -10.64 24.33
CA THR E 564 -43.82 -9.75 24.89
C THR E 564 -44.20 -9.30 26.30
N LEU E 565 -45.47 -8.98 26.52
CA LEU E 565 -45.90 -8.54 27.85
C LEU E 565 -45.80 -9.68 28.86
N THR E 566 -46.16 -10.90 28.44
CA THR E 566 -46.03 -12.06 29.31
C THR E 566 -44.56 -12.32 29.65
N ALA E 567 -43.67 -12.18 28.66
CA ALA E 567 -42.25 -12.33 28.93
C ALA E 567 -41.75 -11.27 29.90
N LYS E 568 -42.20 -10.03 29.73
CA LYS E 568 -41.82 -8.95 30.64
C LYS E 568 -42.24 -9.28 32.07
N ALA E 569 -43.49 -9.69 32.26
CA ALA E 569 -43.97 -9.99 33.60
C ALA E 569 -43.28 -11.21 34.18
N LEU E 570 -42.98 -12.21 33.35
CA LEU E 570 -42.25 -13.38 33.83
C LEU E 570 -40.86 -12.99 34.31
N ALA E 571 -40.17 -12.14 33.56
CA ALA E 571 -38.86 -11.65 34.01
C ALA E 571 -38.99 -10.85 35.29
N THR E 572 -40.03 -10.03 35.41
CA THR E 572 -40.22 -9.20 36.60
C THR E 572 -40.47 -10.06 37.83
N GLU E 573 -41.31 -11.08 37.70
CA GLU E 573 -41.75 -11.83 38.87
C GLU E 573 -40.78 -12.94 39.25
N SER E 574 -40.30 -13.71 38.26
CA SER E 574 -39.41 -14.82 38.56
C SER E 574 -38.08 -14.38 39.17
N GLY E 575 -37.63 -13.18 38.87
CA GLY E 575 -36.37 -12.69 39.40
C GLY E 575 -35.15 -13.23 38.70
N ILE E 576 -35.32 -14.00 37.63
CA ILE E 576 -34.20 -14.57 36.89
C ILE E 576 -33.74 -13.56 35.85
N ASN E 577 -32.44 -13.60 35.54
CA ASN E 577 -31.89 -12.69 34.55
C ASN E 577 -32.55 -12.93 33.19
N PHE E 578 -32.87 -11.83 32.50
CA PHE E 578 -33.57 -11.87 31.23
C PHE E 578 -32.73 -11.18 30.16
N LEU E 579 -32.65 -11.78 28.99
CA LEU E 579 -31.94 -11.23 27.84
C LEU E 579 -32.92 -11.10 26.68
N ALA E 580 -33.05 -9.89 26.16
CA ALA E 580 -33.97 -9.61 25.05
C ALA E 580 -33.18 -9.63 23.75
N VAL E 581 -33.43 -10.64 22.91
CA VAL E 581 -32.75 -10.79 21.63
C VAL E 581 -33.81 -10.69 20.53
N LYS E 582 -33.61 -9.76 19.60
CA LYS E 582 -34.53 -9.56 18.50
C LYS E 582 -34.02 -10.28 17.24
N GLY E 583 -34.96 -10.65 16.39
CA GLY E 583 -34.63 -11.35 15.16
C GLY E 583 -33.82 -10.52 14.19
N PRO E 584 -34.43 -9.47 13.65
CA PRO E 584 -33.70 -8.60 12.70
C PRO E 584 -32.50 -7.89 13.32
N GLU E 585 -32.46 -7.75 14.64
CA GLU E 585 -31.33 -7.06 15.27
C GLU E 585 -30.02 -7.80 15.04
N ILE E 586 -30.04 -9.13 15.15
CA ILE E 586 -28.82 -9.91 14.95
C ILE E 586 -28.43 -9.97 13.48
N PHE E 587 -29.34 -9.65 12.57
CA PHE E 587 -29.06 -9.69 11.15
C PHE E 587 -28.47 -8.35 10.70
N ASN E 588 -27.32 -8.42 10.04
CA ASN E 588 -26.63 -7.23 9.56
C ASN E 588 -26.02 -7.54 8.19
N LYS E 589 -25.34 -6.54 7.62
CA LYS E 589 -24.71 -6.73 6.33
C LYS E 589 -23.60 -7.78 6.40
N TYR E 590 -22.79 -7.74 7.45
CA TYR E 590 -21.67 -8.66 7.58
C TYR E 590 -22.17 -10.08 7.80
N VAL E 591 -21.43 -11.04 7.25
CA VAL E 591 -21.76 -12.46 7.34
C VAL E 591 -20.83 -13.10 8.36
N GLY E 592 -21.41 -13.77 9.35
CA GLY E 592 -20.66 -14.42 10.40
C GLY E 592 -20.61 -13.67 11.71
N GLU E 593 -20.91 -12.37 11.70
CA GLU E 593 -20.95 -11.61 12.95
C GLU E 593 -22.08 -12.05 13.84
N SER E 594 -23.22 -12.43 13.25
CA SER E 594 -24.36 -12.89 14.04
C SER E 594 -24.01 -14.19 14.78
N GLU E 595 -23.30 -15.10 14.11
CA GLU E 595 -22.91 -16.35 14.76
C GLU E 595 -21.98 -16.08 15.94
N ARG E 596 -21.00 -15.19 15.76
CA ARG E 596 -20.09 -14.86 16.85
C ARG E 596 -20.82 -14.20 18.01
N ALA E 597 -21.74 -13.28 17.71
CA ALA E 597 -22.51 -12.63 18.77
C ALA E 597 -23.37 -13.63 19.52
N ILE E 598 -24.01 -14.56 18.80
CA ILE E 598 -24.84 -15.56 19.45
C ILE E 598 -24.00 -16.47 20.33
N ARG E 599 -22.83 -16.89 19.84
CA ARG E 599 -21.94 -17.72 20.65
C ARG E 599 -21.50 -16.98 21.91
N GLU E 600 -21.14 -15.70 21.77
CA GLU E 600 -20.70 -14.93 22.93
C GLU E 600 -21.82 -14.76 23.95
N ILE E 601 -23.03 -14.44 23.49
CA ILE E 601 -24.13 -14.22 24.43
C ILE E 601 -24.50 -15.53 25.11
N PHE E 602 -24.47 -16.65 24.37
CA PHE E 602 -24.75 -17.94 25.00
C PHE E 602 -23.69 -18.28 26.04
N ARG E 603 -22.42 -18.04 25.73
CA ARG E 603 -21.34 -18.36 26.67
C ARG E 603 -21.47 -17.52 27.94
N LYS E 604 -21.69 -16.22 27.81
CA LYS E 604 -21.78 -15.38 28.99
C LYS E 604 -23.09 -15.57 29.75
N ALA E 605 -24.17 -16.01 29.08
CA ALA E 605 -25.37 -16.37 29.81
C ALA E 605 -25.17 -17.65 30.59
N ARG E 606 -24.46 -18.62 30.02
CA ARG E 606 -24.14 -19.85 30.76
C ARG E 606 -23.23 -19.56 31.95
N SER E 607 -22.24 -18.68 31.76
CA SER E 607 -21.31 -18.35 32.84
C SER E 607 -21.85 -17.30 33.79
N ALA E 608 -23.01 -16.71 33.51
CA ALA E 608 -23.62 -15.67 34.34
C ALA E 608 -24.79 -16.20 35.15
N ALA E 609 -24.67 -17.43 35.69
CA ALA E 609 -25.67 -18.11 36.50
C ALA E 609 -26.86 -18.53 35.63
N PRO E 610 -27.64 -19.52 36.06
CA PRO E 610 -28.77 -19.97 35.23
C PRO E 610 -29.77 -18.85 34.96
N SER E 611 -29.94 -18.53 33.69
CA SER E 611 -30.84 -17.47 33.25
C SER E 611 -31.66 -17.96 32.07
N ILE E 612 -32.83 -17.36 31.90
CA ILE E 612 -33.73 -17.69 30.80
C ILE E 612 -33.37 -16.85 29.59
N ILE E 613 -33.42 -17.45 28.41
CA ILE E 613 -33.09 -16.79 27.15
C ILE E 613 -34.34 -16.81 26.28
N PHE E 614 -34.74 -15.64 25.79
CA PHE E 614 -35.94 -15.49 24.98
C PHE E 614 -35.60 -14.73 23.70
N PHE E 615 -36.17 -15.16 22.59
CA PHE E 615 -36.00 -14.50 21.30
C PHE E 615 -37.30 -13.84 20.90
N ASP E 616 -37.23 -12.54 20.58
CA ASP E 616 -38.43 -11.79 20.23
C ASP E 616 -39.04 -12.30 18.93
N GLU E 617 -38.21 -12.49 17.90
CA GLU E 617 -38.67 -12.94 16.60
C GLU E 617 -37.77 -14.07 16.12
N ILE E 618 -38.35 -15.25 15.96
CA ILE E 618 -37.60 -16.40 15.45
C ILE E 618 -37.89 -16.66 13.97
N ASP E 619 -39.04 -16.18 13.46
CA ASP E 619 -39.39 -16.37 12.06
C ASP E 619 -38.49 -15.61 11.10
N ALA E 620 -37.65 -14.70 11.60
CA ALA E 620 -36.74 -13.95 10.76
C ALA E 620 -35.46 -14.73 10.43
N LEU E 621 -35.23 -15.87 11.07
CA LEU E 621 -34.02 -16.66 10.84
C LEU E 621 -34.29 -18.14 10.55
N SER E 622 -35.38 -18.70 11.08
CA SER E 622 -35.64 -20.13 10.88
C SER E 622 -35.87 -20.50 9.42
N PRO E 623 -36.73 -19.80 8.64
CA PRO E 623 -36.92 -20.21 7.24
C PRO E 623 -35.69 -19.93 6.38
N ASP E 624 -35.05 -20.99 5.90
CA ASP E 624 -33.88 -20.88 5.05
C ASP E 624 -34.09 -21.51 3.67
N ARG E 625 -34.70 -22.69 3.62
CA ARG E 625 -34.96 -23.32 2.32
C ARG E 625 -36.08 -22.61 1.58
N ASP E 626 -37.16 -22.26 2.27
CA ASP E 626 -38.28 -21.60 1.61
C ASP E 626 -37.90 -20.21 1.11
N GLY E 627 -37.17 -19.45 1.92
CA GLY E 627 -36.78 -18.10 1.58
C GLY E 627 -35.45 -17.95 0.88
N SER E 628 -34.77 -19.06 0.57
CA SER E 628 -33.46 -19.04 -0.08
C SER E 628 -32.48 -18.15 0.69
N SER E 629 -32.43 -18.35 1.99
CA SER E 629 -31.58 -17.53 2.85
C SER E 629 -30.10 -17.83 2.59
N THR E 630 -29.26 -16.88 2.97
CA THR E 630 -27.82 -17.00 2.77
C THR E 630 -27.24 -18.06 3.71
N SER E 631 -25.94 -18.30 3.56
CA SER E 631 -25.27 -19.31 4.38
C SER E 631 -25.21 -18.90 5.86
N ALA E 632 -25.24 -17.60 6.14
CA ALA E 632 -25.17 -17.14 7.52
C ALA E 632 -26.37 -17.61 8.32
N ALA E 633 -27.57 -17.51 7.75
CA ALA E 633 -28.77 -17.96 8.45
C ALA E 633 -28.73 -19.46 8.71
N ASN E 634 -28.29 -20.25 7.71
CA ASN E 634 -28.18 -21.68 7.90
C ASN E 634 -27.17 -22.03 8.99
N HIS E 635 -26.03 -21.32 9.00
CA HIS E 635 -25.02 -21.56 10.03
C HIS E 635 -25.57 -21.22 11.41
N VAL E 636 -26.30 -20.11 11.53
CA VAL E 636 -26.88 -19.73 12.81
C VAL E 636 -27.89 -20.78 13.28
N LEU E 637 -28.74 -21.24 12.36
CA LEU E 637 -29.74 -22.24 12.71
C LEU E 637 -29.09 -23.54 13.16
N THR E 638 -28.07 -23.99 12.42
CA THR E 638 -27.38 -25.22 12.80
C THR E 638 -26.66 -25.07 14.14
N SER E 639 -26.06 -23.91 14.38
CA SER E 639 -25.35 -23.69 15.64
C SER E 639 -26.32 -23.72 16.82
N LEU E 640 -27.46 -23.03 16.69
CA LEU E 640 -28.44 -23.07 17.78
C LEU E 640 -29.00 -24.48 17.95
N LEU E 641 -29.21 -25.20 16.85
CA LEU E 641 -29.73 -26.56 16.95
C LEU E 641 -28.77 -27.47 17.69
N ASN E 642 -27.47 -27.38 17.39
CA ASN E 642 -26.49 -28.25 18.01
C ASN E 642 -25.98 -27.72 19.34
N GLU E 643 -26.40 -26.52 19.74
CA GLU E 643 -26.06 -26.02 21.07
C GLU E 643 -27.19 -26.13 22.08
N ILE E 644 -28.45 -26.12 21.63
CA ILE E 644 -29.57 -26.24 22.55
C ILE E 644 -29.59 -27.63 23.18
N ASP E 645 -29.50 -28.67 22.35
CA ASP E 645 -29.56 -30.04 22.84
C ASP E 645 -28.56 -30.94 22.14
N GLY E 646 -27.42 -30.39 21.73
CA GLY E 646 -26.38 -31.15 21.05
C GLY E 646 -25.10 -31.15 21.87
N VAL E 647 -24.36 -32.28 21.81
CA VAL E 647 -23.08 -32.53 22.46
C VAL E 647 -23.04 -32.15 23.94
N GLU E 648 -23.74 -31.09 24.31
CA GLU E 648 -23.80 -30.63 25.70
C GLU E 648 -25.24 -30.36 26.08
N GLU E 649 -25.53 -30.48 27.37
CA GLU E 649 -26.86 -30.25 27.92
C GLU E 649 -26.85 -29.01 28.79
N LEU E 650 -27.75 -28.07 28.50
CA LEU E 650 -27.86 -26.82 29.26
C LEU E 650 -29.06 -26.95 30.19
N LYS E 651 -28.82 -27.60 31.34
CA LYS E 651 -29.88 -27.80 32.32
C LYS E 651 -30.22 -26.52 33.07
N GLY E 652 -29.21 -25.71 33.39
CA GLY E 652 -29.45 -24.52 34.19
C GLY E 652 -30.29 -23.48 33.47
N VAL E 653 -30.01 -23.24 32.20
CA VAL E 653 -30.70 -22.21 31.44
C VAL E 653 -31.98 -22.78 30.85
N VAL E 654 -32.93 -21.90 30.56
CA VAL E 654 -34.22 -22.26 29.97
C VAL E 654 -34.38 -21.45 28.68
N ILE E 655 -34.79 -22.13 27.62
CA ILE E 655 -34.97 -21.51 26.31
C ILE E 655 -36.47 -21.45 26.02
N VAL E 656 -36.97 -20.25 25.74
CA VAL E 656 -38.37 -20.02 25.40
C VAL E 656 -38.43 -19.22 24.10
N ALA E 657 -39.33 -19.63 23.22
CA ALA E 657 -39.46 -19.01 21.90
C ALA E 657 -40.91 -18.61 21.65
N ALA E 658 -41.11 -17.42 21.10
CA ALA E 658 -42.43 -16.93 20.73
C ALA E 658 -42.34 -16.32 19.33
N THR E 659 -43.19 -16.82 18.42
CA THR E 659 -43.17 -16.36 17.04
C THR E 659 -44.56 -16.60 16.44
N ASN E 660 -44.69 -16.31 15.15
CA ASN E 660 -45.95 -16.48 14.42
C ASN E 660 -45.67 -17.21 13.12
N ARG E 661 -46.73 -17.81 12.58
CA ARG E 661 -46.67 -18.63 11.37
C ARG E 661 -45.64 -19.76 11.53
N PRO E 662 -45.92 -20.74 12.39
CA PRO E 662 -44.93 -21.80 12.66
C PRO E 662 -44.63 -22.68 11.45
N ASP E 663 -45.54 -22.72 10.48
CA ASP E 663 -45.38 -23.64 9.37
C ASP E 663 -44.30 -23.20 8.38
N GLU E 664 -43.88 -21.94 8.44
CA GLU E 664 -42.85 -21.46 7.52
C GLU E 664 -41.44 -21.73 8.02
N ILE E 665 -41.28 -22.14 9.29
CA ILE E 665 -39.95 -22.37 9.83
C ILE E 665 -39.38 -23.67 9.29
N ASP E 666 -38.06 -23.82 9.43
CA ASP E 666 -37.39 -25.04 8.99
C ASP E 666 -37.80 -26.22 9.86
N ALA E 667 -37.97 -27.38 9.22
CA ALA E 667 -38.35 -28.58 9.95
C ALA E 667 -37.27 -29.06 10.91
N ALA E 668 -36.01 -28.66 10.68
CA ALA E 668 -34.93 -29.06 11.57
C ALA E 668 -35.13 -28.51 12.97
N LEU E 669 -35.53 -27.23 13.08
CA LEU E 669 -35.80 -26.66 14.39
C LEU E 669 -37.02 -27.29 15.03
N LEU E 670 -38.06 -27.55 14.24
CA LEU E 670 -39.29 -28.17 14.73
C LEU E 670 -39.16 -29.69 14.76
N ARG E 671 -38.13 -30.18 15.45
CA ARG E 671 -37.88 -31.61 15.57
C ARG E 671 -38.17 -32.08 16.99
N PRO E 672 -38.69 -33.30 17.15
CA PRO E 672 -38.93 -33.82 18.51
C PRO E 672 -37.64 -33.93 19.30
N GLY E 673 -37.74 -33.65 20.60
CA GLY E 673 -36.61 -33.67 21.50
C GLY E 673 -36.22 -32.30 22.02
N ARG E 674 -36.43 -31.25 21.21
CA ARG E 674 -36.15 -29.88 21.62
C ARG E 674 -37.32 -28.99 21.22
N LEU E 675 -37.62 -28.01 22.08
CA LEU E 675 -38.74 -27.10 21.88
C LEU E 675 -40.04 -27.86 21.68
N ASP E 676 -40.22 -28.94 22.47
CA ASP E 676 -41.40 -29.78 22.32
C ASP E 676 -42.65 -29.11 22.88
N ARG E 677 -42.49 -28.30 23.93
CA ARG E 677 -43.64 -27.66 24.56
C ARG E 677 -44.27 -26.65 23.62
N HIS E 678 -45.60 -26.70 23.52
CA HIS E 678 -46.36 -25.79 22.65
C HIS E 678 -47.51 -25.20 23.45
N ILE E 679 -47.67 -23.89 23.38
CA ILE E 679 -48.73 -23.17 24.07
C ILE E 679 -49.59 -22.47 23.02
N TYR E 680 -50.91 -22.63 23.13
CA TYR E 680 -51.81 -22.02 22.16
C TYR E 680 -51.73 -20.50 22.21
N VAL E 681 -51.69 -19.92 23.42
CA VAL E 681 -51.56 -18.49 23.69
C VAL E 681 -52.38 -17.67 22.70
N GLY E 682 -53.61 -18.13 22.42
CA GLY E 682 -54.46 -17.49 21.44
C GLY E 682 -55.03 -16.17 21.91
N PRO E 683 -56.18 -15.79 21.37
CA PRO E 683 -56.78 -14.51 21.73
C PRO E 683 -57.17 -14.49 23.19
N PRO E 684 -57.11 -13.33 23.83
CA PRO E 684 -57.49 -13.24 25.25
C PRO E 684 -58.97 -13.50 25.46
N ASP E 685 -59.30 -14.00 26.64
CA ASP E 685 -60.68 -14.31 26.98
C ASP E 685 -61.38 -13.05 27.52
N VAL E 686 -62.59 -13.22 28.05
CA VAL E 686 -63.37 -12.08 28.52
C VAL E 686 -62.70 -11.41 29.71
N ASN E 687 -62.21 -12.21 30.66
CA ASN E 687 -61.59 -11.65 31.86
C ASN E 687 -60.34 -10.84 31.51
N ALA E 688 -59.53 -11.34 30.58
CA ALA E 688 -58.32 -10.62 30.18
C ALA E 688 -58.65 -9.27 29.56
N ARG E 689 -59.62 -9.25 28.64
CA ARG E 689 -60.02 -8.00 28.02
C ARG E 689 -60.62 -7.03 29.03
N LEU E 690 -61.42 -7.55 29.97
CA LEU E 690 -61.98 -6.70 31.01
C LEU E 690 -60.88 -6.08 31.86
N GLU E 691 -59.88 -6.87 32.24
CA GLU E 691 -58.77 -6.35 33.03
C GLU E 691 -57.97 -5.31 32.26
N ILE E 692 -57.71 -5.56 30.97
CA ILE E 692 -56.97 -4.61 30.16
C ILE E 692 -57.74 -3.30 30.02
N LEU E 693 -59.05 -3.39 29.78
CA LEU E 693 -59.86 -2.19 29.65
C LEU E 693 -59.94 -1.42 30.96
N LYS E 694 -60.03 -2.13 32.09
CA LYS E 694 -60.03 -1.46 33.39
C LYS E 694 -58.71 -0.76 33.65
N LYS E 695 -57.59 -1.40 33.30
CA LYS E 695 -56.28 -0.77 33.48
C LYS E 695 -56.13 0.45 32.60
N CYS E 696 -56.60 0.38 31.35
CA CYS E 696 -56.53 1.53 30.46
C CYS E 696 -57.47 2.65 30.90
N THR E 697 -58.58 2.30 31.55
CA THR E 697 -59.57 3.27 32.01
C THR E 697 -59.31 3.73 33.45
N LYS E 698 -58.21 3.26 34.06
CA LYS E 698 -57.93 3.64 35.45
C LYS E 698 -57.74 5.14 35.58
N LYS E 699 -57.06 5.76 34.61
CA LYS E 699 -56.90 7.21 34.62
C LYS E 699 -58.21 7.94 34.39
N PHE E 700 -59.21 7.27 33.82
CA PHE E 700 -60.52 7.86 33.58
C PHE E 700 -61.48 7.47 34.71
N ASN E 701 -62.67 8.07 34.66
CA ASN E 701 -63.73 7.80 35.62
C ASN E 701 -64.72 6.81 34.99
N THR E 702 -64.68 5.56 35.43
CA THR E 702 -65.56 4.55 34.87
C THR E 702 -67.02 4.85 35.19
N GLU E 703 -67.31 5.28 36.43
CA GLU E 703 -68.69 5.56 36.81
C GLU E 703 -69.24 6.79 36.09
N GLU E 704 -68.40 7.80 35.85
CA GLU E 704 -68.87 9.01 35.16
C GLU E 704 -69.07 8.76 33.68
N SER E 705 -68.25 7.89 33.08
CA SER E 705 -68.39 7.60 31.65
C SER E 705 -69.67 6.83 31.37
N GLY E 706 -70.17 6.06 32.33
CA GLY E 706 -71.39 5.30 32.17
C GLY E 706 -71.23 3.93 31.56
N VAL E 707 -70.02 3.54 31.19
CA VAL E 707 -69.79 2.22 30.59
C VAL E 707 -69.76 1.17 31.70
N ASP E 708 -70.29 -0.01 31.39
CA ASP E 708 -70.36 -1.10 32.36
C ASP E 708 -69.14 -2.01 32.30
N LEU E 709 -68.17 -1.71 31.45
CA LEU E 709 -66.92 -2.44 31.30
C LEU E 709 -67.13 -3.86 30.79
N HIS E 710 -68.34 -4.21 30.36
CA HIS E 710 -68.66 -5.55 29.88
C HIS E 710 -69.11 -5.57 28.43
N GLU E 711 -70.02 -4.66 28.05
CA GLU E 711 -70.56 -4.66 26.69
C GLU E 711 -69.48 -4.35 25.67
N LEU E 712 -68.58 -3.43 25.99
CA LEU E 712 -67.51 -3.08 25.06
C LEU E 712 -66.60 -4.29 24.81
N ALA E 713 -66.23 -5.01 25.86
CA ALA E 713 -65.41 -6.21 25.70
C ALA E 713 -66.16 -7.28 24.93
N ASP E 714 -67.46 -7.46 25.22
CA ASP E 714 -68.24 -8.46 24.51
C ASP E 714 -68.29 -8.14 23.02
N ARG E 715 -68.45 -6.86 22.66
CA ARG E 715 -68.44 -6.48 21.25
C ARG E 715 -67.07 -6.70 20.63
N THR E 716 -66.02 -6.18 21.26
CA THR E 716 -64.65 -6.33 20.77
C THR E 716 -63.96 -7.49 21.49
N GLU E 717 -64.60 -8.66 21.43
CA GLU E 717 -64.14 -9.83 22.18
C GLU E 717 -62.93 -10.51 21.56
N GLY E 718 -62.73 -10.42 20.25
CA GLY E 718 -61.74 -11.28 19.64
C GLY E 718 -60.70 -10.67 18.72
N TYR E 719 -60.74 -9.35 18.51
CA TYR E 719 -59.81 -8.74 17.56
C TYR E 719 -58.37 -8.89 18.00
N SER E 720 -57.99 -8.20 19.08
CA SER E 720 -56.67 -8.30 19.70
C SER E 720 -56.58 -7.36 20.89
N GLY E 721 -55.47 -7.41 21.63
CA GLY E 721 -55.26 -6.47 22.72
C GLY E 721 -54.60 -5.18 22.27
N ALA E 722 -53.74 -5.27 21.25
CA ALA E 722 -53.09 -4.09 20.72
C ALA E 722 -54.11 -3.12 20.12
N GLU E 723 -55.10 -3.64 19.41
CA GLU E 723 -56.16 -2.78 18.89
C GLU E 723 -57.01 -2.22 20.02
N VAL E 724 -57.14 -2.94 21.13
CA VAL E 724 -57.84 -2.39 22.30
C VAL E 724 -57.08 -1.19 22.85
N VAL E 725 -55.76 -1.32 22.97
CA VAL E 725 -54.95 -0.20 23.45
C VAL E 725 -55.04 0.98 22.50
N LEU E 726 -54.98 0.71 21.19
CA LEU E 726 -55.09 1.77 20.20
C LEU E 726 -56.46 2.45 20.27
N LEU E 727 -57.52 1.67 20.46
CA LEU E 727 -58.86 2.23 20.60
C LEU E 727 -58.96 3.11 21.84
N CYS E 728 -58.37 2.67 22.95
CA CYS E 728 -58.38 3.49 24.17
C CYS E 728 -57.63 4.79 23.95
N GLN E 729 -56.48 4.73 23.28
CA GLN E 729 -55.72 5.94 22.99
C GLN E 729 -56.51 6.89 22.09
N GLU E 730 -57.17 6.35 21.06
CA GLU E 730 -57.96 7.19 20.16
C GLU E 730 -59.14 7.81 20.90
N ALA E 731 -59.79 7.05 21.79
CA ALA E 731 -60.89 7.60 22.57
C ALA E 731 -60.41 8.71 23.50
N GLY E 732 -59.25 8.52 24.13
CA GLY E 732 -58.69 9.58 24.96
C GLY E 732 -58.35 10.82 24.15
N LEU E 733 -57.80 10.64 22.96
CA LEU E 733 -57.51 11.78 22.09
C LEU E 733 -58.79 12.51 21.70
N ALA E 734 -59.84 11.77 21.35
CA ALA E 734 -61.11 12.39 21.01
C ALA E 734 -61.70 13.15 22.20
N ALA E 735 -61.59 12.57 23.40
CA ALA E 735 -62.10 13.24 24.59
C ALA E 735 -61.34 14.53 24.86
N ILE E 736 -60.00 14.50 24.79
CA ILE E 736 -59.22 15.70 25.05
C ILE E 736 -59.27 16.71 23.92
N MET E 737 -59.76 16.31 22.75
CA MET E 737 -59.88 17.25 21.62
C MET E 737 -60.88 18.36 21.92
N GLU E 738 -61.89 18.09 22.74
CA GLU E 738 -63.00 19.03 22.91
C GLU E 738 -62.56 20.29 23.66
N ASP E 739 -62.14 20.13 24.92
CA ASP E 739 -61.77 21.27 25.76
C ASP E 739 -60.48 20.98 26.50
N LEU E 740 -59.48 20.47 25.78
CA LEU E 740 -58.13 20.20 26.32
C LEU E 740 -58.27 19.17 27.44
N ASP E 741 -57.92 19.49 28.68
CA ASP E 741 -58.00 18.52 29.76
C ASP E 741 -59.44 18.12 30.04
N VAL E 742 -59.65 16.83 30.28
CA VAL E 742 -60.97 16.29 30.56
C VAL E 742 -60.89 15.40 31.80
N ALA E 743 -61.93 15.45 32.62
CA ALA E 743 -62.04 14.61 33.81
C ALA E 743 -62.78 13.30 33.55
N LYS E 744 -63.21 13.07 32.31
CA LYS E 744 -63.96 11.86 31.97
C LYS E 744 -63.74 11.53 30.50
N VAL E 745 -64.23 10.37 30.10
CA VAL E 745 -64.08 9.90 28.73
C VAL E 745 -65.41 9.71 28.00
N GLU E 746 -66.52 9.58 28.73
CA GLU E 746 -67.85 9.43 28.16
C GLU E 746 -67.97 8.18 27.29
N LEU E 747 -69.12 8.02 26.62
CA LEU E 747 -69.39 6.86 25.79
C LEU E 747 -69.36 7.17 24.29
N ARG E 748 -69.65 8.42 23.91
CA ARG E 748 -69.62 8.78 22.50
C ARG E 748 -68.22 8.64 21.91
N HIS E 749 -67.20 9.01 22.69
CA HIS E 749 -65.83 8.82 22.25
C HIS E 749 -65.51 7.34 22.05
N PHE E 750 -65.96 6.49 22.97
CA PHE E 750 -65.76 5.05 22.82
C PHE E 750 -66.44 4.52 21.56
N GLU E 751 -67.67 4.97 21.30
CA GLU E 751 -68.39 4.52 20.10
C GLU E 751 -67.68 4.98 18.84
N LYS E 752 -67.22 6.24 18.83
CA LYS E 752 -66.51 6.75 17.66
C LYS E 752 -65.21 5.99 17.42
N ALA E 753 -64.47 5.69 18.50
CA ALA E 753 -63.23 4.93 18.36
C ALA E 753 -63.51 3.52 17.84
N PHE E 754 -64.57 2.89 18.34
CA PHE E 754 -64.93 1.55 17.88
C PHE E 754 -65.32 1.56 16.41
N LYS E 755 -66.10 2.55 15.99
CA LYS E 755 -66.54 2.61 14.60
C LYS E 755 -65.40 2.93 13.65
N GLY E 756 -64.54 3.89 14.03
CA GLY E 756 -63.47 4.30 13.13
C GLY E 756 -62.41 3.23 12.92
N ILE E 757 -62.05 2.53 14.00
CA ILE E 757 -60.96 1.55 13.94
C ILE E 757 -61.54 0.18 13.59
N ALA E 758 -60.95 -0.45 12.57
CA ALA E 758 -61.37 -1.76 12.13
C ALA E 758 -60.68 -2.84 12.98
N ARG E 759 -60.79 -4.10 12.56
CA ARG E 759 -60.22 -5.22 13.30
C ARG E 759 -58.88 -5.66 12.73
N GLY E 760 -58.84 -6.00 11.44
CA GLY E 760 -57.64 -6.50 10.82
C GLY E 760 -57.38 -7.97 11.03
N ILE E 761 -58.27 -8.68 11.71
CA ILE E 761 -58.12 -10.11 11.97
C ILE E 761 -59.05 -10.88 11.05
N THR E 762 -58.62 -12.08 10.67
CA THR E 762 -59.35 -12.93 9.75
C THR E 762 -59.47 -14.34 10.31
N PRO E 763 -60.58 -15.04 10.02
CA PRO E 763 -60.73 -16.41 10.53
C PRO E 763 -59.76 -17.41 9.93
N GLU E 764 -59.18 -17.13 8.75
CA GLU E 764 -58.33 -18.13 8.10
C GLU E 764 -57.04 -18.34 8.86
N MET E 765 -56.48 -17.28 9.45
CA MET E 765 -55.27 -17.46 10.25
C MET E 765 -55.55 -18.26 11.51
N LEU E 766 -56.72 -18.05 12.12
CA LEU E 766 -57.12 -18.87 13.27
C LEU E 766 -57.29 -20.33 12.87
N SER E 767 -57.89 -20.58 11.71
CA SER E 767 -58.04 -21.94 11.22
C SER E 767 -56.68 -22.58 10.97
N TYR E 768 -55.74 -21.82 10.40
CA TYR E 768 -54.39 -22.33 10.17
C TYR E 768 -53.70 -22.65 11.48
N TYR E 769 -53.86 -21.78 12.49
CA TYR E 769 -53.27 -22.04 13.80
C TYR E 769 -53.86 -23.29 14.43
N GLU E 770 -55.18 -23.48 14.32
CA GLU E 770 -55.81 -24.68 14.84
C GLU E 770 -55.33 -25.92 14.13
N GLU E 771 -55.18 -25.84 12.80
CA GLU E 771 -54.67 -26.98 12.03
C GLU E 771 -53.24 -27.34 12.45
N PHE E 772 -52.40 -26.33 12.68
CA PHE E 772 -51.05 -26.60 13.17
C PHE E 772 -51.08 -27.20 14.56
N ALA E 773 -51.98 -26.72 15.42
CA ALA E 773 -52.07 -27.24 16.78
C ALA E 773 -52.49 -28.71 16.79
N LEU E 774 -53.48 -29.07 15.98
CA LEU E 774 -53.95 -30.45 15.97
C LEU E 774 -52.96 -31.39 15.31
N ARG E 775 -52.19 -30.90 14.33
CA ARG E 775 -51.21 -31.74 13.65
C ARG E 775 -49.98 -32.01 14.50
N SER E 776 -49.79 -31.29 15.59
CA SER E 776 -48.63 -31.49 16.46
C SER E 776 -48.97 -32.43 17.61
N PHE F 28 23.48 35.66 25.63
CA PHE F 28 23.44 34.21 25.44
C PHE F 28 22.02 33.66 25.62
N LYS F 29 21.13 34.52 26.11
CA LYS F 29 19.74 34.12 26.30
C LYS F 29 19.08 33.76 24.98
N LEU F 30 19.32 34.57 23.94
CA LEU F 30 18.81 34.35 22.59
C LEU F 30 17.28 34.25 22.59
N PRO F 31 16.57 35.36 22.83
CA PRO F 31 15.10 35.30 22.82
C PRO F 31 14.58 35.20 21.39
N ALA F 32 13.90 34.09 21.10
CA ALA F 32 13.40 33.87 19.74
C ALA F 32 12.08 34.60 19.51
N GLU F 33 11.06 34.29 20.29
CA GLU F 33 9.75 34.89 20.13
C GLU F 33 9.19 35.23 21.51
N PHE F 34 8.10 36.01 21.51
CA PHE F 34 7.45 36.46 22.73
C PHE F 34 5.95 36.26 22.60
N ILE F 35 5.30 36.12 23.75
CA ILE F 35 3.85 35.96 23.83
C ILE F 35 3.27 37.09 24.66
N THR F 36 2.21 37.72 24.16
CA THR F 36 1.64 38.90 24.78
C THR F 36 0.99 38.56 26.12
N ARG F 37 0.71 39.60 26.89
CA ARG F 37 0.07 39.47 28.20
C ARG F 37 -0.52 40.81 28.62
N PRO F 38 -1.79 40.85 29.02
CA PRO F 38 -2.39 42.13 29.44
C PRO F 38 -1.68 42.70 30.68
N HIS F 39 -1.64 44.02 30.74
CA HIS F 39 -0.99 44.70 31.86
C HIS F 39 -1.85 44.57 33.11
N PRO F 40 -1.33 44.05 34.22
CA PRO F 40 -2.13 43.90 35.44
C PRO F 40 -2.17 45.18 36.27
N SER F 41 -2.79 45.09 37.44
CA SER F 41 -2.87 46.15 38.45
C SER F 41 -3.72 47.32 38.01
N LYS F 42 -4.36 47.24 36.84
CA LYS F 42 -5.22 48.29 36.27
C LYS F 42 -4.73 49.70 36.57
N ASP F 43 -5.62 50.57 37.03
CA ASP F 43 -5.33 51.96 37.35
C ASP F 43 -4.79 52.63 36.08
N HIS F 44 -3.76 53.47 36.18
CA HIS F 44 -3.17 54.11 35.02
C HIS F 44 -1.75 53.59 34.74
N GLY F 45 -0.84 53.71 35.69
CA GLY F 45 0.53 53.28 35.50
C GLY F 45 1.15 53.87 34.25
N LYS F 46 1.42 53.02 33.26
CA LYS F 46 1.82 53.47 31.93
C LYS F 46 0.64 53.42 30.96
N GLU F 47 0.02 52.25 30.83
CA GLU F 47 -1.24 52.04 30.10
C GLU F 47 -1.04 52.13 28.59
N THR F 48 0.15 52.54 28.15
CA THR F 48 0.46 52.55 26.72
C THR F 48 1.82 51.94 26.38
N CYS F 49 2.83 52.08 27.24
CA CYS F 49 4.19 51.64 26.95
C CYS F 49 4.77 50.89 28.15
N THR F 50 3.99 49.97 28.71
CA THR F 50 4.47 49.16 29.83
C THR F 50 5.67 48.33 29.39
N ALA F 51 5.44 47.39 28.48
CA ALA F 51 6.51 46.61 27.84
C ALA F 51 7.52 46.09 28.85
N TYR F 52 7.03 45.33 29.84
CA TYR F 52 7.90 44.77 30.87
C TYR F 52 8.85 43.76 30.24
N ILE F 53 10.13 44.14 30.15
CA ILE F 53 11.14 43.35 29.44
C ILE F 53 12.32 43.12 30.38
N HIS F 54 12.81 41.88 30.41
CA HIS F 54 13.93 41.54 31.28
C HIS F 54 15.18 42.33 30.88
N PRO F 55 16.03 42.70 31.84
CA PRO F 55 17.24 43.47 31.47
C PRO F 55 18.15 42.75 30.49
N ASN F 56 18.23 41.42 30.57
CA ASN F 56 19.01 40.67 29.59
C ASN F 56 18.45 40.87 28.19
N VAL F 57 17.12 40.81 28.04
CA VAL F 57 16.50 41.09 26.76
C VAL F 57 16.66 42.57 26.40
N LEU F 58 16.66 43.45 27.42
CA LEU F 58 16.86 44.86 27.16
C LEU F 58 18.21 45.13 26.51
N SER F 59 19.27 44.49 27.01
CA SER F 59 20.60 44.66 26.47
C SER F 59 20.89 43.74 25.28
N SER F 60 20.03 42.76 25.01
CA SER F 60 20.27 41.85 23.89
C SER F 60 20.17 42.57 22.55
N LEU F 61 19.22 43.49 22.42
CA LEU F 61 19.00 44.22 21.18
C LEU F 61 19.83 45.50 21.10
N GLU F 62 20.75 45.71 22.05
CA GLU F 62 21.61 46.90 22.14
C GLU F 62 20.84 48.18 21.86
N ILE F 63 19.63 48.29 22.42
CA ILE F 63 18.77 49.45 22.24
C ILE F 63 18.44 50.01 23.61
N ASN F 64 18.36 51.34 23.69
CA ASN F 64 18.10 52.00 24.96
C ASN F 64 16.73 51.59 25.49
N PRO F 65 16.66 51.08 26.73
CA PRO F 65 15.33 50.74 27.29
C PRO F 65 14.37 51.91 27.37
N GLY F 66 14.88 53.12 27.60
CA GLY F 66 14.02 54.29 27.66
C GLY F 66 13.75 54.89 26.30
N SER F 67 13.55 54.03 25.30
CA SER F 67 13.28 54.47 23.94
C SER F 67 12.16 53.60 23.37
N PHE F 68 11.87 53.78 22.09
CA PHE F 68 10.82 53.02 21.44
C PHE F 68 11.24 51.57 21.23
N CYS F 69 10.24 50.69 21.11
CA CYS F 69 10.46 49.29 20.80
C CYS F 69 9.45 48.87 19.75
N THR F 70 9.56 47.62 19.30
CA THR F 70 8.73 47.11 18.23
C THR F 70 8.14 45.76 18.63
N VAL F 71 6.96 45.47 18.09
CA VAL F 71 6.26 44.21 18.33
C VAL F 71 6.04 43.56 16.96
N GLY F 72 6.87 42.58 16.63
CA GLY F 72 6.89 42.07 15.27
C GLY F 72 5.62 41.32 14.91
N LYS F 73 5.23 40.35 15.75
CA LYS F 73 3.95 39.65 15.64
C LYS F 73 3.80 38.92 14.29
N ILE F 74 4.90 38.74 13.58
CA ILE F 74 5.00 37.88 12.40
C ILE F 74 4.06 38.35 11.29
N GLY F 75 4.63 39.03 10.28
CA GLY F 75 3.87 39.60 9.18
C GLY F 75 3.23 40.92 9.58
N GLU F 76 2.43 41.46 8.65
CA GLU F 76 1.72 42.73 8.82
C GLU F 76 2.68 43.83 9.33
N ASN F 77 3.53 44.25 8.40
CA ASN F 77 4.48 45.35 8.66
C ASN F 77 3.83 46.51 9.39
N GLY F 78 4.64 47.27 10.11
CA GLY F 78 4.20 48.38 10.92
C GLY F 78 4.75 48.20 12.32
N ILE F 79 4.74 46.94 12.76
CA ILE F 79 5.45 46.41 13.92
C ILE F 79 5.13 47.15 15.22
N LEU F 80 4.14 48.05 15.18
CA LEU F 80 3.60 48.68 16.38
C LEU F 80 4.70 49.32 17.24
N VAL F 81 5.29 50.37 16.68
CA VAL F 81 6.40 51.04 17.35
C VAL F 81 5.88 51.71 18.62
N ILE F 82 6.23 51.14 19.78
CA ILE F 82 5.79 51.63 21.08
C ILE F 82 7.01 51.71 21.99
N ALA F 83 6.99 52.66 22.92
CA ALA F 83 8.08 52.81 23.86
C ALA F 83 8.18 51.60 24.79
N ARG F 84 9.38 51.36 25.30
CA ARG F 84 9.66 50.23 26.17
C ARG F 84 10.04 50.71 27.57
N ALA F 85 10.08 49.76 28.50
CA ALA F 85 10.45 50.04 29.88
C ALA F 85 11.01 48.76 30.51
N GLY F 86 11.48 48.89 31.74
CA GLY F 86 12.05 47.76 32.46
C GLY F 86 11.09 47.17 33.47
N ASP F 87 11.28 45.89 33.76
CA ASP F 87 10.44 45.16 34.70
C ASP F 87 11.11 45.13 36.08
N GLU F 88 10.54 44.34 36.98
CA GLU F 88 11.04 44.21 38.35
C GLU F 88 11.70 42.85 38.59
N GLU F 89 12.22 42.23 37.52
CA GLU F 89 12.92 40.95 37.53
C GLU F 89 11.99 39.77 37.83
N VAL F 90 10.70 40.00 38.08
CA VAL F 90 9.77 38.91 38.28
C VAL F 90 9.11 38.48 36.97
N HIS F 91 9.07 39.36 35.99
CA HIS F 91 8.45 39.07 34.71
C HIS F 91 9.27 38.03 33.96
N PRO F 92 8.72 36.87 33.61
CA PRO F 92 9.49 35.88 32.85
C PRO F 92 9.80 36.36 31.44
N VAL F 93 10.89 35.80 30.90
CA VAL F 93 11.37 36.23 29.58
C VAL F 93 10.38 35.87 28.49
N ASN F 94 9.73 34.71 28.60
CA ASN F 94 8.90 34.22 27.51
C ASN F 94 7.73 35.15 27.24
N VAL F 95 7.07 35.64 28.29
CA VAL F 95 5.89 36.48 28.12
C VAL F 95 6.31 37.94 28.05
N ILE F 96 5.41 38.77 27.51
CA ILE F 96 5.65 40.21 27.35
C ILE F 96 4.33 40.93 27.57
N THR F 97 4.40 42.12 28.15
CA THR F 97 3.23 42.91 28.47
C THR F 97 2.92 43.88 27.34
N LEU F 98 1.71 43.78 26.79
CA LEU F 98 1.24 44.71 25.77
C LEU F 98 -0.01 45.48 26.17
N SER F 99 -0.69 45.08 27.25
CA SER F 99 -1.89 45.73 27.75
C SER F 99 -3.09 45.55 26.81
N THR F 100 -4.30 45.52 27.39
CA THR F 100 -5.50 45.28 26.60
C THR F 100 -5.75 46.39 25.58
N THR F 101 -5.38 47.63 25.92
CA THR F 101 -5.60 48.74 25.00
C THR F 101 -4.82 48.54 23.70
N ILE F 102 -3.52 48.30 23.81
CA ILE F 102 -2.71 48.08 22.61
C ILE F 102 -3.10 46.77 21.94
N ARG F 103 -3.48 45.76 22.72
CA ARG F 103 -3.94 44.50 22.14
C ARG F 103 -5.13 44.73 21.22
N SER F 104 -6.10 45.53 21.66
CA SER F 104 -7.24 45.86 20.82
C SER F 104 -6.84 46.78 19.68
N VAL F 105 -5.87 47.67 19.89
CA VAL F 105 -5.45 48.61 18.86
C VAL F 105 -4.87 47.85 17.67
N GLY F 106 -3.96 46.92 17.94
CA GLY F 106 -3.34 46.11 16.91
C GLY F 106 -4.11 44.84 16.58
N ASN F 107 -5.31 44.68 17.14
CA ASN F 107 -6.10 43.45 17.00
C ASN F 107 -5.29 42.23 17.47
N LEU F 108 -4.51 42.40 18.53
CA LEU F 108 -3.69 41.34 19.08
C LEU F 108 -4.48 40.60 20.15
N ILE F 109 -4.48 39.27 20.07
CA ILE F 109 -5.12 38.44 21.07
C ILE F 109 -4.05 37.59 21.73
N LEU F 110 -4.40 37.02 22.88
CA LEU F 110 -3.45 36.22 23.65
C LEU F 110 -3.02 34.99 22.85
N GLY F 111 -1.81 34.52 23.14
CA GLY F 111 -1.27 33.34 22.50
C GLY F 111 -0.62 33.57 21.14
N ASP F 112 -0.60 34.80 20.65
CA ASP F 112 0.03 35.10 19.37
C ASP F 112 1.50 35.43 19.59
N ARG F 113 2.37 34.74 18.84
CA ARG F 113 3.81 34.94 19.00
C ARG F 113 4.23 36.32 18.53
N LEU F 114 5.23 36.88 19.21
CA LEU F 114 5.72 38.21 18.94
C LEU F 114 7.24 38.19 18.81
N GLU F 115 7.77 38.91 17.83
CA GLU F 115 9.21 39.05 17.66
C GLU F 115 9.62 40.50 17.89
N LEU F 116 10.92 40.72 18.04
CA LEU F 116 11.46 42.02 18.43
C LEU F 116 12.45 42.51 17.38
N LYS F 117 12.42 43.81 17.11
CA LYS F 117 13.33 44.42 16.15
C LYS F 117 13.55 45.86 16.59
N LYS F 118 14.66 46.45 16.13
CA LYS F 118 15.05 47.78 16.56
C LYS F 118 13.98 48.82 16.22
N ALA F 119 14.01 49.94 16.95
CA ALA F 119 13.00 50.97 16.84
C ALA F 119 13.19 51.78 15.56
N GLN F 120 12.36 52.81 15.40
CA GLN F 120 12.34 53.67 14.23
C GLN F 120 12.62 55.11 14.66
N VAL F 121 12.75 56.00 13.67
CA VAL F 121 13.07 57.39 13.97
C VAL F 121 11.88 58.06 14.65
N GLN F 122 12.17 59.09 15.45
CA GLN F 122 11.13 59.78 16.19
C GLN F 122 10.15 60.47 15.23
N PRO F 123 8.85 60.41 15.51
CA PRO F 123 7.88 61.04 14.63
C PRO F 123 8.00 62.56 14.69
N PRO F 124 7.68 63.26 13.59
CA PRO F 124 7.82 64.72 13.59
C PRO F 124 6.89 65.46 14.53
N TYR F 125 5.59 65.28 14.38
CA TYR F 125 4.60 66.05 15.14
C TYR F 125 3.20 65.53 14.79
N ALA F 126 2.22 65.94 15.58
CA ALA F 126 0.83 65.59 15.36
C ALA F 126 0.11 66.74 14.66
N THR F 127 -0.95 66.40 13.92
CA THR F 127 -1.63 67.36 13.07
C THR F 127 -3.06 67.67 13.51
N LYS F 128 -3.93 66.66 13.61
CA LYS F 128 -5.36 66.88 13.82
C LYS F 128 -5.86 66.36 15.16
N VAL F 129 -5.56 65.10 15.48
CA VAL F 129 -6.04 64.37 16.65
C VAL F 129 -7.51 64.69 16.98
N THR F 130 -8.42 63.87 16.46
CA THR F 130 -9.85 64.09 16.58
C THR F 130 -10.53 62.81 17.05
N VAL F 131 -11.50 62.95 17.97
CA VAL F 131 -12.13 61.79 18.58
C VAL F 131 -13.19 61.21 17.65
N GLY F 132 -13.54 59.95 17.90
CA GLY F 132 -14.53 59.26 17.10
C GLY F 132 -15.81 58.94 17.84
N SER F 133 -15.71 58.67 19.14
CA SER F 133 -16.85 58.36 20.00
C SER F 133 -17.62 57.13 19.48
N LEU F 134 -16.92 56.00 19.51
CA LEU F 134 -17.47 54.75 19.02
C LEU F 134 -18.59 54.25 19.93
N GLN F 135 -19.45 53.42 19.34
CA GLN F 135 -20.55 52.72 20.03
C GLN F 135 -21.35 53.64 20.96
N GLY F 136 -21.43 54.92 20.62
CA GLY F 136 -22.17 55.87 21.44
C GLY F 136 -22.60 57.06 20.62
N TYR F 137 -23.66 57.71 21.11
CA TYR F 137 -24.18 58.91 20.47
C TYR F 137 -23.41 60.17 20.85
N ASN F 138 -22.44 60.06 21.76
CA ASN F 138 -21.58 61.17 22.20
C ASN F 138 -22.48 62.23 22.84
N ILE F 139 -22.44 63.49 22.41
CA ILE F 139 -23.18 64.58 23.04
C ILE F 139 -22.86 64.60 24.53
N LEU F 140 -21.60 64.93 24.87
CA LEU F 140 -21.13 64.90 26.24
C LEU F 140 -21.07 66.30 26.86
N GLU F 141 -20.65 67.29 26.07
CA GLU F 141 -20.44 68.68 26.51
C GLU F 141 -19.97 68.81 27.95
N CYS F 142 -20.87 68.62 28.93
CA CYS F 142 -20.51 68.84 30.33
C CYS F 142 -19.67 67.69 30.87
N MET F 143 -19.93 66.47 30.42
CA MET F 143 -19.20 65.30 30.93
C MET F 143 -17.72 65.35 30.56
N GLU F 144 -17.36 66.09 29.53
CA GLU F 144 -15.99 66.13 29.04
C GLU F 144 -15.02 66.59 30.12
N GLU F 145 -15.12 67.84 30.54
CA GLU F 145 -14.23 68.42 31.56
C GLU F 145 -12.76 68.18 31.20
N LYS F 146 -12.41 68.53 29.96
CA LYS F 146 -11.04 68.45 29.45
C LYS F 146 -10.50 67.01 29.51
N VAL F 147 -11.13 66.13 28.72
CA VAL F 147 -10.61 64.78 28.55
C VAL F 147 -9.28 64.79 27.81
N ILE F 148 -9.00 65.85 27.05
CA ILE F 148 -7.82 65.88 26.19
C ILE F 148 -6.55 65.71 27.00
N GLN F 149 -6.49 66.35 28.17
CA GLN F 149 -5.30 66.23 29.01
C GLN F 149 -5.08 64.78 29.43
N LYS F 150 -6.14 64.09 29.87
CA LYS F 150 -6.01 62.70 30.27
C LYS F 150 -5.65 61.82 29.08
N LEU F 151 -6.24 62.09 27.91
CA LEU F 151 -5.99 61.25 26.74
C LEU F 151 -4.55 61.37 26.26
N LEU F 152 -4.06 62.59 26.08
CA LEU F 152 -2.78 62.83 25.42
C LEU F 152 -1.65 63.15 26.39
N ASP F 153 -1.89 63.09 27.71
CA ASP F 153 -0.79 63.21 28.65
C ASP F 153 0.04 61.95 28.71
N ASP F 154 -0.57 60.80 28.45
CA ASP F 154 0.14 59.53 28.41
C ASP F 154 1.07 59.48 27.20
N SER F 155 2.22 58.84 27.39
CA SER F 155 3.17 58.69 26.30
C SER F 155 2.61 57.77 25.23
N GLY F 156 2.82 58.15 23.97
CA GLY F 156 2.33 57.37 22.86
C GLY F 156 1.11 57.99 22.20
N VAL F 157 -0.07 57.37 22.42
CA VAL F 157 -1.34 57.83 21.86
C VAL F 157 -1.24 57.85 20.34
N ILE F 158 -1.53 56.73 19.70
CA ILE F 158 -1.37 56.57 18.26
C ILE F 158 -2.68 56.93 17.57
N MET F 159 -2.58 57.41 16.33
CA MET F 159 -3.72 57.91 15.57
C MET F 159 -4.71 56.84 15.10
N PRO F 160 -4.30 55.60 14.81
CA PRO F 160 -5.30 54.58 14.49
C PRO F 160 -6.40 54.44 15.52
N GLY F 161 -6.10 54.59 16.81
CA GLY F 161 -7.16 54.73 17.79
C GLY F 161 -7.03 53.92 19.07
N MET F 162 -7.04 54.62 20.20
CA MET F 162 -7.04 54.01 21.52
C MET F 162 -8.45 53.62 21.92
N ILE F 163 -8.57 52.93 23.06
CA ILE F 163 -9.83 52.71 23.74
C ILE F 163 -9.61 52.97 25.23
N PHE F 164 -10.53 53.70 25.85
CA PHE F 164 -10.45 54.02 27.26
C PHE F 164 -11.79 53.80 27.93
N GLN F 165 -11.76 53.27 29.15
CA GLN F 165 -12.96 53.21 29.98
C GLN F 165 -13.31 54.60 30.49
N ASN F 166 -14.59 54.79 30.80
CA ASN F 166 -15.05 56.09 31.28
C ASN F 166 -14.46 56.46 32.64
N LEU F 167 -14.02 55.46 33.41
CA LEU F 167 -13.47 55.66 34.76
C LEU F 167 -14.54 56.35 35.60
N LYS F 168 -14.28 57.52 36.18
CA LYS F 168 -15.27 58.24 36.97
C LYS F 168 -15.47 59.62 36.35
N THR F 169 -16.57 59.78 35.61
CA THR F 169 -16.92 61.04 34.97
C THR F 169 -18.32 61.45 35.41
N LYS F 170 -18.44 62.66 35.95
CA LYS F 170 -19.68 63.25 36.46
C LYS F 170 -20.53 62.24 37.23
N ALA F 171 -21.85 62.33 37.08
CA ALA F 171 -22.78 61.40 37.72
C ALA F 171 -23.40 60.50 36.65
N GLY F 172 -24.23 59.56 37.11
CA GLY F 172 -24.90 58.63 36.23
C GLY F 172 -24.10 57.40 35.86
N ASP F 173 -22.87 57.27 36.36
CA ASP F 173 -22.01 56.11 36.11
C ASP F 173 -21.78 55.92 34.61
N GLU F 174 -22.38 54.86 34.04
CA GLU F 174 -22.31 54.50 32.63
C GLU F 174 -20.86 54.29 32.18
N SER F 175 -20.67 53.97 30.90
CA SER F 175 -19.33 53.72 30.37
C SER F 175 -19.38 53.83 28.86
N ILE F 176 -18.59 54.76 28.30
CA ILE F 176 -18.48 54.93 26.85
C ILE F 176 -17.01 55.15 26.51
N ASP F 177 -16.56 54.53 25.42
CA ASP F 177 -15.17 54.63 25.00
C ASP F 177 -15.01 55.69 23.92
N VAL F 178 -13.77 56.15 23.75
CA VAL F 178 -13.42 57.15 22.76
C VAL F 178 -12.27 56.62 21.92
N VAL F 179 -12.36 56.78 20.60
CA VAL F 179 -11.34 56.32 19.67
C VAL F 179 -10.93 57.51 18.81
N ILE F 180 -9.66 57.51 18.39
CA ILE F 180 -9.02 58.73 17.91
C ILE F 180 -8.64 58.57 16.44
N THR F 181 -9.46 57.83 15.68
CA THR F 181 -9.12 57.41 14.32
C THR F 181 -8.67 58.55 13.40
N ASP F 182 -9.58 59.47 13.09
CA ASP F 182 -9.38 60.36 11.95
C ASP F 182 -8.23 61.32 12.18
N ALA F 183 -7.40 61.46 11.14
CA ALA F 183 -6.25 62.37 11.14
C ALA F 183 -5.80 62.56 9.70
N SER F 184 -4.94 63.55 9.49
CA SER F 184 -4.42 63.88 8.17
C SER F 184 -2.91 64.07 8.22
N ASP F 185 -2.22 63.14 8.87
CA ASP F 185 -0.77 63.18 8.96
C ASP F 185 -0.14 62.44 7.79
N ASP F 186 1.04 62.90 7.39
CA ASP F 186 1.78 62.33 6.28
C ASP F 186 3.10 61.74 6.78
N SER F 187 3.38 60.50 6.39
CA SER F 187 4.60 59.81 6.77
C SER F 187 5.31 59.32 5.51
N LEU F 188 6.61 59.61 5.41
CA LEU F 188 7.39 59.17 4.25
C LEU F 188 7.44 57.66 4.11
N PRO F 189 7.75 56.87 5.14
CA PRO F 189 7.78 55.41 4.95
C PRO F 189 6.37 54.84 4.96
N ASP F 190 6.07 54.04 3.93
CA ASP F 190 4.76 53.40 3.81
C ASP F 190 4.70 52.07 4.55
N VAL F 191 5.82 51.59 5.08
CA VAL F 191 5.82 50.32 5.82
C VAL F 191 4.96 50.44 7.07
N SER F 192 5.13 51.52 7.81
CA SER F 192 4.37 51.73 9.05
C SER F 192 3.04 52.40 8.72
N GLN F 193 1.98 51.60 8.57
CA GLN F 193 0.64 52.16 8.46
C GLN F 193 0.13 52.67 9.80
N LEU F 194 0.78 52.30 10.91
CA LEU F 194 0.37 52.78 12.22
C LEU F 194 0.66 54.25 12.44
N ASP F 195 1.46 54.85 11.55
CA ASP F 195 1.70 56.29 11.45
C ASP F 195 1.69 56.99 12.81
N LEU F 196 2.53 56.47 13.71
CA LEU F 196 2.62 57.01 15.05
C LEU F 196 3.16 58.43 15.03
N ASN F 197 2.68 59.24 15.97
CA ASN F 197 3.12 60.63 16.09
C ASN F 197 3.12 61.00 17.57
N MET F 198 3.99 61.96 17.90
CA MET F 198 4.17 62.38 19.29
C MET F 198 3.08 63.38 19.67
N ASP F 199 3.05 63.74 20.95
CA ASP F 199 2.06 64.66 21.48
C ASP F 199 2.75 65.77 22.25
N ASP F 200 2.15 66.96 22.21
CA ASP F 200 2.68 68.13 22.94
C ASP F 200 1.47 68.94 23.40
N MET F 201 1.02 68.68 24.63
CA MET F 201 -0.17 69.29 25.19
C MET F 201 0.20 70.31 26.26
N TYR F 202 -0.54 71.41 26.30
CA TYR F 202 -0.38 72.44 27.31
C TYR F 202 -1.63 72.48 28.18
N GLY F 203 -1.45 72.34 29.48
CA GLY F 203 -2.56 72.37 30.40
C GLY F 203 -2.18 71.78 31.74
N GLY F 204 -3.19 71.65 32.61
CA GLY F 204 -2.99 71.10 33.92
C GLY F 204 -4.19 70.27 34.34
N LEU F 205 -3.94 69.37 35.29
CA LEU F 205 -4.95 68.46 35.83
C LEU F 205 -5.63 67.65 34.72
N GLY F 220 -3.70 73.43 24.36
CA GLY F 220 -5.10 73.20 24.07
C GLY F 220 -5.33 72.38 22.82
N SER F 221 -4.70 71.21 22.77
CA SER F 221 -4.80 70.28 21.64
C SER F 221 -4.30 71.00 20.38
N THR F 222 -4.81 70.59 19.22
CA THR F 222 -4.44 71.18 17.93
C THR F 222 -5.73 71.55 17.20
N HIS F 223 -6.23 72.76 17.47
CA HIS F 223 -7.46 73.28 16.85
C HIS F 223 -8.64 72.35 17.08
N ILE F 224 -8.97 72.18 18.37
CA ILE F 224 -10.09 71.39 18.91
C ILE F 224 -9.98 69.92 18.51
N THR F 225 -10.66 69.05 19.26
CA THR F 225 -10.64 67.62 18.98
C THR F 225 -12.02 66.97 19.01
N PHE F 226 -13.06 67.68 19.44
CA PHE F 226 -14.41 67.14 19.54
C PHE F 226 -15.16 67.48 18.26
N SER F 227 -15.22 66.51 17.33
CA SER F 227 -15.90 66.71 16.06
C SER F 227 -16.14 65.39 15.36
N LYS F 228 -17.37 65.18 14.89
CA LYS F 228 -17.78 64.01 14.09
C LYS F 228 -17.84 62.76 14.97
N GLU F 229 -18.84 61.92 14.74
CA GLU F 229 -19.10 60.75 15.58
C GLU F 229 -19.28 59.49 14.74
N THR F 230 -18.36 59.29 13.80
CA THR F 230 -18.42 58.12 12.93
C THR F 230 -17.61 56.97 13.54
N GLN F 231 -17.63 55.82 12.87
CA GLN F 231 -16.94 54.63 13.33
C GLN F 231 -15.47 54.69 12.91
N ALA F 232 -14.78 53.56 13.04
CA ALA F 232 -13.36 53.51 12.71
C ALA F 232 -13.11 53.90 11.26
N ASN F 233 -12.03 54.66 11.05
CA ASN F 233 -11.73 55.17 9.71
C ASN F 233 -11.40 54.03 8.75
N ARG F 234 -11.98 54.10 7.56
CA ARG F 234 -11.75 53.09 6.53
C ARG F 234 -10.39 53.27 5.86
N LYS F 235 -9.86 54.50 5.83
CA LYS F 235 -8.64 54.76 5.09
C LYS F 235 -7.45 53.96 5.62
N TYR F 236 -7.32 53.89 6.95
CA TYR F 236 -6.23 53.13 7.54
C TYR F 236 -6.39 51.62 7.38
N ASN F 237 -7.60 51.15 7.05
CA ASN F 237 -7.87 49.72 6.85
C ASN F 237 -7.47 48.90 8.06
N LEU F 238 -7.77 49.43 9.26
CA LEU F 238 -7.45 48.71 10.48
C LEU F 238 -8.31 47.46 10.60
N PRO F 239 -7.75 46.38 11.16
CA PRO F 239 -8.56 45.15 11.34
C PRO F 239 -9.59 45.30 12.44
N GLU F 240 -10.86 45.41 12.05
CA GLU F 240 -11.92 45.57 13.02
C GLU F 240 -12.06 44.31 13.87
N PRO F 241 -12.27 44.43 15.18
CA PRO F 241 -12.44 43.24 16.03
C PRO F 241 -13.79 42.58 15.76
N LEU F 242 -13.75 41.26 15.53
CA LEU F 242 -14.97 40.52 15.28
C LEU F 242 -15.83 40.45 16.53
N SER F 243 -17.13 40.64 16.36
CA SER F 243 -18.08 40.62 17.47
C SER F 243 -19.26 39.75 17.11
N TYR F 244 -20.13 39.52 18.10
CA TYR F 244 -21.32 38.71 17.89
C TYR F 244 -22.32 39.38 16.95
N ALA F 245 -22.24 40.70 16.78
CA ALA F 245 -23.15 41.39 15.88
C ALA F 245 -22.92 40.99 14.43
N ALA F 246 -21.68 40.61 14.08
CA ALA F 246 -21.40 40.19 12.72
C ALA F 246 -22.17 38.94 12.34
N VAL F 247 -22.25 37.97 13.26
CA VAL F 247 -22.98 36.73 13.01
C VAL F 247 -24.47 36.98 13.21
N GLY F 248 -25.26 36.62 12.21
CA GLY F 248 -26.69 36.81 12.28
C GLY F 248 -27.42 35.54 11.88
N GLY F 249 -28.57 35.32 12.51
CA GLY F 249 -29.36 34.13 12.25
C GLY F 249 -28.85 32.88 12.93
N LEU F 250 -27.87 32.99 13.82
CA LEU F 250 -27.28 31.86 14.52
C LEU F 250 -27.38 32.06 16.03
N ASP F 251 -28.44 32.75 16.47
CA ASP F 251 -28.49 33.27 17.83
C ASP F 251 -28.47 32.15 18.87
N LYS F 252 -29.23 31.07 18.63
CA LYS F 252 -29.40 30.04 19.65
C LYS F 252 -28.08 29.37 20.01
N GLU F 253 -27.35 28.87 19.00
CA GLU F 253 -26.14 28.12 19.29
C GLU F 253 -24.99 29.04 19.71
N ILE F 254 -24.94 30.27 19.21
CA ILE F 254 -23.90 31.19 19.69
C ILE F 254 -24.18 31.57 21.14
N GLU F 255 -25.44 31.74 21.51
CA GLU F 255 -25.77 31.98 22.92
C GLU F 255 -25.42 30.79 23.80
N SER F 256 -25.69 29.57 23.30
CA SER F 256 -25.32 28.37 24.05
C SER F 256 -23.81 28.29 24.24
N LEU F 257 -23.04 28.59 23.19
CA LEU F 257 -21.59 28.59 23.32
C LEU F 257 -21.12 29.67 24.28
N LYS F 258 -21.75 30.86 24.24
CA LYS F 258 -21.39 31.92 25.17
C LYS F 258 -21.61 31.47 26.61
N SER F 259 -22.75 30.84 26.88
CA SER F 259 -23.02 30.35 28.23
C SER F 259 -22.03 29.26 28.64
N ALA F 260 -21.73 28.33 27.72
CA ALA F 260 -20.85 27.21 28.04
C ALA F 260 -19.40 27.65 28.20
N ILE F 261 -19.02 28.79 27.64
CA ILE F 261 -17.68 29.31 27.88
C ILE F 261 -17.65 30.23 29.10
N GLU F 262 -18.77 30.89 29.42
CA GLU F 262 -18.81 31.77 30.57
C GLU F 262 -18.85 31.00 31.88
N ILE F 263 -19.60 29.88 31.91
CA ILE F 263 -19.81 29.18 33.18
C ILE F 263 -18.52 28.62 33.80
N PRO F 264 -17.61 28.00 33.04
CA PRO F 264 -16.45 27.39 33.72
C PRO F 264 -15.45 28.41 34.20
N LEU F 265 -15.13 29.42 33.38
CA LEU F 265 -14.11 30.40 33.74
C LEU F 265 -14.59 31.31 34.86
N HIS F 266 -15.82 31.83 34.74
CA HIS F 266 -16.32 32.81 35.71
C HIS F 266 -16.88 32.15 36.97
N GLN F 267 -17.31 30.90 36.88
CA GLN F 267 -17.90 30.19 38.02
C GLN F 267 -17.23 28.83 38.17
N PRO F 268 -15.96 28.79 38.57
CA PRO F 268 -15.28 27.50 38.79
C PRO F 268 -15.62 26.88 40.14
N THR F 269 -15.79 27.73 41.17
CA THR F 269 -16.00 27.24 42.52
C THR F 269 -17.35 26.55 42.66
N LEU F 270 -18.38 27.07 41.99
CA LEU F 270 -19.72 26.49 42.12
C LEU F 270 -19.74 25.04 41.63
N PHE F 271 -19.09 24.76 40.51
CA PHE F 271 -19.03 23.39 40.02
C PHE F 271 -18.00 22.57 40.80
N SER F 272 -16.90 23.19 41.22
CA SER F 272 -15.89 22.47 41.99
C SER F 272 -16.41 22.01 43.33
N SER F 273 -17.44 22.67 43.86
CA SER F 273 -18.06 22.21 45.10
C SER F 273 -18.63 20.80 44.94
N PHE F 274 -19.25 20.52 43.79
CA PHE F 274 -19.73 19.17 43.53
C PHE F 274 -18.59 18.18 43.42
N GLY F 275 -17.49 18.57 42.77
CA GLY F 275 -16.32 17.73 42.69
C GLY F 275 -16.38 16.61 41.68
N VAL F 276 -17.14 16.77 40.59
CA VAL F 276 -17.25 15.75 39.56
C VAL F 276 -16.46 16.11 38.30
N SER F 277 -15.56 17.10 38.39
CA SER F 277 -14.69 17.56 37.31
C SER F 277 -15.48 18.24 36.20
N PRO F 278 -15.07 19.43 35.77
CA PRO F 278 -15.81 20.14 34.72
C PRO F 278 -15.43 19.63 33.34
N PRO F 279 -16.34 19.71 32.38
CA PRO F 279 -16.01 19.30 31.01
C PRO F 279 -14.96 20.21 30.39
N ARG F 280 -14.15 19.62 29.51
CA ARG F 280 -13.05 20.35 28.88
C ARG F 280 -13.08 20.34 27.36
N GLY F 281 -13.90 19.50 26.73
CA GLY F 281 -13.89 19.34 25.29
C GLY F 281 -15.15 19.92 24.65
N ILE F 282 -14.94 20.85 23.72
CA ILE F 282 -16.01 21.43 22.92
C ILE F 282 -15.75 21.09 21.46
N LEU F 283 -16.74 20.50 20.80
CA LEU F 283 -16.61 20.06 19.42
C LEU F 283 -17.62 20.81 18.55
N LEU F 284 -17.13 21.41 17.47
CA LEU F 284 -17.96 22.09 16.49
C LEU F 284 -17.89 21.33 15.18
N HIS F 285 -19.04 20.95 14.65
CA HIS F 285 -19.11 20.20 13.40
C HIS F 285 -20.29 20.69 12.58
N GLY F 286 -20.15 20.59 11.26
CA GLY F 286 -21.19 21.00 10.35
C GLY F 286 -20.66 21.26 8.96
N PRO F 287 -21.54 21.73 8.06
CA PRO F 287 -21.10 22.04 6.70
C PRO F 287 -20.14 23.21 6.71
N PRO F 288 -19.24 23.29 5.74
CA PRO F 288 -18.31 24.43 5.67
C PRO F 288 -19.06 25.72 5.38
N GLY F 289 -18.52 26.81 5.91
CA GLY F 289 -19.11 28.12 5.69
C GLY F 289 -20.38 28.37 6.48
N THR F 290 -20.58 27.63 7.57
CA THR F 290 -21.75 27.79 8.41
C THR F 290 -21.45 28.57 9.69
N GLY F 291 -20.30 29.21 9.76
CA GLY F 291 -19.95 30.02 10.92
C GLY F 291 -19.21 29.29 12.02
N LYS F 292 -18.67 28.09 11.76
CA LYS F 292 -17.96 27.35 12.79
C LYS F 292 -16.66 28.05 13.17
N THR F 293 -16.10 28.84 12.26
CA THR F 293 -14.85 29.55 12.53
C THR F 293 -15.07 30.94 13.09
N MET F 294 -16.13 31.63 12.67
CA MET F 294 -16.36 32.99 13.17
C MET F 294 -16.72 32.98 14.64
N LEU F 295 -17.44 31.94 15.10
CA LEU F 295 -17.73 31.84 16.52
C LEU F 295 -16.45 31.67 17.33
N LEU F 296 -15.52 30.86 16.83
CA LEU F 296 -14.23 30.71 17.48
C LEU F 296 -13.47 32.03 17.52
N ARG F 297 -13.46 32.75 16.40
CA ARG F 297 -12.75 34.02 16.32
C ARG F 297 -13.35 35.03 17.29
N VAL F 298 -14.68 35.06 17.38
CA VAL F 298 -15.38 36.03 18.21
C VAL F 298 -15.16 35.73 19.69
N VAL F 299 -15.26 34.46 20.07
CA VAL F 299 -15.04 34.11 21.47
C VAL F 299 -13.56 34.33 21.84
N ALA F 300 -12.65 34.20 20.88
CA ALA F 300 -11.26 34.55 21.15
C ALA F 300 -11.10 36.05 21.33
N ASN F 301 -11.75 36.85 20.50
CA ASN F 301 -11.56 38.30 20.54
C ASN F 301 -12.19 38.93 21.76
N THR F 302 -13.42 38.54 22.09
CA THR F 302 -14.17 39.21 23.14
C THR F 302 -13.79 38.75 24.55
N SER F 303 -13.04 37.66 24.67
CA SER F 303 -12.64 37.13 25.97
C SER F 303 -11.25 37.64 26.33
N ASN F 304 -11.13 38.24 27.51
CA ASN F 304 -9.84 38.73 27.99
C ASN F 304 -8.92 37.61 28.44
N ALA F 305 -9.42 36.39 28.56
CA ALA F 305 -8.61 35.25 28.99
C ALA F 305 -7.64 34.83 27.89
N HIS F 306 -6.62 34.08 28.29
CA HIS F 306 -5.63 33.60 27.33
C HIS F 306 -6.26 32.60 26.37
N VAL F 307 -5.92 32.73 25.09
CA VAL F 307 -6.41 31.84 24.05
C VAL F 307 -5.23 31.35 23.23
N LEU F 308 -5.43 30.23 22.54
CA LEU F 308 -4.41 29.67 21.68
C LEU F 308 -5.09 28.80 20.62
N THR F 309 -4.48 28.78 19.43
CA THR F 309 -4.95 27.95 18.33
C THR F 309 -3.76 27.20 17.75
N ILE F 310 -4.05 26.05 17.14
CA ILE F 310 -3.02 25.21 16.53
C ILE F 310 -2.94 25.52 15.04
N ASN F 311 -1.76 25.36 14.47
CA ASN F 311 -1.51 25.68 13.07
C ASN F 311 -1.67 24.45 12.16
N GLY F 312 -2.40 23.43 12.61
CA GLY F 312 -2.69 22.27 11.80
C GLY F 312 -1.48 21.41 11.52
N PRO F 313 -1.37 20.93 10.27
CA PRO F 313 -0.28 20.00 9.93
C PRO F 313 1.08 20.65 9.77
N SER F 314 1.21 21.96 9.96
CA SER F 314 2.52 22.60 9.85
C SER F 314 3.45 22.13 10.97
N ILE F 315 2.90 21.92 12.17
CA ILE F 315 3.70 21.42 13.29
C ILE F 315 4.21 20.01 12.99
N VAL F 316 3.47 19.25 12.17
CA VAL F 316 3.91 17.91 11.80
C VAL F 316 5.23 17.99 11.06
N SER F 317 6.20 17.18 11.49
CA SER F 317 7.52 17.13 10.86
C SER F 317 8.01 15.69 10.86
N LYS F 318 9.22 15.50 10.34
CA LYS F 318 9.77 14.15 10.25
C LYS F 318 10.14 13.59 11.62
N TYR F 319 10.57 14.45 12.55
CA TYR F 319 10.97 13.98 13.88
C TYR F 319 9.76 13.46 14.65
N LEU F 320 9.97 12.38 15.39
CA LEU F 320 8.88 11.77 16.15
C LEU F 320 8.56 12.58 17.40
N GLY F 321 9.58 13.14 18.04
CA GLY F 321 9.38 13.79 19.33
C GLY F 321 9.13 15.28 19.28
N GLU F 322 9.26 15.89 18.10
CA GLU F 322 9.04 17.34 18.00
C GLU F 322 7.59 17.71 18.31
N THR F 323 6.63 16.96 17.77
CA THR F 323 5.23 17.25 18.06
C THR F 323 4.89 16.94 19.52
N GLU F 324 5.52 15.90 20.08
CA GLU F 324 5.31 15.59 21.49
C GLU F 324 5.80 16.73 22.37
N ALA F 325 6.99 17.27 22.08
CA ALA F 325 7.52 18.39 22.85
C ALA F 325 6.68 19.64 22.65
N ALA F 326 6.15 19.84 21.44
CA ALA F 326 5.25 20.96 21.21
C ALA F 326 4.01 20.83 22.08
N LEU F 327 3.41 19.64 22.15
CA LEU F 327 2.28 19.44 23.04
C LEU F 327 2.69 19.69 24.49
N ARG F 328 3.84 19.15 24.90
CA ARG F 328 4.39 19.39 26.23
C ARG F 328 4.34 20.88 26.58
N ASP F 329 5.04 21.70 25.80
CA ASP F 329 5.24 23.09 26.23
C ASP F 329 3.99 23.94 26.03
N ILE F 330 3.19 23.66 24.98
CA ILE F 330 1.96 24.45 24.81
C ILE F 330 1.00 24.19 25.97
N PHE F 331 0.85 22.92 26.37
CA PHE F 331 -0.06 22.65 27.47
C PHE F 331 0.54 23.06 28.82
N ASN F 332 1.87 23.04 28.93
CA ASN F 332 2.50 23.55 30.16
C ASN F 332 2.26 25.04 30.33
N GLU F 333 2.42 25.82 29.26
CA GLU F 333 2.15 27.25 29.38
C GLU F 333 0.66 27.54 29.49
N ALA F 334 -0.19 26.67 28.93
CA ALA F 334 -1.62 26.81 29.13
C ALA F 334 -2.00 26.58 30.60
N ARG F 335 -1.38 25.60 31.24
CA ARG F 335 -1.61 25.36 32.66
C ARG F 335 -0.94 26.39 33.54
N LYS F 336 0.07 27.09 33.02
CA LYS F 336 0.75 28.13 33.80
C LYS F 336 -0.20 29.25 34.19
N TYR F 337 -1.04 29.68 33.24
CA TYR F 337 -2.04 30.71 33.49
C TYR F 337 -3.39 30.05 33.66
N GLN F 338 -4.09 30.39 34.75
CA GLN F 338 -5.37 29.73 35.04
C GLN F 338 -6.40 29.91 33.94
N PRO F 339 -6.70 31.13 33.45
CA PRO F 339 -7.67 31.26 32.35
C PRO F 339 -6.99 31.01 31.01
N SER F 340 -7.32 29.87 30.39
CA SER F 340 -6.73 29.48 29.12
C SER F 340 -7.80 28.88 28.23
N ILE F 341 -7.72 29.19 26.94
CA ILE F 341 -8.63 28.67 25.93
C ILE F 341 -7.80 28.00 24.84
N ILE F 342 -8.21 26.79 24.45
CA ILE F 342 -7.50 26.01 23.44
C ILE F 342 -8.42 25.85 22.24
N PHE F 343 -7.93 26.23 21.07
CA PHE F 343 -8.67 26.14 19.82
C PHE F 343 -8.04 25.07 18.94
N ILE F 344 -8.86 24.14 18.47
CA ILE F 344 -8.41 23.05 17.59
C ILE F 344 -9.24 23.07 16.32
N ASP F 345 -8.58 23.00 15.17
CA ASP F 345 -9.25 22.98 13.88
C ASP F 345 -8.71 21.85 13.04
N GLU F 346 -9.57 21.25 12.22
CA GLU F 346 -9.22 20.17 11.31
C GLU F 346 -8.61 19.00 12.11
N ILE F 347 -9.45 18.44 12.98
CA ILE F 347 -8.97 17.41 13.91
C ILE F 347 -8.58 16.14 13.19
N ASP F 348 -9.39 15.72 12.21
CA ASP F 348 -9.19 14.43 11.56
C ASP F 348 -7.84 14.34 10.85
N SER F 349 -7.26 15.47 10.42
CA SER F 349 -5.94 15.41 9.80
C SER F 349 -4.87 15.08 10.84
N ILE F 350 -4.88 15.78 11.97
CA ILE F 350 -3.94 15.46 13.05
C ILE F 350 -4.30 14.14 13.71
N ALA F 351 -5.60 13.89 13.89
CA ALA F 351 -6.09 12.72 14.63
C ALA F 351 -7.06 11.94 13.75
N PRO F 352 -6.55 11.14 12.83
CA PRO F 352 -7.43 10.30 11.99
C PRO F 352 -7.94 9.10 12.76
N ASN F 353 -8.92 8.43 12.15
CA ASN F 353 -9.47 7.21 12.74
C ASN F 353 -8.42 6.11 12.73
N ARG F 354 -8.38 5.33 13.82
CA ARG F 354 -7.40 4.27 13.94
C ARG F 354 -7.63 3.18 12.90
N ALA F 355 -8.89 2.80 12.67
CA ALA F 355 -9.19 1.69 11.77
C ALA F 355 -9.00 2.08 10.32
N ASN F 356 -9.42 3.29 9.95
CA ASN F 356 -9.41 3.69 8.54
C ASN F 356 -8.00 3.78 7.98
N ASP F 357 -7.06 4.36 8.73
CA ASP F 357 -5.71 4.55 8.23
C ASP F 357 -4.74 4.57 9.40
N ASP F 358 -4.06 3.45 9.63
CA ASP F 358 -2.96 3.39 10.59
C ASP F 358 -1.61 3.51 9.85
N SER F 359 -1.42 4.66 9.22
CA SER F 359 -0.23 4.87 8.39
C SER F 359 1.04 4.85 9.21
N GLY F 360 1.04 5.50 10.37
CA GLY F 360 2.22 5.64 11.19
C GLY F 360 2.66 7.09 11.30
N GLU F 361 3.89 7.26 11.76
CA GLU F 361 4.47 8.59 11.99
C GLU F 361 3.56 9.40 12.89
N VAL F 362 2.73 10.25 12.30
CA VAL F 362 1.67 10.94 13.02
C VAL F 362 0.45 10.02 13.00
N GLU F 363 0.18 9.39 14.13
CA GLU F 363 -0.83 8.34 14.23
C GLU F 363 -1.45 8.40 15.62
N SER F 364 -2.08 7.31 16.04
CA SER F 364 -2.79 7.23 17.30
C SER F 364 -1.93 7.62 18.50
N ARG F 365 -0.62 7.75 18.31
CA ARG F 365 0.25 8.22 19.39
C ARG F 365 -0.14 9.62 19.84
N VAL F 366 -0.38 10.52 18.89
CA VAL F 366 -0.79 11.87 19.25
C VAL F 366 -2.17 11.85 19.90
N VAL F 367 -3.06 10.97 19.45
CA VAL F 367 -4.37 10.84 20.07
C VAL F 367 -4.23 10.44 21.53
N ALA F 368 -3.41 9.42 21.78
CA ALA F 368 -3.22 8.95 23.16
C ALA F 368 -2.59 10.02 24.04
N THR F 369 -1.58 10.72 23.52
CA THR F 369 -0.93 11.74 24.35
C THR F 369 -1.86 12.92 24.61
N LEU F 370 -2.70 13.30 23.66
CA LEU F 370 -3.63 14.40 23.92
C LEU F 370 -4.73 13.97 24.89
N LEU F 371 -5.18 12.71 24.80
CA LEU F 371 -6.14 12.20 25.77
C LEU F 371 -5.55 12.23 27.18
N THR F 372 -4.32 11.74 27.34
CA THR F 372 -3.68 11.77 28.65
C THR F 372 -3.37 13.18 29.10
N LEU F 373 -3.20 14.12 28.17
CA LEU F 373 -2.96 15.51 28.56
C LEU F 373 -4.23 16.17 29.08
N MET F 374 -5.35 15.94 28.40
CA MET F 374 -6.61 16.57 28.80
C MET F 374 -7.36 15.75 29.85
N ASP F 375 -6.84 14.59 30.24
CA ASP F 375 -7.48 13.83 31.31
C ASP F 375 -7.21 14.47 32.68
N GLY F 376 -5.98 14.93 32.91
CA GLY F 376 -5.59 15.35 34.24
C GLY F 376 -4.88 16.68 34.38
N MET F 377 -5.30 17.71 33.64
CA MET F 377 -4.64 19.00 33.75
C MET F 377 -4.78 19.56 35.17
N GLY F 378 -5.83 19.20 35.87
CA GLY F 378 -6.06 19.69 37.22
C GLY F 378 -7.36 19.12 37.74
N ALA F 379 -7.63 19.41 39.02
CA ALA F 379 -8.85 18.92 39.65
C ALA F 379 -10.07 19.70 39.17
N ALA F 380 -10.13 20.99 39.50
CA ALA F 380 -11.18 21.87 39.00
C ALA F 380 -10.70 22.76 37.87
N GLY F 381 -9.70 23.60 38.13
CA GLY F 381 -9.14 24.51 37.15
C GLY F 381 -10.15 25.35 36.41
N LYS F 382 -9.72 25.93 35.28
CA LYS F 382 -10.64 26.56 34.34
C LYS F 382 -10.01 26.44 32.94
N VAL F 383 -10.36 25.36 32.25
CA VAL F 383 -9.80 25.05 30.94
C VAL F 383 -10.93 24.53 30.05
N VAL F 384 -11.03 25.07 28.84
CA VAL F 384 -11.95 24.57 27.83
C VAL F 384 -11.19 24.45 26.51
N VAL F 385 -11.45 23.37 25.78
CA VAL F 385 -10.81 23.10 24.50
C VAL F 385 -11.88 23.15 23.42
N ILE F 386 -11.67 23.97 22.41
CA ILE F 386 -12.63 24.16 21.32
C ILE F 386 -12.09 23.42 20.09
N ALA F 387 -12.90 22.51 19.55
CA ALA F 387 -12.54 21.73 18.38
C ALA F 387 -13.53 22.01 17.26
N ALA F 388 -13.01 22.34 16.09
CA ALA F 388 -13.83 22.64 14.91
C ALA F 388 -13.46 21.66 13.80
N THR F 389 -14.43 20.84 13.39
CA THR F 389 -14.22 19.83 12.36
C THR F 389 -15.33 19.92 11.33
N ASN F 390 -15.08 19.31 10.17
CA ASN F 390 -16.05 19.32 9.07
C ASN F 390 -16.94 18.07 9.10
N ARG F 391 -16.34 16.89 9.05
CA ARG F 391 -17.09 15.65 9.01
C ARG F 391 -17.03 14.97 10.37
N PRO F 392 -18.13 14.89 11.11
CA PRO F 392 -18.11 14.14 12.38
C PRO F 392 -17.77 12.67 12.21
N ASN F 393 -18.18 12.06 11.08
CA ASN F 393 -17.88 10.65 10.87
C ASN F 393 -16.38 10.42 10.71
N SER F 394 -15.68 11.34 10.04
CA SER F 394 -14.24 11.22 9.87
C SER F 394 -13.50 11.29 11.19
N VAL F 395 -14.08 11.93 12.20
CA VAL F 395 -13.46 11.98 13.53
C VAL F 395 -13.44 10.58 14.12
N ASP F 396 -12.39 10.29 14.89
CA ASP F 396 -12.22 8.99 15.54
C ASP F 396 -13.41 8.72 16.46
N PRO F 397 -14.12 7.59 16.29
CA PRO F 397 -15.21 7.27 17.21
C PRO F 397 -14.78 7.13 18.66
N ALA F 398 -13.52 6.79 18.91
CA ALA F 398 -13.02 6.76 20.29
C ALA F 398 -13.07 8.15 20.92
N LEU F 399 -12.75 9.19 20.14
CA LEU F 399 -12.88 10.55 20.63
C LEU F 399 -14.32 10.90 20.95
N ARG F 400 -15.25 10.50 20.07
CA ARG F 400 -16.66 10.83 20.24
C ARG F 400 -17.29 9.89 21.28
N ARG F 401 -16.87 10.08 22.51
CA ARG F 401 -17.39 9.34 23.66
C ARG F 401 -17.61 10.33 24.79
N PRO F 402 -18.44 9.97 25.78
CA PRO F 402 -18.68 10.89 26.91
C PRO F 402 -17.43 11.24 27.71
N GLY F 403 -16.37 10.44 27.61
CA GLY F 403 -15.15 10.77 28.34
C GLY F 403 -14.51 12.08 27.91
N ARG F 404 -14.67 12.45 26.64
CA ARG F 404 -14.03 13.65 26.10
C ARG F 404 -15.02 14.71 25.65
N PHE F 405 -16.04 14.32 24.87
CA PHE F 405 -16.95 15.27 24.24
C PHE F 405 -18.40 14.94 24.54
N ASP F 406 -18.71 14.76 25.83
CA ASP F 406 -20.09 14.42 26.20
C ASP F 406 -21.05 15.56 25.91
N GLN F 407 -20.55 16.79 25.76
CA GLN F 407 -21.35 17.88 25.22
C GLN F 407 -21.07 18.02 23.73
N GLU F 408 -22.12 18.20 22.95
CA GLU F 408 -22.02 18.29 21.50
C GLU F 408 -22.80 19.50 20.99
N VAL F 409 -22.27 20.12 19.95
CA VAL F 409 -22.90 21.26 19.28
C VAL F 409 -23.05 20.93 17.81
N GLU F 410 -24.27 21.05 17.30
CA GLU F 410 -24.57 20.76 15.90
C GLU F 410 -25.06 22.02 15.22
N ILE F 411 -24.44 22.38 14.10
CA ILE F 411 -24.81 23.54 13.31
C ILE F 411 -25.08 23.08 11.88
N GLY F 412 -26.30 23.32 11.39
CA GLY F 412 -26.68 22.96 10.05
C GLY F 412 -26.53 24.12 9.09
N ILE F 413 -27.00 23.89 7.86
CA ILE F 413 -26.98 24.92 6.82
C ILE F 413 -27.96 26.02 7.20
N PRO F 414 -27.64 27.29 6.92
CA PRO F 414 -28.58 28.37 7.26
C PRO F 414 -29.89 28.23 6.51
N ASP F 415 -30.98 28.57 7.20
CA ASP F 415 -32.30 28.53 6.59
C ASP F 415 -32.64 29.90 6.01
N VAL F 416 -33.91 30.10 5.64
CA VAL F 416 -34.33 31.38 5.07
C VAL F 416 -34.15 32.50 6.08
N ASP F 417 -34.54 32.25 7.34
CA ASP F 417 -34.42 33.28 8.37
C ASP F 417 -32.95 33.64 8.62
N ALA F 418 -32.08 32.64 8.70
CA ALA F 418 -30.66 32.91 8.91
C ALA F 418 -30.06 33.67 7.74
N ARG F 419 -30.41 33.29 6.51
CA ARG F 419 -29.90 34.00 5.35
C ARG F 419 -30.38 35.44 5.32
N PHE F 420 -31.65 35.67 5.67
CA PHE F 420 -32.18 37.02 5.74
C PHE F 420 -31.46 37.84 6.80
N ASP F 421 -31.19 37.24 7.97
CA ASP F 421 -30.48 37.95 9.02
C ASP F 421 -29.06 38.29 8.59
N ILE F 422 -28.39 37.35 7.91
CA ILE F 422 -27.03 37.62 7.41
C ILE F 422 -27.05 38.76 6.41
N LEU F 423 -28.04 38.75 5.50
CA LEU F 423 -28.14 39.81 4.50
C LEU F 423 -28.37 41.16 5.16
N THR F 424 -29.25 41.22 6.16
CA THR F 424 -29.49 42.48 6.85
C THR F 424 -28.25 42.94 7.61
N LYS F 425 -27.53 42.02 8.24
CA LYS F 425 -26.31 42.39 8.94
C LYS F 425 -25.27 42.95 7.97
N GLN F 426 -25.10 42.32 6.80
CA GLN F 426 -24.18 42.85 5.82
C GLN F 426 -24.62 44.22 5.32
N PHE F 427 -25.93 44.38 5.06
CA PHE F 427 -26.43 45.67 4.59
C PHE F 427 -26.15 46.76 5.62
N SER F 428 -26.36 46.46 6.90
CA SER F 428 -25.97 47.42 7.94
C SER F 428 -24.46 47.61 7.98
N ARG F 429 -23.69 46.59 7.59
CA ARG F 429 -22.24 46.68 7.63
C ARG F 429 -21.72 47.72 6.63
N MET F 430 -22.19 47.66 5.38
CA MET F 430 -21.76 48.75 4.49
C MET F 430 -22.78 49.88 4.37
N SER F 431 -23.77 49.96 5.27
CA SER F 431 -24.58 51.15 5.44
C SER F 431 -25.54 51.38 4.26
N SER F 432 -26.51 52.27 4.44
CA SER F 432 -27.50 52.55 3.41
C SER F 432 -27.01 53.50 2.34
N ASP F 433 -25.84 54.12 2.52
CA ASP F 433 -25.32 55.02 1.51
C ASP F 433 -24.74 54.27 0.32
N ARG F 434 -24.24 53.05 0.54
CA ARG F 434 -23.58 52.29 -0.51
C ARG F 434 -24.54 51.39 -1.29
N HIS F 435 -25.79 51.28 -0.88
CA HIS F 435 -26.75 50.42 -1.58
C HIS F 435 -28.16 50.86 -1.24
N VAL F 436 -29.10 50.45 -2.09
CA VAL F 436 -30.53 50.66 -1.85
C VAL F 436 -31.21 49.30 -2.01
N LEU F 437 -31.56 48.68 -0.88
CA LEU F 437 -32.21 47.38 -0.85
C LEU F 437 -33.41 47.47 0.07
N ASP F 438 -34.61 47.42 -0.50
CA ASP F 438 -35.81 47.43 0.31
C ASP F 438 -36.01 46.09 1.00
N SER F 439 -36.89 46.06 2.00
CA SER F 439 -37.14 44.84 2.75
C SER F 439 -37.73 43.76 1.85
N GLU F 440 -38.60 44.16 0.92
CA GLU F 440 -39.18 43.18 -0.01
C GLU F 440 -38.10 42.54 -0.87
N ALA F 441 -37.09 43.31 -1.27
CA ALA F 441 -35.99 42.75 -2.04
C ALA F 441 -35.23 41.70 -1.23
N ILE F 442 -35.00 41.98 0.06
CA ILE F 442 -34.32 41.01 0.92
C ILE F 442 -35.18 39.76 1.09
N LYS F 443 -36.49 39.93 1.23
CA LYS F 443 -37.38 38.77 1.33
C LYS F 443 -37.32 37.93 0.06
N TYR F 444 -37.33 38.58 -1.10
CA TYR F 444 -37.27 37.85 -2.37
C TYR F 444 -35.94 37.11 -2.51
N ILE F 445 -34.84 37.76 -2.13
CA ILE F 445 -33.53 37.11 -2.22
C ILE F 445 -33.46 35.91 -1.28
N ALA F 446 -33.97 36.07 -0.05
CA ALA F 446 -33.95 34.97 0.91
C ALA F 446 -34.80 33.81 0.42
N SER F 447 -35.97 34.10 -0.16
CA SER F 447 -36.82 33.04 -0.69
C SER F 447 -36.15 32.34 -1.86
N LYS F 448 -35.49 33.10 -2.74
CA LYS F 448 -34.82 32.50 -3.88
C LYS F 448 -33.63 31.65 -3.44
N THR F 449 -32.87 32.12 -2.45
CA THR F 449 -31.69 31.40 -1.98
C THR F 449 -32.13 30.33 -0.98
N HIS F 450 -32.11 29.07 -1.40
CA HIS F 450 -32.48 27.94 -0.55
C HIS F 450 -31.28 27.13 -0.10
N GLY F 451 -30.48 26.64 -1.04
CA GLY F 451 -29.30 25.86 -0.74
C GLY F 451 -28.04 26.66 -0.49
N TYR F 452 -28.13 27.99 -0.50
CA TYR F 452 -26.96 28.83 -0.30
C TYR F 452 -26.52 28.80 1.17
N VAL F 453 -25.24 29.11 1.37
CA VAL F 453 -24.63 29.09 2.69
C VAL F 453 -23.98 30.46 2.91
N GLY F 454 -23.50 30.68 4.15
CA GLY F 454 -22.89 31.96 4.46
C GLY F 454 -21.70 32.29 3.57
N ALA F 455 -20.86 31.30 3.29
CA ALA F 455 -19.78 31.50 2.33
C ALA F 455 -20.34 31.80 0.95
N ASP F 456 -21.41 31.11 0.56
CA ASP F 456 -22.08 31.41 -0.70
C ASP F 456 -22.66 32.82 -0.68
N LEU F 457 -23.18 33.26 0.47
CA LEU F 457 -23.71 34.63 0.58
C LEU F 457 -22.60 35.66 0.40
N THR F 458 -21.44 35.42 1.02
CA THR F 458 -20.30 36.33 0.83
C THR F 458 -19.85 36.35 -0.62
N ALA F 459 -19.82 35.18 -1.27
CA ALA F 459 -19.47 35.12 -2.68
C ALA F 459 -20.47 35.91 -3.53
N LEU F 460 -21.76 35.78 -3.21
CA LEU F 460 -22.78 36.54 -3.92
C LEU F 460 -22.57 38.04 -3.75
N CYS F 461 -22.28 38.48 -2.53
CA CYS F 461 -22.05 39.90 -2.29
C CYS F 461 -20.85 40.41 -3.07
N ARG F 462 -19.74 39.66 -3.04
CA ARG F 462 -18.54 40.08 -3.76
C ARG F 462 -18.78 40.11 -5.27
N GLU F 463 -19.48 39.09 -5.79
CA GLU F 463 -19.78 39.04 -7.21
C GLU F 463 -20.68 40.19 -7.63
N SER F 464 -21.68 40.51 -6.81
CA SER F 464 -22.55 41.64 -7.11
C SER F 464 -21.76 42.94 -7.11
N VAL F 465 -20.86 43.11 -6.15
CA VAL F 465 -20.05 44.33 -6.09
C VAL F 465 -19.20 44.46 -7.34
N MET F 466 -18.47 43.40 -7.71
CA MET F 466 -17.60 43.50 -8.87
C MET F 466 -18.41 43.68 -10.15
N LYS F 467 -19.54 42.98 -10.28
CA LYS F 467 -20.41 43.14 -11.45
C LYS F 467 -20.89 44.57 -11.58
N THR F 468 -21.29 45.18 -10.46
CA THR F 468 -21.62 46.60 -10.47
C THR F 468 -20.44 47.43 -10.95
N ILE F 469 -19.23 47.06 -10.53
CA ILE F 469 -18.05 47.82 -10.92
C ILE F 469 -17.88 47.83 -12.44
N GLN F 470 -17.92 46.66 -13.08
CA GLN F 470 -17.70 46.70 -14.53
C GLN F 470 -18.92 47.26 -15.26
N ARG F 471 -20.13 46.95 -14.79
CA ARG F 471 -21.32 47.48 -15.43
C ARG F 471 -21.41 49.00 -15.33
N GLY F 472 -20.71 49.60 -14.38
CA GLY F 472 -20.59 51.04 -14.35
C GLY F 472 -19.47 51.54 -15.22
N LEU F 473 -18.27 50.95 -15.06
CA LEU F 473 -17.10 51.43 -15.79
C LEU F 473 -17.29 51.29 -17.29
N GLY F 474 -17.43 50.06 -17.78
CA GLY F 474 -17.50 49.82 -19.21
C GLY F 474 -18.71 50.42 -19.90
N THR F 475 -19.72 50.85 -19.14
CA THR F 475 -20.92 51.44 -19.73
C THR F 475 -20.88 52.97 -19.72
N ASP F 476 -20.62 53.59 -18.57
CA ASP F 476 -20.67 55.03 -18.45
C ASP F 476 -19.29 55.69 -18.48
N ALA F 477 -18.24 54.95 -18.83
CA ALA F 477 -16.89 55.49 -18.98
C ALA F 477 -16.41 56.15 -17.69
N ASN F 478 -16.26 55.30 -16.65
CA ASN F 478 -15.74 55.71 -15.35
C ASN F 478 -16.61 56.79 -14.71
N ILE F 479 -17.87 56.43 -14.47
CA ILE F 479 -18.81 57.32 -13.80
C ILE F 479 -18.61 57.22 -12.30
N ASP F 480 -19.19 58.16 -11.55
CA ASP F 480 -19.08 58.14 -10.10
C ASP F 480 -19.73 56.89 -9.52
N LYS F 481 -19.07 56.30 -8.53
CA LYS F 481 -19.56 55.07 -7.91
C LYS F 481 -20.74 55.31 -6.99
N PHE F 482 -20.89 56.52 -6.46
CA PHE F 482 -21.92 56.78 -5.45
C PHE F 482 -23.32 56.64 -6.04
N SER F 483 -23.51 57.08 -7.28
CA SER F 483 -24.85 57.09 -7.85
C SER F 483 -25.33 55.68 -8.20
N LEU F 484 -24.46 54.86 -8.77
CA LEU F 484 -24.88 53.54 -9.25
C LEU F 484 -25.27 52.63 -8.10
N LYS F 485 -24.51 52.66 -7.00
CA LYS F 485 -24.70 51.81 -5.82
C LYS F 485 -25.05 50.37 -6.18
N VAL F 486 -25.93 49.75 -5.40
CA VAL F 486 -26.29 48.34 -5.58
C VAL F 486 -27.79 48.24 -5.73
N THR F 487 -28.23 47.45 -6.70
CA THR F 487 -29.66 47.23 -6.96
C THR F 487 -29.97 45.73 -6.97
N LEU F 488 -31.16 45.36 -7.46
CA LEU F 488 -31.56 43.96 -7.44
C LEU F 488 -31.06 43.20 -8.66
N LYS F 489 -30.97 43.86 -9.83
CA LYS F 489 -30.66 43.15 -11.06
C LYS F 489 -29.24 42.57 -11.05
N ASP F 490 -28.26 43.35 -10.57
CA ASP F 490 -26.90 42.84 -10.51
C ASP F 490 -26.76 41.73 -9.46
N VAL F 491 -27.52 41.82 -8.37
CA VAL F 491 -27.52 40.74 -7.38
C VAL F 491 -28.08 39.46 -8.01
N GLU F 492 -29.16 39.57 -8.78
CA GLU F 492 -29.71 38.40 -9.45
C GLU F 492 -28.73 37.84 -10.47
N SER F 493 -28.03 38.71 -11.20
CA SER F 493 -27.03 38.26 -12.16
C SER F 493 -25.90 37.51 -11.46
N ALA F 494 -25.44 38.03 -10.32
CA ALA F 494 -24.41 37.34 -9.55
C ALA F 494 -24.91 36.00 -9.03
N MET F 495 -26.18 35.94 -8.61
CA MET F 495 -26.75 34.67 -8.17
C MET F 495 -26.79 33.66 -9.29
N VAL F 496 -27.12 34.10 -10.50
CA VAL F 496 -27.09 33.19 -11.65
C VAL F 496 -25.67 32.74 -11.95
N ASP F 497 -24.71 33.67 -11.89
CA ASP F 497 -23.34 33.39 -12.33
C ASP F 497 -22.50 32.66 -11.28
N ILE F 498 -22.95 32.58 -10.02
CA ILE F 498 -22.10 31.99 -9.00
C ILE F 498 -21.94 30.48 -9.23
N ARG F 499 -23.00 29.80 -9.68
CA ARG F 499 -23.02 28.35 -9.87
C ARG F 499 -22.57 27.65 -8.59
N PRO F 500 -23.41 27.63 -7.55
CA PRO F 500 -22.98 27.03 -6.28
C PRO F 500 -22.64 25.56 -6.41
N SER F 501 -21.60 25.13 -5.68
CA SER F 501 -21.19 23.74 -5.71
C SER F 501 -22.11 22.86 -4.87
N ALA F 502 -22.59 23.37 -3.75
CA ALA F 502 -23.43 22.58 -2.84
C ALA F 502 -24.89 22.66 -3.28
N MET F 503 -25.16 22.05 -4.42
CA MET F 503 -26.53 21.99 -4.95
C MET F 503 -27.40 20.99 -4.22
N ARG F 504 -26.80 20.00 -3.56
CA ARG F 504 -27.57 18.98 -2.86
C ARG F 504 -28.06 19.51 -1.52
N GLU F 505 -29.29 19.17 -1.18
CA GLU F 505 -29.91 19.57 0.08
C GLU F 505 -29.99 18.37 1.02
N ILE F 506 -29.54 18.55 2.25
CA ILE F 506 -29.56 17.51 3.27
C ILE F 506 -30.61 17.80 4.33
N PHE F 507 -30.66 19.02 4.83
CA PHE F 507 -31.61 19.43 5.86
C PHE F 507 -32.36 20.66 5.34
N LEU F 508 -33.56 20.43 4.80
CA LEU F 508 -34.37 21.52 4.28
C LEU F 508 -35.18 22.15 5.39
N GLU F 509 -35.19 23.48 5.44
CA GLU F 509 -35.93 24.23 6.44
C GLU F 509 -36.77 25.30 5.76
N MET F 510 -38.12 25.13 5.80
CA MET F 510 -39.19 26.04 5.42
C MET F 510 -39.71 25.79 4.01
N PRO F 511 -39.07 26.32 2.95
CA PRO F 511 -39.79 26.67 1.72
C PRO F 511 -41.30 26.80 1.89
N LYS F 512 -41.72 27.86 2.58
CA LYS F 512 -43.13 28.07 2.89
C LYS F 512 -43.91 28.49 1.66
N VAL F 513 -45.18 28.09 1.62
CA VAL F 513 -46.10 28.47 0.56
C VAL F 513 -47.39 28.97 1.19
N TYR F 514 -47.97 30.00 0.60
CA TYR F 514 -49.20 30.57 1.14
C TYR F 514 -50.38 29.62 0.92
N TRP F 515 -51.43 29.81 1.74
CA TRP F 515 -52.61 28.96 1.65
C TRP F 515 -53.37 29.16 0.35
N SER F 516 -53.16 30.29 -0.33
CA SER F 516 -53.80 30.50 -1.62
C SER F 516 -53.34 29.46 -2.65
N ASP F 517 -52.04 29.16 -2.65
CA ASP F 517 -51.51 28.10 -3.51
C ASP F 517 -52.01 26.72 -3.09
N ILE F 518 -52.43 26.57 -1.84
CA ILE F 518 -52.82 25.26 -1.32
C ILE F 518 -54.24 24.95 -1.80
N GLY F 519 -54.34 24.03 -2.76
CA GLY F 519 -55.63 23.61 -3.27
C GLY F 519 -55.92 22.15 -3.00
N GLY F 520 -56.91 21.88 -2.15
CA GLY F 520 -57.26 20.51 -1.83
C GLY F 520 -58.60 20.46 -1.13
N GLN F 521 -59.06 19.23 -0.86
CA GLN F 521 -60.33 19.03 -0.18
C GLN F 521 -60.23 19.50 1.27
N GLU F 522 -61.34 20.03 1.77
CA GLU F 522 -61.38 20.51 3.14
C GLU F 522 -61.26 19.37 4.14
N GLU F 523 -61.73 18.18 3.78
CA GLU F 523 -61.71 17.04 4.70
C GLU F 523 -60.27 16.65 5.04
N LEU F 524 -59.41 16.52 4.03
CA LEU F 524 -58.03 16.13 4.28
C LEU F 524 -57.28 17.22 5.03
N LYS F 525 -57.57 18.49 4.72
CA LYS F 525 -56.94 19.59 5.45
C LYS F 525 -57.33 19.56 6.93
N THR F 526 -58.62 19.36 7.21
CA THR F 526 -59.06 19.26 8.60
C THR F 526 -58.42 18.05 9.29
N LYS F 527 -58.31 16.93 8.57
CA LYS F 527 -57.70 15.73 9.16
C LYS F 527 -56.24 15.97 9.52
N MET F 528 -55.47 16.59 8.62
CA MET F 528 -54.06 16.81 8.93
C MET F 528 -53.90 17.86 10.02
N LYS F 529 -54.77 18.88 10.03
CA LYS F 529 -54.73 19.86 11.10
C LYS F 529 -55.00 19.20 12.45
N GLU F 530 -55.97 18.28 12.50
CA GLU F 530 -56.24 17.53 13.72
C GLU F 530 -55.04 16.70 14.13
N MET F 531 -54.45 15.97 13.17
CA MET F 531 -53.35 15.06 13.48
C MET F 531 -52.07 15.79 13.88
N ILE F 532 -51.93 17.07 13.50
CA ILE F 532 -50.78 17.85 13.94
C ILE F 532 -51.07 18.72 15.15
N GLN F 533 -52.35 18.98 15.46
CA GLN F 533 -52.68 19.76 16.65
C GLN F 533 -52.82 18.87 17.88
N LEU F 534 -53.22 17.62 17.70
CA LEU F 534 -53.33 16.72 18.86
C LEU F 534 -52.01 16.53 19.60
N PRO F 535 -50.89 16.22 18.94
CA PRO F 535 -49.65 16.06 19.71
C PRO F 535 -49.06 17.37 20.21
N LEU F 536 -49.07 18.41 19.37
CA LEU F 536 -48.37 19.65 19.70
C LEU F 536 -49.13 20.46 20.75
N GLU F 537 -50.39 20.79 20.46
CA GLU F 537 -51.17 21.64 21.37
C GLU F 537 -51.40 20.94 22.71
N ALA F 538 -51.70 19.65 22.69
CA ALA F 538 -51.97 18.87 23.90
C ALA F 538 -50.90 17.80 24.03
N SER F 539 -49.79 18.14 24.68
CA SER F 539 -48.68 17.21 24.89
C SER F 539 -48.54 16.73 26.32
N GLU F 540 -48.98 17.52 27.29
CA GLU F 540 -48.87 17.13 28.69
C GLU F 540 -49.88 16.06 29.08
N THR F 541 -50.95 15.89 28.29
CA THR F 541 -51.95 14.89 28.62
C THR F 541 -51.46 13.48 28.31
N PHE F 542 -50.54 13.34 27.36
CA PHE F 542 -50.05 12.01 26.99
C PHE F 542 -49.33 11.33 28.14
N ALA F 543 -48.54 12.09 28.91
CA ALA F 543 -47.79 11.50 30.01
C ALA F 543 -48.73 10.92 31.07
N ARG F 544 -49.79 11.65 31.41
CA ARG F 544 -50.73 11.16 32.43
C ARG F 544 -51.61 10.04 31.88
N LEU F 545 -52.10 10.19 30.66
CA LEU F 545 -53.05 9.25 30.09
C LEU F 545 -52.38 8.08 29.38
N GLY F 546 -51.08 8.16 29.09
CA GLY F 546 -50.40 7.08 28.39
C GLY F 546 -50.72 6.99 26.91
N ILE F 547 -51.36 7.99 26.33
CA ILE F 547 -51.73 7.94 24.92
C ILE F 547 -50.50 8.04 24.03
N SER F 548 -49.57 8.91 24.39
CA SER F 548 -48.37 9.20 23.58
C SER F 548 -48.84 9.71 22.21
N ALA F 549 -48.21 9.31 21.12
CA ALA F 549 -48.62 9.76 19.79
C ALA F 549 -48.69 8.57 18.84
N PRO F 550 -49.63 8.58 17.90
CA PRO F 550 -49.67 7.50 16.90
C PRO F 550 -48.41 7.42 16.05
N LYS F 551 -47.79 8.56 15.75
CA LYS F 551 -46.54 8.67 15.00
C LYS F 551 -46.66 8.11 13.58
N GLY F 552 -47.86 7.89 13.08
CA GLY F 552 -48.02 7.35 11.75
C GLY F 552 -49.07 8.02 10.90
N VAL F 553 -48.65 8.62 9.80
CA VAL F 553 -49.56 9.19 8.80
C VAL F 553 -49.09 8.73 7.43
N LEU F 554 -49.98 8.09 6.68
CA LEU F 554 -49.66 7.54 5.37
C LEU F 554 -50.56 8.17 4.33
N LEU F 555 -49.97 8.65 3.24
CA LEU F 555 -50.70 9.27 2.13
C LEU F 555 -50.57 8.37 0.91
N TYR F 556 -51.69 7.83 0.45
CA TYR F 556 -51.73 6.95 -0.71
C TYR F 556 -52.75 7.48 -1.69
N GLY F 557 -52.37 7.59 -2.96
CA GLY F 557 -53.26 8.09 -3.99
C GLY F 557 -52.59 8.26 -5.33
N PRO F 558 -53.21 9.03 -6.22
CA PRO F 558 -52.62 9.29 -7.52
C PRO F 558 -51.26 9.96 -7.36
N PRO F 559 -50.34 9.73 -8.31
CA PRO F 559 -48.99 10.29 -8.16
C PRO F 559 -48.93 11.80 -8.10
N GLY F 560 -49.89 12.50 -8.70
CA GLY F 560 -49.80 13.93 -8.83
C GLY F 560 -50.96 14.72 -8.26
N CYS F 561 -51.46 14.33 -7.09
CA CYS F 561 -52.58 15.04 -6.47
C CYS F 561 -52.10 15.69 -5.18
N SER F 562 -51.48 16.86 -5.32
CA SER F 562 -51.20 17.79 -4.23
C SER F 562 -50.48 17.15 -3.05
N LYS F 563 -49.81 16.02 -3.24
CA LYS F 563 -49.11 15.38 -2.12
C LYS F 563 -47.96 16.24 -1.64
N THR F 564 -47.09 16.68 -2.56
CA THR F 564 -46.05 17.64 -2.20
C THR F 564 -46.66 18.97 -1.78
N LEU F 565 -47.78 19.35 -2.39
CA LEU F 565 -48.48 20.56 -1.98
C LEU F 565 -48.97 20.46 -0.54
N THR F 566 -49.53 19.30 -0.17
CA THR F 566 -49.99 19.11 1.21
C THR F 566 -48.80 19.09 2.17
N ALA F 567 -47.68 18.47 1.77
CA ALA F 567 -46.49 18.49 2.62
C ALA F 567 -45.98 19.90 2.84
N LYS F 568 -45.95 20.71 1.78
CA LYS F 568 -45.52 22.10 1.92
C LYS F 568 -46.48 22.90 2.78
N ALA F 569 -47.79 22.65 2.63
CA ALA F 569 -48.77 23.33 3.47
C ALA F 569 -48.58 22.97 4.94
N LEU F 570 -48.30 21.69 5.22
CA LEU F 570 -48.01 21.28 6.60
C LEU F 570 -46.76 21.98 7.12
N ALA F 571 -45.70 21.99 6.32
CA ALA F 571 -44.45 22.63 6.76
C ALA F 571 -44.63 24.12 6.98
N THR F 572 -45.55 24.75 6.24
CA THR F 572 -45.79 26.18 6.41
C THR F 572 -46.64 26.46 7.64
N GLU F 573 -47.80 25.80 7.75
CA GLU F 573 -48.72 26.10 8.84
C GLU F 573 -48.16 25.65 10.19
N SER F 574 -47.47 24.50 10.23
CA SER F 574 -46.95 24.00 11.49
C SER F 574 -45.89 24.92 12.06
N GLY F 575 -45.03 25.47 11.20
CA GLY F 575 -43.93 26.29 11.68
C GLY F 575 -42.91 25.51 12.48
N ILE F 576 -42.65 24.26 12.09
CA ILE F 576 -41.72 23.38 12.78
C ILE F 576 -40.71 22.86 11.76
N ASN F 577 -39.58 22.38 12.26
CA ASN F 577 -38.55 21.83 11.39
C ASN F 577 -39.11 20.72 10.52
N PHE F 578 -38.76 20.75 9.23
CA PHE F 578 -39.29 19.82 8.25
C PHE F 578 -38.15 18.99 7.66
N LEU F 579 -38.47 17.77 7.24
CA LEU F 579 -37.52 16.87 6.61
C LEU F 579 -37.96 16.60 5.19
N ALA F 580 -37.20 17.10 4.22
CA ALA F 580 -37.45 16.85 2.80
C ALA F 580 -36.44 15.82 2.32
N VAL F 581 -36.76 14.55 2.55
CA VAL F 581 -35.90 13.43 2.23
C VAL F 581 -36.55 12.62 1.13
N LYS F 582 -35.82 12.38 0.04
CA LYS F 582 -36.31 11.60 -1.08
C LYS F 582 -35.99 10.13 -0.89
N GLY F 583 -36.81 9.27 -1.50
CA GLY F 583 -36.63 7.84 -1.41
C GLY F 583 -35.33 7.35 -2.03
N PRO F 584 -35.20 7.50 -3.36
CA PRO F 584 -33.95 7.08 -4.00
C PRO F 584 -32.73 7.85 -3.57
N GLU F 585 -32.89 9.03 -2.95
CA GLU F 585 -31.74 9.83 -2.54
C GLU F 585 -30.91 9.10 -1.50
N ILE F 586 -31.55 8.47 -0.52
CA ILE F 586 -30.82 7.76 0.53
C ILE F 586 -30.13 6.51 -0.01
N PHE F 587 -30.59 5.99 -1.16
CA PHE F 587 -29.96 4.82 -1.74
C PHE F 587 -28.57 5.16 -2.27
N ASN F 588 -27.59 4.35 -1.93
CA ASN F 588 -26.20 4.56 -2.34
C ASN F 588 -25.61 3.26 -2.83
N LYS F 589 -24.57 3.38 -3.67
CA LYS F 589 -23.91 2.20 -4.20
C LYS F 589 -23.24 1.40 -3.07
N TYR F 590 -22.59 2.09 -2.14
CA TYR F 590 -21.95 1.41 -1.02
C TYR F 590 -22.99 0.79 -0.10
N VAL F 591 -22.71 -0.41 0.37
CA VAL F 591 -23.61 -1.11 1.29
C VAL F 591 -23.37 -0.59 2.71
N GLY F 592 -24.44 -0.13 3.35
CA GLY F 592 -24.35 0.43 4.68
C GLY F 592 -24.36 1.95 4.73
N GLU F 593 -24.12 2.62 3.58
CA GLU F 593 -24.21 4.07 3.55
C GLU F 593 -25.63 4.55 3.83
N SER F 594 -26.63 3.84 3.30
CA SER F 594 -28.01 4.18 3.58
C SER F 594 -28.33 4.05 5.06
N GLU F 595 -27.79 3.02 5.71
CA GLU F 595 -28.00 2.86 7.15
C GLU F 595 -27.38 4.02 7.93
N ARG F 596 -26.18 4.44 7.54
CA ARG F 596 -25.54 5.57 8.21
C ARG F 596 -26.34 6.86 8.01
N ALA F 597 -26.83 7.08 6.79
CA ALA F 597 -27.64 8.28 6.53
C ALA F 597 -28.93 8.24 7.34
N ILE F 598 -29.57 7.07 7.44
CA ILE F 598 -30.78 6.92 8.23
C ILE F 598 -30.51 7.23 9.69
N ARG F 599 -29.44 6.66 10.25
CA ARG F 599 -29.11 6.93 11.65
C ARG F 599 -28.82 8.40 11.87
N GLU F 600 -28.09 9.02 10.94
CA GLU F 600 -27.80 10.45 11.06
C GLU F 600 -29.07 11.29 11.03
N ILE F 601 -29.99 10.96 10.12
CA ILE F 601 -31.19 11.78 9.99
C ILE F 601 -32.09 11.63 11.22
N PHE F 602 -32.21 10.42 11.77
CA PHE F 602 -33.02 10.26 12.97
C PHE F 602 -32.35 10.88 14.21
N ARG F 603 -31.02 10.81 14.32
CA ARG F 603 -30.40 11.48 15.46
C ARG F 603 -30.51 12.99 15.34
N LYS F 604 -30.42 13.52 14.11
CA LYS F 604 -30.62 14.95 13.92
C LYS F 604 -32.06 15.36 14.27
N ALA F 605 -33.04 14.54 13.86
CA ALA F 605 -34.42 14.83 14.21
C ALA F 605 -34.64 14.79 15.73
N ARG F 606 -34.02 13.81 16.40
CA ARG F 606 -34.15 13.71 17.85
C ARG F 606 -33.54 14.91 18.55
N SER F 607 -32.35 15.34 18.09
CA SER F 607 -31.66 16.46 18.73
C SER F 607 -32.17 17.82 18.29
N ALA F 608 -33.03 17.88 17.26
CA ALA F 608 -33.54 19.14 16.73
C ALA F 608 -34.96 19.42 17.21
N ALA F 609 -35.28 19.06 18.47
CA ALA F 609 -36.56 19.29 19.11
C ALA F 609 -37.68 18.49 18.44
N PRO F 610 -38.85 18.34 19.07
CA PRO F 610 -39.98 17.67 18.40
C PRO F 610 -40.31 18.29 17.06
N SER F 611 -40.15 17.50 15.99
CA SER F 611 -40.37 17.97 14.63
C SER F 611 -41.18 16.93 13.87
N ILE F 612 -41.30 17.14 12.57
CA ILE F 612 -42.05 16.25 11.68
C ILE F 612 -41.07 15.63 10.69
N ILE F 613 -41.13 14.31 10.55
CA ILE F 613 -40.27 13.56 9.64
C ILE F 613 -41.11 13.15 8.44
N PHE F 614 -40.69 13.59 7.24
CA PHE F 614 -41.42 13.32 6.02
C PHE F 614 -40.48 12.71 4.98
N PHE F 615 -40.97 11.73 4.25
CA PHE F 615 -40.25 11.12 3.14
C PHE F 615 -41.01 11.40 1.85
N ASP F 616 -40.28 11.84 0.82
CA ASP F 616 -40.91 12.24 -0.43
C ASP F 616 -41.59 11.05 -1.11
N GLU F 617 -40.88 9.93 -1.25
CA GLU F 617 -41.41 8.74 -1.93
C GLU F 617 -40.93 7.51 -1.16
N ILE F 618 -41.79 6.96 -0.31
CA ILE F 618 -41.45 5.74 0.42
C ILE F 618 -41.61 4.49 -0.41
N ASP F 619 -42.22 4.59 -1.60
CA ASP F 619 -42.45 3.43 -2.44
C ASP F 619 -41.18 2.91 -3.11
N ALA F 620 -40.06 3.63 -3.01
CA ALA F 620 -38.81 3.20 -3.59
C ALA F 620 -37.97 2.34 -2.64
N LEU F 621 -38.38 2.22 -1.37
CA LEU F 621 -37.61 1.44 -0.40
C LEU F 621 -38.51 0.45 0.33
N SER F 622 -39.80 0.78 0.45
CA SER F 622 -40.72 -0.10 1.17
C SER F 622 -40.86 -1.50 0.56
N PRO F 623 -41.03 -1.68 -0.76
CA PRO F 623 -41.27 -3.03 -1.27
C PRO F 623 -40.05 -3.93 -1.08
N ASP F 624 -40.30 -5.15 -0.61
CA ASP F 624 -39.27 -6.15 -0.43
C ASP F 624 -39.54 -7.46 -1.16
N ARG F 625 -40.79 -7.73 -1.53
CA ARG F 625 -41.14 -8.97 -2.21
C ARG F 625 -41.78 -8.69 -3.56
N ASP F 626 -42.54 -7.59 -3.65
CA ASP F 626 -43.23 -7.27 -4.90
C ASP F 626 -42.24 -6.96 -6.01
N GLY F 627 -41.19 -6.21 -5.71
CA GLY F 627 -40.18 -5.84 -6.69
C GLY F 627 -38.90 -6.62 -6.65
N SER F 628 -38.84 -7.70 -5.87
CA SER F 628 -37.62 -8.51 -5.72
C SER F 628 -36.42 -7.65 -5.33
N SER F 629 -36.64 -6.77 -4.37
CA SER F 629 -35.60 -5.86 -3.93
C SER F 629 -34.49 -6.62 -3.19
N THR F 630 -33.30 -6.03 -3.17
CA THR F 630 -32.16 -6.66 -2.52
C THR F 630 -32.28 -6.51 -1.00
N SER F 631 -31.24 -6.98 -0.31
CA SER F 631 -31.22 -6.92 1.16
C SER F 631 -31.13 -5.49 1.67
N ALA F 632 -30.71 -4.54 0.84
CA ALA F 632 -30.61 -3.15 1.28
C ALA F 632 -31.98 -2.59 1.64
N ALA F 633 -33.00 -2.90 0.84
CA ALA F 633 -34.35 -2.41 1.13
C ALA F 633 -34.87 -3.01 2.43
N ASN F 634 -34.63 -4.30 2.66
CA ASN F 634 -35.05 -4.92 3.91
C ASN F 634 -34.33 -4.32 5.11
N HIS F 635 -33.03 -4.04 4.96
CA HIS F 635 -32.28 -3.42 6.04
C HIS F 635 -32.81 -2.02 6.34
N VAL F 636 -33.13 -1.25 5.29
CA VAL F 636 -33.69 0.08 5.49
C VAL F 636 -35.03 -0.01 6.19
N LEU F 637 -35.89 -0.96 5.77
CA LEU F 637 -37.20 -1.10 6.38
C LEU F 637 -37.10 -1.46 7.85
N THR F 638 -36.25 -2.45 8.19
CA THR F 638 -36.13 -2.84 9.59
C THR F 638 -35.48 -1.74 10.42
N SER F 639 -34.54 -0.99 9.85
CA SER F 639 -33.92 0.11 10.58
C SER F 639 -34.93 1.22 10.87
N LEU F 640 -35.77 1.57 9.89
CA LEU F 640 -36.77 2.60 10.13
C LEU F 640 -37.83 2.12 11.11
N LEU F 641 -38.20 0.84 11.04
CA LEU F 641 -39.15 0.29 12.01
C LEU F 641 -38.58 0.34 13.42
N ASN F 642 -37.30 -0.02 13.57
CA ASN F 642 -36.66 0.04 14.90
C ASN F 642 -36.57 1.47 15.39
N GLU F 643 -36.27 2.41 14.50
CA GLU F 643 -36.16 3.81 14.92
C GLU F 643 -37.52 4.39 15.30
N ILE F 644 -38.58 3.95 14.62
CA ILE F 644 -39.92 4.49 14.89
C ILE F 644 -40.50 3.88 16.16
N ASP F 645 -40.62 2.55 16.20
CA ASP F 645 -41.29 1.90 17.31
C ASP F 645 -40.55 0.63 17.76
N GLY F 646 -39.23 0.63 17.66
CA GLY F 646 -38.46 -0.51 18.10
C GLY F 646 -37.57 -0.20 19.30
N VAL F 647 -37.74 -0.98 20.38
CA VAL F 647 -36.95 -0.86 21.60
C VAL F 647 -37.14 0.52 22.22
N GLU F 648 -36.64 1.56 21.55
CA GLU F 648 -36.73 2.93 22.04
C GLU F 648 -38.00 3.58 21.52
N GLU F 649 -38.68 4.31 22.40
CA GLU F 649 -39.93 4.99 22.07
C GLU F 649 -39.67 6.49 21.96
N LEU F 650 -40.14 7.09 20.88
CA LEU F 650 -39.99 8.51 20.63
C LEU F 650 -41.35 9.19 20.80
N LYS F 651 -41.38 10.29 21.55
CA LYS F 651 -42.62 10.94 21.91
C LYS F 651 -42.83 12.25 21.15
N GLY F 652 -41.85 13.15 21.21
CA GLY F 652 -42.05 14.48 20.64
C GLY F 652 -42.21 14.49 19.14
N VAL F 653 -41.40 13.69 18.44
CA VAL F 653 -41.37 13.73 16.99
C VAL F 653 -42.61 13.05 16.41
N VAL F 654 -42.98 13.46 15.20
CA VAL F 654 -44.10 12.90 14.46
C VAL F 654 -43.60 12.47 13.09
N ILE F 655 -43.99 11.27 12.66
CA ILE F 655 -43.55 10.70 11.40
C ILE F 655 -44.73 10.71 10.43
N VAL F 656 -44.53 11.29 9.26
CA VAL F 656 -45.53 11.34 8.19
C VAL F 656 -44.90 10.81 6.91
N ALA F 657 -45.65 9.98 6.18
CA ALA F 657 -45.16 9.36 4.97
C ALA F 657 -46.20 9.49 3.86
N ALA F 658 -45.71 9.53 2.63
CA ALA F 658 -46.56 9.58 1.44
C ALA F 658 -46.08 8.55 0.44
N THR F 659 -47.03 7.83 -0.16
CA THR F 659 -46.71 6.78 -1.11
C THR F 659 -47.61 6.91 -2.34
N ASN F 660 -47.06 6.53 -3.49
CA ASN F 660 -47.85 6.49 -4.72
C ASN F 660 -48.77 5.26 -4.75
N ARG F 661 -48.29 4.14 -4.24
CA ARG F 661 -49.05 2.89 -4.23
C ARG F 661 -49.06 2.31 -2.82
N PRO F 662 -50.16 1.68 -2.42
CA PRO F 662 -50.27 1.17 -1.05
C PRO F 662 -49.79 -0.26 -0.84
N ASP F 663 -49.44 -0.98 -1.91
CA ASP F 663 -49.06 -2.38 -1.77
C ASP F 663 -47.60 -2.56 -1.37
N GLU F 664 -46.78 -1.51 -1.43
CA GLU F 664 -45.37 -1.63 -1.12
C GLU F 664 -45.10 -1.68 0.38
N ILE F 665 -46.05 -1.25 1.21
CA ILE F 665 -45.83 -1.26 2.65
C ILE F 665 -45.79 -2.71 3.17
N ASP F 666 -44.89 -2.95 4.11
CA ASP F 666 -44.73 -4.28 4.67
C ASP F 666 -45.87 -4.59 5.64
N ALA F 667 -46.12 -5.89 5.82
CA ALA F 667 -47.15 -6.31 6.77
C ALA F 667 -46.77 -5.95 8.21
N ALA F 668 -45.47 -5.95 8.52
CA ALA F 668 -45.03 -5.54 9.85
C ALA F 668 -45.35 -4.07 10.11
N LEU F 669 -45.18 -3.22 9.11
CA LEU F 669 -45.52 -1.81 9.26
C LEU F 669 -47.02 -1.61 9.39
N LEU F 670 -47.82 -2.43 8.69
CA LEU F 670 -49.27 -2.35 8.77
C LEU F 670 -49.76 -3.15 9.99
N ARG F 671 -49.40 -2.62 11.16
CA ARG F 671 -49.72 -3.24 12.44
C ARG F 671 -50.38 -2.20 13.34
N PRO F 672 -51.46 -2.56 14.04
CA PRO F 672 -52.11 -1.59 14.92
C PRO F 672 -51.17 -1.10 16.02
N GLY F 673 -51.29 0.19 16.34
CA GLY F 673 -50.38 0.86 17.22
C GLY F 673 -49.34 1.72 16.52
N ARG F 674 -49.17 1.56 15.21
CA ARG F 674 -48.24 2.36 14.43
C ARG F 674 -48.77 2.47 13.01
N LEU F 675 -48.61 3.66 12.42
CA LEU F 675 -49.08 3.94 11.05
C LEU F 675 -50.57 3.64 10.90
N ASP F 676 -51.34 3.95 11.94
CA ASP F 676 -52.77 3.67 11.90
C ASP F 676 -53.51 4.64 10.99
N ARG F 677 -53.17 5.92 11.06
CA ARG F 677 -53.89 6.93 10.28
C ARG F 677 -53.58 6.80 8.81
N HIS F 678 -54.64 6.79 7.99
CA HIS F 678 -54.51 6.74 6.53
C HIS F 678 -55.38 7.83 5.93
N ILE F 679 -54.81 8.61 5.03
CA ILE F 679 -55.50 9.72 4.38
C ILE F 679 -55.52 9.48 2.88
N TYR F 680 -56.70 9.57 2.27
CA TYR F 680 -56.82 9.36 0.84
C TYR F 680 -56.06 10.44 0.06
N VAL F 681 -56.28 11.70 0.41
CA VAL F 681 -55.69 12.88 -0.24
C VAL F 681 -55.61 12.68 -1.75
N GLY F 682 -56.67 12.13 -2.34
CA GLY F 682 -56.68 11.80 -3.74
C GLY F 682 -56.84 13.00 -4.64
N PRO F 683 -57.49 12.81 -5.78
CA PRO F 683 -57.66 13.90 -6.75
C PRO F 683 -58.44 15.05 -6.16
N PRO F 684 -58.07 16.28 -6.50
CA PRO F 684 -58.78 17.44 -5.95
C PRO F 684 -60.21 17.53 -6.48
N ASP F 685 -61.08 18.14 -5.67
CA ASP F 685 -62.47 18.33 -6.05
C ASP F 685 -62.59 19.53 -6.99
N VAL F 686 -63.83 19.96 -7.23
CA VAL F 686 -64.07 21.06 -8.16
C VAL F 686 -63.52 22.37 -7.59
N ASN F 687 -63.66 22.58 -6.29
CA ASN F 687 -63.21 23.83 -5.68
C ASN F 687 -61.70 23.97 -5.75
N ALA F 688 -60.97 22.89 -5.43
CA ALA F 688 -59.51 22.96 -5.47
C ALA F 688 -58.99 23.15 -6.89
N ARG F 689 -59.60 22.45 -7.85
CA ARG F 689 -59.19 22.63 -9.24
C ARG F 689 -59.49 24.05 -9.72
N LEU F 690 -60.64 24.60 -9.31
CA LEU F 690 -60.96 25.98 -9.67
C LEU F 690 -59.95 26.95 -9.08
N GLU F 691 -59.56 26.74 -7.81
CA GLU F 691 -58.57 27.61 -7.19
C GLU F 691 -57.21 27.50 -7.90
N ILE F 692 -56.80 26.29 -8.26
CA ILE F 692 -55.54 26.11 -8.96
C ILE F 692 -55.58 26.80 -10.32
N LEU F 693 -56.68 26.64 -11.05
CA LEU F 693 -56.82 27.28 -12.35
C LEU F 693 -56.82 28.81 -12.21
N LYS F 694 -57.48 29.32 -11.17
CA LYS F 694 -57.49 30.77 -10.95
C LYS F 694 -56.08 31.28 -10.67
N LYS F 695 -55.32 30.56 -9.84
CA LYS F 695 -53.95 30.98 -9.54
C LYS F 695 -53.07 30.92 -10.78
N CYS F 696 -53.22 29.87 -11.58
CA CYS F 696 -52.43 29.76 -12.81
C CYS F 696 -52.78 30.86 -13.80
N THR F 697 -54.07 31.19 -13.91
CA THR F 697 -54.54 32.22 -14.83
C THR F 697 -54.29 33.63 -14.30
N LYS F 698 -53.92 33.77 -13.02
CA LYS F 698 -53.70 35.09 -12.45
C LYS F 698 -52.64 35.87 -13.23
N LYS F 699 -51.62 35.16 -13.74
CA LYS F 699 -50.64 35.82 -14.59
C LYS F 699 -51.28 36.35 -15.87
N PHE F 700 -52.20 35.59 -16.45
CA PHE F 700 -52.92 36.01 -17.63
C PHE F 700 -54.06 36.95 -17.25
N ASN F 701 -54.85 37.35 -18.24
CA ASN F 701 -56.00 38.22 -18.04
C ASN F 701 -57.27 37.41 -18.25
N THR F 702 -58.07 37.28 -17.18
CA THR F 702 -59.30 36.49 -17.26
C THR F 702 -60.41 37.21 -18.00
N GLU F 703 -60.51 38.54 -17.82
CA GLU F 703 -61.61 39.29 -18.41
C GLU F 703 -61.50 39.35 -19.92
N GLU F 704 -60.28 39.47 -20.46
CA GLU F 704 -60.11 39.56 -21.90
C GLU F 704 -60.53 38.27 -22.60
N SER F 705 -60.15 37.12 -22.04
CA SER F 705 -60.51 35.85 -22.65
C SER F 705 -61.95 35.45 -22.37
N GLY F 706 -62.58 36.03 -21.36
CA GLY F 706 -63.97 35.72 -21.05
C GLY F 706 -64.20 34.37 -20.41
N VAL F 707 -63.16 33.77 -19.83
CA VAL F 707 -63.28 32.47 -19.20
C VAL F 707 -63.91 32.64 -17.82
N ASP F 708 -64.86 31.77 -17.49
CA ASP F 708 -65.54 31.80 -16.20
C ASP F 708 -64.79 31.04 -15.11
N LEU F 709 -63.67 30.40 -15.45
CA LEU F 709 -62.83 29.64 -14.52
C LEU F 709 -63.54 28.47 -13.88
N HIS F 710 -64.74 28.13 -14.35
CA HIS F 710 -65.51 27.02 -13.80
C HIS F 710 -65.87 25.97 -14.84
N GLU F 711 -66.20 26.38 -16.06
CA GLU F 711 -66.49 25.42 -17.13
C GLU F 711 -65.24 24.62 -17.47
N LEU F 712 -64.07 25.26 -17.50
CA LEU F 712 -62.83 24.55 -17.74
C LEU F 712 -62.56 23.53 -16.65
N ALA F 713 -62.82 23.90 -15.39
CA ALA F 713 -62.64 22.97 -14.28
C ALA F 713 -63.60 21.79 -14.41
N ASP F 714 -64.85 22.05 -14.80
CA ASP F 714 -65.81 20.98 -15.00
C ASP F 714 -65.36 20.03 -16.11
N ARG F 715 -64.90 20.58 -17.23
CA ARG F 715 -64.40 19.75 -18.31
C ARG F 715 -63.14 18.98 -17.89
N THR F 716 -62.23 19.65 -17.18
CA THR F 716 -61.01 19.01 -16.69
C THR F 716 -61.24 18.55 -15.24
N GLU F 717 -62.05 17.51 -15.12
CA GLU F 717 -62.42 16.97 -13.81
C GLU F 717 -61.61 15.75 -13.42
N GLY F 718 -61.20 14.92 -14.38
CA GLY F 718 -60.42 13.73 -14.06
C GLY F 718 -58.95 13.98 -13.82
N TYR F 719 -58.48 15.22 -13.99
CA TYR F 719 -57.09 15.56 -13.79
C TYR F 719 -56.87 16.05 -12.36
N SER F 720 -55.59 16.32 -12.05
CA SER F 720 -55.18 16.82 -10.71
C SER F 720 -54.48 18.18 -10.88
N GLY F 721 -54.03 18.78 -9.76
CA GLY F 721 -53.35 20.09 -9.78
C GLY F 721 -52.04 20.06 -10.56
N ALA F 722 -51.27 18.98 -10.40
CA ALA F 722 -49.96 18.84 -11.09
C ALA F 722 -50.16 18.84 -12.61
N GLU F 723 -51.23 18.17 -13.07
CA GLU F 723 -51.55 18.05 -14.52
C GLU F 723 -51.82 19.45 -15.10
N VAL F 724 -52.49 20.31 -14.34
CA VAL F 724 -52.85 21.69 -14.81
C VAL F 724 -51.57 22.48 -15.10
N VAL F 725 -50.53 22.33 -14.26
CA VAL F 725 -49.24 23.05 -14.42
C VAL F 725 -48.75 22.94 -15.87
N LEU F 726 -48.40 21.73 -16.31
CA LEU F 726 -47.95 21.50 -17.68
C LEU F 726 -49.08 21.75 -18.67
N LEU F 727 -50.33 21.52 -18.29
CA LEU F 727 -51.44 21.85 -19.19
C LEU F 727 -51.50 23.34 -19.47
N CYS F 728 -51.39 24.15 -18.41
CA CYS F 728 -51.37 25.60 -18.59
C CYS F 728 -50.12 26.05 -19.34
N GLN F 729 -48.98 25.39 -19.08
CA GLN F 729 -47.76 25.72 -19.81
C GLN F 729 -47.91 25.45 -21.30
N GLU F 730 -48.51 24.32 -21.66
CA GLU F 730 -48.73 23.99 -23.06
C GLU F 730 -49.73 24.95 -23.71
N ALA F 731 -50.78 25.34 -22.97
CA ALA F 731 -51.72 26.31 -23.49
C ALA F 731 -51.03 27.64 -23.76
N GLY F 732 -50.18 28.09 -22.83
CA GLY F 732 -49.43 29.31 -23.05
C GLY F 732 -48.46 29.22 -24.22
N LEU F 733 -47.80 28.06 -24.35
CA LEU F 733 -46.88 27.86 -25.47
C LEU F 733 -47.63 27.92 -26.81
N ALA F 734 -48.80 27.30 -26.88
CA ALA F 734 -49.60 27.37 -28.10
C ALA F 734 -50.12 28.78 -28.35
N ALA F 735 -50.38 29.54 -27.28
CA ALA F 735 -50.84 30.91 -27.46
C ALA F 735 -49.73 31.82 -27.97
N ILE F 736 -48.50 31.63 -27.47
CA ILE F 736 -47.41 32.53 -27.81
C ILE F 736 -46.70 32.19 -29.11
N MET F 737 -47.00 31.04 -29.72
CA MET F 737 -46.37 30.65 -30.97
C MET F 737 -47.06 31.24 -32.20
N GLU F 738 -48.14 32.00 -32.01
CA GLU F 738 -48.87 32.61 -33.10
C GLU F 738 -48.51 34.07 -33.31
N ASP F 739 -48.62 34.89 -32.28
CA ASP F 739 -48.34 36.32 -32.36
C ASP F 739 -47.33 36.75 -31.31
N LEU F 740 -46.32 35.90 -31.07
CA LEU F 740 -45.25 36.17 -30.12
C LEU F 740 -45.80 36.45 -28.73
N ASP F 741 -45.57 37.67 -28.23
CA ASP F 741 -46.00 38.02 -26.88
C ASP F 741 -47.53 38.13 -26.81
N VAL F 742 -48.11 37.55 -25.77
CA VAL F 742 -49.54 37.61 -25.52
C VAL F 742 -49.77 38.03 -24.08
N ALA F 743 -50.98 38.49 -23.81
CA ALA F 743 -51.38 38.93 -22.47
C ALA F 743 -52.47 38.08 -21.86
N LYS F 744 -52.92 37.03 -22.53
CA LYS F 744 -54.01 36.20 -22.02
C LYS F 744 -53.89 34.81 -22.63
N VAL F 745 -54.61 33.86 -22.02
CA VAL F 745 -54.71 32.50 -22.50
C VAL F 745 -56.13 32.26 -22.98
N GLU F 746 -56.28 31.64 -24.15
CA GLU F 746 -57.58 31.43 -24.75
C GLU F 746 -58.18 30.10 -24.34
N LEU F 747 -59.50 30.01 -24.40
CA LEU F 747 -60.19 28.78 -24.03
C LEU F 747 -59.90 27.67 -25.03
N ARG F 748 -59.79 28.02 -26.32
CA ARG F 748 -59.51 27.00 -27.34
C ARG F 748 -58.12 26.38 -27.13
N HIS F 749 -57.14 27.18 -26.72
CA HIS F 749 -55.82 26.63 -26.42
C HIS F 749 -55.87 25.67 -25.23
N PHE F 750 -56.64 26.02 -24.21
CA PHE F 750 -56.80 25.13 -23.06
C PHE F 750 -57.48 23.82 -23.48
N GLU F 751 -58.50 23.91 -24.33
CA GLU F 751 -59.16 22.71 -24.82
C GLU F 751 -58.21 21.83 -25.63
N LYS F 752 -57.39 22.46 -26.48
CA LYS F 752 -56.41 21.70 -27.25
C LYS F 752 -55.40 21.02 -26.35
N ALA F 753 -54.92 21.73 -25.32
CA ALA F 753 -53.98 21.13 -24.38
C ALA F 753 -54.61 19.97 -23.62
N PHE F 754 -55.87 20.13 -23.20
CA PHE F 754 -56.56 19.04 -22.52
C PHE F 754 -56.73 17.83 -23.43
N LYS F 755 -57.03 18.07 -24.70
CA LYS F 755 -57.14 16.96 -25.66
C LYS F 755 -55.79 16.27 -25.85
N GLY F 756 -54.71 17.05 -25.89
CA GLY F 756 -53.40 16.47 -26.16
C GLY F 756 -52.92 15.54 -25.06
N ILE F 757 -53.12 15.93 -23.80
CA ILE F 757 -52.61 15.18 -22.66
C ILE F 757 -53.77 14.44 -22.00
N ALA F 758 -53.63 13.13 -21.84
CA ALA F 758 -54.66 12.31 -21.22
C ALA F 758 -54.56 12.38 -19.70
N ARG F 759 -55.68 12.07 -19.05
CA ARG F 759 -55.72 12.10 -17.59
C ARG F 759 -54.81 11.04 -16.98
N GLY F 760 -54.81 9.83 -17.55
CA GLY F 760 -53.98 8.77 -17.04
C GLY F 760 -54.47 8.12 -15.77
N ILE F 761 -55.75 8.27 -15.42
CA ILE F 761 -56.32 7.69 -14.22
C ILE F 761 -57.48 6.78 -14.61
N THR F 762 -57.50 5.58 -14.02
CA THR F 762 -58.53 4.59 -14.32
C THR F 762 -59.46 4.40 -13.12
N PRO F 763 -60.75 4.18 -13.36
CA PRO F 763 -61.69 4.00 -12.24
C PRO F 763 -61.39 2.78 -11.37
N GLU F 764 -60.82 1.72 -11.95
CA GLU F 764 -60.51 0.54 -11.16
C GLU F 764 -59.46 0.82 -10.09
N MET F 765 -58.53 1.73 -10.37
CA MET F 765 -57.52 2.05 -9.37
C MET F 765 -58.15 2.84 -8.22
N LEU F 766 -59.12 3.70 -8.54
CA LEU F 766 -59.90 4.37 -7.51
C LEU F 766 -60.70 3.37 -6.69
N SER F 767 -61.24 2.34 -7.33
CA SER F 767 -61.93 1.29 -6.60
C SER F 767 -60.98 0.56 -5.66
N TYR F 768 -59.74 0.33 -6.11
CA TYR F 768 -58.73 -0.27 -5.23
C TYR F 768 -58.43 0.63 -4.04
N TYR F 769 -58.32 1.94 -4.28
CA TYR F 769 -58.15 2.88 -3.18
C TYR F 769 -59.32 2.81 -2.19
N GLU F 770 -60.55 2.74 -2.71
CA GLU F 770 -61.71 2.67 -1.82
C GLU F 770 -61.70 1.39 -1.01
N GLU F 771 -61.34 0.26 -1.64
CA GLU F 771 -61.26 -1.00 -0.93
C GLU F 771 -60.20 -0.97 0.16
N PHE F 772 -59.04 -0.37 -0.15
CA PHE F 772 -57.99 -0.25 0.85
C PHE F 772 -58.42 0.65 2.01
N ALA F 773 -59.13 1.75 1.70
CA ALA F 773 -59.60 2.64 2.75
C ALA F 773 -60.63 1.97 3.64
N LEU F 774 -61.56 1.21 3.06
CA LEU F 774 -62.59 0.56 3.86
C LEU F 774 -62.03 -0.55 4.72
N ARG F 775 -60.97 -1.23 4.27
CA ARG F 775 -60.40 -2.32 5.03
C ARG F 775 -59.47 -1.85 6.15
N SER F 776 -59.17 -0.56 6.22
CA SER F 776 -58.30 -0.03 7.26
C SER F 776 -59.05 1.00 8.10
#